data_8P3A
#
_entry.id   8P3A
#
_cell.length_a   1.000
_cell.length_b   1.000
_cell.length_c   1.000
_cell.angle_alpha   90.00
_cell.angle_beta   90.00
_cell.angle_gamma   90.00
#
_symmetry.space_group_name_H-M   'P 1'
#
loop_
_entity.id
_entity.type
_entity.pdbx_description
1 polymer 'L-alanyl-D-glutamate peptidase'
2 non-polymer 'ZINC ION'
3 non-polymer 'CALCIUM ION'
#
_entity_poly.entity_id   1
_entity_poly.type   'polypeptide(L)'
_entity_poly.pdbx_seq_one_letter_code
;MSFKFGKNSEKQLATVKPELQKVARRALELSPYDFTIVQGIRTVAQSAQNIANGTSFLKDPSKSKHITGDAIDFAPYING
KIDWNDLEAFWAVKKAFEQAGKELGIKLRFGADWNASGDYHDEIKRGTYDGGHVELV
;
_entity_poly.pdbx_strand_id   A
#
loop_
_chem_comp.id
_chem_comp.type
_chem_comp.name
_chem_comp.formula
CA non-polymer 'CALCIUM ION' 'Ca 2'
ZN non-polymer 'ZINC ION' 'Zn 2'
#
# COMPACT_ATOMS: atom_id res chain seq x y z
N MET A 1 -10.54 -15.05 -12.84
CA MET A 1 -10.19 -14.14 -13.92
C MET A 1 -9.73 -12.79 -13.38
N SER A 2 -8.74 -12.82 -12.50
CA SER A 2 -8.21 -11.61 -11.89
C SER A 2 -6.68 -11.60 -11.92
N PHE A 3 -6.10 -10.40 -11.86
CA PHE A 3 -4.66 -10.25 -11.88
C PHE A 3 -4.04 -10.77 -10.58
N LYS A 4 -2.76 -10.47 -10.38
CA LYS A 4 -2.05 -10.89 -9.18
C LYS A 4 -0.69 -10.20 -9.07
N PHE A 5 -0.20 -10.09 -7.84
CA PHE A 5 1.09 -9.44 -7.60
C PHE A 5 2.23 -10.46 -7.67
N GLY A 6 3.44 -9.98 -7.95
CA GLY A 6 4.58 -10.85 -8.02
C GLY A 6 4.84 -11.60 -6.73
N LYS A 7 5.81 -12.50 -6.75
CA LYS A 7 6.16 -13.28 -5.56
C LYS A 7 6.80 -12.40 -4.50
N ASN A 8 7.62 -11.45 -4.94
CA ASN A 8 8.30 -10.54 -4.02
C ASN A 8 7.38 -9.40 -3.61
N SER A 9 6.44 -9.06 -4.48
CA SER A 9 5.49 -7.99 -4.21
C SER A 9 4.34 -8.48 -3.33
N GLU A 10 3.83 -9.66 -3.66
CA GLU A 10 2.72 -10.25 -2.91
C GLU A 10 3.16 -10.60 -1.48
N LYS A 11 4.41 -11.00 -1.34
CA LYS A 11 4.96 -11.36 -0.03
C LYS A 11 4.94 -10.16 0.91
N GLN A 12 5.02 -8.97 0.33
CA GLN A 12 5.02 -7.73 1.13
C GLN A 12 3.69 -7.56 1.86
N LEU A 13 2.59 -7.62 1.10
CA LEU A 13 1.26 -7.46 1.68
C LEU A 13 0.80 -8.75 2.36
N ALA A 14 1.37 -9.87 1.93
CA ALA A 14 1.03 -11.17 2.48
C ALA A 14 1.68 -11.37 3.85
N THR A 15 2.67 -10.54 4.15
CA THR A 15 3.38 -10.62 5.42
C THR A 15 2.65 -9.84 6.51
N VAL A 16 1.60 -9.13 6.12
CA VAL A 16 0.82 -8.34 7.07
C VAL A 16 -0.20 -9.21 7.79
N LYS A 17 -0.36 -8.97 9.09
CA LYS A 17 -1.29 -9.73 9.90
C LYS A 17 -2.65 -9.02 9.98
N PRO A 18 -2.64 -7.71 9.69
CA PRO A 18 -3.86 -6.88 9.72
C PRO A 18 -4.81 -7.22 8.59
N GLU A 19 -5.94 -6.52 8.55
CA GLU A 19 -6.95 -6.75 7.52
C GLU A 19 -6.50 -6.17 6.18
N LEU A 20 -5.45 -5.36 6.22
CA LEU A 20 -4.92 -4.74 5.01
C LEU A 20 -4.75 -5.76 3.90
N GLN A 21 -4.26 -6.94 4.27
CA GLN A 21 -4.06 -8.02 3.29
C GLN A 21 -5.31 -8.25 2.47
N LYS A 22 -6.48 -7.96 3.07
CA LYS A 22 -7.75 -8.16 2.39
C LYS A 22 -7.97 -7.08 1.32
N VAL A 23 -7.96 -5.82 1.75
CA VAL A 23 -8.15 -4.70 0.84
C VAL A 23 -7.07 -4.68 -0.24
N ALA A 24 -5.90 -5.20 0.09
CA ALA A 24 -4.78 -5.25 -0.85
C ALA A 24 -5.06 -6.24 -1.97
N ARG A 25 -5.35 -7.49 -1.60
CA ARG A 25 -5.62 -8.53 -2.57
C ARG A 25 -7.02 -8.35 -3.18
N ARG A 26 -8.03 -8.24 -2.33
CA ARG A 26 -9.40 -8.07 -2.78
C ARG A 26 -9.50 -6.92 -3.78
N ALA A 27 -8.60 -5.95 -3.65
CA ALA A 27 -8.59 -4.81 -4.55
C ALA A 27 -8.60 -5.26 -6.01
N LEU A 28 -7.66 -6.11 -6.36
CA LEU A 28 -7.55 -6.62 -7.72
C LEU A 28 -8.82 -7.38 -8.13
N GLU A 29 -9.58 -7.82 -7.13
CA GLU A 29 -10.81 -8.55 -7.37
C GLU A 29 -11.99 -7.60 -7.50
N LEU A 30 -11.75 -6.33 -7.22
CA LEU A 30 -12.80 -5.31 -7.30
C LEU A 30 -12.26 -4.02 -7.90
N SER A 31 -11.20 -4.13 -8.70
CA SER A 31 -10.58 -2.97 -9.33
C SER A 31 -10.50 -3.16 -10.85
N PRO A 32 -10.84 -2.09 -11.59
CA PRO A 32 -10.81 -2.12 -13.05
C PRO A 32 -9.40 -2.18 -13.62
N TYR A 33 -8.52 -1.34 -13.09
CA TYR A 33 -7.13 -1.30 -13.53
C TYR A 33 -6.28 -2.28 -12.74
N ASP A 34 -5.02 -2.42 -13.14
CA ASP A 34 -4.10 -3.33 -12.47
C ASP A 34 -3.14 -2.56 -11.56
N PHE A 35 -2.63 -3.24 -10.55
CA PHE A 35 -1.70 -2.62 -9.61
C PHE A 35 -0.97 -3.68 -8.79
N THR A 36 0.21 -3.31 -8.28
CA THR A 36 1.02 -4.23 -7.49
C THR A 36 1.70 -3.51 -6.33
N ILE A 37 1.82 -4.19 -5.20
CA ILE A 37 2.44 -3.61 -4.02
C ILE A 37 3.96 -3.73 -4.10
N VAL A 38 4.65 -2.67 -3.70
CA VAL A 38 6.10 -2.64 -3.73
C VAL A 38 6.67 -2.61 -2.31
N GLN A 39 6.20 -1.67 -1.51
CA GLN A 39 6.67 -1.53 -0.13
C GLN A 39 5.74 -2.27 0.83
N GLY A 40 6.33 -2.87 1.85
CA GLY A 40 5.54 -3.61 2.83
C GLY A 40 5.97 -3.33 4.26
N ILE A 41 5.11 -3.65 5.21
CA ILE A 41 5.40 -3.42 6.61
C ILE A 41 6.49 -4.37 7.12
N ARG A 42 7.24 -3.92 8.12
CA ARG A 42 8.32 -4.72 8.68
C ARG A 42 7.81 -5.55 9.86
N THR A 43 8.73 -6.28 10.51
CA THR A 43 8.37 -7.12 11.63
C THR A 43 9.48 -7.09 12.70
N VAL A 44 9.28 -7.85 13.77
CA VAL A 44 10.25 -7.92 14.85
C VAL A 44 11.63 -8.27 14.32
N ALA A 45 11.67 -9.04 13.24
CA ALA A 45 12.93 -9.45 12.64
C ALA A 45 13.73 -8.24 12.17
N GLN A 46 13.06 -7.10 12.05
CA GLN A 46 13.72 -5.87 11.62
C GLN A 46 13.86 -4.88 12.77
N SER A 47 12.83 -4.82 13.61
CA SER A 47 12.84 -3.92 14.76
C SER A 47 13.79 -4.42 15.84
N ALA A 48 13.72 -5.70 16.14
CA ALA A 48 14.58 -6.31 17.15
C ALA A 48 16.05 -6.07 16.83
N GLN A 49 16.45 -6.44 15.63
CA GLN A 49 17.85 -6.27 15.21
C GLN A 49 18.23 -4.79 15.20
N ASN A 50 17.27 -3.94 14.84
CA ASN A 50 17.51 -2.50 14.79
C ASN A 50 17.97 -1.99 16.15
N ILE A 51 17.11 -2.12 17.15
CA ILE A 51 17.43 -1.65 18.50
C ILE A 51 17.90 -2.82 19.37
N ALA A 52 17.01 -3.77 19.62
CA ALA A 52 17.34 -4.92 20.44
C ALA A 52 17.51 -4.53 21.91
N ASN A 53 16.44 -4.02 22.50
CA ASN A 53 16.48 -3.60 23.90
C ASN A 53 15.07 -3.26 24.40
N GLY A 54 14.07 -3.89 23.81
CA GLY A 54 12.70 -3.63 24.21
C GLY A 54 12.19 -2.29 23.73
N THR A 55 12.91 -1.69 22.77
CA THR A 55 12.53 -0.40 22.23
C THR A 55 11.94 0.50 23.31
N SER A 56 12.81 1.11 24.10
CA SER A 56 12.38 2.00 25.17
C SER A 56 12.24 3.43 24.67
N PHE A 57 12.19 3.60 23.35
CA PHE A 57 12.06 4.91 22.75
C PHE A 57 10.60 5.22 22.41
N LEU A 58 9.73 4.25 22.65
CA LEU A 58 8.31 4.41 22.38
C LEU A 58 7.47 3.73 23.45
N LYS A 59 6.18 4.09 23.51
CA LYS A 59 5.27 3.50 24.48
C LYS A 59 4.01 2.98 23.80
N ASP A 60 3.48 3.75 22.86
CA ASP A 60 2.28 3.36 22.13
C ASP A 60 1.97 4.36 21.02
N PRO A 61 2.90 4.50 20.07
CA PRO A 61 2.76 5.43 18.94
C PRO A 61 1.69 4.96 17.95
N SER A 62 1.63 5.62 16.80
CA SER A 62 0.66 5.27 15.78
C SER A 62 1.27 4.34 14.74
N LYS A 63 0.59 4.19 13.61
CA LYS A 63 1.06 3.31 12.54
C LYS A 63 1.86 4.11 11.51
N SER A 64 2.53 5.16 11.98
CA SER A 64 3.34 6.00 11.11
C SER A 64 4.43 5.18 10.41
N LYS A 65 5.27 4.54 11.20
CA LYS A 65 6.35 3.73 10.67
C LYS A 65 5.84 2.36 10.22
N HIS A 66 6.40 1.85 9.14
CA HIS A 66 6.00 0.54 8.60
C HIS A 66 6.24 -0.56 9.63
N ILE A 67 7.07 -0.26 10.63
CA ILE A 67 7.37 -1.23 11.67
C ILE A 67 6.14 -1.55 12.51
N THR A 68 5.10 -0.75 12.34
CA THR A 68 3.85 -0.95 13.07
C THR A 68 3.09 -2.16 12.55
N GLY A 69 3.35 -2.52 11.29
CA GLY A 69 2.67 -3.66 10.70
C GLY A 69 1.52 -3.25 9.81
N ASP A 70 1.32 -1.94 9.66
CA ASP A 70 0.24 -1.42 8.83
C ASP A 70 0.77 -0.34 7.88
N ALA A 71 0.89 -0.70 6.60
CA ALA A 71 1.38 0.25 5.60
C ALA A 71 1.92 -0.49 4.38
N ILE A 72 1.53 -0.04 3.20
CA ILE A 72 1.98 -0.65 1.95
C ILE A 72 2.04 0.37 0.82
N ASP A 73 3.16 0.38 0.10
CA ASP A 73 3.34 1.30 -1.01
C ASP A 73 3.27 0.58 -2.35
N PHE A 74 2.15 0.72 -3.04
CA PHE A 74 1.95 0.07 -4.33
C PHE A 74 2.12 1.06 -5.47
N ALA A 75 1.99 0.57 -6.70
CA ALA A 75 2.13 1.42 -7.87
C ALA A 75 1.18 0.97 -8.98
N PRO A 76 0.74 1.92 -9.81
CA PRO A 76 -0.18 1.65 -10.93
C PRO A 76 0.49 0.87 -12.05
N TYR A 77 0.19 -0.42 -12.13
CA TYR A 77 0.76 -1.28 -13.15
C TYR A 77 -0.18 -1.43 -14.35
N ILE A 78 0.37 -1.35 -15.55
CA ILE A 78 -0.41 -1.47 -16.76
C ILE A 78 0.30 -2.33 -17.80
N ASN A 79 -0.46 -3.21 -18.46
CA ASN A 79 0.11 -4.09 -19.48
C ASN A 79 1.14 -5.04 -18.87
N GLY A 80 1.04 -5.26 -17.55
CA GLY A 80 1.97 -6.13 -16.88
C GLY A 80 3.25 -5.42 -16.48
N LYS A 81 3.25 -4.10 -16.60
CA LYS A 81 4.42 -3.31 -16.25
C LYS A 81 4.01 -1.96 -15.66
N ILE A 82 4.81 -1.45 -14.73
CA ILE A 82 4.52 -0.17 -14.10
C ILE A 82 4.25 0.91 -15.14
N ASP A 83 3.25 1.75 -14.86
CA ASP A 83 2.89 2.82 -15.77
C ASP A 83 2.84 4.16 -15.04
N TRP A 84 3.59 5.13 -15.54
CA TRP A 84 3.63 6.46 -14.93
C TRP A 84 3.14 7.52 -15.91
N ASN A 85 2.61 7.08 -17.04
CA ASN A 85 2.11 7.99 -18.05
C ASN A 85 0.59 8.13 -17.96
N ASP A 86 -0.09 7.00 -17.80
CA ASP A 86 -1.55 6.99 -17.69
C ASP A 86 -1.99 7.56 -16.35
N LEU A 87 -2.21 8.87 -16.32
CA LEU A 87 -2.63 9.55 -15.10
C LEU A 87 -3.98 9.02 -14.62
N GLU A 88 -4.98 9.07 -15.51
CA GLU A 88 -6.32 8.59 -15.17
C GLU A 88 -6.26 7.16 -14.65
N ALA A 89 -5.35 6.37 -15.20
CA ALA A 89 -5.20 4.98 -14.78
C ALA A 89 -4.99 4.88 -13.28
N PHE A 90 -4.41 5.92 -12.69
CA PHE A 90 -4.16 5.95 -11.25
C PHE A 90 -5.44 6.21 -10.48
N TRP A 91 -6.35 6.95 -11.09
CA TRP A 91 -7.63 7.28 -10.45
C TRP A 91 -8.42 6.01 -10.13
N ALA A 92 -8.60 5.17 -11.15
CA ALA A 92 -9.34 3.92 -10.97
C ALA A 92 -8.64 3.00 -9.97
N VAL A 93 -7.32 3.10 -9.93
CA VAL A 93 -6.52 2.27 -9.02
C VAL A 93 -6.52 2.85 -7.61
N LYS A 94 -6.87 4.14 -7.51
CA LYS A 94 -6.91 4.82 -6.22
C LYS A 94 -8.07 4.32 -5.38
N LYS A 95 -9.28 4.40 -5.92
CA LYS A 95 -10.48 3.95 -5.22
C LYS A 95 -10.50 2.43 -5.11
N ALA A 96 -9.67 1.77 -5.90
CA ALA A 96 -9.59 0.31 -5.89
C ALA A 96 -9.45 -0.22 -4.46
N PHE A 97 -8.68 0.49 -3.65
CA PHE A 97 -8.46 0.09 -2.26
C PHE A 97 -9.68 0.42 -1.40
N GLU A 98 -10.05 1.70 -1.38
CA GLU A 98 -11.19 2.14 -0.59
C GLU A 98 -12.46 1.42 -1.03
N GLN A 99 -12.43 0.86 -2.23
CA GLN A 99 -13.58 0.13 -2.76
C GLN A 99 -13.69 -1.25 -2.13
N ALA A 100 -12.55 -1.83 -1.77
CA ALA A 100 -12.52 -3.15 -1.16
C ALA A 100 -13.07 -3.10 0.26
N GLY A 101 -12.61 -2.14 1.05
CA GLY A 101 -13.08 -2.01 2.42
C GLY A 101 -14.59 -1.96 2.51
N LYS A 102 -15.24 -1.55 1.43
CA LYS A 102 -16.69 -1.45 1.40
C LYS A 102 -17.32 -2.83 1.52
N GLU A 103 -16.85 -3.77 0.70
CA GLU A 103 -17.38 -5.13 0.73
C GLU A 103 -16.83 -5.91 1.91
N LEU A 104 -15.59 -5.60 2.30
CA LEU A 104 -14.94 -6.27 3.42
C LEU A 104 -15.49 -5.76 4.75
N GLY A 105 -16.06 -4.57 4.72
CA GLY A 105 -16.62 -3.98 5.93
C GLY A 105 -15.58 -3.24 6.74
N ILE A 106 -14.33 -3.28 6.29
CA ILE A 106 -13.24 -2.60 6.99
C ILE A 106 -12.99 -1.22 6.40
N LYS A 107 -12.28 -0.39 7.15
CA LYS A 107 -11.96 0.96 6.71
C LYS A 107 -10.45 1.15 6.56
N LEU A 108 -10.06 1.82 5.48
CA LEU A 108 -8.64 2.07 5.22
C LEU A 108 -8.45 3.37 4.44
N ARG A 109 -7.27 3.96 4.57
CA ARG A 109 -6.96 5.21 3.89
C ARG A 109 -5.56 5.17 3.29
N PHE A 110 -5.40 5.81 2.14
CA PHE A 110 -4.10 5.84 1.46
C PHE A 110 -3.73 7.28 1.07
N GLY A 111 -2.44 7.52 0.89
CA GLY A 111 -1.97 8.84 0.52
C GLY A 111 -1.41 8.88 -0.88
N ALA A 112 -1.95 9.76 -1.71
CA ALA A 112 -1.50 9.90 -3.09
C ALA A 112 -2.32 10.95 -3.84
N ASP A 113 -2.73 11.99 -3.12
CA ASP A 113 -3.52 13.06 -3.72
C ASP A 113 -3.02 14.43 -3.26
N TRP A 114 -3.18 15.42 -4.12
CA TRP A 114 -2.73 16.78 -3.80
C TRP A 114 -3.31 17.24 -2.46
N ASN A 115 -4.43 16.63 -2.06
CA ASN A 115 -5.06 16.98 -0.80
C ASN A 115 -4.03 17.17 0.30
N ALA A 116 -3.19 16.16 0.51
CA ALA A 116 -2.15 16.23 1.53
C ALA A 116 -0.79 15.89 0.95
N SER A 117 -0.74 14.85 0.12
CA SER A 117 0.51 14.41 -0.51
C SER A 117 1.22 15.59 -1.16
N GLY A 118 0.45 16.61 -1.55
CA GLY A 118 1.03 17.78 -2.17
C GLY A 118 0.81 17.80 -3.67
N ASP A 119 0.68 16.62 -4.27
CA ASP A 119 0.46 16.50 -5.70
C ASP A 119 0.36 15.04 -6.13
N TYR A 120 -0.32 14.79 -7.24
CA TYR A 120 -0.49 13.43 -7.74
C TYR A 120 -0.67 13.44 -9.26
N HIS A 121 -0.10 14.45 -9.91
CA HIS A 121 -0.21 14.56 -11.36
C HIS A 121 1.17 14.44 -12.01
N ASP A 122 2.19 14.98 -11.34
CA ASP A 122 3.55 14.93 -11.86
C ASP A 122 4.45 14.12 -10.92
N GLU A 123 3.95 13.84 -9.72
CA GLU A 123 4.71 13.08 -8.74
C GLU A 123 5.12 11.72 -9.30
N ILE A 124 4.25 11.15 -10.12
CA ILE A 124 4.50 9.85 -10.72
C ILE A 124 5.85 9.83 -11.44
N LYS A 125 6.27 11.00 -11.92
CA LYS A 125 7.54 11.13 -12.62
C LYS A 125 8.70 10.71 -11.72
N ARG A 126 8.46 10.68 -10.41
CA ARG A 126 9.48 10.30 -9.46
C ARG A 126 9.88 8.84 -9.62
N GLY A 127 8.95 8.04 -10.14
CA GLY A 127 9.21 6.62 -10.35
C GLY A 127 8.67 5.77 -9.21
N THR A 128 8.13 6.41 -8.19
CA THR A 128 7.58 5.69 -7.04
C THR A 128 6.17 6.17 -6.73
N TYR A 129 5.63 7.03 -7.58
CA TYR A 129 4.29 7.55 -7.40
C TYR A 129 4.24 8.51 -6.21
N ASP A 130 5.39 8.76 -5.61
CA ASP A 130 5.49 9.66 -4.47
C ASP A 130 4.24 9.54 -3.59
N GLY A 131 3.84 8.31 -3.29
CA GLY A 131 2.67 8.09 -2.46
C GLY A 131 2.21 6.64 -2.49
N GLY A 132 0.98 6.42 -2.92
CA GLY A 132 0.43 5.08 -2.99
C GLY A 132 0.61 4.32 -1.68
N HIS A 133 0.63 5.05 -0.57
CA HIS A 133 0.80 4.45 0.74
C HIS A 133 -0.55 4.31 1.45
N VAL A 134 -1.00 3.07 1.61
CA VAL A 134 -2.29 2.80 2.27
C VAL A 134 -2.07 2.42 3.73
N GLU A 135 -3.16 2.41 4.49
CA GLU A 135 -3.10 2.06 5.91
C GLU A 135 -4.47 1.66 6.44
N LEU A 136 -4.53 0.51 7.09
CA LEU A 136 -5.79 0.01 7.64
C LEU A 136 -6.25 0.88 8.82
N VAL A 137 -7.55 0.89 9.07
CA VAL A 137 -8.11 1.67 10.17
C VAL A 137 -7.65 1.13 11.51
ZN ZN B . 5.73 4.62 2.50
CA CA C . -2.88 12.21 1.03
N MET A 1 -9.87 -15.31 -12.30
CA MET A 1 -10.03 -14.40 -13.43
C MET A 1 -9.60 -12.99 -13.06
N SER A 2 -8.56 -12.88 -12.22
CA SER A 2 -8.06 -11.59 -11.78
C SER A 2 -6.53 -11.59 -11.77
N PHE A 3 -5.95 -10.39 -11.75
CA PHE A 3 -4.50 -10.24 -11.74
C PHE A 3 -3.90 -10.82 -10.46
N LYS A 4 -2.63 -10.54 -10.23
CA LYS A 4 -1.94 -11.03 -9.04
C LYS A 4 -0.58 -10.36 -8.88
N PHE A 5 -0.12 -10.24 -7.65
CA PHE A 5 1.17 -9.62 -7.36
C PHE A 5 2.29 -10.65 -7.41
N GLY A 6 3.52 -10.17 -7.58
CA GLY A 6 4.66 -11.07 -7.63
C GLY A 6 4.87 -11.81 -6.32
N LYS A 7 5.83 -12.74 -6.33
CA LYS A 7 6.13 -13.52 -5.13
C LYS A 7 6.78 -12.65 -4.05
N ASN A 8 7.65 -11.75 -4.48
CA ASN A 8 8.33 -10.84 -3.56
C ASN A 8 7.45 -9.67 -3.18
N SER A 9 6.51 -9.34 -4.06
CA SER A 9 5.59 -8.23 -3.83
C SER A 9 4.42 -8.67 -2.94
N GLU A 10 3.79 -9.79 -3.32
CA GLU A 10 2.66 -10.32 -2.58
C GLU A 10 3.06 -10.63 -1.13
N LYS A 11 4.28 -11.14 -0.96
CA LYS A 11 4.78 -11.49 0.36
C LYS A 11 4.77 -10.27 1.28
N GLN A 12 4.92 -9.09 0.69
CA GLN A 12 4.92 -7.84 1.45
C GLN A 12 3.59 -7.62 2.14
N LEU A 13 2.51 -7.66 1.35
CA LEU A 13 1.17 -7.45 1.89
C LEU A 13 0.65 -8.72 2.57
N ALA A 14 1.20 -9.86 2.17
CA ALA A 14 0.80 -11.14 2.74
C ALA A 14 1.41 -11.34 4.12
N THR A 15 2.39 -10.50 4.46
CA THR A 15 3.04 -10.59 5.75
C THR A 15 2.32 -9.76 6.80
N VAL A 16 1.28 -9.04 6.37
CA VAL A 16 0.50 -8.21 7.28
C VAL A 16 -0.56 -9.03 7.99
N LYS A 17 -0.75 -8.77 9.28
CA LYS A 17 -1.73 -9.48 10.08
C LYS A 17 -3.05 -8.72 10.12
N PRO A 18 -2.98 -7.40 9.83
CA PRO A 18 -4.16 -6.54 9.82
C PRO A 18 -5.11 -6.85 8.67
N GLU A 19 -6.19 -6.09 8.58
CA GLU A 19 -7.18 -6.28 7.52
C GLU A 19 -6.65 -5.76 6.18
N LEU A 20 -5.57 -5.00 6.23
CA LEU A 20 -4.97 -4.43 5.04
C LEU A 20 -4.80 -5.50 3.96
N GLN A 21 -4.41 -6.70 4.38
CA GLN A 21 -4.21 -7.81 3.45
C GLN A 21 -5.45 -8.03 2.60
N LYS A 22 -6.61 -7.67 3.15
CA LYS A 22 -7.87 -7.83 2.42
C LYS A 22 -8.03 -6.77 1.34
N VAL A 23 -8.01 -5.51 1.75
CA VAL A 23 -8.15 -4.40 0.81
C VAL A 23 -7.04 -4.44 -0.25
N ALA A 24 -5.90 -4.99 0.12
CA ALA A 24 -4.77 -5.11 -0.79
C ALA A 24 -5.05 -6.14 -1.89
N ARG A 25 -5.36 -7.36 -1.48
CA ARG A 25 -5.66 -8.43 -2.42
C ARG A 25 -7.03 -8.24 -3.06
N ARG A 26 -8.05 -8.11 -2.22
CA ARG A 26 -9.41 -7.92 -2.69
C ARG A 26 -9.48 -6.80 -3.74
N ALA A 27 -8.58 -5.83 -3.61
CA ALA A 27 -8.53 -4.72 -4.54
C ALA A 27 -8.51 -5.21 -5.99
N LEU A 28 -7.55 -6.08 -6.29
CA LEU A 28 -7.41 -6.62 -7.64
C LEU A 28 -8.67 -7.38 -8.06
N GLU A 29 -9.46 -7.79 -7.07
CA GLU A 29 -10.70 -8.51 -7.33
C GLU A 29 -11.87 -7.55 -7.51
N LEU A 30 -11.62 -6.27 -7.25
CA LEU A 30 -12.66 -5.26 -7.37
C LEU A 30 -12.09 -3.97 -7.97
N SER A 31 -11.02 -4.12 -8.76
CA SER A 31 -10.38 -2.97 -9.40
C SER A 31 -10.28 -3.17 -10.90
N PRO A 32 -10.61 -2.12 -11.67
CA PRO A 32 -10.56 -2.16 -13.14
C PRO A 32 -9.13 -2.21 -13.66
N TYR A 33 -8.27 -1.38 -13.08
CA TYR A 33 -6.88 -1.32 -13.50
C TYR A 33 -6.03 -2.31 -12.71
N ASP A 34 -4.76 -2.43 -13.08
CA ASP A 34 -3.84 -3.34 -12.41
C ASP A 34 -2.93 -2.58 -11.44
N PHE A 35 -2.37 -3.30 -10.48
CA PHE A 35 -1.48 -2.69 -9.49
C PHE A 35 -0.79 -3.76 -8.66
N THR A 36 0.40 -3.43 -8.14
CA THR A 36 1.16 -4.36 -7.32
C THR A 36 1.84 -3.64 -6.16
N ILE A 37 1.93 -4.32 -5.02
CA ILE A 37 2.56 -3.74 -3.84
C ILE A 37 4.07 -3.91 -3.90
N VAL A 38 4.80 -2.84 -3.56
CA VAL A 38 6.25 -2.87 -3.57
C VAL A 38 6.81 -2.84 -2.14
N GLN A 39 6.31 -1.90 -1.35
CA GLN A 39 6.76 -1.77 0.04
C GLN A 39 5.78 -2.45 0.99
N GLY A 40 6.33 -3.06 2.04
CA GLY A 40 5.50 -3.75 3.02
C GLY A 40 5.92 -3.45 4.45
N ILE A 41 5.02 -3.72 5.39
CA ILE A 41 5.30 -3.48 6.80
C ILE A 41 6.34 -4.46 7.33
N ARG A 42 7.09 -4.02 8.34
CA ARG A 42 8.12 -4.86 8.94
C ARG A 42 7.58 -5.62 10.15
N THR A 43 8.45 -6.34 10.84
CA THR A 43 8.05 -7.11 12.01
C THR A 43 9.13 -7.05 13.09
N VAL A 44 8.84 -7.66 14.24
CA VAL A 44 9.79 -7.68 15.35
C VAL A 44 11.14 -8.21 14.92
N ALA A 45 11.14 -9.07 13.90
CA ALA A 45 12.37 -9.65 13.38
C ALA A 45 13.26 -8.58 12.76
N GLN A 46 12.66 -7.48 12.34
CA GLN A 46 13.40 -6.38 11.73
C GLN A 46 13.74 -5.32 12.77
N SER A 47 12.82 -5.05 13.67
CA SER A 47 13.02 -4.05 14.71
C SER A 47 14.01 -4.55 15.75
N ALA A 48 13.79 -5.78 16.23
CA ALA A 48 14.67 -6.38 17.23
C ALA A 48 16.11 -6.37 16.77
N GLN A 49 16.35 -6.85 15.55
CA GLN A 49 17.70 -6.89 14.99
C GLN A 49 18.26 -5.48 14.81
N ASN A 50 17.40 -4.55 14.45
CA ASN A 50 17.81 -3.17 14.24
C ASN A 50 18.44 -2.59 15.51
N ILE A 51 17.66 -2.54 16.59
CA ILE A 51 18.15 -2.02 17.86
C ILE A 51 18.59 -3.15 18.78
N ALA A 52 17.63 -3.97 19.21
CA ALA A 52 17.92 -5.09 20.09
C ALA A 52 18.26 -4.60 21.50
N ASN A 53 17.39 -3.79 22.06
CA ASN A 53 17.60 -3.24 23.41
C ASN A 53 16.29 -3.12 24.16
N GLY A 54 15.25 -3.79 23.65
CA GLY A 54 13.95 -3.74 24.29
C GLY A 54 13.05 -2.68 23.69
N THR A 55 13.46 -2.13 22.55
CA THR A 55 12.68 -1.10 21.87
C THR A 55 12.01 -0.17 22.87
N SER A 56 12.80 0.32 23.83
CA SER A 56 12.27 1.22 24.85
C SER A 56 12.08 2.63 24.29
N PHE A 57 12.47 2.82 23.03
CA PHE A 57 12.35 4.12 22.37
C PHE A 57 10.93 4.32 21.85
N LEU A 58 10.07 3.34 22.10
CA LEU A 58 8.68 3.41 21.66
C LEU A 58 7.73 3.02 22.78
N LYS A 59 6.61 3.73 22.88
CA LYS A 59 5.62 3.45 23.90
C LYS A 59 4.30 2.98 23.28
N ASP A 60 3.79 3.76 22.32
CA ASP A 60 2.55 3.41 21.64
C ASP A 60 2.20 4.47 20.60
N PRO A 61 3.10 4.67 19.62
CA PRO A 61 2.92 5.64 18.55
C PRO A 61 1.82 5.22 17.58
N SER A 62 1.73 5.94 16.46
CA SER A 62 0.72 5.64 15.45
C SER A 62 1.24 4.59 14.46
N LYS A 63 0.53 4.43 13.35
CA LYS A 63 0.90 3.46 12.33
C LYS A 63 1.81 4.10 11.28
N SER A 64 2.44 5.20 11.66
CA SER A 64 3.34 5.91 10.74
C SER A 64 4.45 5.00 10.24
N LYS A 65 5.28 4.54 11.16
CA LYS A 65 6.38 3.64 10.81
C LYS A 65 5.86 2.28 10.37
N HIS A 66 6.40 1.79 9.25
CA HIS A 66 5.99 0.49 8.72
C HIS A 66 6.17 -0.61 9.76
N ILE A 67 7.03 -0.34 10.74
CA ILE A 67 7.31 -1.32 11.79
C ILE A 67 6.06 -1.58 12.64
N THR A 68 5.04 -0.75 12.45
CA THR A 68 3.80 -0.88 13.19
C THR A 68 2.99 -2.07 12.69
N GLY A 69 3.18 -2.42 11.42
CA GLY A 69 2.47 -3.55 10.84
C GLY A 69 1.35 -3.11 9.91
N ASP A 70 1.21 -1.80 9.75
CA ASP A 70 0.17 -1.24 8.87
C ASP A 70 0.76 -0.20 7.93
N ALA A 71 0.91 -0.57 6.66
CA ALA A 71 1.45 0.32 5.66
C ALA A 71 2.01 -0.44 4.47
N ILE A 72 1.66 0.00 3.26
CA ILE A 72 2.13 -0.65 2.05
C ILE A 72 2.25 0.34 0.90
N ASP A 73 3.37 0.29 0.19
CA ASP A 73 3.60 1.19 -0.94
C ASP A 73 3.52 0.43 -2.26
N PHE A 74 2.40 0.60 -2.96
CA PHE A 74 2.19 -0.07 -4.24
C PHE A 74 2.41 0.90 -5.40
N ALA A 75 2.24 0.40 -6.62
CA ALA A 75 2.41 1.22 -7.81
C ALA A 75 1.45 0.78 -8.92
N PRO A 76 1.05 1.74 -9.76
CA PRO A 76 0.13 1.49 -10.87
C PRO A 76 0.77 0.66 -11.98
N TYR A 77 0.43 -0.62 -12.04
CA TYR A 77 0.98 -1.52 -13.05
C TYR A 77 0.02 -1.65 -14.23
N ILE A 78 0.57 -1.54 -15.43
CA ILE A 78 -0.23 -1.66 -16.65
C ILE A 78 0.46 -2.56 -17.67
N ASN A 79 -0.33 -3.44 -18.29
CA ASN A 79 0.21 -4.36 -19.29
C ASN A 79 1.23 -5.31 -18.67
N GLY A 80 1.06 -5.59 -17.39
CA GLY A 80 1.98 -6.49 -16.70
C GLY A 80 3.28 -5.80 -16.32
N LYS A 81 3.38 -4.51 -16.62
CA LYS A 81 4.57 -3.73 -16.30
C LYS A 81 4.21 -2.40 -15.68
N ILE A 82 5.06 -1.92 -14.77
CA ILE A 82 4.83 -0.65 -14.10
C ILE A 82 4.55 0.47 -15.11
N ASP A 83 3.58 1.32 -14.78
CA ASP A 83 3.23 2.43 -15.66
C ASP A 83 3.24 3.75 -14.90
N TRP A 84 4.00 4.72 -15.39
CA TRP A 84 4.08 6.02 -14.76
C TRP A 84 3.63 7.13 -15.71
N ASN A 85 3.09 6.73 -16.85
CA ASN A 85 2.61 7.68 -17.85
C ASN A 85 1.10 7.85 -17.75
N ASP A 86 0.38 6.74 -17.64
CA ASP A 86 -1.07 6.76 -17.54
C ASP A 86 -1.51 7.41 -16.24
N LEU A 87 -1.66 8.73 -16.26
CA LEU A 87 -2.07 9.48 -15.07
C LEU A 87 -3.44 9.01 -14.60
N GLU A 88 -4.42 9.04 -15.49
CA GLU A 88 -5.78 8.62 -15.16
C GLU A 88 -5.79 7.20 -14.61
N ALA A 89 -4.92 6.35 -15.17
CA ALA A 89 -4.83 4.97 -14.73
C ALA A 89 -4.59 4.87 -13.23
N PHE A 90 -3.96 5.89 -12.67
CA PHE A 90 -3.66 5.93 -11.25
C PHE A 90 -4.93 6.19 -10.44
N TRP A 91 -5.84 6.99 -11.00
CA TRP A 91 -7.08 7.33 -10.33
C TRP A 91 -7.87 6.06 -10.00
N ALA A 92 -8.08 5.22 -11.00
CA ALA A 92 -8.82 3.97 -10.82
C ALA A 92 -8.11 3.07 -9.80
N VAL A 93 -6.82 2.83 -10.03
CA VAL A 93 -6.03 1.98 -9.15
C VAL A 93 -6.11 2.48 -7.70
N LYS A 94 -6.40 3.76 -7.54
CA LYS A 94 -6.50 4.36 -6.21
C LYS A 94 -7.79 3.93 -5.52
N LYS A 95 -8.92 4.15 -6.18
CA LYS A 95 -10.22 3.79 -5.62
C LYS A 95 -10.31 2.28 -5.41
N ALA A 96 -9.43 1.53 -6.09
CA ALA A 96 -9.42 0.08 -5.98
C ALA A 96 -9.40 -0.35 -4.50
N PHE A 97 -8.62 0.35 -3.69
CA PHE A 97 -8.52 0.04 -2.27
C PHE A 97 -9.79 0.45 -1.53
N GLU A 98 -10.21 1.68 -1.75
CA GLU A 98 -11.41 2.21 -1.11
C GLU A 98 -12.60 1.30 -1.37
N GLN A 99 -12.86 1.02 -2.64
CA GLN A 99 -13.98 0.17 -3.02
C GLN A 99 -13.95 -1.15 -2.26
N ALA A 100 -12.74 -1.60 -1.92
CA ALA A 100 -12.57 -2.85 -1.20
C ALA A 100 -13.13 -2.74 0.22
N GLY A 101 -12.70 -1.72 0.94
CA GLY A 101 -13.16 -1.51 2.30
C GLY A 101 -14.68 -1.47 2.39
N LYS A 102 -15.32 -1.11 1.29
CA LYS A 102 -16.78 -1.02 1.26
C LYS A 102 -17.40 -2.42 1.30
N GLU A 103 -16.89 -3.32 0.47
CA GLU A 103 -17.40 -4.69 0.41
C GLU A 103 -16.88 -5.50 1.59
N LEU A 104 -15.71 -5.14 2.08
CA LEU A 104 -15.10 -5.83 3.21
C LEU A 104 -15.67 -5.33 4.54
N GLY A 105 -16.15 -4.10 4.53
CA GLY A 105 -16.72 -3.52 5.74
C GLY A 105 -15.69 -2.78 6.56
N ILE A 106 -14.44 -2.81 6.11
CA ILE A 106 -13.35 -2.13 6.81
C ILE A 106 -13.05 -0.77 6.18
N LYS A 107 -12.34 0.07 6.92
CA LYS A 107 -11.98 1.40 6.43
C LYS A 107 -10.47 1.55 6.31
N LEU A 108 -10.02 2.22 5.26
CA LEU A 108 -8.59 2.43 5.04
C LEU A 108 -8.34 3.72 4.26
N ARG A 109 -7.11 4.21 4.30
CA ARG A 109 -6.75 5.42 3.60
C ARG A 109 -5.32 5.34 3.07
N PHE A 110 -5.08 5.94 1.90
CA PHE A 110 -3.76 5.93 1.29
C PHE A 110 -3.34 7.34 0.87
N GLY A 111 -2.04 7.56 0.77
CA GLY A 111 -1.53 8.86 0.38
C GLY A 111 -1.08 8.90 -1.07
N ALA A 112 -1.76 9.71 -1.87
CA ALA A 112 -1.42 9.83 -3.28
C ALA A 112 -2.44 10.71 -4.02
N ASP A 113 -3.00 11.67 -3.31
CA ASP A 113 -3.99 12.58 -3.89
C ASP A 113 -3.79 13.99 -3.37
N TRP A 114 -3.91 14.97 -4.27
CA TRP A 114 -3.74 16.37 -3.90
C TRP A 114 -4.63 16.73 -2.72
N ASN A 115 -5.70 15.96 -2.53
CA ASN A 115 -6.63 16.20 -1.42
C ASN A 115 -5.88 16.55 -0.14
N ALA A 116 -4.95 15.68 0.25
CA ALA A 116 -4.16 15.89 1.45
C ALA A 116 -2.67 15.75 1.16
N SER A 117 -2.31 14.74 0.37
CA SER A 117 -0.92 14.51 0.03
C SER A 117 -0.27 15.77 -0.51
N GLY A 118 -1.08 16.67 -1.06
CA GLY A 118 -0.57 17.91 -1.61
C GLY A 118 -0.44 17.87 -3.12
N ASP A 119 -0.33 16.66 -3.67
CA ASP A 119 -0.19 16.49 -5.11
C ASP A 119 -0.21 15.01 -5.48
N TYR A 120 -0.49 14.73 -6.75
CA TYR A 120 -0.53 13.35 -7.24
C TYR A 120 -0.25 13.29 -8.73
N HIS A 121 -0.76 14.28 -9.47
CA HIS A 121 -0.56 14.34 -10.92
C HIS A 121 0.91 14.60 -11.25
N ASP A 122 1.54 15.45 -10.45
CA ASP A 122 2.95 15.78 -10.66
C ASP A 122 3.86 14.81 -9.92
N GLU A 123 3.39 14.31 -8.78
CA GLU A 123 4.16 13.37 -7.98
C GLU A 123 4.61 12.18 -8.82
N ILE A 124 3.72 11.69 -9.67
CA ILE A 124 4.03 10.56 -10.53
C ILE A 124 5.23 10.87 -11.42
N LYS A 125 5.40 12.13 -11.77
CA LYS A 125 6.51 12.56 -12.62
C LYS A 125 7.84 12.12 -12.03
N ARG A 126 7.85 11.85 -10.72
CA ARG A 126 9.05 11.43 -10.04
C ARG A 126 9.53 10.07 -10.55
N GLY A 127 8.59 9.29 -11.07
CA GLY A 127 8.93 7.97 -11.60
C GLY A 127 8.74 6.88 -10.57
N THR A 128 8.31 7.27 -9.36
CA THR A 128 8.10 6.30 -8.29
C THR A 128 6.73 6.50 -7.64
N TYR A 129 5.85 7.20 -8.35
CA TYR A 129 4.50 7.46 -7.84
C TYR A 129 4.55 7.92 -6.39
N ASP A 130 5.10 9.11 -6.17
CA ASP A 130 5.19 9.67 -4.84
C ASP A 130 3.91 9.44 -4.05
N GLY A 131 3.95 8.48 -3.12
CA GLY A 131 2.78 8.18 -2.33
C GLY A 131 2.41 6.71 -2.36
N GLY A 132 1.24 6.40 -2.91
CA GLY A 132 0.79 5.02 -2.99
C GLY A 132 0.94 4.29 -1.67
N HIS A 133 0.92 5.03 -0.58
CA HIS A 133 1.05 4.45 0.76
C HIS A 133 -0.32 4.34 1.43
N VAL A 134 -0.81 3.11 1.56
CA VAL A 134 -2.10 2.88 2.20
C VAL A 134 -1.93 2.48 3.67
N GLU A 135 -3.02 2.55 4.42
CA GLU A 135 -2.99 2.21 5.84
C GLU A 135 -4.40 1.89 6.35
N LEU A 136 -4.55 0.74 7.00
CA LEU A 136 -5.83 0.33 7.54
C LEU A 136 -6.29 1.27 8.65
N VAL A 137 -7.61 1.38 8.83
CA VAL A 137 -8.17 2.24 9.85
C VAL A 137 -7.72 1.81 11.25
ZN ZN B . 5.95 4.52 2.56
CA CA C . -4.26 11.48 0.73
N MET A 1 -11.56 -14.59 -11.95
CA MET A 1 -10.71 -14.02 -13.00
C MET A 1 -10.21 -12.63 -12.59
N SER A 2 -8.98 -12.56 -12.14
CA SER A 2 -8.38 -11.30 -11.71
C SER A 2 -6.85 -11.38 -11.72
N PHE A 3 -6.21 -10.22 -11.76
CA PHE A 3 -4.76 -10.17 -11.76
C PHE A 3 -4.18 -10.71 -10.45
N LYS A 4 -2.88 -10.51 -10.26
CA LYS A 4 -2.21 -10.97 -9.05
C LYS A 4 -0.81 -10.38 -8.93
N PHE A 5 -0.29 -10.35 -7.72
CA PHE A 5 1.05 -9.81 -7.48
C PHE A 5 2.09 -10.92 -7.44
N GLY A 6 3.31 -10.60 -7.87
CA GLY A 6 4.38 -11.58 -7.88
C GLY A 6 4.70 -12.10 -6.49
N LYS A 7 5.16 -13.33 -6.40
CA LYS A 7 5.51 -13.94 -5.13
C LYS A 7 6.47 -13.04 -4.34
N ASN A 8 7.18 -12.18 -5.05
CA ASN A 8 8.12 -11.26 -4.42
C ASN A 8 7.40 -10.04 -3.86
N SER A 9 6.38 -9.58 -4.58
CA SER A 9 5.61 -8.41 -4.16
C SER A 9 4.51 -8.81 -3.19
N GLU A 10 3.69 -9.78 -3.59
CA GLU A 10 2.60 -10.25 -2.75
C GLU A 10 3.09 -10.54 -1.33
N LYS A 11 4.24 -11.20 -1.23
CA LYS A 11 4.81 -11.55 0.06
C LYS A 11 4.84 -10.33 0.98
N GLN A 12 4.95 -9.15 0.39
CA GLN A 12 5.00 -7.91 1.15
C GLN A 12 3.67 -7.67 1.87
N LEU A 13 2.57 -7.71 1.12
CA LEU A 13 1.25 -7.50 1.69
C LEU A 13 0.75 -8.76 2.41
N ALA A 14 1.32 -9.90 2.03
CA ALA A 14 0.94 -11.17 2.64
C ALA A 14 1.60 -11.35 4.00
N THR A 15 2.64 -10.56 4.26
CA THR A 15 3.36 -10.63 5.52
C THR A 15 2.67 -9.79 6.59
N VAL A 16 1.59 -9.11 6.20
CA VAL A 16 0.84 -8.27 7.13
C VAL A 16 -0.19 -9.10 7.89
N LYS A 17 -0.32 -8.83 9.19
CA LYS A 17 -1.28 -9.54 10.03
C LYS A 17 -2.60 -8.80 10.09
N PRO A 18 -2.57 -7.49 9.78
CA PRO A 18 -3.77 -6.65 9.80
C PRO A 18 -4.73 -6.99 8.66
N GLU A 19 -5.86 -6.27 8.62
CA GLU A 19 -6.86 -6.50 7.58
C GLU A 19 -6.39 -5.95 6.25
N LEU A 20 -5.33 -5.15 6.27
CA LEU A 20 -4.78 -4.56 5.06
C LEU A 20 -4.60 -5.61 3.97
N GLN A 21 -4.22 -6.81 4.37
CA GLN A 21 -4.00 -7.91 3.44
C GLN A 21 -5.24 -8.12 2.57
N LYS A 22 -6.40 -7.78 3.11
CA LYS A 22 -7.66 -7.93 2.39
C LYS A 22 -7.82 -6.84 1.33
N VAL A 23 -7.87 -5.59 1.77
CA VAL A 23 -8.02 -4.46 0.86
C VAL A 23 -6.95 -4.50 -0.23
N ALA A 24 -5.80 -5.07 0.09
CA ALA A 24 -4.70 -5.18 -0.86
C ALA A 24 -5.01 -6.20 -1.95
N ARG A 25 -5.36 -7.42 -1.53
CA ARG A 25 -5.68 -8.48 -2.47
C ARG A 25 -7.07 -8.27 -3.08
N ARG A 26 -8.07 -8.16 -2.23
CA ARG A 26 -9.44 -7.96 -2.68
C ARG A 26 -9.52 -6.81 -3.69
N ALA A 27 -8.60 -5.86 -3.56
CA ALA A 27 -8.56 -4.71 -4.46
C ALA A 27 -8.58 -5.16 -5.92
N LEU A 28 -7.66 -6.03 -6.28
CA LEU A 28 -7.58 -6.54 -7.65
C LEU A 28 -8.86 -7.27 -8.04
N GLU A 29 -9.61 -7.71 -7.04
CA GLU A 29 -10.86 -8.41 -7.28
C GLU A 29 -12.03 -7.44 -7.41
N LEU A 30 -11.76 -6.17 -7.12
CA LEU A 30 -12.79 -5.13 -7.20
C LEU A 30 -12.20 -3.85 -7.79
N SER A 31 -11.16 -3.98 -8.59
CA SER A 31 -10.51 -2.83 -9.21
C SER A 31 -10.47 -2.98 -10.73
N PRO A 32 -10.80 -1.89 -11.44
CA PRO A 32 -10.81 -1.88 -12.90
C PRO A 32 -9.41 -1.96 -13.50
N TYR A 33 -8.49 -1.17 -12.95
CA TYR A 33 -7.12 -1.16 -13.43
C TYR A 33 -6.27 -2.16 -12.67
N ASP A 34 -5.02 -2.32 -13.10
CA ASP A 34 -4.10 -3.26 -12.46
C ASP A 34 -3.14 -2.53 -11.53
N PHE A 35 -2.59 -3.24 -10.55
CA PHE A 35 -1.66 -2.67 -9.60
C PHE A 35 -0.97 -3.75 -8.78
N THR A 36 0.22 -3.43 -8.29
CA THR A 36 1.00 -4.38 -7.49
C THR A 36 1.73 -3.69 -6.35
N ILE A 37 1.82 -4.35 -5.21
CA ILE A 37 2.50 -3.80 -4.04
C ILE A 37 4.00 -3.99 -4.13
N VAL A 38 4.75 -2.92 -3.88
CA VAL A 38 6.20 -2.97 -3.93
C VAL A 38 6.80 -2.96 -2.53
N GLN A 39 6.36 -1.99 -1.71
CA GLN A 39 6.86 -1.88 -0.35
C GLN A 39 5.91 -2.54 0.64
N GLY A 40 6.48 -3.13 1.69
CA GLY A 40 5.66 -3.80 2.69
C GLY A 40 6.12 -3.49 4.10
N ILE A 41 5.26 -3.76 5.08
CA ILE A 41 5.58 -3.51 6.48
C ILE A 41 6.64 -4.49 6.98
N ARG A 42 7.40 -4.05 7.98
CA ARG A 42 8.45 -4.89 8.55
C ARG A 42 7.91 -5.72 9.71
N THR A 43 8.79 -6.47 10.36
CA THR A 43 8.40 -7.32 11.48
C THR A 43 9.46 -7.28 12.59
N VAL A 44 9.22 -8.06 13.65
CA VAL A 44 10.15 -8.11 14.77
C VAL A 44 11.57 -8.44 14.30
N ALA A 45 11.66 -9.18 13.19
CA ALA A 45 12.95 -9.56 12.64
C ALA A 45 13.76 -8.33 12.22
N GLN A 46 13.08 -7.19 12.13
CA GLN A 46 13.73 -5.94 11.76
C GLN A 46 13.75 -4.95 12.91
N SER A 47 12.68 -4.97 13.71
CA SER A 47 12.56 -4.07 14.85
C SER A 47 13.43 -4.55 16.01
N ALA A 48 13.36 -5.84 16.30
CA ALA A 48 14.15 -6.42 17.38
C ALA A 48 15.63 -6.09 17.22
N GLN A 49 16.14 -6.27 16.00
CA GLN A 49 17.55 -6.00 15.72
C GLN A 49 17.81 -4.50 15.68
N ASN A 50 16.83 -3.74 15.20
CA ASN A 50 16.97 -2.28 15.11
C ASN A 50 17.28 -1.68 16.47
N ILE A 51 16.48 -2.06 17.47
CA ILE A 51 16.67 -1.56 18.83
C ILE A 51 17.47 -2.55 19.68
N ALA A 52 16.89 -3.72 19.90
CA ALA A 52 17.54 -4.76 20.69
C ALA A 52 17.65 -4.34 22.15
N ASN A 53 16.57 -3.78 22.68
CA ASN A 53 16.55 -3.34 24.08
C ASN A 53 15.12 -3.27 24.60
N GLY A 54 14.22 -4.02 23.97
CA GLY A 54 12.84 -4.03 24.39
C GLY A 54 12.07 -2.82 23.89
N THR A 55 12.62 -2.15 22.88
CA THR A 55 11.99 -0.96 22.32
C THR A 55 11.31 -0.13 23.40
N SER A 56 12.05 0.14 24.47
CA SER A 56 11.53 0.93 25.58
C SER A 56 11.48 2.41 25.23
N PHE A 57 11.98 2.75 24.04
CA PHE A 57 12.02 4.14 23.59
C PHE A 57 10.65 4.56 23.08
N LEU A 58 9.70 3.64 23.11
CA LEU A 58 8.34 3.92 22.64
C LEU A 58 7.31 3.48 23.67
N LYS A 59 6.10 4.04 23.58
CA LYS A 59 5.02 3.70 24.50
C LYS A 59 3.78 3.24 23.73
N ASP A 60 3.29 4.10 22.85
CA ASP A 60 2.12 3.79 22.06
C ASP A 60 1.97 4.76 20.88
N PRO A 61 2.97 4.74 19.98
CA PRO A 61 2.98 5.61 18.81
C PRO A 61 1.92 5.22 17.78
N SER A 62 1.99 5.82 16.61
CA SER A 62 1.03 5.54 15.54
C SER A 62 1.63 4.62 14.49
N LYS A 63 0.94 4.47 13.37
CA LYS A 63 1.40 3.61 12.28
C LYS A 63 2.18 4.42 11.25
N SER A 64 3.01 5.34 11.72
CA SER A 64 3.80 6.18 10.84
C SER A 64 4.87 5.36 10.12
N LYS A 65 5.62 4.57 10.89
CA LYS A 65 6.67 3.74 10.34
C LYS A 65 6.13 2.37 9.93
N HIS A 66 6.69 1.82 8.86
CA HIS A 66 6.25 0.51 8.37
C HIS A 66 6.45 -0.57 9.45
N ILE A 67 7.28 -0.26 10.44
CA ILE A 67 7.55 -1.19 11.52
C ILE A 67 6.31 -1.42 12.38
N THR A 68 5.28 -0.62 12.13
CA THR A 68 4.03 -0.73 12.88
C THR A 68 3.22 -1.93 12.41
N GLY A 69 3.49 -2.39 11.19
CA GLY A 69 2.76 -3.52 10.65
C GLY A 69 1.67 -3.11 9.67
N ASP A 70 1.44 -1.81 9.58
CA ASP A 70 0.42 -1.28 8.67
C ASP A 70 1.02 -0.24 7.72
N ALA A 71 1.17 -0.63 6.45
CA ALA A 71 1.73 0.26 5.45
C ALA A 71 2.22 -0.52 4.24
N ILE A 72 1.86 -0.06 3.04
CA ILE A 72 2.27 -0.71 1.81
C ILE A 72 2.36 0.28 0.66
N ASP A 73 3.47 0.23 -0.07
CA ASP A 73 3.69 1.12 -1.20
C ASP A 73 3.55 0.38 -2.52
N PHE A 74 2.42 0.56 -3.19
CA PHE A 74 2.17 -0.10 -4.46
C PHE A 74 2.35 0.87 -5.62
N ALA A 75 2.18 0.36 -6.84
CA ALA A 75 2.33 1.19 -8.03
C ALA A 75 1.35 0.76 -9.12
N PRO A 76 0.94 1.73 -9.96
CA PRO A 76 0.00 1.49 -11.05
C PRO A 76 0.60 0.64 -12.16
N TYR A 77 0.21 -0.63 -12.22
CA TYR A 77 0.72 -1.55 -13.23
C TYR A 77 -0.26 -1.66 -14.40
N ILE A 78 0.25 -1.45 -15.61
CA ILE A 78 -0.57 -1.52 -16.81
C ILE A 78 0.07 -2.43 -17.85
N ASN A 79 -0.76 -3.27 -18.47
CA ASN A 79 -0.27 -4.20 -19.49
C ASN A 79 0.69 -5.22 -18.89
N GLY A 80 0.51 -5.50 -17.61
CA GLY A 80 1.37 -6.46 -16.94
C GLY A 80 2.68 -5.85 -16.49
N LYS A 81 2.89 -4.58 -16.84
CA LYS A 81 4.12 -3.88 -16.48
C LYS A 81 3.82 -2.53 -15.86
N ILE A 82 4.73 -2.05 -15.02
CA ILE A 82 4.56 -0.76 -14.36
C ILE A 82 4.28 0.34 -15.37
N ASP A 83 3.38 1.26 -15.02
CA ASP A 83 3.03 2.37 -15.90
C ASP A 83 3.04 3.69 -15.13
N TRP A 84 3.82 4.64 -15.62
CA TRP A 84 3.91 5.95 -14.98
C TRP A 84 3.45 7.06 -15.93
N ASN A 85 2.92 6.66 -17.08
CA ASN A 85 2.44 7.62 -18.07
C ASN A 85 0.93 7.55 -18.21
N ASP A 86 0.26 7.14 -17.13
CA ASP A 86 -1.20 7.03 -17.13
C ASP A 86 -1.80 7.72 -15.91
N LEU A 87 -1.86 9.06 -15.97
CA LEU A 87 -2.41 9.84 -14.87
C LEU A 87 -3.85 9.43 -14.57
N GLU A 88 -4.55 8.95 -15.60
CA GLU A 88 -5.94 8.53 -15.45
C GLU A 88 -6.01 7.13 -14.86
N ALA A 89 -5.02 6.30 -15.19
CA ALA A 89 -4.98 4.93 -14.68
C ALA A 89 -4.74 4.90 -13.18
N PHE A 90 -4.04 5.91 -12.68
CA PHE A 90 -3.74 6.00 -11.25
C PHE A 90 -5.00 6.36 -10.45
N TRP A 91 -5.93 7.06 -11.11
CA TRP A 91 -7.17 7.46 -10.47
C TRP A 91 -7.97 6.25 -10.00
N ALA A 92 -8.22 5.31 -10.92
CA ALA A 92 -8.95 4.11 -10.60
C ALA A 92 -8.20 3.24 -9.60
N VAL A 93 -6.94 2.96 -9.90
CA VAL A 93 -6.11 2.15 -9.03
C VAL A 93 -6.10 2.69 -7.60
N LYS A 94 -6.37 3.98 -7.47
CA LYS A 94 -6.40 4.64 -6.16
C LYS A 94 -7.66 4.24 -5.40
N LYS A 95 -8.81 4.33 -6.06
CA LYS A 95 -10.08 3.98 -5.44
C LYS A 95 -10.19 2.47 -5.24
N ALA A 96 -9.35 1.72 -5.94
CA ALA A 96 -9.35 0.26 -5.84
C ALA A 96 -9.24 -0.19 -4.38
N PHE A 97 -8.42 0.52 -3.61
CA PHE A 97 -8.22 0.20 -2.20
C PHE A 97 -9.45 0.61 -1.37
N GLU A 98 -9.77 1.90 -1.42
CA GLU A 98 -10.91 2.43 -0.68
C GLU A 98 -12.20 1.72 -1.08
N GLN A 99 -12.18 1.09 -2.26
CA GLN A 99 -13.35 0.39 -2.77
C GLN A 99 -13.48 -0.98 -2.11
N ALA A 100 -12.35 -1.57 -1.73
CA ALA A 100 -12.34 -2.87 -1.10
C ALA A 100 -12.88 -2.79 0.33
N GLY A 101 -12.50 -1.74 1.04
CA GLY A 101 -12.95 -1.57 2.41
C GLY A 101 -14.47 -1.60 2.53
N LYS A 102 -15.14 -1.32 1.42
CA LYS A 102 -16.60 -1.33 1.40
C LYS A 102 -17.15 -2.75 1.58
N GLU A 103 -16.81 -3.62 0.63
CA GLU A 103 -17.28 -5.00 0.69
C GLU A 103 -16.63 -5.75 1.86
N LEU A 104 -15.43 -5.32 2.23
CA LEU A 104 -14.71 -5.94 3.34
C LEU A 104 -15.24 -5.44 4.68
N GLY A 105 -15.83 -4.26 4.68
CA GLY A 105 -16.38 -3.69 5.90
C GLY A 105 -15.33 -2.99 6.74
N ILE A 106 -14.12 -2.88 6.19
CA ILE A 106 -13.02 -2.22 6.89
C ILE A 106 -12.72 -0.85 6.28
N LYS A 107 -11.98 -0.04 7.01
CA LYS A 107 -11.62 1.30 6.55
C LYS A 107 -10.11 1.45 6.45
N LEU A 108 -9.65 2.13 5.39
CA LEU A 108 -8.23 2.34 5.18
C LEU A 108 -7.98 3.61 4.38
N ARG A 109 -6.81 4.20 4.56
CA ARG A 109 -6.44 5.43 3.85
C ARG A 109 -5.07 5.30 3.22
N PHE A 110 -4.87 5.98 2.09
CA PHE A 110 -3.59 5.95 1.39
C PHE A 110 -3.16 7.36 0.99
N GLY A 111 -1.85 7.54 0.79
CA GLY A 111 -1.33 8.84 0.41
C GLY A 111 -0.91 8.87 -1.04
N ALA A 112 -1.62 9.68 -1.84
CA ALA A 112 -1.32 9.81 -3.26
C ALA A 112 -2.34 10.69 -3.97
N ASP A 113 -2.87 11.66 -3.23
CA ASP A 113 -3.86 12.58 -3.79
C ASP A 113 -3.65 13.99 -3.25
N TRP A 114 -3.76 14.98 -4.15
CA TRP A 114 -3.59 16.37 -3.77
C TRP A 114 -4.45 16.73 -2.57
N ASN A 115 -5.53 15.98 -2.37
CA ASN A 115 -6.44 16.21 -1.27
C ASN A 115 -5.66 16.54 0.02
N ALA A 116 -4.75 15.66 0.39
CA ALA A 116 -3.93 15.85 1.59
C ALA A 116 -2.45 15.72 1.27
N SER A 117 -2.11 14.72 0.46
CA SER A 117 -0.72 14.48 0.07
C SER A 117 -0.08 15.75 -0.47
N GLY A 118 -0.91 16.65 -0.99
CA GLY A 118 -0.41 17.90 -1.54
C GLY A 118 -0.27 17.84 -3.05
N ASP A 119 -0.12 16.64 -3.60
CA ASP A 119 0.03 16.47 -5.03
C ASP A 119 -0.06 14.99 -5.41
N TYR A 120 -0.34 14.73 -6.68
CA TYR A 120 -0.47 13.36 -7.18
C TYR A 120 -0.19 13.29 -8.68
N HIS A 121 -0.69 14.28 -9.40
CA HIS A 121 -0.49 14.34 -10.85
C HIS A 121 0.98 14.54 -11.19
N ASP A 122 1.66 15.34 -10.39
CA ASP A 122 3.07 15.63 -10.61
C ASP A 122 3.95 14.58 -9.94
N GLU A 123 3.49 14.06 -8.81
CA GLU A 123 4.23 13.05 -8.07
C GLU A 123 4.63 11.90 -8.98
N ILE A 124 3.68 11.42 -9.79
CA ILE A 124 3.95 10.32 -10.70
C ILE A 124 5.10 10.65 -11.64
N LYS A 125 5.25 11.94 -11.96
CA LYS A 125 6.31 12.38 -12.84
C LYS A 125 7.68 11.98 -12.30
N ARG A 126 7.74 11.70 -11.01
CA ARG A 126 8.98 11.29 -10.36
C ARG A 126 9.46 9.94 -10.90
N GLY A 127 8.51 9.12 -11.37
CA GLY A 127 8.85 7.82 -11.90
C GLY A 127 8.65 6.72 -10.88
N THR A 128 8.27 7.09 -9.66
CA THR A 128 8.04 6.12 -8.60
C THR A 128 6.70 6.35 -7.91
N TYR A 129 5.83 7.08 -8.58
CA TYR A 129 4.50 7.38 -8.02
C TYR A 129 4.61 7.82 -6.58
N ASP A 130 5.17 9.00 -6.35
CA ASP A 130 5.32 9.54 -5.01
C ASP A 130 4.05 9.34 -4.19
N GLY A 131 4.08 8.39 -3.27
CA GLY A 131 2.92 8.11 -2.45
C GLY A 131 2.52 6.65 -2.47
N GLY A 132 1.32 6.37 -2.98
CA GLY A 132 0.85 5.01 -3.05
C GLY A 132 1.02 4.26 -1.74
N HIS A 133 1.05 5.01 -0.64
CA HIS A 133 1.22 4.41 0.68
C HIS A 133 -0.12 4.30 1.40
N VAL A 134 -0.61 3.07 1.53
CA VAL A 134 -1.89 2.83 2.20
C VAL A 134 -1.67 2.45 3.66
N GLU A 135 -2.76 2.49 4.44
CA GLU A 135 -2.69 2.14 5.86
C GLU A 135 -4.08 1.83 6.41
N LEU A 136 -4.21 0.67 7.03
CA LEU A 136 -5.50 0.26 7.62
C LEU A 136 -5.92 1.22 8.72
N VAL A 137 -7.22 1.27 8.98
CA VAL A 137 -7.77 2.14 10.02
C VAL A 137 -7.45 1.59 11.41
ZN ZN B . 6.13 4.56 2.33
CA CA C . -4.05 11.46 0.80
N MET A 1 -10.41 -15.50 -11.55
CA MET A 1 -10.08 -14.77 -12.76
C MET A 1 -9.71 -13.34 -12.45
N SER A 2 -8.50 -13.14 -11.93
CA SER A 2 -8.03 -11.81 -11.57
C SER A 2 -6.50 -11.75 -11.58
N PHE A 3 -5.96 -10.55 -11.64
CA PHE A 3 -4.52 -10.35 -11.65
C PHE A 3 -3.89 -10.84 -10.34
N LYS A 4 -2.61 -10.51 -10.14
CA LYS A 4 -1.91 -10.90 -8.93
C LYS A 4 -0.56 -10.20 -8.84
N PHE A 5 -0.01 -10.14 -7.63
CA PHE A 5 1.27 -9.50 -7.41
C PHE A 5 2.41 -10.52 -7.42
N GLY A 6 3.62 -10.05 -7.70
CA GLY A 6 4.77 -10.93 -7.75
C GLY A 6 5.00 -11.64 -6.44
N LYS A 7 5.91 -12.61 -6.44
CA LYS A 7 6.22 -13.38 -5.23
C LYS A 7 6.95 -12.51 -4.21
N ASN A 8 7.80 -11.61 -4.70
CA ASN A 8 8.55 -10.71 -3.83
C ASN A 8 7.70 -9.53 -3.39
N SER A 9 6.74 -9.15 -4.23
CA SER A 9 5.86 -8.04 -3.93
C SER A 9 4.71 -8.48 -3.03
N GLU A 10 4.01 -9.52 -3.46
CA GLU A 10 2.88 -10.05 -2.69
C GLU A 10 3.29 -10.36 -1.26
N LYS A 11 4.45 -10.99 -1.11
CA LYS A 11 4.97 -11.34 0.21
C LYS A 11 4.96 -10.14 1.14
N GLN A 12 5.09 -8.94 0.56
CA GLN A 12 5.10 -7.71 1.34
C GLN A 12 3.77 -7.51 2.06
N LEU A 13 2.68 -7.56 1.30
CA LEU A 13 1.34 -7.38 1.86
C LEU A 13 0.87 -8.66 2.54
N ALA A 14 1.43 -9.78 2.12
CA ALA A 14 1.06 -11.07 2.70
C ALA A 14 1.70 -11.27 4.06
N THR A 15 2.67 -10.43 4.38
CA THR A 15 3.37 -10.51 5.67
C THR A 15 2.67 -9.65 6.72
N VAL A 16 1.55 -9.04 6.33
CA VAL A 16 0.78 -8.20 7.25
C VAL A 16 -0.28 -9.01 7.98
N LYS A 17 -0.42 -8.75 9.28
CA LYS A 17 -1.40 -9.46 10.10
C LYS A 17 -2.72 -8.70 10.14
N PRO A 18 -2.66 -7.39 9.85
CA PRO A 18 -3.85 -6.53 9.84
C PRO A 18 -4.79 -6.85 8.68
N GLU A 19 -5.89 -6.10 8.59
CA GLU A 19 -6.87 -6.30 7.54
C GLU A 19 -6.34 -5.78 6.20
N LEU A 20 -5.26 -5.01 6.26
CA LEU A 20 -4.67 -4.44 5.06
C LEU A 20 -4.47 -5.51 3.99
N GLN A 21 -4.18 -6.73 4.42
CA GLN A 21 -3.98 -7.84 3.49
C GLN A 21 -5.22 -8.06 2.64
N LYS A 22 -6.38 -7.71 3.17
CA LYS A 22 -7.64 -7.87 2.46
C LYS A 22 -7.80 -6.79 1.39
N VAL A 23 -7.82 -5.53 1.83
CA VAL A 23 -7.97 -4.42 0.92
C VAL A 23 -6.89 -4.43 -0.16
N ALA A 24 -5.73 -5.00 0.19
CA ALA A 24 -4.61 -5.09 -0.75
C ALA A 24 -4.91 -6.10 -1.85
N ARG A 25 -5.20 -7.33 -1.45
CA ARG A 25 -5.49 -8.40 -2.40
C ARG A 25 -6.87 -8.22 -3.02
N ARG A 26 -7.89 -8.12 -2.16
CA ARG A 26 -9.26 -7.95 -2.61
C ARG A 26 -9.36 -6.81 -3.62
N ALA A 27 -8.46 -5.84 -3.51
CA ALA A 27 -8.45 -4.70 -4.42
C ALA A 27 -8.45 -5.16 -5.88
N LEU A 28 -7.52 -6.03 -6.22
CA LEU A 28 -7.42 -6.55 -7.58
C LEU A 28 -8.69 -7.31 -7.96
N GLU A 29 -9.43 -7.77 -6.96
CA GLU A 29 -10.66 -8.51 -7.20
C GLU A 29 -11.85 -7.55 -7.36
N LEU A 30 -11.60 -6.27 -7.10
CA LEU A 30 -12.65 -5.26 -7.22
C LEU A 30 -12.09 -3.97 -7.82
N SER A 31 -11.03 -4.11 -8.61
CA SER A 31 -10.40 -2.95 -9.24
C SER A 31 -10.37 -3.12 -10.76
N PRO A 32 -10.79 -2.07 -11.49
CA PRO A 32 -10.82 -2.07 -12.94
C PRO A 32 -9.42 -2.06 -13.56
N TYR A 33 -8.47 -1.47 -12.83
CA TYR A 33 -7.10 -1.38 -13.30
C TYR A 33 -6.20 -2.35 -12.54
N ASP A 34 -4.94 -2.43 -12.95
CA ASP A 34 -3.97 -3.31 -12.30
C ASP A 34 -3.07 -2.53 -11.37
N PHE A 35 -2.47 -3.23 -10.41
CA PHE A 35 -1.58 -2.59 -9.44
C PHE A 35 -0.82 -3.65 -8.63
N THR A 36 0.36 -3.27 -8.16
CA THR A 36 1.19 -4.18 -7.37
C THR A 36 1.86 -3.45 -6.21
N ILE A 37 2.03 -4.14 -5.09
CA ILE A 37 2.67 -3.56 -3.93
C ILE A 37 4.19 -3.69 -4.00
N VAL A 38 4.90 -2.62 -3.63
CA VAL A 38 6.35 -2.62 -3.66
C VAL A 38 6.92 -2.61 -2.24
N GLN A 39 6.44 -1.67 -1.42
CA GLN A 39 6.91 -1.56 -0.05
C GLN A 39 5.98 -2.28 0.91
N GLY A 40 6.54 -2.89 1.94
CA GLY A 40 5.73 -3.61 2.91
C GLY A 40 6.14 -3.30 4.34
N ILE A 41 5.25 -3.61 5.28
CA ILE A 41 5.52 -3.36 6.70
C ILE A 41 6.60 -4.31 7.22
N ARG A 42 7.33 -3.85 8.24
CA ARG A 42 8.39 -4.65 8.83
C ARG A 42 7.87 -5.46 10.01
N THR A 43 8.76 -6.17 10.69
CA THR A 43 8.39 -6.99 11.83
C THR A 43 9.45 -6.94 12.92
N VAL A 44 9.23 -7.68 14.00
CA VAL A 44 10.17 -7.71 15.11
C VAL A 44 11.56 -8.12 14.63
N ALA A 45 11.61 -8.95 13.60
CA ALA A 45 12.87 -9.41 13.05
C ALA A 45 13.66 -8.25 12.43
N GLN A 46 12.99 -7.12 12.25
CA GLN A 46 13.62 -5.94 11.67
C GLN A 46 13.91 -4.90 12.74
N SER A 47 12.94 -4.68 13.63
CA SER A 47 13.09 -3.71 14.70
C SER A 47 14.07 -4.20 15.75
N ALA A 48 13.89 -5.44 16.19
CA ALA A 48 14.75 -6.04 17.20
C ALA A 48 16.23 -5.91 16.80
N GLN A 49 16.53 -6.27 15.55
CA GLN A 49 17.89 -6.21 15.06
C GLN A 49 18.38 -4.76 15.02
N ASN A 50 17.49 -3.85 14.65
CA ASN A 50 17.83 -2.43 14.57
C ASN A 50 18.37 -1.93 15.91
N ILE A 51 17.54 -2.03 16.95
CA ILE A 51 17.93 -1.59 18.28
C ILE A 51 18.44 -2.75 19.12
N ALA A 52 17.53 -3.66 19.48
CA ALA A 52 17.90 -4.82 20.28
C ALA A 52 18.21 -4.42 21.72
N ASN A 53 17.26 -3.73 22.35
CA ASN A 53 17.44 -3.28 23.73
C ASN A 53 16.11 -3.32 24.49
N GLY A 54 15.14 -4.04 23.93
CA GLY A 54 13.85 -4.15 24.56
C GLY A 54 12.81 -3.23 23.93
N THR A 55 13.19 -2.58 22.83
CA THR A 55 12.29 -1.68 22.13
C THR A 55 11.41 -0.91 23.11
N SER A 56 12.03 -0.34 24.14
CA SER A 56 11.31 0.43 25.14
C SER A 56 10.92 1.81 24.61
N PHE A 57 11.36 2.11 23.39
CA PHE A 57 11.06 3.39 22.77
C PHE A 57 9.68 3.39 22.14
N LEU A 58 8.98 2.27 22.27
CA LEU A 58 7.64 2.13 21.71
C LEU A 58 6.68 1.54 22.75
N LYS A 59 5.47 2.09 22.80
CA LYS A 59 4.46 1.62 23.74
C LYS A 59 3.11 1.44 23.05
N ASP A 60 2.78 2.39 22.16
CA ASP A 60 1.52 2.33 21.43
C ASP A 60 1.46 3.45 20.39
N PRO A 61 2.37 3.41 19.42
CA PRO A 61 2.44 4.41 18.35
C PRO A 61 1.27 4.30 17.38
N SER A 62 1.35 5.03 16.27
CA SER A 62 0.30 5.02 15.27
C SER A 62 0.82 4.52 13.93
N LYS A 63 0.02 4.68 12.89
CA LYS A 63 0.41 4.25 11.54
C LYS A 63 1.38 5.25 10.92
N SER A 64 2.52 5.44 11.56
CA SER A 64 3.53 6.38 11.06
C SER A 64 4.69 5.62 10.40
N LYS A 65 5.23 4.65 11.12
CA LYS A 65 6.34 3.85 10.61
C LYS A 65 5.86 2.47 10.18
N HIS A 66 6.47 1.95 9.11
CA HIS A 66 6.11 0.63 8.59
C HIS A 66 6.29 -0.44 9.66
N ILE A 67 7.09 -0.13 10.68
CA ILE A 67 7.35 -1.07 11.77
C ILE A 67 6.09 -1.31 12.59
N THR A 68 5.06 -0.52 12.34
CA THR A 68 3.79 -0.64 13.06
C THR A 68 2.99 -1.83 12.54
N GLY A 69 3.39 -2.37 11.40
CA GLY A 69 2.69 -3.49 10.82
C GLY A 69 1.61 -3.06 9.84
N ASP A 70 1.41 -1.75 9.73
CA ASP A 70 0.39 -1.21 8.83
C ASP A 70 1.01 -0.16 7.91
N ALA A 71 1.16 -0.52 6.64
CA ALA A 71 1.73 0.39 5.65
C ALA A 71 2.24 -0.37 4.43
N ILE A 72 1.88 0.11 3.25
CA ILE A 72 2.30 -0.52 2.00
C ILE A 72 2.38 0.49 0.87
N ASP A 73 3.46 0.43 0.10
CA ASP A 73 3.67 1.34 -1.02
C ASP A 73 3.51 0.61 -2.35
N PHE A 74 2.37 0.81 -3.00
CA PHE A 74 2.10 0.17 -4.28
C PHE A 74 2.17 1.18 -5.42
N ALA A 75 2.04 0.69 -6.66
CA ALA A 75 2.10 1.55 -7.82
C ALA A 75 1.16 1.04 -8.92
N PRO A 76 0.69 1.97 -9.77
CA PRO A 76 -0.22 1.63 -10.87
C PRO A 76 0.47 0.83 -11.97
N TYR A 77 0.17 -0.46 -12.01
CA TYR A 77 0.76 -1.36 -13.01
C TYR A 77 -0.19 -1.55 -14.19
N ILE A 78 0.33 -1.39 -15.39
CA ILE A 78 -0.46 -1.55 -16.60
C ILE A 78 0.26 -2.43 -17.62
N ASN A 79 -0.49 -3.34 -18.24
CA ASN A 79 0.08 -4.25 -19.23
C ASN A 79 1.12 -5.18 -18.60
N GLY A 80 0.94 -5.45 -17.31
CA GLY A 80 1.87 -6.32 -16.60
C GLY A 80 3.14 -5.61 -16.18
N LYS A 81 3.23 -4.33 -16.51
CA LYS A 81 4.39 -3.53 -16.16
C LYS A 81 3.97 -2.19 -15.58
N ILE A 82 4.83 -1.61 -14.73
CA ILE A 82 4.55 -0.32 -14.11
C ILE A 82 4.21 0.73 -15.16
N ASP A 83 3.22 1.56 -14.85
CA ASP A 83 2.80 2.61 -15.77
C ASP A 83 2.79 3.97 -15.07
N TRP A 84 3.53 4.93 -15.64
CA TRP A 84 3.60 6.27 -15.06
C TRP A 84 3.11 7.32 -16.06
N ASN A 85 2.53 6.85 -17.17
CA ASN A 85 2.02 7.75 -18.20
C ASN A 85 0.50 7.92 -18.06
N ASP A 86 -0.19 6.81 -17.85
CA ASP A 86 -1.65 6.84 -17.70
C ASP A 86 -2.05 7.58 -16.43
N LEU A 87 -2.24 8.89 -16.55
CA LEU A 87 -2.63 9.71 -15.41
C LEU A 87 -4.02 9.34 -14.91
N GLU A 88 -4.88 8.90 -15.82
CA GLU A 88 -6.24 8.50 -15.47
C GLU A 88 -6.25 7.11 -14.84
N ALA A 89 -5.33 6.25 -15.30
CA ALA A 89 -5.24 4.90 -14.78
C ALA A 89 -4.98 4.89 -13.28
N PHE A 90 -4.33 5.95 -12.80
CA PHE A 90 -4.01 6.07 -11.38
C PHE A 90 -5.26 6.34 -10.57
N TRP A 91 -6.19 7.09 -11.15
CA TRP A 91 -7.43 7.44 -10.48
C TRP A 91 -8.18 6.18 -10.02
N ALA A 92 -8.40 5.26 -10.96
CA ALA A 92 -9.08 4.01 -10.65
C ALA A 92 -8.30 3.18 -9.65
N VAL A 93 -7.02 2.96 -9.93
CA VAL A 93 -6.16 2.19 -9.04
C VAL A 93 -6.15 2.77 -7.63
N LYS A 94 -6.48 4.06 -7.53
CA LYS A 94 -6.51 4.74 -6.25
C LYS A 94 -7.72 4.32 -5.43
N LYS A 95 -8.90 4.44 -6.04
CA LYS A 95 -10.15 4.07 -5.37
C LYS A 95 -10.23 2.55 -5.18
N ALA A 96 -9.40 1.83 -5.91
CA ALA A 96 -9.38 0.37 -5.82
C ALA A 96 -9.28 -0.09 -4.38
N PHE A 97 -8.47 0.60 -3.60
CA PHE A 97 -8.28 0.27 -2.18
C PHE A 97 -9.51 0.67 -1.36
N GLU A 98 -9.83 1.96 -1.40
CA GLU A 98 -10.99 2.47 -0.67
C GLU A 98 -12.28 1.78 -1.10
N GLN A 99 -12.23 1.15 -2.28
CA GLN A 99 -13.40 0.45 -2.80
C GLN A 99 -13.52 -0.94 -2.16
N ALA A 100 -12.39 -1.52 -1.81
CA ALA A 100 -12.38 -2.85 -1.19
C ALA A 100 -12.93 -2.79 0.23
N GLY A 101 -12.48 -1.81 1.00
CA GLY A 101 -12.95 -1.67 2.37
C GLY A 101 -14.45 -1.64 2.47
N LYS A 102 -15.11 -1.26 1.39
CA LYS A 102 -16.57 -1.20 1.36
C LYS A 102 -17.18 -2.59 1.46
N GLU A 103 -16.68 -3.51 0.63
CA GLU A 103 -17.17 -4.88 0.63
C GLU A 103 -16.61 -5.68 1.80
N LEU A 104 -15.41 -5.30 2.24
CA LEU A 104 -14.76 -5.97 3.35
C LEU A 104 -15.32 -5.49 4.68
N GLY A 105 -15.86 -4.27 4.69
CA GLY A 105 -16.43 -3.71 5.90
C GLY A 105 -15.41 -2.96 6.73
N ILE A 106 -14.18 -2.90 6.23
CA ILE A 106 -13.11 -2.20 6.93
C ILE A 106 -12.83 -0.84 6.30
N LYS A 107 -12.10 0.00 7.02
CA LYS A 107 -11.75 1.32 6.52
C LYS A 107 -10.24 1.50 6.42
N LEU A 108 -9.79 2.20 5.39
CA LEU A 108 -8.37 2.43 5.19
C LEU A 108 -8.13 3.69 4.36
N ARG A 109 -6.93 4.23 4.45
CA ARG A 109 -6.58 5.45 3.71
C ARG A 109 -5.20 5.32 3.08
N PHE A 110 -4.97 6.08 2.01
CA PHE A 110 -3.69 6.05 1.32
C PHE A 110 -3.26 7.45 0.89
N GLY A 111 -1.97 7.65 0.72
CA GLY A 111 -1.46 8.94 0.31
C GLY A 111 -0.98 8.96 -1.13
N ALA A 112 -1.63 9.78 -1.95
CA ALA A 112 -1.27 9.88 -3.36
C ALA A 112 -2.25 10.77 -4.11
N ASP A 113 -2.69 11.85 -3.46
CA ASP A 113 -3.62 12.78 -4.06
C ASP A 113 -3.22 14.23 -3.78
N TRP A 114 -3.44 15.11 -4.75
CA TRP A 114 -3.09 16.51 -4.60
C TRP A 114 -3.75 17.10 -3.35
N ASN A 115 -4.78 16.42 -2.86
CA ASN A 115 -5.49 16.87 -1.67
C ASN A 115 -4.53 17.32 -0.58
N ALA A 116 -3.62 16.43 -0.21
CA ALA A 116 -2.62 16.72 0.81
C ALA A 116 -1.21 16.37 0.34
N SER A 117 -1.10 15.27 -0.38
CA SER A 117 0.20 14.82 -0.90
C SER A 117 0.97 15.99 -1.52
N GLY A 118 0.24 16.87 -2.21
CA GLY A 118 0.87 18.01 -2.84
C GLY A 118 0.82 17.93 -4.36
N ASP A 119 0.48 16.76 -4.88
CA ASP A 119 0.40 16.57 -6.32
C ASP A 119 0.12 15.10 -6.66
N TYR A 120 -0.74 14.87 -7.64
CA TYR A 120 -1.09 13.51 -8.05
C TYR A 120 -1.06 13.39 -9.57
N HIS A 121 -0.49 14.39 -10.23
CA HIS A 121 -0.40 14.39 -11.69
C HIS A 121 1.05 14.28 -12.14
N ASP A 122 1.96 14.84 -11.34
CA ASP A 122 3.38 14.81 -11.66
C ASP A 122 4.15 13.98 -10.64
N GLU A 123 3.66 13.97 -9.41
CA GLU A 123 4.30 13.21 -8.35
C GLU A 123 4.43 11.73 -8.72
N ILE A 124 3.52 11.27 -9.57
CA ILE A 124 3.53 9.88 -10.01
C ILE A 124 4.82 9.54 -10.74
N LYS A 125 5.39 10.53 -11.42
CA LYS A 125 6.63 10.34 -12.15
C LYS A 125 7.78 9.99 -11.21
N ARG A 126 7.55 10.19 -9.91
CA ARG A 126 8.57 9.91 -8.91
C ARG A 126 8.85 8.40 -8.84
N GLY A 127 7.96 7.62 -9.44
CA GLY A 127 8.14 6.17 -9.45
C GLY A 127 7.53 5.51 -8.23
N THR A 128 6.97 6.32 -7.34
CA THR A 128 6.35 5.81 -6.12
C THR A 128 4.86 6.13 -6.08
N TYR A 129 4.35 6.68 -7.17
CA TYR A 129 2.94 7.05 -7.27
C TYR A 129 2.56 8.05 -6.17
N ASP A 130 3.20 9.21 -6.20
CA ASP A 130 2.94 10.25 -5.20
C ASP A 130 2.85 9.66 -3.80
N GLY A 131 3.68 8.65 -3.54
CA GLY A 131 3.69 8.02 -2.23
C GLY A 131 3.00 6.66 -2.25
N GLY A 132 1.77 6.62 -2.77
CA GLY A 132 1.04 5.37 -2.83
C GLY A 132 1.15 4.57 -1.55
N HIS A 133 1.16 5.27 -0.42
CA HIS A 133 1.26 4.61 0.88
C HIS A 133 -0.11 4.51 1.55
N VAL A 134 -0.56 3.28 1.77
CA VAL A 134 -1.86 3.04 2.39
C VAL A 134 -1.69 2.62 3.85
N GLU A 135 -2.80 2.66 4.60
CA GLU A 135 -2.77 2.30 6.00
C GLU A 135 -4.17 1.95 6.50
N LEU A 136 -4.31 0.79 7.13
CA LEU A 136 -5.60 0.34 7.65
C LEU A 136 -6.08 1.27 8.77
N VAL A 137 -7.39 1.36 8.92
CA VAL A 137 -7.99 2.21 9.95
C VAL A 137 -7.48 1.81 11.33
ZN ZN B . 5.88 4.49 2.23
CA CA C . -2.93 12.60 0.85
N MET A 1 -10.29 -13.16 -14.37
CA MET A 1 -10.49 -11.73 -14.57
C MET A 1 -9.91 -10.93 -13.40
N SER A 2 -8.76 -11.36 -12.92
CA SER A 2 -8.10 -10.69 -11.81
C SER A 2 -6.59 -10.62 -12.02
N PHE A 3 -5.93 -9.73 -11.30
CA PHE A 3 -4.49 -9.56 -11.40
C PHE A 3 -3.76 -10.36 -10.33
N LYS A 4 -2.49 -10.05 -10.13
CA LYS A 4 -1.68 -10.74 -9.12
C LYS A 4 -0.33 -10.05 -8.96
N PHE A 5 0.18 -10.05 -7.72
CA PHE A 5 1.47 -9.43 -7.43
C PHE A 5 2.58 -10.46 -7.43
N GLY A 6 3.81 -10.02 -7.69
CA GLY A 6 4.95 -10.91 -7.72
C GLY A 6 5.15 -11.61 -6.38
N LYS A 7 6.07 -12.57 -6.37
CA LYS A 7 6.37 -13.32 -5.15
C LYS A 7 7.08 -12.44 -4.14
N ASN A 8 7.93 -11.54 -4.63
CA ASN A 8 8.68 -10.63 -3.76
C ASN A 8 7.81 -9.45 -3.33
N SER A 9 6.85 -9.09 -4.18
CA SER A 9 5.95 -7.98 -3.90
C SER A 9 4.79 -8.43 -3.02
N GLU A 10 4.08 -9.47 -3.46
CA GLU A 10 2.95 -9.99 -2.71
C GLU A 10 3.34 -10.30 -1.27
N LYS A 11 4.53 -10.86 -1.10
CA LYS A 11 5.02 -11.21 0.22
C LYS A 11 4.95 -10.01 1.17
N GLN A 12 5.05 -8.81 0.60
CA GLN A 12 4.99 -7.59 1.39
C GLN A 12 3.62 -7.44 2.07
N LEU A 13 2.57 -7.52 1.27
CA LEU A 13 1.21 -7.39 1.80
C LEU A 13 0.75 -8.69 2.46
N ALA A 14 1.38 -9.80 2.06
CA ALA A 14 1.05 -11.11 2.62
C ALA A 14 1.66 -11.28 4.01
N THR A 15 2.66 -10.47 4.31
CA THR A 15 3.33 -10.54 5.60
C THR A 15 2.55 -9.78 6.67
N VAL A 16 1.53 -9.06 6.24
CA VAL A 16 0.69 -8.29 7.16
C VAL A 16 -0.35 -9.18 7.84
N LYS A 17 -0.55 -8.96 9.13
CA LYS A 17 -1.51 -9.74 9.90
C LYS A 17 -2.87 -9.06 9.93
N PRO A 18 -2.88 -7.74 9.65
CA PRO A 18 -4.10 -6.94 9.64
C PRO A 18 -5.01 -7.28 8.47
N GLU A 19 -6.16 -6.60 8.40
CA GLU A 19 -7.11 -6.85 7.33
C GLU A 19 -6.61 -6.25 6.01
N LEU A 20 -5.59 -5.41 6.11
CA LEU A 20 -5.01 -4.78 4.92
C LEU A 20 -4.76 -5.80 3.83
N GLN A 21 -4.29 -6.98 4.21
CA GLN A 21 -4.00 -8.05 3.26
C GLN A 21 -5.21 -8.31 2.37
N LYS A 22 -6.40 -8.05 2.89
CA LYS A 22 -7.62 -8.26 2.15
C LYS A 22 -7.82 -7.16 1.10
N VAL A 23 -8.00 -5.93 1.57
CA VAL A 23 -8.19 -4.79 0.67
C VAL A 23 -7.11 -4.75 -0.40
N ALA A 24 -5.93 -5.27 -0.06
CA ALA A 24 -4.81 -5.29 -1.00
C ALA A 24 -5.03 -6.29 -2.11
N ARG A 25 -5.33 -7.53 -1.73
CA ARG A 25 -5.56 -8.60 -2.69
C ARG A 25 -6.94 -8.46 -3.33
N ARG A 26 -7.97 -8.41 -2.49
CA ARG A 26 -9.34 -8.29 -2.98
C ARG A 26 -9.46 -7.13 -3.96
N ALA A 27 -8.59 -6.14 -3.82
CA ALA A 27 -8.59 -4.97 -4.69
C ALA A 27 -8.59 -5.39 -6.15
N LEU A 28 -7.72 -6.33 -6.50
CA LEU A 28 -7.62 -6.82 -7.89
C LEU A 28 -8.92 -7.47 -8.32
N GLU A 29 -9.69 -7.96 -7.35
CA GLU A 29 -10.96 -8.62 -7.63
C GLU A 29 -12.09 -7.60 -7.70
N LEU A 30 -11.77 -6.34 -7.40
CA LEU A 30 -12.76 -5.27 -7.43
C LEU A 30 -12.16 -3.99 -8.00
N SER A 31 -11.15 -4.14 -8.84
CA SER A 31 -10.48 -3.00 -9.45
C SER A 31 -10.41 -3.16 -10.97
N PRO A 32 -10.83 -2.11 -11.70
CA PRO A 32 -10.82 -2.10 -13.16
C PRO A 32 -9.41 -2.07 -13.74
N TYR A 33 -8.49 -1.45 -13.00
CA TYR A 33 -7.11 -1.34 -13.44
C TYR A 33 -6.22 -2.32 -12.68
N ASP A 34 -4.94 -2.38 -13.06
CA ASP A 34 -3.99 -3.27 -12.42
C ASP A 34 -3.08 -2.49 -11.47
N PHE A 35 -2.52 -3.19 -10.48
CA PHE A 35 -1.63 -2.56 -9.52
C PHE A 35 -0.87 -3.61 -8.72
N THR A 36 0.28 -3.22 -8.16
CA THR A 36 1.10 -4.13 -7.39
C THR A 36 1.76 -3.40 -6.22
N ILE A 37 1.88 -4.10 -5.09
CA ILE A 37 2.50 -3.52 -3.90
C ILE A 37 4.02 -3.63 -3.97
N VAL A 38 4.71 -2.55 -3.58
CA VAL A 38 6.17 -2.53 -3.59
C VAL A 38 6.72 -2.49 -2.18
N GLN A 39 6.18 -1.60 -1.35
CA GLN A 39 6.63 -1.45 0.02
C GLN A 39 5.69 -2.18 0.98
N GLY A 40 6.25 -2.78 2.02
CA GLY A 40 5.44 -3.51 2.99
C GLY A 40 5.87 -3.22 4.42
N ILE A 41 4.99 -3.54 5.36
CA ILE A 41 5.28 -3.32 6.78
C ILE A 41 6.33 -4.29 7.27
N ARG A 42 7.07 -3.89 8.31
CA ARG A 42 8.12 -4.73 8.88
C ARG A 42 7.56 -5.59 10.01
N THR A 43 8.43 -6.35 10.66
CA THR A 43 8.04 -7.22 11.75
C THR A 43 9.07 -7.22 12.88
N VAL A 44 8.82 -8.01 13.91
CA VAL A 44 9.73 -8.10 15.04
C VAL A 44 11.15 -8.45 14.58
N ALA A 45 11.23 -9.22 13.51
CA ALA A 45 12.53 -9.62 12.96
C ALA A 45 13.32 -8.41 12.47
N GLN A 46 12.63 -7.30 12.26
CA GLN A 46 13.26 -6.08 11.79
C GLN A 46 13.45 -5.08 12.93
N SER A 47 12.48 -5.04 13.83
CA SER A 47 12.53 -4.13 14.97
C SER A 47 13.51 -4.63 16.02
N ALA A 48 13.40 -5.92 16.35
CA ALA A 48 14.28 -6.53 17.35
C ALA A 48 15.75 -6.35 16.97
N GLN A 49 16.06 -6.56 15.69
CA GLN A 49 17.42 -6.42 15.20
C GLN A 49 17.84 -4.96 15.15
N ASN A 50 16.90 -4.09 14.81
CA ASN A 50 17.16 -2.66 14.72
C ASN A 50 17.62 -2.11 16.07
N ILE A 51 16.83 -2.38 17.11
CA ILE A 51 17.14 -1.91 18.45
C ILE A 51 17.86 -2.99 19.26
N ALA A 52 17.12 -4.06 19.58
CA ALA A 52 17.68 -5.16 20.34
C ALA A 52 17.97 -4.75 21.78
N ASN A 53 17.12 -3.90 22.33
CA ASN A 53 17.28 -3.43 23.70
C ASN A 53 15.93 -3.21 24.37
N GLY A 54 14.88 -3.73 23.75
CA GLY A 54 13.54 -3.58 24.30
C GLY A 54 12.79 -2.43 23.66
N THR A 55 13.28 -1.95 22.52
CA THR A 55 12.63 -0.86 21.82
C THR A 55 12.05 0.16 22.79
N SER A 56 12.89 0.67 23.68
CA SER A 56 12.45 1.64 24.68
C SER A 56 12.36 3.04 24.06
N PHE A 57 12.71 3.14 22.78
CA PHE A 57 12.68 4.41 22.07
C PHE A 57 11.28 4.71 21.56
N LEU A 58 10.33 3.83 21.90
CA LEU A 58 8.94 4.00 21.46
C LEU A 58 7.98 3.73 22.61
N LYS A 59 6.94 4.55 22.71
CA LYS A 59 5.94 4.40 23.76
C LYS A 59 4.54 4.37 23.17
N ASP A 60 4.31 5.17 22.13
CA ASP A 60 3.01 5.22 21.48
C ASP A 60 3.14 5.69 20.04
N PRO A 61 3.79 4.87 19.21
CA PRO A 61 4.01 5.19 17.78
C PRO A 61 2.72 5.15 16.98
N SER A 62 2.84 5.21 15.65
CA SER A 62 1.69 5.18 14.78
C SER A 62 2.07 4.68 13.39
N LYS A 63 1.16 4.86 12.43
CA LYS A 63 1.42 4.42 11.06
C LYS A 63 2.69 5.05 10.52
N SER A 64 3.11 6.15 11.12
CA SER A 64 4.32 6.84 10.68
C SER A 64 5.45 5.86 10.39
N LYS A 65 5.49 4.79 11.18
CA LYS A 65 6.52 3.76 11.01
C LYS A 65 5.90 2.45 10.53
N HIS A 66 6.44 1.91 9.45
CA HIS A 66 5.95 0.66 8.88
C HIS A 66 6.06 -0.47 9.90
N ILE A 67 6.88 -0.26 10.94
CA ILE A 67 7.07 -1.26 11.97
C ILE A 67 5.78 -1.51 12.74
N THR A 68 4.77 -0.68 12.49
CA THR A 68 3.49 -0.82 13.16
C THR A 68 2.73 -2.03 12.65
N GLY A 69 2.98 -2.41 11.40
CA GLY A 69 2.31 -3.56 10.82
C GLY A 69 1.23 -3.16 9.83
N ASP A 70 0.92 -1.87 9.78
CA ASP A 70 -0.10 -1.36 8.87
C ASP A 70 0.48 -0.29 7.95
N ALA A 71 0.66 -0.63 6.68
CA ALA A 71 1.19 0.31 5.71
C ALA A 71 1.77 -0.43 4.50
N ILE A 72 1.42 0.04 3.31
CA ILE A 72 1.90 -0.57 2.07
C ILE A 72 1.97 0.45 0.94
N ASP A 73 3.11 0.48 0.26
CA ASP A 73 3.31 1.41 -0.84
C ASP A 73 3.26 0.68 -2.18
N PHE A 74 2.14 0.82 -2.88
CA PHE A 74 1.96 0.17 -4.18
C PHE A 74 2.12 1.17 -5.31
N ALA A 75 1.99 0.69 -6.54
CA ALA A 75 2.10 1.55 -7.72
C ALA A 75 1.15 1.10 -8.82
N PRO A 76 0.69 2.07 -9.63
CA PRO A 76 -0.23 1.79 -10.75
C PRO A 76 0.45 1.02 -11.88
N TYR A 77 0.17 -0.26 -11.96
CA TYR A 77 0.75 -1.11 -13.00
C TYR A 77 -0.20 -1.25 -14.18
N ILE A 78 0.36 -1.19 -15.39
CA ILE A 78 -0.45 -1.31 -16.60
C ILE A 78 0.25 -2.18 -17.64
N ASN A 79 -0.49 -3.10 -18.24
CA ASN A 79 0.06 -3.99 -19.25
C ASN A 79 1.13 -4.90 -18.65
N GLY A 80 1.00 -5.20 -17.36
CA GLY A 80 1.96 -6.04 -16.69
C GLY A 80 3.24 -5.31 -16.34
N LYS A 81 3.26 -4.00 -16.59
CA LYS A 81 4.42 -3.18 -16.28
C LYS A 81 4.01 -1.86 -15.66
N ILE A 82 4.84 -1.35 -14.75
CA ILE A 82 4.57 -0.10 -14.07
C ILE A 82 4.24 1.01 -15.07
N ASP A 83 3.25 1.83 -14.75
CA ASP A 83 2.85 2.93 -15.62
C ASP A 83 2.84 4.25 -14.86
N TRP A 84 3.59 5.22 -15.36
CA TRP A 84 3.68 6.53 -14.73
C TRP A 84 3.20 7.62 -15.67
N ASN A 85 2.64 7.21 -16.80
CA ASN A 85 2.13 8.16 -17.79
C ASN A 85 0.62 8.32 -17.68
N ASP A 86 -0.07 7.18 -17.53
CA ASP A 86 -1.53 7.20 -17.41
C ASP A 86 -1.96 7.87 -16.11
N LEU A 87 -2.16 9.18 -16.16
CA LEU A 87 -2.57 9.94 -14.99
C LEU A 87 -3.97 9.54 -14.55
N GLU A 88 -4.82 9.21 -15.52
CA GLU A 88 -6.19 8.82 -15.23
C GLU A 88 -6.24 7.39 -14.68
N ALA A 89 -5.31 6.55 -15.15
CA ALA A 89 -5.25 5.16 -14.71
C ALA A 89 -5.02 5.09 -13.20
N PHE A 90 -4.37 6.10 -12.65
CA PHE A 90 -4.09 6.14 -11.22
C PHE A 90 -5.37 6.36 -10.41
N TRP A 91 -6.29 7.13 -11.00
CA TRP A 91 -7.56 7.42 -10.33
C TRP A 91 -8.30 6.13 -9.97
N ALA A 92 -8.44 5.25 -10.96
CA ALA A 92 -9.13 3.98 -10.75
C ALA A 92 -8.40 3.13 -9.72
N VAL A 93 -7.09 2.95 -9.93
CA VAL A 93 -6.28 2.15 -9.02
C VAL A 93 -6.36 2.70 -7.60
N LYS A 94 -6.72 3.96 -7.47
CA LYS A 94 -6.82 4.61 -6.17
C LYS A 94 -8.08 4.14 -5.43
N LYS A 95 -9.23 4.25 -6.10
CA LYS A 95 -10.49 3.84 -5.50
C LYS A 95 -10.55 2.31 -5.36
N ALA A 96 -9.67 1.62 -6.06
CA ALA A 96 -9.61 0.17 -6.00
C ALA A 96 -9.50 -0.32 -4.56
N PHE A 97 -8.72 0.39 -3.75
CA PHE A 97 -8.52 0.03 -2.36
C PHE A 97 -9.75 0.39 -1.54
N GLU A 98 -10.12 1.67 -1.54
CA GLU A 98 -11.28 2.13 -0.79
C GLU A 98 -12.54 1.39 -1.23
N GLN A 99 -12.49 0.78 -2.40
CA GLN A 99 -13.63 0.04 -2.94
C GLN A 99 -13.73 -1.34 -2.29
N ALA A 100 -12.58 -1.90 -1.92
CA ALA A 100 -12.54 -3.21 -1.28
C ALA A 100 -13.17 -3.18 0.10
N GLY A 101 -12.75 -2.22 0.92
CA GLY A 101 -13.28 -2.09 2.26
C GLY A 101 -14.80 -2.04 2.27
N LYS A 102 -15.39 -1.66 1.15
CA LYS A 102 -16.84 -1.58 1.04
C LYS A 102 -17.48 -2.96 1.17
N GLU A 103 -16.96 -3.91 0.39
CA GLU A 103 -17.48 -5.28 0.42
C GLU A 103 -16.97 -6.03 1.65
N LEU A 104 -15.71 -5.80 1.99
CA LEU A 104 -15.10 -6.47 3.15
C LEU A 104 -15.67 -5.92 4.44
N GLY A 105 -16.21 -4.70 4.39
CA GLY A 105 -16.79 -4.08 5.57
C GLY A 105 -15.76 -3.31 6.38
N ILE A 106 -14.49 -3.51 6.05
CA ILE A 106 -13.41 -2.84 6.77
C ILE A 106 -13.13 -1.46 6.16
N LYS A 107 -12.54 -0.59 6.96
CA LYS A 107 -12.22 0.76 6.51
C LYS A 107 -10.70 0.96 6.39
N LEU A 108 -10.29 1.63 5.33
CA LEU A 108 -8.87 1.89 5.09
C LEU A 108 -8.66 3.20 4.34
N ARG A 109 -7.50 3.81 4.53
CA ARG A 109 -7.18 5.07 3.86
C ARG A 109 -5.76 5.04 3.30
N PHE A 110 -5.56 5.72 2.17
CA PHE A 110 -4.25 5.78 1.54
C PHE A 110 -3.89 7.20 1.16
N GLY A 111 -2.58 7.47 1.04
CA GLY A 111 -2.13 8.79 0.69
C GLY A 111 -1.53 8.86 -0.70
N ALA A 112 -2.08 9.73 -1.53
CA ALA A 112 -1.59 9.88 -2.90
C ALA A 112 -2.44 10.90 -3.67
N ASP A 113 -2.85 11.96 -2.99
CA ASP A 113 -3.65 13.00 -3.61
C ASP A 113 -3.17 14.39 -3.18
N TRP A 114 -3.34 15.37 -4.07
CA TRP A 114 -2.92 16.74 -3.78
C TRP A 114 -3.49 17.21 -2.44
N ASN A 115 -4.58 16.59 -2.02
CA ASN A 115 -5.23 16.96 -0.76
C ASN A 115 -4.19 17.19 0.33
N ALA A 116 -3.32 16.21 0.54
CA ALA A 116 -2.28 16.31 1.55
C ALA A 116 -0.91 15.98 0.97
N SER A 117 -0.86 14.93 0.15
CA SER A 117 0.39 14.51 -0.47
C SER A 117 1.07 15.67 -1.18
N GLY A 118 0.27 16.64 -1.60
CA GLY A 118 0.81 17.80 -2.29
C GLY A 118 0.64 17.72 -3.79
N ASP A 119 0.51 16.51 -4.31
CA ASP A 119 0.34 16.29 -5.74
C ASP A 119 0.24 14.81 -6.06
N TYR A 120 -0.40 14.49 -7.18
CA TYR A 120 -0.56 13.10 -7.61
C TYR A 120 -0.71 13.01 -9.12
N HIS A 121 -0.27 14.06 -9.81
CA HIS A 121 -0.35 14.09 -11.27
C HIS A 121 1.05 14.15 -11.88
N ASP A 122 2.00 14.69 -11.12
CA ASP A 122 3.38 14.80 -11.59
C ASP A 122 4.33 14.03 -10.67
N GLU A 123 3.88 13.76 -9.46
CA GLU A 123 4.70 13.04 -8.48
C GLU A 123 5.10 11.67 -9.03
N ILE A 124 4.22 11.08 -9.82
CA ILE A 124 4.48 9.77 -10.41
C ILE A 124 5.81 9.74 -11.14
N LYS A 125 6.23 10.91 -11.62
CA LYS A 125 7.50 11.02 -12.34
C LYS A 125 8.66 10.59 -11.46
N ARG A 126 8.44 10.58 -10.15
CA ARG A 126 9.46 10.17 -9.20
C ARG A 126 9.83 8.70 -9.37
N GLY A 127 8.89 7.93 -9.90
CA GLY A 127 9.13 6.51 -10.11
C GLY A 127 8.60 5.66 -8.97
N THR A 128 8.09 6.31 -7.93
CA THR A 128 7.55 5.61 -6.78
C THR A 128 6.13 6.08 -6.45
N TYR A 129 5.61 6.97 -7.29
CA TYR A 129 4.26 7.50 -7.09
C TYR A 129 4.24 8.48 -5.92
N ASP A 130 5.39 8.69 -5.30
CA ASP A 130 5.50 9.60 -4.17
C ASP A 130 4.28 9.50 -3.26
N GLY A 131 3.82 8.27 -3.04
CA GLY A 131 2.66 8.05 -2.19
C GLY A 131 2.17 6.61 -2.23
N GLY A 132 0.93 6.44 -2.67
CA GLY A 132 0.36 5.10 -2.75
C GLY A 132 0.50 4.34 -1.45
N HIS A 133 0.52 5.05 -0.33
CA HIS A 133 0.65 4.43 0.98
C HIS A 133 -0.71 4.27 1.64
N VAL A 134 -1.17 3.03 1.74
CA VAL A 134 -2.46 2.74 2.35
C VAL A 134 -2.30 2.30 3.81
N GLU A 135 -3.40 2.27 4.54
CA GLU A 135 -3.37 1.87 5.94
C GLU A 135 -4.77 1.47 6.42
N LEU A 136 -4.84 0.35 7.13
CA LEU A 136 -6.11 -0.15 7.64
C LEU A 136 -6.62 0.74 8.78
N VAL A 137 -7.92 0.64 9.06
CA VAL A 137 -8.53 1.43 10.13
C VAL A 137 -8.30 0.79 11.48
ZN ZN B . 5.87 4.59 2.58
CA CA C . -2.99 12.21 1.14
N MET A 1 -10.77 -15.49 -12.23
CA MET A 1 -9.85 -14.88 -13.19
C MET A 1 -9.54 -13.44 -12.77
N SER A 2 -8.32 -13.21 -12.30
CA SER A 2 -7.89 -11.88 -11.87
C SER A 2 -6.37 -11.78 -11.87
N PHE A 3 -5.87 -10.54 -11.86
CA PHE A 3 -4.43 -10.31 -11.86
C PHE A 3 -3.80 -10.84 -10.58
N LYS A 4 -2.54 -10.48 -10.35
CA LYS A 4 -1.81 -10.91 -9.17
C LYS A 4 -0.48 -10.20 -9.04
N PHE A 5 0.00 -10.06 -7.81
CA PHE A 5 1.28 -9.38 -7.56
C PHE A 5 2.44 -10.36 -7.66
N GLY A 6 3.64 -9.82 -7.86
CA GLY A 6 4.82 -10.67 -7.97
C GLY A 6 5.09 -11.45 -6.70
N LYS A 7 6.09 -12.33 -6.75
CA LYS A 7 6.46 -13.14 -5.60
C LYS A 7 7.07 -12.27 -4.50
N ASN A 8 7.91 -11.32 -4.89
CA ASN A 8 8.56 -10.42 -3.95
C ASN A 8 7.62 -9.29 -3.54
N SER A 9 6.65 -8.98 -4.40
CA SER A 9 5.70 -7.92 -4.13
C SER A 9 4.56 -8.43 -3.25
N GLU A 10 4.01 -9.58 -3.61
CA GLU A 10 2.91 -10.17 -2.86
C GLU A 10 3.36 -10.52 -1.44
N LYS A 11 4.59 -10.97 -1.31
CA LYS A 11 5.14 -11.35 0.00
C LYS A 11 5.14 -10.15 0.94
N GLN A 12 5.23 -8.95 0.38
CA GLN A 12 5.22 -7.73 1.18
C GLN A 12 3.89 -7.56 1.91
N LEU A 13 2.80 -7.60 1.15
CA LEU A 13 1.47 -7.45 1.71
C LEU A 13 1.00 -8.75 2.36
N ALA A 14 1.56 -9.86 1.91
CA ALA A 14 1.20 -11.17 2.45
C ALA A 14 1.86 -11.41 3.80
N THR A 15 2.70 -10.47 4.22
CA THR A 15 3.41 -10.58 5.49
C THR A 15 2.71 -9.76 6.58
N VAL A 16 1.56 -9.19 6.24
CA VAL A 16 0.79 -8.39 7.19
C VAL A 16 -0.24 -9.24 7.92
N LYS A 17 -0.39 -8.99 9.21
CA LYS A 17 -1.34 -9.73 10.02
C LYS A 17 -2.68 -8.99 10.10
N PRO A 18 -2.64 -7.68 9.82
CA PRO A 18 -3.84 -6.83 9.84
C PRO A 18 -4.80 -7.15 8.70
N GLU A 19 -5.91 -6.42 8.64
CA GLU A 19 -6.91 -6.63 7.59
C GLU A 19 -6.41 -6.09 6.25
N LEU A 20 -5.35 -5.29 6.30
CA LEU A 20 -4.77 -4.71 5.10
C LEU A 20 -4.59 -5.75 4.01
N GLN A 21 -4.15 -6.95 4.41
CA GLN A 21 -3.94 -8.03 3.47
C GLN A 21 -5.18 -8.29 2.63
N LYS A 22 -6.34 -7.97 3.19
CA LYS A 22 -7.61 -8.15 2.50
C LYS A 22 -7.81 -7.07 1.43
N VAL A 23 -7.83 -5.82 1.86
CA VAL A 23 -8.02 -4.70 0.95
C VAL A 23 -6.93 -4.68 -0.12
N ALA A 24 -5.76 -5.20 0.22
CA ALA A 24 -4.64 -5.25 -0.71
C ALA A 24 -4.89 -6.24 -1.82
N ARG A 25 -5.17 -7.49 -1.44
CA ARG A 25 -5.44 -8.54 -2.43
C ARG A 25 -6.83 -8.38 -3.03
N ARG A 26 -7.84 -8.31 -2.16
CA ARG A 26 -9.22 -8.15 -2.62
C ARG A 26 -9.34 -7.01 -3.62
N ALA A 27 -8.46 -6.03 -3.50
CA ALA A 27 -8.47 -4.88 -4.39
C ALA A 27 -8.47 -5.33 -5.85
N LEU A 28 -7.52 -6.19 -6.20
CA LEU A 28 -7.42 -6.69 -7.57
C LEU A 28 -8.68 -7.46 -7.97
N GLU A 29 -9.41 -7.94 -6.96
CA GLU A 29 -10.64 -8.69 -7.21
C GLU A 29 -11.83 -7.75 -7.34
N LEU A 30 -11.61 -6.48 -7.06
CA LEU A 30 -12.67 -5.48 -7.14
C LEU A 30 -12.14 -4.18 -7.74
N SER A 31 -11.10 -4.28 -8.54
CA SER A 31 -10.50 -3.10 -9.18
C SER A 31 -10.49 -3.26 -10.69
N PRO A 32 -10.93 -2.20 -11.39
CA PRO A 32 -10.97 -2.18 -12.86
C PRO A 32 -9.58 -2.14 -13.48
N TYR A 33 -8.64 -1.54 -12.77
CA TYR A 33 -7.27 -1.44 -13.26
C TYR A 33 -6.34 -2.39 -12.51
N ASP A 34 -5.10 -2.45 -12.94
CA ASP A 34 -4.11 -3.32 -12.31
C ASP A 34 -3.22 -2.54 -11.35
N PHE A 35 -2.58 -3.24 -10.42
CA PHE A 35 -1.70 -2.61 -9.45
C PHE A 35 -0.93 -3.66 -8.66
N THR A 36 0.26 -3.27 -8.17
CA THR A 36 1.09 -4.18 -7.40
C THR A 36 1.76 -3.45 -6.25
N ILE A 37 1.95 -4.15 -5.13
CA ILE A 37 2.59 -3.56 -3.95
C ILE A 37 4.11 -3.68 -4.04
N VAL A 38 4.79 -2.61 -3.66
CA VAL A 38 6.24 -2.57 -3.69
C VAL A 38 6.83 -2.57 -2.28
N GLN A 39 6.34 -1.65 -1.45
CA GLN A 39 6.82 -1.54 -0.07
C GLN A 39 5.88 -2.30 0.88
N GLY A 40 6.47 -2.93 1.89
CA GLY A 40 5.70 -3.68 2.86
C GLY A 40 6.12 -3.40 4.29
N ILE A 41 5.25 -3.72 5.23
CA ILE A 41 5.54 -3.51 6.64
C ILE A 41 6.59 -4.47 7.15
N ARG A 42 7.35 -4.05 8.15
CA ARG A 42 8.40 -4.88 8.73
C ARG A 42 7.87 -5.71 9.89
N THR A 43 8.77 -6.44 10.55
CA THR A 43 8.39 -7.27 11.68
C THR A 43 9.45 -7.24 12.77
N VAL A 44 9.21 -7.97 13.86
CA VAL A 44 10.16 -8.03 14.96
C VAL A 44 11.55 -8.44 14.49
N ALA A 45 11.59 -9.24 13.42
CA ALA A 45 12.85 -9.70 12.87
C ALA A 45 13.69 -8.53 12.37
N GLN A 46 13.05 -7.38 12.19
CA GLN A 46 13.73 -6.18 11.72
C GLN A 46 13.92 -5.18 12.85
N SER A 47 12.88 -5.03 13.68
CA SER A 47 12.92 -4.10 14.79
C SER A 47 13.88 -4.59 15.88
N ALA A 48 13.76 -5.87 16.22
CA ALA A 48 14.61 -6.47 17.24
C ALA A 48 16.10 -6.26 16.91
N GLN A 49 16.50 -6.72 15.73
CA GLN A 49 17.89 -6.60 15.30
C GLN A 49 18.31 -5.13 15.24
N ASN A 50 17.36 -4.26 14.88
CA ASN A 50 17.64 -2.83 14.79
C ASN A 50 18.11 -2.28 16.13
N ILE A 51 17.23 -2.32 17.13
CA ILE A 51 17.56 -1.83 18.45
C ILE A 51 17.97 -2.97 19.38
N ALA A 52 17.04 -3.89 19.63
CA ALA A 52 17.31 -5.03 20.49
C ALA A 52 17.44 -4.60 21.95
N ASN A 53 16.42 -3.94 22.46
CA ASN A 53 16.43 -3.47 23.85
C ASN A 53 15.01 -3.39 24.41
N GLY A 54 14.11 -4.16 23.82
CA GLY A 54 12.73 -4.18 24.27
C GLY A 54 11.92 -3.01 23.72
N THR A 55 12.45 -2.37 22.68
CA THR A 55 11.78 -1.24 22.05
C THR A 55 11.07 -0.38 23.10
N SER A 56 11.81 -0.01 24.15
CA SER A 56 11.25 0.80 25.22
C SER A 56 11.16 2.26 24.79
N PHE A 57 11.64 2.55 23.58
CA PHE A 57 11.59 3.91 23.05
C PHE A 57 10.21 4.24 22.52
N LEU A 58 9.29 3.30 22.62
CA LEU A 58 7.92 3.49 22.15
C LEU A 58 6.92 3.05 23.20
N LYS A 59 5.89 3.88 23.41
CA LYS A 59 4.85 3.59 24.39
C LYS A 59 3.53 3.26 23.70
N ASP A 60 3.20 4.02 22.66
CA ASP A 60 1.97 3.80 21.92
C ASP A 60 1.87 4.75 20.73
N PRO A 61 2.85 4.65 19.81
CA PRO A 61 2.90 5.49 18.61
C PRO A 61 1.79 5.16 17.62
N SER A 62 1.89 5.73 16.42
CA SER A 62 0.89 5.49 15.39
C SER A 62 1.39 4.46 14.39
N LYS A 63 0.68 4.34 13.27
CA LYS A 63 1.05 3.39 12.22
C LYS A 63 1.98 4.04 11.20
N SER A 64 2.56 5.17 11.58
CA SER A 64 3.47 5.89 10.70
C SER A 64 4.57 4.96 10.19
N LYS A 65 5.44 4.52 11.09
CA LYS A 65 6.53 3.63 10.74
C LYS A 65 6.00 2.27 10.28
N HIS A 66 6.55 1.77 9.18
CA HIS A 66 6.13 0.48 8.64
C HIS A 66 6.33 -0.62 9.67
N ILE A 67 7.16 -0.36 10.67
CA ILE A 67 7.44 -1.34 11.72
C ILE A 67 6.19 -1.60 12.55
N THR A 68 5.16 -0.79 12.35
CA THR A 68 3.90 -0.94 13.08
C THR A 68 3.12 -2.15 12.60
N GLY A 69 3.36 -2.54 11.34
CA GLY A 69 2.66 -3.68 10.77
C GLY A 69 1.58 -3.27 9.80
N ASP A 70 1.30 -1.97 9.74
CA ASP A 70 0.28 -1.44 8.83
C ASP A 70 0.86 -0.37 7.92
N ALA A 71 1.03 -0.73 6.64
CA ALA A 71 1.58 0.20 5.66
C ALA A 71 2.09 -0.54 4.44
N ILE A 72 1.72 -0.05 3.26
CA ILE A 72 2.14 -0.67 2.00
C ILE A 72 2.19 0.35 0.88
N ASP A 73 3.31 0.36 0.15
CA ASP A 73 3.49 1.29 -0.96
C ASP A 73 3.36 0.57 -2.30
N PHE A 74 2.22 0.76 -2.95
CA PHE A 74 1.97 0.12 -4.24
C PHE A 74 2.07 1.14 -5.37
N ALA A 75 1.88 0.67 -6.60
CA ALA A 75 1.95 1.54 -7.77
C ALA A 75 1.00 1.05 -8.87
N PRO A 76 0.53 2.00 -9.69
CA PRO A 76 -0.39 1.69 -10.80
C PRO A 76 0.28 0.90 -11.91
N TYR A 77 0.00 -0.40 -11.96
CA TYR A 77 0.58 -1.27 -12.98
C TYR A 77 -0.38 -1.46 -14.15
N ILE A 78 0.15 -1.40 -15.37
CA ILE A 78 -0.66 -1.57 -16.57
C ILE A 78 0.05 -2.45 -17.59
N ASN A 79 -0.70 -3.38 -18.17
CA ASN A 79 -0.14 -4.28 -19.17
C ASN A 79 0.95 -5.17 -18.57
N GLY A 80 0.81 -5.44 -17.28
CA GLY A 80 1.78 -6.28 -16.59
C GLY A 80 3.04 -5.53 -16.23
N LYS A 81 3.09 -4.25 -16.56
CA LYS A 81 4.25 -3.42 -16.27
C LYS A 81 3.82 -2.08 -15.66
N ILE A 82 4.67 -1.53 -14.80
CA ILE A 82 4.38 -0.26 -14.15
C ILE A 82 4.01 0.81 -15.17
N ASP A 83 3.00 1.60 -14.85
CA ASP A 83 2.55 2.66 -15.74
C ASP A 83 2.54 4.01 -15.02
N TRP A 84 3.28 4.97 -15.58
CA TRP A 84 3.36 6.30 -14.99
C TRP A 84 2.85 7.36 -15.97
N ASN A 85 2.28 6.91 -17.08
CA ASN A 85 1.76 7.82 -18.10
C ASN A 85 0.25 7.99 -17.95
N ASP A 86 -0.45 6.88 -17.74
CA ASP A 86 -1.89 6.91 -17.59
C ASP A 86 -2.29 7.62 -16.29
N LEU A 87 -2.46 8.93 -16.37
CA LEU A 87 -2.83 9.74 -15.22
C LEU A 87 -4.22 9.36 -14.73
N GLU A 88 -5.08 8.95 -15.65
CA GLU A 88 -6.45 8.56 -15.32
C GLU A 88 -6.49 7.15 -14.73
N ALA A 89 -5.57 6.30 -15.19
CA ALA A 89 -5.50 4.93 -14.71
C ALA A 89 -5.23 4.88 -13.22
N PHE A 90 -4.56 5.91 -12.71
CA PHE A 90 -4.23 5.98 -11.29
C PHE A 90 -5.49 6.24 -10.46
N TRP A 91 -6.42 7.01 -11.02
CA TRP A 91 -7.66 7.34 -10.34
C TRP A 91 -8.39 6.06 -9.90
N ALA A 92 -8.60 5.15 -10.84
CA ALA A 92 -9.28 3.90 -10.56
C ALA A 92 -8.49 3.06 -9.55
N VAL A 93 -7.21 2.85 -9.84
CA VAL A 93 -6.35 2.08 -8.95
C VAL A 93 -6.33 2.64 -7.54
N LYS A 94 -6.68 3.92 -7.43
CA LYS A 94 -6.72 4.60 -6.13
C LYS A 94 -7.93 4.15 -5.32
N LYS A 95 -9.11 4.26 -5.93
CA LYS A 95 -10.35 3.87 -5.27
C LYS A 95 -10.42 2.36 -5.09
N ALA A 96 -9.58 1.65 -5.82
CA ALA A 96 -9.54 0.19 -5.74
C ALA A 96 -9.41 -0.28 -4.30
N PHE A 97 -8.59 0.43 -3.53
CA PHE A 97 -8.37 0.09 -2.13
C PHE A 97 -9.58 0.47 -1.28
N GLU A 98 -9.93 1.76 -1.31
CA GLU A 98 -11.06 2.26 -0.54
C GLU A 98 -12.35 1.56 -0.95
N GLN A 99 -12.33 0.92 -2.12
CA GLN A 99 -13.50 0.21 -2.62
C GLN A 99 -13.61 -1.17 -1.99
N ALA A 100 -12.46 -1.77 -1.69
CA ALA A 100 -12.44 -3.11 -1.08
C ALA A 100 -13.02 -3.06 0.33
N GLY A 101 -12.55 -2.12 1.14
CA GLY A 101 -13.04 -2.00 2.49
C GLY A 101 -14.56 -1.92 2.56
N LYS A 102 -15.17 -1.51 1.46
CA LYS A 102 -16.63 -1.38 1.40
C LYS A 102 -17.29 -2.74 1.53
N GLU A 103 -16.82 -3.72 0.76
CA GLU A 103 -17.36 -5.06 0.79
C GLU A 103 -16.85 -5.83 2.00
N LEU A 104 -15.58 -5.60 2.35
CA LEU A 104 -14.96 -6.27 3.48
C LEU A 104 -15.51 -5.73 4.79
N GLY A 105 -16.04 -4.51 4.76
CA GLY A 105 -16.59 -3.91 5.96
C GLY A 105 -15.55 -3.13 6.75
N ILE A 106 -14.28 -3.31 6.39
CA ILE A 106 -13.19 -2.63 7.07
C ILE A 106 -12.92 -1.26 6.46
N LYS A 107 -12.24 -0.40 7.21
CA LYS A 107 -11.92 0.94 6.73
C LYS A 107 -10.41 1.12 6.60
N LEU A 108 -9.98 1.78 5.53
CA LEU A 108 -8.57 2.01 5.29
C LEU A 108 -8.36 3.32 4.51
N ARG A 109 -7.19 3.92 4.68
CA ARG A 109 -6.86 5.17 4.00
C ARG A 109 -5.45 5.12 3.43
N PHE A 110 -5.26 5.79 2.30
CA PHE A 110 -3.95 5.83 1.65
C PHE A 110 -3.58 7.25 1.26
N GLY A 111 -2.28 7.51 1.11
CA GLY A 111 -1.81 8.83 0.75
C GLY A 111 -1.35 8.90 -0.69
N ALA A 112 -2.03 9.71 -1.49
CA ALA A 112 -1.68 9.87 -2.90
C ALA A 112 -2.72 10.71 -3.64
N ASP A 113 -2.78 11.99 -3.30
CA ASP A 113 -3.74 12.90 -3.93
C ASP A 113 -3.34 14.36 -3.69
N TRP A 114 -3.53 15.19 -4.71
CA TRP A 114 -3.19 16.60 -4.61
C TRP A 114 -3.88 17.25 -3.40
N ASN A 115 -4.92 16.59 -2.90
CA ASN A 115 -5.65 17.10 -1.75
C ASN A 115 -4.70 17.58 -0.66
N ALA A 116 -3.78 16.71 -0.25
CA ALA A 116 -2.82 17.06 0.78
C ALA A 116 -1.39 16.74 0.33
N SER A 117 -1.26 15.70 -0.48
CA SER A 117 0.05 15.29 -0.99
C SER A 117 0.74 16.45 -1.70
N GLY A 118 -0.05 17.43 -2.13
CA GLY A 118 0.50 18.59 -2.81
C GLY A 118 0.17 18.60 -4.29
N ASP A 119 0.21 17.43 -4.92
CA ASP A 119 -0.10 17.32 -6.34
C ASP A 119 0.31 15.94 -6.87
N TYR A 120 -0.37 15.49 -7.93
CA TYR A 120 -0.09 14.20 -8.52
C TYR A 120 -0.19 14.27 -10.05
N HIS A 121 0.50 15.24 -10.63
CA HIS A 121 0.49 15.41 -12.08
C HIS A 121 1.90 15.28 -12.66
N ASP A 122 2.90 15.53 -11.83
CA ASP A 122 4.29 15.43 -12.25
C ASP A 122 5.10 14.57 -11.29
N GLU A 123 4.73 14.60 -10.01
CA GLU A 123 5.42 13.82 -8.99
C GLU A 123 5.54 12.36 -9.42
N ILE A 124 4.53 11.87 -10.13
CA ILE A 124 4.53 10.49 -10.59
C ILE A 124 5.80 10.17 -11.38
N LYS A 125 6.35 11.20 -12.04
CA LYS A 125 7.56 11.03 -12.82
C LYS A 125 8.70 10.48 -11.96
N ARG A 126 8.54 10.59 -10.64
CA ARG A 126 9.55 10.11 -9.71
C ARG A 126 9.73 8.59 -9.83
N GLY A 127 8.74 7.94 -10.44
CA GLY A 127 8.81 6.50 -10.60
C GLY A 127 8.37 5.75 -9.37
N THR A 128 7.86 6.49 -8.38
CA THR A 128 7.41 5.89 -7.13
C THR A 128 5.99 6.35 -6.79
N TYR A 129 5.42 7.18 -7.66
CA TYR A 129 4.07 7.70 -7.44
C TYR A 129 4.05 8.70 -6.29
N ASP A 130 5.23 8.99 -5.75
CA ASP A 130 5.35 9.94 -4.65
C ASP A 130 4.22 9.74 -3.63
N GLY A 131 4.08 8.50 -3.16
CA GLY A 131 3.04 8.19 -2.19
C GLY A 131 2.56 6.76 -2.29
N GLY A 132 1.28 6.60 -2.61
CA GLY A 132 0.72 5.26 -2.74
C GLY A 132 0.86 4.45 -1.46
N HIS A 133 0.86 5.14 -0.32
CA HIS A 133 0.99 4.47 0.97
C HIS A 133 -0.37 4.32 1.65
N VAL A 134 -0.81 3.07 1.82
CA VAL A 134 -2.10 2.79 2.45
C VAL A 134 -1.90 2.38 3.90
N GLU A 135 -3.00 2.39 4.66
CA GLU A 135 -2.96 2.00 6.07
C GLU A 135 -4.35 1.65 6.57
N LEU A 136 -4.46 0.50 7.23
CA LEU A 136 -5.73 0.04 7.76
C LEU A 136 -6.20 0.94 8.90
N VAL A 137 -7.51 1.09 9.03
CA VAL A 137 -8.09 1.93 10.08
C VAL A 137 -7.54 1.54 11.45
ZN ZN B . 5.80 4.53 2.51
CA CA C . -2.94 13.08 0.94
N MET A 1 -11.19 -14.52 -13.72
CA MET A 1 -9.96 -14.57 -12.93
C MET A 1 -9.44 -13.16 -12.66
N SER A 2 -8.56 -13.04 -11.66
CA SER A 2 -7.99 -11.74 -11.30
C SER A 2 -6.49 -11.74 -11.53
N PHE A 3 -5.91 -10.54 -11.60
CA PHE A 3 -4.48 -10.40 -11.82
C PHE A 3 -3.69 -10.90 -10.62
N LYS A 4 -2.39 -10.58 -10.59
CA LYS A 4 -1.54 -10.99 -9.49
C LYS A 4 -0.40 -9.99 -9.28
N PHE A 5 0.04 -9.84 -8.03
CA PHE A 5 1.11 -8.92 -7.71
C PHE A 5 2.47 -9.53 -8.02
N GLY A 6 2.86 -10.54 -7.25
CA GLY A 6 4.13 -11.19 -7.47
C GLY A 6 4.62 -11.93 -6.24
N LYS A 7 5.64 -12.78 -6.42
CA LYS A 7 6.19 -13.54 -5.31
C LYS A 7 6.90 -12.63 -4.31
N ASN A 8 7.63 -11.64 -4.83
CA ASN A 8 8.35 -10.71 -3.99
C ASN A 8 7.45 -9.55 -3.56
N SER A 9 6.42 -9.29 -4.35
CA SER A 9 5.48 -8.21 -4.06
C SER A 9 4.40 -8.68 -3.09
N GLU A 10 3.70 -9.75 -3.47
CA GLU A 10 2.64 -10.30 -2.63
C GLU A 10 3.15 -10.61 -1.22
N LYS A 11 4.39 -11.06 -1.14
CA LYS A 11 5.01 -11.39 0.13
C LYS A 11 5.03 -10.18 1.06
N GLN A 12 5.05 -8.99 0.48
CA GLN A 12 5.05 -7.75 1.25
C GLN A 12 3.72 -7.54 1.96
N LEU A 13 2.63 -7.61 1.20
CA LEU A 13 1.29 -7.42 1.76
C LEU A 13 0.81 -8.70 2.43
N ALA A 14 1.39 -9.83 2.05
CA ALA A 14 1.02 -11.12 2.63
C ALA A 14 1.67 -11.30 3.99
N THR A 15 2.59 -10.41 4.34
CA THR A 15 3.28 -10.48 5.62
C THR A 15 2.60 -9.62 6.67
N VAL A 16 1.40 -9.15 6.35
CA VAL A 16 0.63 -8.32 7.27
C VAL A 16 -0.42 -9.14 8.00
N LYS A 17 -0.58 -8.87 9.30
CA LYS A 17 -1.55 -9.58 10.11
C LYS A 17 -2.87 -8.84 10.17
N PRO A 18 -2.83 -7.54 9.86
CA PRO A 18 -4.02 -6.67 9.86
C PRO A 18 -4.96 -7.01 8.71
N GLU A 19 -6.08 -6.28 8.64
CA GLU A 19 -7.06 -6.49 7.58
C GLU A 19 -6.57 -5.95 6.24
N LEU A 20 -5.50 -5.16 6.29
CA LEU A 20 -4.93 -4.58 5.09
C LEU A 20 -4.74 -5.63 4.00
N GLN A 21 -4.32 -6.82 4.42
CA GLN A 21 -4.10 -7.93 3.48
C GLN A 21 -5.35 -8.16 2.62
N LYS A 22 -6.51 -7.82 3.17
CA LYS A 22 -7.76 -8.00 2.45
C LYS A 22 -7.92 -6.93 1.37
N VAL A 23 -7.96 -5.66 1.79
CA VAL A 23 -8.10 -4.55 0.85
C VAL A 23 -7.00 -4.56 -0.20
N ALA A 24 -5.84 -5.11 0.18
CA ALA A 24 -4.71 -5.19 -0.74
C ALA A 24 -4.96 -6.21 -1.84
N ARG A 25 -5.24 -7.44 -1.44
CA ARG A 25 -5.50 -8.52 -2.40
C ARG A 25 -6.88 -8.35 -3.03
N ARG A 26 -7.90 -8.26 -2.19
CA ARG A 26 -9.27 -8.11 -2.67
C ARG A 26 -9.37 -6.99 -3.71
N ALA A 27 -8.48 -6.00 -3.57
CA ALA A 27 -8.48 -4.86 -4.49
C ALA A 27 -8.44 -5.34 -5.94
N LEU A 28 -7.47 -6.18 -6.26
CA LEU A 28 -7.33 -6.72 -7.62
C LEU A 28 -8.57 -7.49 -8.03
N GLU A 29 -9.36 -7.93 -7.04
CA GLU A 29 -10.57 -8.68 -7.31
C GLU A 29 -11.77 -7.74 -7.45
N LEU A 30 -11.54 -6.47 -7.18
CA LEU A 30 -12.61 -5.47 -7.29
C LEU A 30 -12.07 -4.17 -7.88
N SER A 31 -11.00 -4.28 -8.66
CA SER A 31 -10.40 -3.11 -9.29
C SER A 31 -10.39 -3.25 -10.81
N PRO A 32 -10.78 -2.18 -11.51
CA PRO A 32 -10.82 -2.16 -12.97
C PRO A 32 -9.43 -2.17 -13.60
N TYR A 33 -8.47 -1.56 -12.90
CA TYR A 33 -7.10 -1.49 -13.38
C TYR A 33 -6.20 -2.47 -12.62
N ASP A 34 -4.96 -2.58 -13.05
CA ASP A 34 -4.00 -3.47 -12.40
C ASP A 34 -3.06 -2.69 -11.49
N PHE A 35 -2.56 -3.36 -10.46
CA PHE A 35 -1.64 -2.73 -9.51
C PHE A 35 -0.88 -3.78 -8.71
N THR A 36 0.29 -3.40 -8.20
CA THR A 36 1.12 -4.31 -7.42
C THR A 36 1.80 -3.58 -6.27
N ILE A 37 1.93 -4.25 -5.14
CA ILE A 37 2.58 -3.66 -3.97
C ILE A 37 4.09 -3.80 -4.05
N VAL A 38 4.79 -2.73 -3.69
CA VAL A 38 6.25 -2.72 -3.72
C VAL A 38 6.83 -2.66 -2.31
N GLN A 39 6.22 -1.83 -1.46
CA GLN A 39 6.67 -1.67 -0.09
C GLN A 39 5.73 -2.38 0.88
N GLY A 40 6.30 -2.98 1.92
CA GLY A 40 5.49 -3.69 2.90
C GLY A 40 5.93 -3.39 4.33
N ILE A 41 5.05 -3.68 5.28
CA ILE A 41 5.36 -3.45 6.69
C ILE A 41 6.43 -4.41 7.18
N ARG A 42 7.20 -3.97 8.18
CA ARG A 42 8.26 -4.80 8.74
C ARG A 42 7.74 -5.62 9.93
N THR A 43 8.65 -6.33 10.58
CA THR A 43 8.29 -7.16 11.73
C THR A 43 9.37 -7.12 12.80
N VAL A 44 9.19 -7.93 13.84
CA VAL A 44 10.15 -7.98 14.94
C VAL A 44 11.56 -8.25 14.41
N ALA A 45 11.65 -9.08 13.38
CA ALA A 45 12.94 -9.42 12.78
C ALA A 45 13.66 -8.17 12.29
N GLN A 46 12.90 -7.10 12.06
CA GLN A 46 13.47 -5.85 11.58
C GLN A 46 13.74 -4.90 12.74
N SER A 47 12.72 -4.69 13.57
CA SER A 47 12.84 -3.79 14.72
C SER A 47 13.91 -4.29 15.69
N ALA A 48 13.96 -5.61 15.88
CA ALA A 48 14.93 -6.22 16.78
C ALA A 48 16.36 -5.89 16.34
N GLN A 49 16.70 -6.29 15.13
CA GLN A 49 18.04 -6.04 14.60
C GLN A 49 18.43 -4.58 14.76
N ASN A 50 17.45 -3.70 14.61
CA ASN A 50 17.68 -2.26 14.73
C ASN A 50 18.15 -1.91 16.14
N ILE A 51 17.25 -2.06 17.11
CA ILE A 51 17.57 -1.77 18.49
C ILE A 51 17.94 -3.04 19.26
N ALA A 52 16.99 -3.94 19.39
CA ALA A 52 17.23 -5.20 20.09
C ALA A 52 17.34 -4.98 21.59
N ASN A 53 16.42 -4.19 22.15
CA ASN A 53 16.41 -3.90 23.57
C ASN A 53 14.99 -3.62 24.06
N GLY A 54 14.01 -4.17 23.35
CA GLY A 54 12.62 -3.96 23.73
C GLY A 54 12.11 -2.58 23.36
N THR A 55 12.82 -1.92 22.45
CA THR A 55 12.44 -0.58 22.01
C THR A 55 11.84 0.23 23.16
N SER A 56 12.71 0.77 24.00
CA SER A 56 12.26 1.56 25.15
C SER A 56 12.16 3.04 24.77
N PHE A 57 12.15 3.32 23.47
CA PHE A 57 12.06 4.68 22.99
C PHE A 57 10.62 5.04 22.64
N LEU A 58 9.71 4.08 22.82
CA LEU A 58 8.30 4.31 22.52
C LEU A 58 7.42 3.65 23.57
N LYS A 59 6.13 3.98 23.56
CA LYS A 59 5.18 3.42 24.51
C LYS A 59 3.93 2.91 23.79
N ASP A 60 3.47 3.67 22.82
CA ASP A 60 2.28 3.28 22.05
C ASP A 60 1.97 4.33 20.97
N PRO A 61 2.93 4.52 20.05
CA PRO A 61 2.78 5.48 18.96
C PRO A 61 1.74 5.05 17.93
N SER A 62 1.69 5.75 16.80
CA SER A 62 0.73 5.43 15.75
C SER A 62 1.34 4.48 14.73
N LYS A 63 0.67 4.33 13.60
CA LYS A 63 1.15 3.44 12.54
C LYS A 63 1.98 4.21 11.51
N SER A 64 2.66 5.26 11.98
CA SER A 64 3.48 6.08 11.10
C SER A 64 4.55 5.24 10.41
N LYS A 65 5.37 4.57 11.21
CA LYS A 65 6.44 3.72 10.69
C LYS A 65 5.89 2.37 10.26
N HIS A 66 6.46 1.82 9.19
CA HIS A 66 6.03 0.53 8.67
C HIS A 66 6.24 -0.57 9.71
N ILE A 67 7.06 -0.28 10.71
CA ILE A 67 7.34 -1.23 11.78
C ILE A 67 6.09 -1.52 12.61
N THR A 68 5.05 -0.72 12.39
CA THR A 68 3.80 -0.89 13.12
C THR A 68 3.01 -2.08 12.60
N GLY A 69 3.32 -2.50 11.37
CA GLY A 69 2.62 -3.63 10.78
C GLY A 69 1.48 -3.21 9.88
N ASP A 70 1.32 -1.91 9.70
CA ASP A 70 0.26 -1.36 8.86
C ASP A 70 0.80 -0.30 7.91
N ALA A 71 0.94 -0.67 6.64
CA ALA A 71 1.45 0.25 5.63
C ALA A 71 1.99 -0.51 4.42
N ILE A 72 1.60 -0.05 3.23
CA ILE A 72 2.06 -0.69 2.00
C ILE A 72 2.12 0.33 0.85
N ASP A 73 3.25 0.34 0.15
CA ASP A 73 3.45 1.25 -0.96
C ASP A 73 3.37 0.51 -2.29
N PHE A 74 2.24 0.68 -3.00
CA PHE A 74 2.05 0.02 -4.28
C PHE A 74 2.18 1.02 -5.43
N ALA A 75 2.04 0.53 -6.66
CA ALA A 75 2.14 1.37 -7.84
C ALA A 75 1.19 0.90 -8.93
N PRO A 76 0.72 1.86 -9.76
CA PRO A 76 -0.19 1.56 -10.87
C PRO A 76 0.48 0.77 -11.98
N TYR A 77 0.20 -0.53 -12.05
CA TYR A 77 0.77 -1.39 -13.07
C TYR A 77 -0.19 -1.55 -14.25
N ILE A 78 0.35 -1.47 -15.46
CA ILE A 78 -0.44 -1.62 -16.67
C ILE A 78 0.27 -2.48 -17.70
N ASN A 79 -0.47 -3.41 -18.30
CA ASN A 79 0.08 -4.29 -19.31
C ASN A 79 1.17 -5.19 -18.71
N GLY A 80 1.04 -5.46 -17.41
CA GLY A 80 2.02 -6.30 -16.74
C GLY A 80 3.28 -5.55 -16.37
N LYS A 81 3.32 -4.25 -16.69
CA LYS A 81 4.46 -3.41 -16.39
C LYS A 81 4.04 -2.09 -15.76
N ILE A 82 4.87 -1.56 -14.87
CA ILE A 82 4.57 -0.31 -14.20
C ILE A 82 4.22 0.79 -15.20
N ASP A 83 3.24 1.60 -14.86
CA ASP A 83 2.81 2.70 -15.73
C ASP A 83 2.82 4.02 -14.98
N TRP A 84 3.58 4.98 -15.50
CA TRP A 84 3.69 6.30 -14.89
C TRP A 84 3.20 7.39 -15.84
N ASN A 85 2.65 6.97 -16.97
CA ASN A 85 2.15 7.91 -17.97
C ASN A 85 0.64 8.09 -17.85
N ASP A 86 -0.06 6.98 -17.70
CA ASP A 86 -1.52 7.00 -17.56
C ASP A 86 -1.92 7.68 -16.26
N LEU A 87 -2.10 9.00 -16.32
CA LEU A 87 -2.50 9.77 -15.15
C LEU A 87 -3.91 9.41 -14.71
N GLU A 88 -4.74 9.02 -15.67
CA GLU A 88 -6.12 8.64 -15.37
C GLU A 88 -6.19 7.23 -14.83
N ALA A 89 -5.28 6.37 -15.29
CA ALA A 89 -5.23 4.99 -14.85
C ALA A 89 -5.03 4.89 -13.34
N PHE A 90 -4.38 5.90 -12.78
CA PHE A 90 -4.11 5.93 -11.35
C PHE A 90 -5.40 6.20 -10.56
N TRP A 91 -6.29 6.98 -11.15
CA TRP A 91 -7.56 7.32 -10.51
C TRP A 91 -8.33 6.05 -10.14
N ALA A 92 -8.43 5.12 -11.09
CA ALA A 92 -9.13 3.87 -10.86
C ALA A 92 -8.41 3.02 -9.82
N VAL A 93 -7.12 2.79 -10.03
CA VAL A 93 -6.31 1.99 -9.11
C VAL A 93 -6.37 2.57 -7.70
N LYS A 94 -6.71 3.85 -7.60
CA LYS A 94 -6.79 4.51 -6.30
C LYS A 94 -8.03 4.06 -5.53
N LYS A 95 -9.19 4.16 -6.17
CA LYS A 95 -10.44 3.75 -5.54
C LYS A 95 -10.49 2.23 -5.35
N ALA A 96 -9.63 1.53 -6.08
CA ALA A 96 -9.57 0.07 -5.99
C ALA A 96 -9.48 -0.38 -4.53
N PHE A 97 -8.70 0.34 -3.74
CA PHE A 97 -8.53 0.01 -2.33
C PHE A 97 -9.78 0.37 -1.53
N GLU A 98 -10.32 1.55 -1.79
CA GLU A 98 -11.52 2.01 -1.11
C GLU A 98 -12.68 1.07 -1.34
N GLN A 99 -12.97 0.78 -2.61
CA GLN A 99 -14.06 -0.11 -2.97
C GLN A 99 -13.95 -1.43 -2.22
N ALA A 100 -12.73 -1.83 -1.90
CA ALA A 100 -12.49 -3.08 -1.19
C ALA A 100 -13.07 -3.02 0.22
N GLY A 101 -12.72 -1.96 0.96
CA GLY A 101 -13.22 -1.80 2.32
C GLY A 101 -14.73 -1.85 2.39
N LYS A 102 -15.38 -1.53 1.28
CA LYS A 102 -16.84 -1.54 1.23
C LYS A 102 -17.38 -2.95 1.33
N GLU A 103 -16.89 -3.83 0.45
CA GLU A 103 -17.33 -5.22 0.44
C GLU A 103 -16.76 -5.98 1.63
N LEU A 104 -15.55 -5.60 2.04
CA LEU A 104 -14.89 -6.25 3.17
C LEU A 104 -15.48 -5.78 4.49
N GLY A 105 -16.05 -4.57 4.48
CA GLY A 105 -16.65 -4.03 5.69
C GLY A 105 -15.63 -3.35 6.58
N ILE A 106 -14.43 -3.15 6.07
CA ILE A 106 -13.37 -2.50 6.82
C ILE A 106 -13.09 -1.09 6.29
N LYS A 107 -12.31 -0.32 7.05
CA LYS A 107 -11.98 1.04 6.64
C LYS A 107 -10.46 1.19 6.49
N LEU A 108 -10.06 1.92 5.45
CA LEU A 108 -8.64 2.15 5.18
C LEU A 108 -8.43 3.46 4.43
N ARG A 109 -7.20 3.95 4.46
CA ARG A 109 -6.87 5.20 3.78
C ARG A 109 -5.44 5.16 3.23
N PHE A 110 -5.24 5.81 2.09
CA PHE A 110 -3.93 5.85 1.45
C PHE A 110 -3.55 7.27 1.06
N GLY A 111 -2.25 7.52 0.93
CA GLY A 111 -1.78 8.84 0.57
C GLY A 111 -1.25 8.90 -0.85
N ALA A 112 -1.82 9.80 -1.66
CA ALA A 112 -1.40 9.95 -3.05
C ALA A 112 -2.22 11.03 -3.74
N ASP A 113 -2.63 12.03 -2.98
CA ASP A 113 -3.43 13.13 -3.54
C ASP A 113 -2.95 14.47 -3.00
N TRP A 114 -2.96 15.49 -3.86
CA TRP A 114 -2.53 16.83 -3.46
C TRP A 114 -3.28 17.30 -2.23
N ASN A 115 -4.42 16.67 -1.95
CA ASN A 115 -5.23 17.04 -0.80
C ASN A 115 -4.36 17.22 0.44
N ALA A 116 -3.57 16.19 0.76
CA ALA A 116 -2.68 16.23 1.92
C ALA A 116 -1.26 15.83 1.54
N SER A 117 -1.15 14.84 0.67
CA SER A 117 0.15 14.35 0.22
C SER A 117 1.00 15.49 -0.32
N GLY A 118 0.34 16.56 -0.75
CA GLY A 118 1.05 17.71 -1.29
C GLY A 118 0.89 17.83 -2.79
N ASP A 119 0.85 16.69 -3.47
CA ASP A 119 0.71 16.67 -4.92
C ASP A 119 0.64 15.24 -5.45
N TYR A 120 0.25 15.10 -6.71
CA TYR A 120 0.14 13.78 -7.32
C TYR A 120 0.36 13.87 -8.84
N HIS A 121 -0.21 14.91 -9.45
CA HIS A 121 -0.08 15.11 -10.89
C HIS A 121 1.36 15.39 -11.27
N ASP A 122 1.86 14.69 -12.29
CA ASP A 122 3.22 14.87 -12.75
C ASP A 122 4.21 14.18 -11.82
N GLU A 123 3.91 14.19 -10.52
CA GLU A 123 4.77 13.56 -9.53
C GLU A 123 5.05 12.11 -9.90
N ILE A 124 4.08 11.46 -10.54
CA ILE A 124 4.23 10.07 -10.94
C ILE A 124 5.49 9.87 -11.78
N LYS A 125 5.91 10.94 -12.47
CA LYS A 125 7.09 10.88 -13.31
C LYS A 125 8.33 10.56 -12.47
N ARG A 126 8.22 10.73 -11.16
CA ARG A 126 9.33 10.46 -10.26
C ARG A 126 9.66 8.98 -10.24
N GLY A 127 8.67 8.15 -10.55
CA GLY A 127 8.89 6.71 -10.56
C GLY A 127 8.47 6.05 -9.26
N THR A 128 7.90 6.84 -8.35
CA THR A 128 7.45 6.32 -7.07
C THR A 128 6.00 6.69 -6.80
N TYR A 129 5.40 7.42 -7.74
CA TYR A 129 4.01 7.84 -7.61
C TYR A 129 3.84 8.82 -6.44
N ASP A 130 4.97 9.25 -5.88
CA ASP A 130 4.95 10.19 -4.77
C ASP A 130 3.80 9.89 -3.83
N GLY A 131 3.65 8.63 -3.44
CA GLY A 131 2.58 8.24 -2.55
C GLY A 131 2.26 6.76 -2.64
N GLY A 132 1.00 6.44 -2.89
CA GLY A 132 0.59 5.06 -2.99
C GLY A 132 0.75 4.30 -1.68
N HIS A 133 0.77 5.05 -0.58
CA HIS A 133 0.93 4.43 0.74
C HIS A 133 -0.43 4.30 1.44
N VAL A 134 -0.89 3.06 1.59
CA VAL A 134 -2.17 2.80 2.24
C VAL A 134 -1.97 2.37 3.68
N GLU A 135 -3.04 2.42 4.46
CA GLU A 135 -2.99 2.05 5.87
C GLU A 135 -4.39 1.73 6.40
N LEU A 136 -4.51 0.56 7.03
CA LEU A 136 -5.79 0.13 7.59
C LEU A 136 -6.28 1.10 8.65
N VAL A 137 -7.59 1.22 8.79
CA VAL A 137 -8.18 2.12 9.78
C VAL A 137 -7.54 1.92 11.15
ZN ZN B . 5.91 4.67 2.65
CA CA C . -3.43 12.16 1.38
N MET A 1 -8.98 -15.03 -14.09
CA MET A 1 -10.15 -14.26 -13.66
C MET A 1 -9.73 -12.92 -13.08
N SER A 2 -8.58 -12.90 -12.41
CA SER A 2 -8.07 -11.67 -11.81
C SER A 2 -6.55 -11.63 -11.87
N PHE A 3 -5.98 -10.43 -11.73
CA PHE A 3 -4.54 -10.25 -11.77
C PHE A 3 -3.89 -10.82 -10.52
N LYS A 4 -2.62 -10.51 -10.32
CA LYS A 4 -1.88 -10.98 -9.16
C LYS A 4 -0.53 -10.28 -9.04
N PHE A 5 -0.05 -10.12 -7.81
CA PHE A 5 1.22 -9.46 -7.56
C PHE A 5 2.37 -10.45 -7.64
N GLY A 6 3.58 -9.95 -7.88
CA GLY A 6 4.74 -10.80 -7.96
C GLY A 6 5.01 -11.57 -6.68
N LYS A 7 5.96 -12.49 -6.72
CA LYS A 7 6.30 -13.29 -5.55
C LYS A 7 6.96 -12.43 -4.48
N ASN A 8 7.83 -11.52 -4.91
CA ASN A 8 8.53 -10.63 -3.99
C ASN A 8 7.63 -9.48 -3.56
N SER A 9 6.66 -9.14 -4.41
CA SER A 9 5.74 -8.05 -4.12
C SER A 9 4.60 -8.52 -3.22
N GLU A 10 3.95 -9.62 -3.62
CA GLU A 10 2.85 -10.17 -2.86
C GLU A 10 3.28 -10.50 -1.43
N LYS A 11 4.50 -11.00 -1.29
CA LYS A 11 5.05 -11.36 0.02
C LYS A 11 5.06 -10.16 0.95
N GLN A 12 5.14 -8.97 0.37
CA GLN A 12 5.16 -7.74 1.16
C GLN A 12 3.83 -7.53 1.88
N LEU A 13 2.75 -7.57 1.12
CA LEU A 13 1.42 -7.40 1.69
C LEU A 13 0.92 -8.68 2.36
N ALA A 14 1.47 -9.81 1.92
CA ALA A 14 1.10 -11.10 2.48
C ALA A 14 1.74 -11.32 3.84
N THR A 15 2.67 -10.44 4.20
CA THR A 15 3.36 -10.54 5.48
C THR A 15 2.66 -9.71 6.55
N VAL A 16 1.54 -9.10 6.18
CA VAL A 16 0.77 -8.27 7.11
C VAL A 16 -0.29 -9.10 7.83
N LYS A 17 -0.44 -8.86 9.13
CA LYS A 17 -1.43 -9.57 9.93
C LYS A 17 -2.74 -8.82 9.99
N PRO A 18 -2.68 -7.51 9.71
CA PRO A 18 -3.87 -6.64 9.72
C PRO A 18 -4.82 -6.94 8.56
N GLU A 19 -5.90 -6.18 8.48
CA GLU A 19 -6.89 -6.37 7.41
C GLU A 19 -6.36 -5.84 6.08
N LEU A 20 -5.28 -5.08 6.15
CA LEU A 20 -4.67 -4.50 4.95
C LEU A 20 -4.49 -5.56 3.87
N GLN A 21 -4.17 -6.78 4.29
CA GLN A 21 -3.97 -7.89 3.36
C GLN A 21 -5.22 -8.11 2.52
N LYS A 22 -6.38 -7.78 3.09
CA LYS A 22 -7.65 -7.96 2.39
C LYS A 22 -7.84 -6.88 1.33
N VAL A 23 -7.90 -5.62 1.78
CA VAL A 23 -8.08 -4.50 0.88
C VAL A 23 -7.02 -4.49 -0.21
N ALA A 24 -5.85 -5.03 0.11
CA ALA A 24 -4.75 -5.09 -0.85
C ALA A 24 -5.01 -6.14 -1.92
N ARG A 25 -5.25 -7.37 -1.50
CA ARG A 25 -5.52 -8.46 -2.43
C ARG A 25 -6.91 -8.33 -3.04
N ARG A 26 -7.93 -8.27 -2.17
CA ARG A 26 -9.30 -8.15 -2.63
C ARG A 26 -9.45 -7.01 -3.63
N ALA A 27 -8.58 -6.01 -3.53
CA ALA A 27 -8.61 -4.87 -4.43
C ALA A 27 -8.63 -5.33 -5.89
N LEU A 28 -7.74 -6.26 -6.22
CA LEU A 28 -7.66 -6.79 -7.59
C LEU A 28 -8.95 -7.49 -7.97
N GLU A 29 -9.71 -7.93 -6.98
CA GLU A 29 -10.97 -8.61 -7.22
C GLU A 29 -12.12 -7.62 -7.33
N LEU A 30 -11.84 -6.35 -7.06
CA LEU A 30 -12.84 -5.31 -7.13
C LEU A 30 -12.28 -4.05 -7.78
N SER A 31 -11.26 -4.22 -8.61
CA SER A 31 -10.63 -3.10 -9.30
C SER A 31 -10.55 -3.35 -10.80
N PRO A 32 -10.93 -2.34 -11.59
CA PRO A 32 -10.91 -2.42 -13.05
C PRO A 32 -9.50 -2.45 -13.61
N TYR A 33 -8.62 -1.65 -13.03
CA TYR A 33 -7.24 -1.58 -13.48
C TYR A 33 -6.35 -2.52 -12.67
N ASP A 34 -5.09 -2.63 -13.06
CA ASP A 34 -4.15 -3.51 -12.37
C ASP A 34 -3.23 -2.70 -11.45
N PHE A 35 -2.56 -3.39 -10.55
CA PHE A 35 -1.65 -2.74 -9.60
C PHE A 35 -0.87 -3.78 -8.80
N THR A 36 0.30 -3.38 -8.32
CA THR A 36 1.15 -4.27 -7.54
C THR A 36 1.82 -3.53 -6.39
N ILE A 37 2.01 -4.21 -5.27
CA ILE A 37 2.63 -3.61 -4.10
C ILE A 37 4.16 -3.72 -4.18
N VAL A 38 4.83 -2.64 -3.79
CA VAL A 38 6.30 -2.61 -3.82
C VAL A 38 6.88 -2.60 -2.41
N GLN A 39 6.38 -1.68 -1.58
CA GLN A 39 6.85 -1.56 -0.21
C GLN A 39 5.92 -2.30 0.75
N GLY A 40 6.50 -2.89 1.79
CA GLY A 40 5.71 -3.63 2.76
C GLY A 40 6.15 -3.37 4.18
N ILE A 41 5.28 -3.67 5.14
CA ILE A 41 5.58 -3.46 6.55
C ILE A 41 6.63 -4.44 7.04
N ARG A 42 7.38 -4.03 8.06
CA ARG A 42 8.43 -4.88 8.61
C ARG A 42 7.89 -5.75 9.75
N THR A 43 8.77 -6.50 10.39
CA THR A 43 8.37 -7.37 11.49
C THR A 43 9.42 -7.39 12.59
N VAL A 44 9.17 -8.16 13.63
CA VAL A 44 10.11 -8.26 14.76
C VAL A 44 11.51 -8.63 14.28
N ALA A 45 11.58 -9.36 13.17
CA ALA A 45 12.85 -9.78 12.60
C ALA A 45 13.70 -8.56 12.21
N GLN A 46 13.06 -7.40 12.11
CA GLN A 46 13.74 -6.18 11.74
C GLN A 46 13.79 -5.21 12.92
N SER A 47 12.72 -5.18 13.70
CA SER A 47 12.64 -4.30 14.86
C SER A 47 13.51 -4.81 16.00
N ALA A 48 13.43 -6.11 16.27
CA ALA A 48 14.21 -6.71 17.34
C ALA A 48 15.70 -6.41 17.17
N GLN A 49 16.21 -6.67 15.97
CA GLN A 49 17.62 -6.43 15.67
C GLN A 49 17.93 -4.93 15.68
N ASN A 50 16.99 -4.14 15.18
CA ASN A 50 17.16 -2.69 15.13
C ASN A 50 17.46 -2.13 16.52
N ILE A 51 16.60 -2.47 17.48
CA ILE A 51 16.77 -2.01 18.85
C ILE A 51 17.47 -3.05 19.70
N ALA A 52 16.75 -4.11 20.03
CA ALA A 52 17.31 -5.19 20.85
C ALA A 52 17.61 -4.71 22.26
N ASN A 53 16.61 -4.12 22.90
CA ASN A 53 16.76 -3.61 24.26
C ASN A 53 15.40 -3.41 24.93
N GLY A 54 14.40 -4.15 24.46
CA GLY A 54 13.07 -4.03 25.02
C GLY A 54 12.32 -2.83 24.48
N THR A 55 12.78 -2.30 23.35
CA THR A 55 12.14 -1.14 22.73
C THR A 55 11.64 -0.17 23.79
N SER A 56 12.51 0.17 24.75
CA SER A 56 12.15 1.09 25.81
C SER A 56 12.16 2.53 25.31
N PHE A 57 12.56 2.72 24.06
CA PHE A 57 12.62 4.04 23.46
C PHE A 57 11.24 4.50 23.01
N LEU A 58 10.24 3.65 23.22
CA LEU A 58 8.87 3.97 22.84
C LEU A 58 7.91 3.69 23.98
N LYS A 59 6.69 4.18 23.86
CA LYS A 59 5.66 3.99 24.88
C LYS A 59 4.33 3.60 24.25
N ASP A 60 3.95 4.31 23.19
CA ASP A 60 2.70 4.04 22.50
C ASP A 60 2.55 4.94 21.27
N PRO A 61 3.47 4.77 20.30
CA PRO A 61 3.46 5.57 19.06
C PRO A 61 2.30 5.20 18.15
N SER A 62 2.33 5.71 16.93
CA SER A 62 1.27 5.45 15.96
C SER A 62 1.83 4.76 14.72
N LYS A 63 1.01 4.68 13.68
CA LYS A 63 1.41 4.04 12.44
C LYS A 63 2.24 5.00 11.57
N SER A 64 3.34 5.49 12.14
CA SER A 64 4.21 6.41 11.43
C SER A 64 5.34 5.66 10.72
N LYS A 65 5.65 4.47 11.22
CA LYS A 65 6.69 3.65 10.63
C LYS A 65 6.15 2.31 10.17
N HIS A 66 6.71 1.77 9.08
CA HIS A 66 6.27 0.49 8.55
C HIS A 66 6.46 -0.62 9.57
N ILE A 67 7.29 -0.35 10.58
CA ILE A 67 7.55 -1.34 11.63
C ILE A 67 6.31 -1.60 12.47
N THR A 68 5.28 -0.78 12.26
CA THR A 68 4.03 -0.93 12.99
C THR A 68 3.22 -2.11 12.46
N GLY A 69 3.54 -2.54 11.25
CA GLY A 69 2.83 -3.67 10.66
C GLY A 69 1.68 -3.23 9.77
N ASP A 70 1.56 -1.92 9.58
CA ASP A 70 0.49 -1.38 8.74
C ASP A 70 1.04 -0.31 7.79
N ALA A 71 1.16 -0.66 6.52
CA ALA A 71 1.67 0.27 5.52
C ALA A 71 2.21 -0.48 4.30
N ILE A 72 1.82 -0.01 3.12
CA ILE A 72 2.26 -0.63 1.87
C ILE A 72 2.31 0.39 0.74
N ASP A 73 3.41 0.36 -0.02
CA ASP A 73 3.59 1.28 -1.14
C ASP A 73 3.46 0.55 -2.47
N PHE A 74 2.31 0.71 -3.12
CA PHE A 74 2.07 0.07 -4.41
C PHE A 74 2.15 1.08 -5.55
N ALA A 75 1.99 0.58 -6.77
CA ALA A 75 2.04 1.44 -7.95
C ALA A 75 1.08 0.94 -9.03
N PRO A 76 0.57 1.88 -9.85
CA PRO A 76 -0.36 1.57 -10.93
C PRO A 76 0.32 0.80 -12.07
N TYR A 77 0.07 -0.50 -12.14
CA TYR A 77 0.65 -1.34 -13.18
C TYR A 77 -0.31 -1.51 -14.34
N ILE A 78 0.21 -1.41 -15.56
CA ILE A 78 -0.60 -1.55 -16.76
C ILE A 78 0.12 -2.40 -17.81
N ASN A 79 -0.63 -3.31 -18.43
CA ASN A 79 -0.06 -4.19 -19.45
C ASN A 79 1.04 -5.08 -18.87
N GLY A 80 0.92 -5.39 -17.58
CA GLY A 80 1.91 -6.23 -16.93
C GLY A 80 3.19 -5.48 -16.61
N LYS A 81 3.14 -4.15 -16.74
CA LYS A 81 4.31 -3.32 -16.47
C LYS A 81 3.89 -2.00 -15.84
N ILE A 82 4.72 -1.49 -14.94
CA ILE A 82 4.44 -0.22 -14.27
C ILE A 82 4.11 0.87 -15.28
N ASP A 83 3.12 1.70 -14.94
CA ASP A 83 2.71 2.79 -15.81
C ASP A 83 2.75 4.13 -15.07
N TRP A 84 3.52 5.07 -15.59
CA TRP A 84 3.65 6.38 -14.98
C TRP A 84 3.19 7.48 -15.93
N ASN A 85 2.62 7.06 -17.07
CA ASN A 85 2.14 8.01 -18.06
C ASN A 85 0.63 8.16 -17.99
N ASP A 86 -0.07 7.04 -17.86
CA ASP A 86 -1.53 7.04 -17.76
C ASP A 86 -1.99 7.69 -16.47
N LEU A 87 -2.23 8.99 -16.51
CA LEU A 87 -2.68 9.74 -15.33
C LEU A 87 -4.08 9.29 -14.91
N GLU A 88 -4.96 9.13 -15.89
CA GLU A 88 -6.33 8.71 -15.62
C GLU A 88 -6.37 7.28 -15.10
N ALA A 89 -5.43 6.46 -15.56
CA ALA A 89 -5.34 5.07 -15.12
C ALA A 89 -5.17 4.96 -13.62
N PHE A 90 -4.54 5.99 -13.03
CA PHE A 90 -4.32 6.01 -11.59
C PHE A 90 -5.62 6.24 -10.83
N TRP A 91 -6.52 7.00 -11.44
CA TRP A 91 -7.81 7.30 -10.82
C TRP A 91 -8.56 6.02 -10.48
N ALA A 92 -8.50 5.04 -11.38
CA ALA A 92 -9.17 3.76 -11.16
C ALA A 92 -8.50 2.97 -10.04
N VAL A 93 -7.18 2.81 -10.14
CA VAL A 93 -6.43 2.08 -9.13
C VAL A 93 -6.58 2.70 -7.76
N LYS A 94 -6.99 3.97 -7.73
CA LYS A 94 -7.18 4.69 -6.48
C LYS A 94 -8.38 4.14 -5.72
N LYS A 95 -9.50 4.00 -6.41
CA LYS A 95 -10.72 3.48 -5.80
C LYS A 95 -10.60 1.98 -5.55
N ALA A 96 -9.63 1.35 -6.19
CA ALA A 96 -9.41 -0.08 -6.04
C ALA A 96 -9.38 -0.47 -4.56
N PHE A 97 -8.59 0.26 -3.77
CA PHE A 97 -8.47 0.00 -2.35
C PHE A 97 -9.73 0.42 -1.60
N GLU A 98 -10.18 1.65 -1.85
CA GLU A 98 -11.37 2.18 -1.21
C GLU A 98 -12.55 1.22 -1.36
N GLN A 99 -12.84 0.86 -2.60
CA GLN A 99 -13.94 -0.06 -2.89
C GLN A 99 -13.85 -1.31 -2.02
N ALA A 100 -12.63 -1.69 -1.68
CA ALA A 100 -12.40 -2.87 -0.86
C ALA A 100 -12.95 -2.68 0.54
N GLY A 101 -12.56 -1.58 1.18
CA GLY A 101 -13.02 -1.30 2.54
C GLY A 101 -14.54 -1.23 2.62
N LYS A 102 -15.18 -0.93 1.50
CA LYS A 102 -16.63 -0.84 1.45
C LYS A 102 -17.28 -2.22 1.57
N GLU A 103 -16.95 -3.11 0.64
CA GLU A 103 -17.50 -4.46 0.66
C GLU A 103 -16.99 -5.24 1.86
N LEU A 104 -15.72 -5.04 2.20
CA LEU A 104 -15.10 -5.72 3.33
C LEU A 104 -15.65 -5.19 4.65
N GLY A 105 -15.94 -3.89 4.68
CA GLY A 105 -16.48 -3.28 5.88
C GLY A 105 -15.42 -2.56 6.68
N ILE A 106 -14.15 -2.77 6.32
CA ILE A 106 -13.04 -2.13 7.01
C ILE A 106 -12.74 -0.76 6.42
N LYS A 107 -12.04 0.07 7.19
CA LYS A 107 -11.69 1.41 6.74
C LYS A 107 -10.19 1.53 6.52
N LEU A 108 -9.80 2.15 5.41
CA LEU A 108 -8.39 2.33 5.08
C LEU A 108 -8.18 3.64 4.31
N ARG A 109 -6.93 4.11 4.30
CA ARG A 109 -6.59 5.33 3.58
C ARG A 109 -5.17 5.27 3.04
N PHE A 110 -4.97 5.89 1.88
CA PHE A 110 -3.64 5.91 1.25
C PHE A 110 -3.27 7.32 0.80
N GLY A 111 -1.97 7.57 0.68
CA GLY A 111 -1.50 8.87 0.26
C GLY A 111 -1.04 8.89 -1.18
N ALA A 112 -1.75 9.61 -2.03
CA ALA A 112 -1.40 9.71 -3.44
C ALA A 112 -2.45 10.51 -4.21
N ASP A 113 -3.04 11.49 -3.54
CA ASP A 113 -4.05 12.34 -4.18
C ASP A 113 -4.02 13.75 -3.60
N TRP A 114 -4.30 14.73 -4.45
CA TRP A 114 -4.29 16.13 -4.03
C TRP A 114 -5.23 16.34 -2.84
N ASN A 115 -6.16 15.41 -2.66
CA ASN A 115 -7.11 15.50 -1.56
C ASN A 115 -6.41 15.89 -0.25
N ALA A 116 -5.39 15.12 0.10
CA ALA A 116 -4.64 15.38 1.33
C ALA A 116 -3.13 15.39 1.06
N SER A 117 -2.68 14.51 0.17
CA SER A 117 -1.28 14.41 -0.18
C SER A 117 -0.75 15.76 -0.69
N GLY A 118 -1.67 16.60 -1.15
CA GLY A 118 -1.28 17.91 -1.66
C GLY A 118 -1.46 18.01 -3.16
N ASP A 119 -1.04 16.98 -3.88
CA ASP A 119 -1.15 16.95 -5.33
C ASP A 119 -0.39 15.76 -5.91
N TYR A 120 -0.40 15.64 -7.23
CA TYR A 120 0.28 14.55 -7.92
C TYR A 120 0.87 15.01 -9.24
N HIS A 121 1.19 16.31 -9.32
CA HIS A 121 1.76 16.88 -10.52
C HIS A 121 3.20 16.40 -10.72
N ASP A 122 3.39 15.54 -11.71
CA ASP A 122 4.71 15.00 -12.01
C ASP A 122 5.17 14.04 -10.91
N GLU A 123 4.31 13.84 -9.91
CA GLU A 123 4.63 12.95 -8.80
C GLU A 123 4.95 11.55 -9.30
N ILE A 124 4.12 11.04 -10.20
CA ILE A 124 4.31 9.71 -10.76
C ILE A 124 5.64 9.61 -11.52
N LYS A 125 6.10 10.75 -12.04
CA LYS A 125 7.34 10.80 -12.79
C LYS A 125 8.52 10.42 -11.89
N ARG A 126 8.30 10.43 -10.59
CA ARG A 126 9.33 10.10 -9.62
C ARG A 126 9.72 8.63 -9.73
N GLY A 127 8.79 7.81 -10.21
CA GLY A 127 9.04 6.39 -10.35
C GLY A 127 8.47 5.57 -9.21
N THR A 128 7.94 6.26 -8.21
CA THR A 128 7.36 5.59 -7.04
C THR A 128 5.95 6.12 -6.76
N TYR A 129 5.38 6.83 -7.73
CA TYR A 129 4.04 7.38 -7.57
C TYR A 129 4.02 8.46 -6.49
N ASP A 130 5.20 8.86 -6.04
CA ASP A 130 5.33 9.88 -5.00
C ASP A 130 4.28 9.68 -3.92
N GLY A 131 4.07 8.43 -3.54
CA GLY A 131 3.09 8.13 -2.51
C GLY A 131 2.62 6.68 -2.56
N GLY A 132 1.37 6.48 -3.00
CA GLY A 132 0.83 5.14 -3.09
C GLY A 132 0.98 4.36 -1.79
N HIS A 133 1.02 5.09 -0.67
CA HIS A 133 1.16 4.46 0.64
C HIS A 133 -0.18 4.34 1.33
N VAL A 134 -0.65 3.11 1.52
CA VAL A 134 -1.93 2.88 2.18
C VAL A 134 -1.72 2.48 3.64
N GLU A 135 -2.80 2.55 4.42
CA GLU A 135 -2.74 2.20 5.84
C GLU A 135 -4.13 1.87 6.37
N LEU A 136 -4.25 0.73 7.03
CA LEU A 136 -5.53 0.31 7.59
C LEU A 136 -5.94 1.19 8.76
N VAL A 137 -7.23 1.18 9.08
CA VAL A 137 -7.75 2.00 10.17
C VAL A 137 -7.52 1.32 11.52
ZN ZN B . 6.12 4.41 2.26
CA CA C . -4.30 11.44 0.76
N MET A 1 -11.36 -14.91 -12.74
CA MET A 1 -9.98 -14.60 -13.08
C MET A 1 -9.62 -13.18 -12.64
N SER A 2 -8.36 -12.98 -12.29
CA SER A 2 -7.89 -11.67 -11.85
C SER A 2 -6.37 -11.55 -12.00
N PHE A 3 -5.87 -10.31 -12.00
CA PHE A 3 -4.45 -10.07 -12.14
C PHE A 3 -3.68 -10.64 -10.97
N LYS A 4 -2.39 -10.29 -10.87
CA LYS A 4 -1.55 -10.77 -9.78
C LYS A 4 -0.40 -9.81 -9.53
N PHE A 5 -0.01 -9.68 -8.26
CA PHE A 5 1.09 -8.80 -7.88
C PHE A 5 2.43 -9.42 -8.21
N GLY A 6 2.79 -10.47 -7.49
CA GLY A 6 4.05 -11.14 -7.72
C GLY A 6 4.55 -11.89 -6.49
N LYS A 7 5.58 -12.71 -6.68
CA LYS A 7 6.15 -13.48 -5.59
C LYS A 7 6.85 -12.57 -4.58
N ASN A 8 7.56 -11.58 -5.09
CA ASN A 8 8.28 -10.63 -4.23
C ASN A 8 7.36 -9.51 -3.77
N SER A 9 6.31 -9.25 -4.55
CA SER A 9 5.35 -8.20 -4.21
C SER A 9 4.30 -8.72 -3.23
N GLU A 10 3.64 -9.81 -3.60
CA GLU A 10 2.62 -10.39 -2.75
C GLU A 10 3.17 -10.69 -1.36
N LYS A 11 4.42 -11.13 -1.31
CA LYS A 11 5.07 -11.45 -0.04
C LYS A 11 5.08 -10.24 0.89
N GLN A 12 5.07 -9.05 0.30
CA GLN A 12 5.08 -7.82 1.07
C GLN A 12 3.76 -7.63 1.81
N LEU A 13 2.65 -7.69 1.07
CA LEU A 13 1.33 -7.53 1.66
C LEU A 13 0.89 -8.80 2.38
N ALA A 14 1.47 -9.93 1.97
CA ALA A 14 1.13 -11.21 2.57
C ALA A 14 1.79 -11.37 3.94
N THR A 15 2.85 -10.58 4.18
CA THR A 15 3.57 -10.63 5.44
C THR A 15 2.85 -9.82 6.51
N VAL A 16 1.73 -9.21 6.14
CA VAL A 16 0.95 -8.39 7.08
C VAL A 16 -0.08 -9.24 7.81
N LYS A 17 -0.21 -8.99 9.11
CA LYS A 17 -1.16 -9.74 9.94
C LYS A 17 -2.50 -9.00 10.02
N PRO A 18 -2.48 -7.69 9.72
CA PRO A 18 -3.68 -6.85 9.74
C PRO A 18 -4.65 -7.18 8.62
N GLU A 19 -5.76 -6.45 8.56
CA GLU A 19 -6.76 -6.67 7.53
C GLU A 19 -6.29 -6.14 6.17
N LEU A 20 -5.22 -5.34 6.20
CA LEU A 20 -4.68 -4.77 4.99
C LEU A 20 -4.51 -5.82 3.90
N GLN A 21 -4.11 -7.02 4.31
CA GLN A 21 -3.92 -8.13 3.38
C GLN A 21 -5.18 -8.35 2.54
N LYS A 22 -6.33 -8.01 3.10
CA LYS A 22 -7.59 -8.17 2.40
C LYS A 22 -7.79 -7.07 1.36
N VAL A 23 -7.83 -5.82 1.81
CA VAL A 23 -8.01 -4.68 0.92
C VAL A 23 -6.93 -4.67 -0.17
N ALA A 24 -5.77 -5.22 0.16
CA ALA A 24 -4.66 -5.27 -0.79
C ALA A 24 -4.95 -6.26 -1.92
N ARG A 25 -5.22 -7.51 -1.54
CA ARG A 25 -5.50 -8.55 -2.51
C ARG A 25 -6.90 -8.38 -3.10
N ARG A 26 -7.90 -8.33 -2.22
CA ARG A 26 -9.29 -8.16 -2.64
C ARG A 26 -9.42 -7.01 -3.64
N ALA A 27 -8.54 -6.03 -3.52
CA ALA A 27 -8.55 -4.87 -4.40
C ALA A 27 -8.57 -5.30 -5.87
N LEU A 28 -7.64 -6.17 -6.23
CA LEU A 28 -7.55 -6.67 -7.61
C LEU A 28 -8.82 -7.42 -8.00
N GLU A 29 -9.55 -7.90 -7.00
CA GLU A 29 -10.79 -8.64 -7.24
C GLU A 29 -11.97 -7.69 -7.37
N LEU A 30 -11.73 -6.41 -7.08
CA LEU A 30 -12.78 -5.40 -7.16
C LEU A 30 -12.25 -4.10 -7.75
N SER A 31 -11.20 -4.22 -8.56
CA SER A 31 -10.59 -3.05 -9.19
C SER A 31 -10.57 -3.19 -10.71
N PRO A 32 -10.97 -2.12 -11.40
CA PRO A 32 -11.03 -2.10 -12.87
C PRO A 32 -9.62 -2.11 -13.49
N TYR A 33 -8.69 -1.43 -12.84
CA TYR A 33 -7.33 -1.35 -13.33
C TYR A 33 -6.42 -2.33 -12.59
N ASP A 34 -5.17 -2.42 -13.02
CA ASP A 34 -4.21 -3.32 -12.39
C ASP A 34 -3.26 -2.54 -11.48
N PHE A 35 -2.67 -3.25 -10.51
CA PHE A 35 -1.75 -2.63 -9.57
C PHE A 35 -0.97 -3.68 -8.80
N THR A 36 0.20 -3.30 -8.31
CA THR A 36 1.05 -4.23 -7.54
C THR A 36 1.74 -3.51 -6.39
N ILE A 37 1.89 -4.20 -5.27
CA ILE A 37 2.54 -3.63 -4.10
C ILE A 37 4.05 -3.75 -4.20
N VAL A 38 4.75 -2.67 -3.84
CA VAL A 38 6.21 -2.66 -3.88
C VAL A 38 6.80 -2.67 -2.48
N GLN A 39 6.38 -1.71 -1.66
CA GLN A 39 6.87 -1.62 -0.29
C GLN A 39 5.95 -2.35 0.68
N GLY A 40 6.53 -2.94 1.71
CA GLY A 40 5.74 -3.67 2.69
C GLY A 40 6.17 -3.37 4.12
N ILE A 41 5.31 -3.70 5.07
CA ILE A 41 5.61 -3.47 6.48
C ILE A 41 6.70 -4.41 6.98
N ARG A 42 7.43 -3.97 7.99
CA ARG A 42 8.51 -4.77 8.55
C ARG A 42 7.99 -5.65 9.69
N THR A 43 8.90 -6.35 10.36
CA THR A 43 8.54 -7.22 11.47
C THR A 43 9.59 -7.17 12.57
N VAL A 44 9.38 -7.96 13.62
CA VAL A 44 10.31 -8.01 14.74
C VAL A 44 11.73 -8.30 14.27
N ALA A 45 11.84 -9.05 13.17
CA ALA A 45 13.14 -9.40 12.62
C ALA A 45 13.91 -8.15 12.20
N GLN A 46 13.20 -7.03 12.08
CA GLN A 46 13.81 -5.77 11.68
C GLN A 46 13.88 -4.80 12.85
N SER A 47 12.82 -4.78 13.65
CA SER A 47 12.76 -3.89 14.80
C SER A 47 13.69 -4.37 15.91
N ALA A 48 13.65 -5.67 16.20
CA ALA A 48 14.49 -6.26 17.23
C ALA A 48 15.96 -6.00 16.95
N GLN A 49 16.40 -6.35 15.74
CA GLN A 49 17.79 -6.16 15.35
C GLN A 49 18.16 -4.67 15.37
N ASN A 50 17.21 -3.83 15.02
CA ASN A 50 17.43 -2.38 14.99
C ASN A 50 17.83 -1.88 16.37
N ILE A 51 16.93 -2.03 17.33
CA ILE A 51 17.18 -1.59 18.70
C ILE A 51 17.65 -2.75 19.58
N ALA A 52 16.77 -3.72 19.79
CA ALA A 52 17.10 -4.89 20.61
C ALA A 52 17.19 -4.51 22.08
N ASN A 53 16.09 -3.98 22.62
CA ASN A 53 16.06 -3.59 24.02
C ASN A 53 14.62 -3.34 24.47
N GLY A 54 13.67 -4.02 23.82
CA GLY A 54 12.28 -3.87 24.17
C GLY A 54 11.71 -2.55 23.70
N THR A 55 12.39 -1.91 22.76
CA THR A 55 11.94 -0.63 22.21
C THR A 55 11.28 0.22 23.30
N SER A 56 12.07 0.71 24.24
CA SER A 56 11.56 1.53 25.33
C SER A 56 11.54 3.00 24.93
N PHE A 57 11.50 3.25 23.62
CA PHE A 57 11.46 4.62 23.11
C PHE A 57 10.05 5.00 22.69
N LEU A 58 9.13 4.05 22.77
CA LEU A 58 7.74 4.29 22.41
C LEU A 58 6.79 3.72 23.47
N LYS A 59 5.57 4.25 23.50
CA LYS A 59 4.57 3.79 24.45
C LYS A 59 3.35 3.24 23.73
N ASP A 60 2.88 3.97 22.72
CA ASP A 60 1.72 3.55 21.95
C ASP A 60 1.46 4.52 20.80
N PRO A 61 2.44 4.64 19.89
CA PRO A 61 2.34 5.52 18.73
C PRO A 61 1.32 5.02 17.71
N SER A 62 1.32 5.65 16.53
CA SER A 62 0.39 5.28 15.47
C SER A 62 1.07 4.34 14.47
N LYS A 63 0.42 4.14 13.32
CA LYS A 63 0.96 3.28 12.28
C LYS A 63 1.78 4.09 11.28
N SER A 64 2.53 5.06 11.78
CA SER A 64 3.35 5.90 10.92
C SER A 64 4.43 5.08 10.22
N LYS A 65 5.36 4.55 11.01
CA LYS A 65 6.45 3.75 10.48
C LYS A 65 5.94 2.38 10.04
N HIS A 66 6.54 1.84 8.98
CA HIS A 66 6.15 0.54 8.46
C HIS A 66 6.36 -0.56 9.51
N ILE A 67 7.16 -0.25 10.52
CA ILE A 67 7.45 -1.20 11.59
C ILE A 67 6.20 -1.47 12.43
N THR A 68 5.15 -0.71 12.18
CA THR A 68 3.90 -0.87 12.91
C THR A 68 3.11 -2.07 12.41
N GLY A 69 3.46 -2.53 11.21
CA GLY A 69 2.79 -3.68 10.62
C GLY A 69 1.69 -3.28 9.66
N ASP A 70 1.41 -1.98 9.58
CA ASP A 70 0.38 -1.47 8.69
C ASP A 70 0.94 -0.40 7.76
N ALA A 71 1.11 -0.76 6.49
CA ALA A 71 1.63 0.17 5.50
C ALA A 71 2.15 -0.57 4.28
N ILE A 72 1.76 -0.09 3.10
CA ILE A 72 2.19 -0.70 1.85
C ILE A 72 2.26 0.31 0.72
N ASP A 73 3.37 0.32 0.00
CA ASP A 73 3.56 1.25 -1.11
C ASP A 73 3.43 0.53 -2.45
N PHE A 74 2.28 0.71 -3.10
CA PHE A 74 2.03 0.07 -4.39
C PHE A 74 2.11 1.10 -5.52
N ALA A 75 1.95 0.63 -6.75
CA ALA A 75 2.01 1.50 -7.92
C ALA A 75 1.05 1.01 -9.01
N PRO A 76 0.56 1.96 -9.82
CA PRO A 76 -0.37 1.66 -10.92
C PRO A 76 0.31 0.89 -12.05
N TYR A 77 0.02 -0.40 -12.13
CA TYR A 77 0.59 -1.26 -13.16
C TYR A 77 -0.37 -1.41 -14.34
N ILE A 78 0.15 -1.24 -15.55
CA ILE A 78 -0.65 -1.37 -16.76
C ILE A 78 0.05 -2.21 -17.81
N ASN A 79 -0.70 -3.11 -18.45
CA ASN A 79 -0.15 -3.97 -19.48
C ASN A 79 0.88 -4.94 -18.88
N GLY A 80 0.74 -5.23 -17.60
CA GLY A 80 1.66 -6.13 -16.94
C GLY A 80 2.93 -5.43 -16.48
N LYS A 81 3.04 -4.15 -16.81
CA LYS A 81 4.21 -3.36 -16.44
C LYS A 81 3.80 -2.03 -15.81
N ILE A 82 4.66 -1.49 -14.96
CA ILE A 82 4.38 -0.23 -14.29
C ILE A 82 4.02 0.86 -15.30
N ASP A 83 3.05 1.69 -14.96
CA ASP A 83 2.61 2.77 -15.83
C ASP A 83 2.57 4.09 -15.07
N TRP A 84 3.29 5.09 -15.59
CA TRP A 84 3.34 6.40 -14.96
C TRP A 84 2.81 7.47 -15.91
N ASN A 85 2.26 7.05 -17.04
CA ASN A 85 1.72 7.97 -18.03
C ASN A 85 0.22 8.11 -17.89
N ASP A 86 -0.46 6.97 -17.72
CA ASP A 86 -1.91 6.97 -17.56
C ASP A 86 -2.33 7.67 -16.27
N LEU A 87 -2.55 8.97 -16.36
CA LEU A 87 -2.94 9.76 -15.19
C LEU A 87 -4.33 9.34 -14.71
N GLU A 88 -5.19 8.96 -15.65
CA GLU A 88 -6.55 8.54 -15.31
C GLU A 88 -6.55 7.13 -14.72
N ALA A 89 -5.62 6.30 -15.18
CA ALA A 89 -5.51 4.93 -14.69
C ALA A 89 -5.24 4.90 -13.19
N PHE A 90 -4.60 5.95 -12.68
CA PHE A 90 -4.29 6.04 -11.26
C PHE A 90 -5.56 6.31 -10.44
N TRP A 91 -6.48 7.04 -11.03
CA TRP A 91 -7.73 7.37 -10.35
C TRP A 91 -8.46 6.11 -9.91
N ALA A 92 -8.65 5.18 -10.85
CA ALA A 92 -9.33 3.93 -10.56
C ALA A 92 -8.55 3.10 -9.54
N VAL A 93 -7.27 2.89 -9.82
CA VAL A 93 -6.42 2.11 -8.93
C VAL A 93 -6.39 2.72 -7.53
N LYS A 94 -6.73 4.00 -7.44
CA LYS A 94 -6.73 4.71 -6.16
C LYS A 94 -7.92 4.26 -5.32
N LYS A 95 -9.11 4.32 -5.90
CA LYS A 95 -10.33 3.93 -5.20
C LYS A 95 -10.40 2.41 -5.04
N ALA A 96 -9.59 1.70 -5.81
CA ALA A 96 -9.55 0.25 -5.76
C ALA A 96 -9.40 -0.24 -4.32
N PHE A 97 -8.57 0.44 -3.55
CA PHE A 97 -8.35 0.08 -2.15
C PHE A 97 -9.55 0.44 -1.29
N GLU A 98 -9.90 1.72 -1.29
CA GLU A 98 -11.03 2.20 -0.51
C GLU A 98 -12.32 1.51 -0.92
N GLN A 99 -12.31 0.91 -2.11
CA GLN A 99 -13.47 0.21 -2.63
C GLN A 99 -13.58 -1.19 -2.03
N ALA A 100 -12.43 -1.78 -1.71
CA ALA A 100 -12.40 -3.12 -1.12
C ALA A 100 -12.94 -3.11 0.30
N GLY A 101 -12.49 -2.13 1.09
CA GLY A 101 -12.93 -2.03 2.46
C GLY A 101 -14.43 -2.02 2.60
N LYS A 102 -15.12 -1.61 1.52
CA LYS A 102 -16.58 -1.56 1.51
C LYS A 102 -17.17 -2.96 1.57
N GLU A 103 -16.67 -3.85 0.73
CA GLU A 103 -17.16 -5.22 0.68
C GLU A 103 -16.58 -6.04 1.84
N LEU A 104 -15.38 -5.67 2.28
CA LEU A 104 -14.72 -6.37 3.38
C LEU A 104 -15.28 -5.91 4.72
N GLY A 105 -15.82 -4.70 4.74
CA GLY A 105 -16.38 -4.17 5.97
C GLY A 105 -15.36 -3.40 6.79
N ILE A 106 -14.11 -3.42 6.34
CA ILE A 106 -13.04 -2.71 7.03
C ILE A 106 -12.78 -1.35 6.39
N LYS A 107 -12.03 -0.51 7.10
CA LYS A 107 -11.71 0.83 6.60
C LYS A 107 -10.19 1.00 6.47
N LEU A 108 -9.77 1.79 5.49
CA LEU A 108 -8.35 2.04 5.26
C LEU A 108 -8.14 3.34 4.49
N ARG A 109 -6.99 3.96 4.71
CA ARG A 109 -6.67 5.22 4.03
C ARG A 109 -5.28 5.16 3.42
N PHE A 110 -5.11 5.82 2.28
CA PHE A 110 -3.83 5.85 1.59
C PHE A 110 -3.43 7.28 1.21
N GLY A 111 -2.14 7.51 1.04
CA GLY A 111 -1.66 8.82 0.68
C GLY A 111 -1.20 8.90 -0.76
N ALA A 112 -1.80 9.82 -1.53
CA ALA A 112 -1.44 9.99 -2.93
C ALA A 112 -2.31 11.04 -3.59
N ASP A 113 -2.68 12.07 -2.83
CA ASP A 113 -3.51 13.15 -3.34
C ASP A 113 -2.89 14.50 -3.03
N TRP A 114 -3.07 15.45 -3.94
CA TRP A 114 -2.53 16.80 -3.77
C TRP A 114 -2.99 17.41 -2.45
N ASN A 115 -4.06 16.85 -1.89
CA ASN A 115 -4.59 17.34 -0.63
C ASN A 115 -3.48 17.54 0.39
N ALA A 116 -2.69 16.51 0.62
CA ALA A 116 -1.59 16.58 1.57
C ALA A 116 -0.29 16.09 0.93
N SER A 117 -0.40 15.12 0.04
CA SER A 117 0.77 14.57 -0.64
C SER A 117 1.43 15.62 -1.52
N GLY A 118 0.73 16.74 -1.73
CA GLY A 118 1.27 17.80 -2.57
C GLY A 118 0.78 17.71 -4.00
N ASP A 119 0.79 16.50 -4.55
CA ASP A 119 0.35 16.28 -5.92
C ASP A 119 0.61 14.84 -6.35
N TYR A 120 0.12 14.48 -7.53
CA TYR A 120 0.29 13.13 -8.06
C TYR A 120 0.22 13.13 -9.59
N HIS A 121 0.61 14.24 -10.19
CA HIS A 121 0.59 14.36 -11.65
C HIS A 121 1.99 14.17 -12.23
N ASP A 122 2.89 15.09 -11.93
CA ASP A 122 4.26 15.03 -12.43
C ASP A 122 5.15 14.27 -11.45
N GLU A 123 4.89 14.45 -10.16
CA GLU A 123 5.66 13.79 -9.12
C GLU A 123 5.67 12.28 -9.32
N ILE A 124 4.51 11.73 -9.68
CA ILE A 124 4.37 10.30 -9.90
C ILE A 124 5.39 9.80 -10.92
N LYS A 125 5.75 10.68 -11.86
CA LYS A 125 6.72 10.33 -12.90
C LYS A 125 8.06 9.94 -12.28
N ARG A 126 8.27 10.33 -11.03
CA ARG A 126 9.50 10.02 -10.33
C ARG A 126 9.63 8.52 -10.09
N GLY A 127 8.51 7.81 -10.17
CA GLY A 127 8.51 6.37 -9.96
C GLY A 127 8.03 5.99 -8.57
N THR A 128 7.76 6.99 -7.75
CA THR A 128 7.28 6.75 -6.38
C THR A 128 5.79 7.02 -6.26
N TYR A 129 5.20 7.57 -7.32
CA TYR A 129 3.78 7.88 -7.33
C TYR A 129 3.44 8.96 -6.30
N ASP A 130 4.47 9.58 -5.76
CA ASP A 130 4.29 10.64 -4.77
C ASP A 130 3.32 10.20 -3.68
N GLY A 131 3.29 8.90 -3.41
CA GLY A 131 2.40 8.37 -2.39
C GLY A 131 2.19 6.88 -2.52
N GLY A 132 0.96 6.47 -2.84
CA GLY A 132 0.65 5.06 -2.97
C GLY A 132 0.84 4.30 -1.68
N HIS A 133 0.86 5.02 -0.57
CA HIS A 133 1.03 4.39 0.75
C HIS A 133 -0.30 4.26 1.46
N VAL A 134 -0.76 3.02 1.62
CA VAL A 134 -2.04 2.76 2.30
C VAL A 134 -1.81 2.35 3.75
N GLU A 135 -2.88 2.37 4.54
CA GLU A 135 -2.81 2.01 5.94
C GLU A 135 -4.19 1.66 6.49
N LEU A 136 -4.32 0.47 7.04
CA LEU A 136 -5.59 0.02 7.61
C LEU A 136 -6.00 0.90 8.79
N VAL A 137 -7.24 0.73 9.24
CA VAL A 137 -7.76 1.51 10.37
C VAL A 137 -6.73 1.58 11.50
ZN ZN B . 5.94 4.69 2.54
CA CA C . -2.54 12.64 1.51
N MET A 1 -10.02 -15.27 -11.77
CA MET A 1 -10.49 -14.33 -12.78
C MET A 1 -10.05 -12.90 -12.44
N SER A 2 -8.80 -12.76 -12.02
CA SER A 2 -8.25 -11.46 -11.66
C SER A 2 -6.73 -11.49 -11.72
N PHE A 3 -6.13 -10.30 -11.78
CA PHE A 3 -4.68 -10.17 -11.84
C PHE A 3 -4.04 -10.70 -10.57
N LYS A 4 -2.74 -10.44 -10.41
CA LYS A 4 -2.01 -10.89 -9.23
C LYS A 4 -0.67 -10.16 -9.10
N PHE A 5 -0.13 -10.13 -7.90
CA PHE A 5 1.15 -9.47 -7.65
C PHE A 5 2.31 -10.46 -7.74
N GLY A 6 3.50 -9.94 -7.97
CA GLY A 6 4.68 -10.79 -8.08
C GLY A 6 4.95 -11.55 -6.80
N LYS A 7 5.91 -12.47 -6.87
CA LYS A 7 6.27 -13.28 -5.71
C LYS A 7 6.95 -12.42 -4.64
N ASN A 8 7.79 -11.49 -5.08
CA ASN A 8 8.51 -10.61 -4.16
C ASN A 8 7.61 -9.46 -3.71
N SER A 9 6.62 -9.13 -4.54
CA SER A 9 5.69 -8.05 -4.22
C SER A 9 4.57 -8.53 -3.32
N GLU A 10 3.91 -9.62 -3.73
CA GLU A 10 2.81 -10.18 -2.95
C GLU A 10 3.28 -10.53 -1.54
N LYS A 11 4.50 -11.05 -1.44
CA LYS A 11 5.05 -11.42 -0.15
C LYS A 11 5.07 -10.24 0.82
N GLN A 12 5.13 -9.03 0.26
CA GLN A 12 5.14 -7.83 1.06
C GLN A 12 3.81 -7.64 1.80
N LEU A 13 2.72 -7.69 1.04
CA LEU A 13 1.39 -7.52 1.62
C LEU A 13 0.93 -8.81 2.30
N ALA A 14 1.49 -9.93 1.87
CA ALA A 14 1.14 -11.23 2.43
C ALA A 14 1.80 -11.43 3.79
N THR A 15 2.84 -10.64 4.07
CA THR A 15 3.56 -10.74 5.33
C THR A 15 2.83 -9.96 6.42
N VAL A 16 1.81 -9.21 6.04
CA VAL A 16 1.03 -8.42 6.99
C VAL A 16 0.00 -9.29 7.71
N LYS A 17 -0.14 -9.06 9.02
CA LYS A 17 -1.09 -9.82 9.82
C LYS A 17 -2.43 -9.10 9.89
N PRO A 18 -2.41 -7.79 9.63
CA PRO A 18 -3.62 -6.95 9.67
C PRO A 18 -4.57 -7.25 8.52
N GLU A 19 -5.68 -6.52 8.46
CA GLU A 19 -6.66 -6.72 7.40
C GLU A 19 -6.16 -6.15 6.08
N LEU A 20 -5.11 -5.34 6.15
CA LEU A 20 -4.53 -4.73 4.96
C LEU A 20 -4.32 -5.77 3.86
N GLN A 21 -4.03 -7.00 4.26
CA GLN A 21 -3.80 -8.08 3.32
C GLN A 21 -5.04 -8.33 2.46
N LYS A 22 -6.21 -8.03 3.03
CA LYS A 22 -7.47 -8.22 2.31
C LYS A 22 -7.68 -7.11 1.29
N VAL A 23 -7.80 -5.87 1.79
CA VAL A 23 -8.01 -4.71 0.93
C VAL A 23 -6.97 -4.67 -0.19
N ALA A 24 -5.78 -5.20 0.09
CA ALA A 24 -4.70 -5.22 -0.89
C ALA A 24 -4.98 -6.23 -1.99
N ARG A 25 -5.28 -7.46 -1.59
CA ARG A 25 -5.58 -8.52 -2.55
C ARG A 25 -6.96 -8.34 -3.17
N ARG A 26 -7.98 -8.27 -2.32
CA ARG A 26 -9.35 -8.09 -2.79
C ARG A 26 -9.44 -6.92 -3.77
N ALA A 27 -8.56 -5.95 -3.60
CA ALA A 27 -8.54 -4.78 -4.47
C ALA A 27 -8.54 -5.19 -5.95
N LEU A 28 -7.63 -6.09 -6.30
CA LEU A 28 -7.52 -6.57 -7.67
C LEU A 28 -8.79 -7.31 -8.10
N GLU A 29 -9.54 -7.80 -7.11
CA GLU A 29 -10.77 -8.53 -7.38
C GLU A 29 -11.97 -7.58 -7.40
N LEU A 30 -11.72 -6.32 -7.09
CA LEU A 30 -12.78 -5.31 -7.08
C LEU A 30 -12.28 -3.99 -7.68
N SER A 31 -11.28 -4.08 -8.54
CA SER A 31 -10.72 -2.90 -9.19
C SER A 31 -10.65 -3.08 -10.70
N PRO A 32 -10.99 -2.02 -11.44
CA PRO A 32 -10.98 -2.03 -12.90
C PRO A 32 -9.56 -2.10 -13.47
N TYR A 33 -8.67 -1.27 -12.93
CA TYR A 33 -7.29 -1.24 -13.38
C TYR A 33 -6.43 -2.24 -12.60
N ASP A 34 -5.18 -2.37 -13.00
CA ASP A 34 -4.26 -3.30 -12.35
C ASP A 34 -3.25 -2.55 -11.49
N PHE A 35 -2.74 -3.20 -10.46
CA PHE A 35 -1.77 -2.59 -9.56
C PHE A 35 -1.02 -3.66 -8.77
N THR A 36 0.17 -3.29 -8.28
CA THR A 36 1.00 -4.22 -7.51
C THR A 36 1.71 -3.50 -6.37
N ILE A 37 1.86 -4.20 -5.25
CA ILE A 37 2.51 -3.63 -4.08
C ILE A 37 4.03 -3.75 -4.20
N VAL A 38 4.75 -2.70 -3.80
CA VAL A 38 6.20 -2.68 -3.86
C VAL A 38 6.80 -2.70 -2.46
N GLN A 39 6.39 -1.74 -1.64
CA GLN A 39 6.89 -1.63 -0.27
C GLN A 39 5.98 -2.38 0.70
N GLY A 40 6.57 -3.00 1.72
CA GLY A 40 5.80 -3.73 2.70
C GLY A 40 6.23 -3.43 4.12
N ILE A 41 5.37 -3.77 5.09
CA ILE A 41 5.68 -3.53 6.49
C ILE A 41 6.77 -4.46 6.99
N ARG A 42 7.50 -4.03 8.01
CA ARG A 42 8.57 -4.84 8.57
C ARG A 42 8.05 -5.73 9.70
N THR A 43 8.96 -6.46 10.34
CA THR A 43 8.59 -7.34 11.44
C THR A 43 9.63 -7.30 12.56
N VAL A 44 9.41 -8.10 13.59
CA VAL A 44 10.33 -8.15 14.72
C VAL A 44 11.76 -8.43 14.26
N ALA A 45 11.89 -9.13 13.14
CA ALA A 45 13.20 -9.45 12.60
C ALA A 45 13.98 -8.19 12.25
N GLN A 46 13.27 -7.07 12.15
CA GLN A 46 13.89 -5.79 11.82
C GLN A 46 13.83 -4.83 13.00
N SER A 47 12.74 -4.92 13.77
CA SER A 47 12.56 -4.06 14.93
C SER A 47 13.43 -4.50 16.09
N ALA A 48 13.48 -5.81 16.33
CA ALA A 48 14.28 -6.38 17.40
C ALA A 48 15.75 -5.98 17.26
N GLN A 49 16.29 -6.14 16.05
CA GLN A 49 17.68 -5.80 15.78
C GLN A 49 17.88 -4.30 15.81
N ASN A 50 16.89 -3.55 15.34
CA ASN A 50 16.97 -2.09 15.32
C ASN A 50 17.19 -1.54 16.72
N ILE A 51 16.34 -1.93 17.65
CA ILE A 51 16.44 -1.48 19.03
C ILE A 51 17.18 -2.50 19.89
N ALA A 52 16.54 -3.65 20.11
CA ALA A 52 17.14 -4.72 20.92
C ALA A 52 17.27 -4.29 22.38
N ASN A 53 16.17 -3.78 22.94
CA ASN A 53 16.16 -3.34 24.31
C ASN A 53 14.73 -3.27 24.86
N GLY A 54 13.84 -4.04 24.25
CA GLY A 54 12.45 -4.04 24.68
C GLY A 54 11.68 -2.85 24.15
N THR A 55 12.22 -2.21 23.12
CA THR A 55 11.57 -1.04 22.52
C THR A 55 10.90 -0.18 23.59
N SER A 56 11.64 0.12 24.66
CA SER A 56 11.11 0.93 25.74
C SER A 56 11.08 2.40 25.36
N PHE A 57 11.60 2.72 24.17
CA PHE A 57 11.63 4.09 23.69
C PHE A 57 10.27 4.51 23.14
N LEU A 58 9.31 3.58 23.19
CA LEU A 58 7.96 3.86 22.70
C LEU A 58 6.92 3.43 23.72
N LYS A 59 5.71 3.96 23.57
CA LYS A 59 4.61 3.64 24.49
C LYS A 59 3.37 3.20 23.71
N ASP A 60 2.93 4.05 22.80
CA ASP A 60 1.75 3.75 21.98
C ASP A 60 1.66 4.71 20.80
N PRO A 61 2.67 4.66 19.92
CA PRO A 61 2.72 5.51 18.72
C PRO A 61 1.68 5.13 17.70
N SER A 62 1.79 5.71 16.50
CA SER A 62 0.84 5.43 15.42
C SER A 62 1.45 4.46 14.41
N LYS A 63 0.77 4.30 13.27
CA LYS A 63 1.25 3.41 12.22
C LYS A 63 2.03 4.18 11.17
N SER A 64 2.72 5.24 11.59
CA SER A 64 3.50 6.06 10.69
C SER A 64 4.67 5.26 10.11
N LYS A 65 5.31 4.47 10.95
CA LYS A 65 6.44 3.66 10.52
C LYS A 65 5.98 2.27 10.08
N HIS A 66 6.56 1.77 8.99
CA HIS A 66 6.20 0.46 8.48
C HIS A 66 6.43 -0.62 9.52
N ILE A 67 7.24 -0.31 10.52
CA ILE A 67 7.56 -1.25 11.59
C ILE A 67 6.32 -1.53 12.43
N THR A 68 5.26 -0.77 12.20
CA THR A 68 4.01 -0.94 12.94
C THR A 68 3.23 -2.14 12.44
N GLY A 69 3.55 -2.59 11.23
CA GLY A 69 2.87 -3.73 10.64
C GLY A 69 1.78 -3.32 9.68
N ASP A 70 1.53 -2.02 9.60
CA ASP A 70 0.49 -1.50 8.71
C ASP A 70 1.07 -0.42 7.79
N ALA A 71 1.23 -0.77 6.51
CA ALA A 71 1.76 0.16 5.53
C ALA A 71 2.29 -0.57 4.31
N ILE A 72 1.91 -0.09 3.12
CA ILE A 72 2.35 -0.70 1.87
C ILE A 72 2.39 0.33 0.75
N ASP A 73 3.49 0.31 -0.01
CA ASP A 73 3.65 1.24 -1.12
C ASP A 73 3.50 0.52 -2.46
N PHE A 74 2.34 0.71 -3.10
CA PHE A 74 2.08 0.07 -4.37
C PHE A 74 2.20 1.08 -5.52
N ALA A 75 2.00 0.60 -6.75
CA ALA A 75 2.08 1.46 -7.92
C ALA A 75 1.12 0.99 -9.01
N PRO A 76 0.64 1.95 -9.82
CA PRO A 76 -0.30 1.66 -10.91
C PRO A 76 0.37 0.88 -12.05
N TYR A 77 0.07 -0.41 -12.13
CA TYR A 77 0.64 -1.26 -13.17
C TYR A 77 -0.32 -1.41 -14.34
N ILE A 78 0.19 -1.24 -15.55
CA ILE A 78 -0.63 -1.36 -16.75
C ILE A 78 0.07 -2.21 -17.81
N ASN A 79 -0.69 -3.10 -18.44
CA ASN A 79 -0.14 -3.98 -19.47
C ASN A 79 0.91 -4.91 -18.88
N GLY A 80 0.86 -5.11 -17.57
CA GLY A 80 1.81 -5.99 -16.92
C GLY A 80 3.06 -5.25 -16.46
N LYS A 81 3.14 -3.97 -16.80
CA LYS A 81 4.29 -3.15 -16.44
C LYS A 81 3.84 -1.84 -15.81
N ILE A 82 4.65 -1.33 -14.88
CA ILE A 82 4.33 -0.08 -14.19
C ILE A 82 4.01 1.02 -15.19
N ASP A 83 3.00 1.82 -14.88
CA ASP A 83 2.58 2.92 -15.75
C ASP A 83 2.59 4.25 -14.99
N TRP A 84 3.31 5.23 -15.53
CA TRP A 84 3.39 6.54 -14.91
C TRP A 84 2.87 7.62 -15.85
N ASN A 85 2.28 7.20 -16.96
CA ASN A 85 1.74 8.14 -17.94
C ASN A 85 0.23 8.26 -17.80
N ASP A 86 -0.44 7.12 -17.64
CA ASP A 86 -1.89 7.10 -17.49
C ASP A 86 -2.31 7.76 -16.17
N LEU A 87 -2.50 9.07 -16.20
CA LEU A 87 -2.90 9.82 -15.02
C LEU A 87 -4.24 9.33 -14.50
N GLU A 88 -5.17 9.06 -15.42
CA GLU A 88 -6.50 8.58 -15.06
C GLU A 88 -6.44 7.17 -14.50
N ALA A 89 -5.57 6.34 -15.08
CA ALA A 89 -5.42 4.97 -14.63
C ALA A 89 -5.13 4.90 -13.13
N PHE A 90 -4.52 5.96 -12.60
CA PHE A 90 -4.18 6.01 -11.18
C PHE A 90 -5.43 6.28 -10.35
N TRP A 91 -6.34 7.07 -10.89
CA TRP A 91 -7.57 7.41 -10.19
C TRP A 91 -8.34 6.16 -9.80
N ALA A 92 -8.60 5.30 -10.78
CA ALA A 92 -9.31 4.05 -10.54
C ALA A 92 -8.58 3.18 -9.52
N VAL A 93 -7.30 2.94 -9.78
CA VAL A 93 -6.48 2.12 -8.88
C VAL A 93 -6.50 2.68 -7.46
N LYS A 94 -6.76 3.97 -7.34
CA LYS A 94 -6.81 4.63 -6.05
C LYS A 94 -8.08 4.24 -5.29
N LYS A 95 -9.20 4.30 -5.98
CA LYS A 95 -10.49 3.95 -5.37
C LYS A 95 -10.60 2.45 -5.15
N ALA A 96 -9.74 1.69 -5.81
CA ALA A 96 -9.74 0.24 -5.69
C ALA A 96 -9.61 -0.18 -4.23
N PHE A 97 -8.62 0.37 -3.54
CA PHE A 97 -8.39 0.05 -2.13
C PHE A 97 -9.61 0.41 -1.29
N GLU A 98 -9.94 1.69 -1.26
CA GLU A 98 -11.09 2.16 -0.48
C GLU A 98 -12.35 1.35 -0.83
N GLN A 99 -12.51 1.03 -2.11
CA GLN A 99 -13.66 0.27 -2.58
C GLN A 99 -13.72 -1.10 -1.90
N ALA A 100 -12.54 -1.63 -1.57
CA ALA A 100 -12.46 -2.93 -0.91
C ALA A 100 -12.95 -2.85 0.53
N GLY A 101 -12.40 -1.90 1.29
CA GLY A 101 -12.79 -1.74 2.67
C GLY A 101 -14.29 -1.59 2.84
N LYS A 102 -14.95 -1.10 1.80
CA LYS A 102 -16.40 -0.91 1.84
C LYS A 102 -17.12 -2.25 1.77
N GLU A 103 -16.66 -3.13 0.89
CA GLU A 103 -17.27 -4.44 0.74
C GLU A 103 -16.79 -5.40 1.83
N LEU A 104 -15.56 -5.21 2.28
CA LEU A 104 -14.99 -6.04 3.34
C LEU A 104 -15.50 -5.63 4.71
N GLY A 105 -15.85 -4.36 4.84
CA GLY A 105 -16.36 -3.86 6.10
C GLY A 105 -15.30 -3.15 6.92
N ILE A 106 -14.05 -3.26 6.49
CA ILE A 106 -12.93 -2.63 7.18
C ILE A 106 -12.66 -1.25 6.61
N LYS A 107 -11.97 -0.42 7.40
CA LYS A 107 -11.64 0.94 6.97
C LYS A 107 -10.13 1.08 6.77
N LEU A 108 -9.75 1.74 5.68
CA LEU A 108 -8.33 1.95 5.36
C LEU A 108 -8.13 3.26 4.62
N ARG A 109 -6.95 3.86 4.77
CA ARG A 109 -6.63 5.11 4.11
C ARG A 109 -5.25 5.05 3.46
N PHE A 110 -5.10 5.76 2.34
CA PHE A 110 -3.83 5.78 1.62
C PHE A 110 -3.47 7.21 1.19
N GLY A 111 -2.18 7.43 0.97
CA GLY A 111 -1.73 8.76 0.56
C GLY A 111 -1.23 8.78 -0.86
N ALA A 112 -1.84 9.62 -1.69
CA ALA A 112 -1.45 9.74 -3.09
C ALA A 112 -2.27 10.81 -3.80
N ASP A 113 -2.64 11.84 -3.07
CA ASP A 113 -3.44 12.93 -3.63
C ASP A 113 -2.78 14.28 -3.36
N TRP A 114 -2.91 15.20 -4.32
CA TRP A 114 -2.33 16.54 -4.19
C TRP A 114 -2.77 17.18 -2.88
N ASN A 115 -3.88 16.71 -2.33
CA ASN A 115 -4.41 17.25 -1.09
C ASN A 115 -3.29 17.48 -0.07
N ALA A 116 -2.51 16.43 0.18
CA ALA A 116 -1.40 16.51 1.13
C ALA A 116 -0.13 15.92 0.53
N SER A 117 -0.28 14.82 -0.21
CA SER A 117 0.86 14.16 -0.83
C SER A 117 1.72 15.16 -1.61
N GLY A 118 1.07 16.21 -2.12
CA GLY A 118 1.78 17.22 -2.87
C GLY A 118 1.40 17.21 -4.34
N ASP A 119 1.03 16.04 -4.85
CA ASP A 119 0.64 15.91 -6.25
C ASP A 119 0.46 14.45 -6.63
N TYR A 120 -0.33 14.21 -7.67
CA TYR A 120 -0.59 12.84 -8.13
C TYR A 120 -0.97 12.83 -9.60
N HIS A 121 -0.43 13.78 -10.35
CA HIS A 121 -0.72 13.88 -11.79
C HIS A 121 0.58 13.96 -12.59
N ASP A 122 1.57 14.65 -12.05
CA ASP A 122 2.86 14.80 -12.71
C ASP A 122 3.99 14.24 -11.86
N GLU A 123 3.78 14.26 -10.54
CA GLU A 123 4.78 13.75 -9.61
C GLU A 123 5.08 12.27 -9.87
N ILE A 124 4.11 11.57 -10.43
CA ILE A 124 4.27 10.16 -10.74
C ILE A 124 5.52 9.91 -11.56
N LYS A 125 5.93 10.92 -12.33
CA LYS A 125 7.12 10.82 -13.16
C LYS A 125 8.35 10.47 -12.32
N ARG A 126 8.27 10.74 -11.02
CA ARG A 126 9.37 10.45 -10.10
C ARG A 126 9.58 8.95 -9.97
N GLY A 127 8.53 8.18 -10.21
CA GLY A 127 8.62 6.73 -10.12
C GLY A 127 8.21 6.22 -8.75
N THR A 128 7.53 7.06 -7.98
CA THR A 128 7.08 6.69 -6.64
C THR A 128 5.59 6.95 -6.47
N TYR A 129 4.95 7.44 -7.53
CA TYR A 129 3.52 7.73 -7.49
C TYR A 129 3.23 8.84 -6.47
N ASP A 130 4.27 9.52 -6.02
CA ASP A 130 4.12 10.60 -5.05
C ASP A 130 3.27 10.14 -3.87
N GLY A 131 3.32 8.85 -3.56
CA GLY A 131 2.55 8.31 -2.46
C GLY A 131 2.31 6.83 -2.59
N GLY A 132 1.06 6.45 -2.85
CA GLY A 132 0.72 5.05 -2.99
C GLY A 132 0.91 4.27 -1.71
N HIS A 133 0.91 4.98 -0.58
CA HIS A 133 1.07 4.35 0.71
C HIS A 133 -0.27 4.22 1.44
N VAL A 134 -0.71 2.98 1.63
CA VAL A 134 -1.97 2.71 2.32
C VAL A 134 -1.74 2.27 3.75
N GLU A 135 -2.80 2.29 4.55
CA GLU A 135 -2.72 1.89 5.96
C GLU A 135 -4.09 1.57 6.51
N LEU A 136 -4.22 0.40 7.12
CA LEU A 136 -5.48 -0.04 7.70
C LEU A 136 -5.90 0.86 8.86
N VAL A 137 -7.17 0.79 9.23
CA VAL A 137 -7.69 1.60 10.33
C VAL A 137 -7.40 0.95 11.68
ZN ZN B . 5.98 4.57 2.41
CA CA C . -2.55 12.44 1.23
N MET A 1 -9.11 -15.29 -13.22
CA MET A 1 -10.26 -14.49 -12.76
C MET A 1 -9.84 -13.06 -12.45
N SER A 2 -8.59 -12.89 -12.01
CA SER A 2 -8.07 -11.58 -11.67
C SER A 2 -6.54 -11.58 -11.69
N PHE A 3 -5.96 -10.39 -11.77
CA PHE A 3 -4.51 -10.25 -11.80
C PHE A 3 -3.89 -10.75 -10.49
N LYS A 4 -2.60 -10.44 -10.31
CA LYS A 4 -1.88 -10.85 -9.11
C LYS A 4 -0.53 -10.16 -9.02
N PHE A 5 -0.03 -10.02 -7.80
CA PHE A 5 1.26 -9.38 -7.58
C PHE A 5 2.40 -10.41 -7.59
N GLY A 6 3.60 -9.95 -7.90
CA GLY A 6 4.74 -10.83 -7.95
C GLY A 6 4.99 -11.53 -6.61
N LYS A 7 5.94 -12.46 -6.59
CA LYS A 7 6.27 -13.18 -5.38
C LYS A 7 6.95 -12.29 -4.36
N ASN A 8 7.85 -11.43 -4.85
CA ASN A 8 8.57 -10.50 -3.99
C ASN A 8 7.68 -9.34 -3.57
N SER A 9 6.73 -9.00 -4.42
CA SER A 9 5.80 -7.90 -4.14
C SER A 9 4.66 -8.36 -3.23
N GLU A 10 4.05 -9.49 -3.59
CA GLU A 10 2.95 -10.03 -2.80
C GLU A 10 3.40 -10.35 -1.38
N LYS A 11 4.58 -10.96 -1.26
CA LYS A 11 5.12 -11.31 0.05
C LYS A 11 5.10 -10.12 1.00
N GLN A 12 5.16 -8.92 0.42
CA GLN A 12 5.15 -7.70 1.21
C GLN A 12 3.80 -7.52 1.91
N LEU A 13 2.73 -7.58 1.14
CA LEU A 13 1.39 -7.42 1.69
C LEU A 13 0.92 -8.70 2.37
N ALA A 14 1.51 -9.83 1.97
CA ALA A 14 1.16 -11.13 2.55
C ALA A 14 1.79 -11.30 3.92
N THR A 15 2.82 -10.51 4.21
CA THR A 15 3.51 -10.58 5.49
C THR A 15 2.76 -9.79 6.56
N VAL A 16 1.71 -9.08 6.14
CA VAL A 16 0.91 -8.29 7.07
C VAL A 16 -0.14 -9.15 7.77
N LYS A 17 -0.29 -8.92 9.07
CA LYS A 17 -1.26 -9.67 9.86
C LYS A 17 -2.60 -8.94 9.92
N PRO A 18 -2.57 -7.62 9.66
CA PRO A 18 -3.77 -6.79 9.67
C PRO A 18 -4.71 -7.09 8.51
N GLU A 19 -5.83 -6.38 8.45
CA GLU A 19 -6.80 -6.59 7.39
C GLU A 19 -6.30 -6.01 6.07
N LEU A 20 -5.24 -5.22 6.15
CA LEU A 20 -4.66 -4.60 4.95
C LEU A 20 -4.45 -5.64 3.85
N GLN A 21 -4.14 -6.87 4.25
CA GLN A 21 -3.92 -7.95 3.29
C GLN A 21 -5.16 -8.17 2.43
N LYS A 22 -6.32 -7.85 2.98
CA LYS A 22 -7.58 -8.02 2.26
C LYS A 22 -7.76 -6.91 1.22
N VAL A 23 -7.79 -5.67 1.68
CA VAL A 23 -7.95 -4.52 0.80
C VAL A 23 -6.87 -4.51 -0.29
N ALA A 24 -5.70 -5.06 0.05
CA ALA A 24 -4.59 -5.10 -0.88
C ALA A 24 -4.86 -6.08 -2.02
N ARG A 25 -5.15 -7.33 -1.66
CA ARG A 25 -5.44 -8.36 -2.65
C ARG A 25 -6.83 -8.18 -3.25
N ARG A 26 -7.84 -8.12 -2.39
CA ARG A 26 -9.22 -7.94 -2.83
C ARG A 26 -9.33 -6.78 -3.81
N ALA A 27 -8.44 -5.80 -3.67
CA ALA A 27 -8.43 -4.63 -4.53
C ALA A 27 -8.42 -5.04 -6.00
N LEU A 28 -7.67 -6.09 -6.31
CA LEU A 28 -7.57 -6.59 -7.68
C LEU A 28 -8.80 -7.40 -8.06
N GLU A 29 -9.53 -7.86 -7.06
CA GLU A 29 -10.74 -8.65 -7.29
C GLU A 29 -11.95 -7.74 -7.47
N LEU A 30 -11.73 -6.44 -7.36
CA LEU A 30 -12.80 -5.46 -7.52
C LEU A 30 -12.38 -4.34 -8.46
N SER A 31 -11.27 -3.69 -8.15
CA SER A 31 -10.77 -2.59 -8.97
C SER A 31 -10.68 -3.01 -10.43
N PRO A 32 -11.14 -2.11 -11.32
CA PRO A 32 -11.14 -2.34 -12.76
C PRO A 32 -9.72 -2.36 -13.34
N TYR A 33 -8.83 -1.60 -12.72
CA TYR A 33 -7.45 -1.52 -13.18
C TYR A 33 -6.55 -2.46 -12.39
N ASP A 34 -5.29 -2.55 -12.78
CA ASP A 34 -4.32 -3.41 -12.11
C ASP A 34 -3.38 -2.60 -11.23
N PHE A 35 -2.69 -3.29 -10.33
CA PHE A 35 -1.75 -2.63 -9.42
C PHE A 35 -0.95 -3.67 -8.64
N THR A 36 0.25 -3.27 -8.20
CA THR A 36 1.11 -4.15 -7.43
C THR A 36 1.79 -3.41 -6.28
N ILE A 37 2.01 -4.11 -5.18
CA ILE A 37 2.65 -3.52 -4.01
C ILE A 37 4.16 -3.61 -4.10
N VAL A 38 4.85 -2.54 -3.71
CA VAL A 38 6.30 -2.51 -3.75
C VAL A 38 6.89 -2.51 -2.34
N GLN A 39 6.42 -1.58 -1.51
CA GLN A 39 6.89 -1.48 -0.13
C GLN A 39 5.97 -2.23 0.82
N GLY A 40 6.56 -2.85 1.84
CA GLY A 40 5.78 -3.59 2.81
C GLY A 40 6.19 -3.30 4.24
N ILE A 41 5.32 -3.62 5.19
CA ILE A 41 5.60 -3.40 6.60
C ILE A 41 6.68 -4.36 7.10
N ARG A 42 7.41 -3.91 8.12
CA ARG A 42 8.47 -4.73 8.69
C ARG A 42 7.94 -5.58 9.85
N THR A 43 8.84 -6.32 10.51
CA THR A 43 8.46 -7.17 11.63
C THR A 43 9.51 -7.15 12.72
N VAL A 44 9.29 -7.92 13.77
CA VAL A 44 10.23 -7.99 14.89
C VAL A 44 11.63 -8.34 14.40
N ALA A 45 11.70 -9.10 13.32
CA ALA A 45 12.98 -9.50 12.75
C ALA A 45 13.78 -8.29 12.29
N GLN A 46 13.11 -7.15 12.15
CA GLN A 46 13.76 -5.92 11.72
C GLN A 46 13.90 -4.95 12.88
N SER A 47 12.87 -4.88 13.72
CA SER A 47 12.87 -3.98 14.87
C SER A 47 13.81 -4.49 15.96
N ALA A 48 13.67 -5.78 16.29
CA ALA A 48 14.50 -6.40 17.32
C ALA A 48 15.99 -6.21 16.99
N GLN A 49 16.35 -6.50 15.75
CA GLN A 49 17.74 -6.37 15.33
C GLN A 49 18.18 -4.91 15.33
N ASN A 50 17.27 -4.02 14.96
CA ASN A 50 17.56 -2.59 14.92
C ASN A 50 18.00 -2.09 16.29
N ILE A 51 17.14 -2.25 17.29
CA ILE A 51 17.45 -1.81 18.64
C ILE A 51 17.96 -2.97 19.48
N ALA A 52 17.09 -3.94 19.75
CA ALA A 52 17.46 -5.10 20.55
C ALA A 52 17.65 -4.73 22.01
N ASN A 53 16.58 -4.26 22.65
CA ASN A 53 16.63 -3.86 24.04
C ASN A 53 15.23 -3.66 24.61
N GLY A 54 14.26 -4.38 24.03
CA GLY A 54 12.88 -4.27 24.50
C GLY A 54 12.20 -3.04 23.96
N THR A 55 12.81 -2.39 22.98
CA THR A 55 12.24 -1.20 22.38
C THR A 55 11.54 -0.34 23.42
N SER A 56 12.26 -0.03 24.50
CA SER A 56 11.71 0.79 25.58
C SER A 56 11.74 2.28 25.21
N PHE A 57 11.52 2.56 23.94
CA PHE A 57 11.52 3.94 23.45
C PHE A 57 10.13 4.35 22.97
N LEU A 58 9.23 3.38 22.89
CA LEU A 58 7.86 3.64 22.46
C LEU A 58 6.85 3.12 23.48
N LYS A 59 5.63 3.64 23.41
CA LYS A 59 4.57 3.23 24.32
C LYS A 59 3.32 2.82 23.55
N ASP A 60 2.96 3.60 22.55
CA ASP A 60 1.78 3.32 21.73
C ASP A 60 1.61 4.37 20.65
N PRO A 61 2.61 4.47 19.75
CA PRO A 61 2.59 5.43 18.65
C PRO A 61 1.55 5.08 17.59
N SER A 62 1.60 5.78 16.46
CA SER A 62 0.66 5.55 15.37
C SER A 62 1.23 4.52 14.38
N LYS A 63 0.58 4.41 13.23
CA LYS A 63 1.02 3.48 12.19
C LYS A 63 1.95 4.16 11.19
N SER A 64 2.57 5.25 11.63
CA SER A 64 3.48 6.00 10.76
C SER A 64 4.57 5.09 10.20
N LYS A 65 5.46 4.64 11.08
CA LYS A 65 6.55 3.76 10.68
C LYS A 65 6.03 2.40 10.23
N HIS A 66 6.61 1.87 9.16
CA HIS A 66 6.20 0.58 8.63
C HIS A 66 6.38 -0.53 9.66
N ILE A 67 7.18 -0.24 10.68
CA ILE A 67 7.45 -1.21 11.74
C ILE A 67 6.18 -1.48 12.56
N THR A 68 5.15 -0.69 12.31
CA THR A 68 3.89 -0.84 13.03
C THR A 68 3.10 -2.03 12.51
N GLY A 69 3.43 -2.47 11.30
CA GLY A 69 2.74 -3.60 10.71
C GLY A 69 1.66 -3.18 9.73
N ASP A 70 1.41 -1.88 9.66
CA ASP A 70 0.39 -1.34 8.76
C ASP A 70 0.98 -0.27 7.85
N ALA A 71 1.18 -0.61 6.58
CA ALA A 71 1.72 0.32 5.61
C ALA A 71 2.27 -0.40 4.39
N ILE A 72 1.90 0.06 3.20
CA ILE A 72 2.36 -0.54 1.96
C ILE A 72 2.40 0.47 0.83
N ASP A 73 3.48 0.46 0.06
CA ASP A 73 3.64 1.38 -1.05
C ASP A 73 3.45 0.66 -2.38
N PHE A 74 2.28 0.83 -2.99
CA PHE A 74 1.98 0.19 -4.26
C PHE A 74 2.04 1.20 -5.40
N ALA A 75 1.76 0.73 -6.62
CA ALA A 75 1.79 1.60 -7.80
C ALA A 75 0.87 1.06 -8.89
N PRO A 76 0.34 1.98 -9.72
CA PRO A 76 -0.56 1.63 -10.81
C PRO A 76 0.15 0.87 -11.93
N TYR A 77 -0.11 -0.43 -12.01
CA TYR A 77 0.51 -1.27 -13.04
C TYR A 77 -0.44 -1.46 -14.22
N ILE A 78 0.11 -1.36 -15.43
CA ILE A 78 -0.68 -1.54 -16.64
C ILE A 78 0.08 -2.34 -17.68
N ASN A 79 -0.62 -3.28 -18.32
CA ASN A 79 -0.01 -4.13 -19.34
C ASN A 79 1.06 -5.02 -18.74
N GLY A 80 0.91 -5.35 -17.46
CA GLY A 80 1.88 -6.19 -16.78
C GLY A 80 3.13 -5.43 -16.37
N LYS A 81 3.13 -4.13 -16.61
CA LYS A 81 4.27 -3.28 -16.27
C LYS A 81 3.81 -1.97 -15.65
N ILE A 82 4.65 -1.40 -14.79
CA ILE A 82 4.33 -0.14 -14.13
C ILE A 82 3.93 0.93 -15.14
N ASP A 83 2.89 1.69 -14.81
CA ASP A 83 2.42 2.76 -15.69
C ASP A 83 2.51 4.11 -15.01
N TRP A 84 3.24 5.04 -15.61
CA TRP A 84 3.40 6.37 -15.06
C TRP A 84 2.94 7.43 -16.05
N ASN A 85 2.30 6.99 -17.12
CA ASN A 85 1.80 7.91 -18.15
C ASN A 85 0.29 8.06 -18.06
N ASP A 86 -0.40 6.95 -17.89
CA ASP A 86 -1.85 6.96 -17.77
C ASP A 86 -2.30 7.58 -16.45
N LEU A 87 -2.30 8.91 -16.40
CA LEU A 87 -2.70 9.63 -15.20
C LEU A 87 -4.13 9.27 -14.80
N GLU A 88 -4.95 8.93 -15.80
CA GLU A 88 -6.34 8.57 -15.55
C GLU A 88 -6.44 7.12 -15.07
N ALA A 89 -5.53 6.28 -15.53
CA ALA A 89 -5.51 4.88 -15.14
C ALA A 89 -5.21 4.71 -13.66
N PHE A 90 -4.46 5.67 -13.11
CA PHE A 90 -4.09 5.64 -11.70
C PHE A 90 -5.27 6.02 -10.82
N TRP A 91 -6.18 6.82 -11.37
CA TRP A 91 -7.36 7.27 -10.63
C TRP A 91 -8.13 6.09 -10.09
N ALA A 92 -8.52 5.17 -10.97
CA ALA A 92 -9.26 3.99 -10.57
C ALA A 92 -8.48 3.14 -9.56
N VAL A 93 -7.22 2.88 -9.89
CA VAL A 93 -6.36 2.09 -9.02
C VAL A 93 -6.40 2.60 -7.58
N LYS A 94 -6.59 3.91 -7.45
CA LYS A 94 -6.65 4.54 -6.14
C LYS A 94 -7.87 4.07 -5.35
N LYS A 95 -9.00 3.95 -6.05
CA LYS A 95 -10.24 3.51 -5.43
C LYS A 95 -10.21 2.01 -5.15
N ALA A 96 -9.25 1.32 -5.75
CA ALA A 96 -9.10 -0.11 -5.57
C ALA A 96 -9.07 -0.47 -4.09
N PHE A 97 -8.36 0.34 -3.30
CA PHE A 97 -8.26 0.10 -1.87
C PHE A 97 -9.55 0.48 -1.15
N GLU A 98 -9.87 1.78 -1.18
CA GLU A 98 -11.09 2.27 -0.53
C GLU A 98 -12.29 1.45 -0.94
N GLN A 99 -12.47 1.27 -2.24
CA GLN A 99 -13.58 0.50 -2.77
C GLN A 99 -13.64 -0.89 -2.14
N ALA A 100 -12.47 -1.41 -1.78
CA ALA A 100 -12.39 -2.73 -1.17
C ALA A 100 -12.95 -2.72 0.25
N GLY A 101 -12.49 -1.77 1.06
CA GLY A 101 -12.95 -1.66 2.42
C GLY A 101 -14.46 -1.61 2.53
N LYS A 102 -15.11 -1.17 1.44
CA LYS A 102 -16.57 -1.09 1.41
C LYS A 102 -17.19 -2.48 1.35
N GLU A 103 -16.66 -3.32 0.48
CA GLU A 103 -17.18 -4.68 0.32
C GLU A 103 -16.68 -5.58 1.45
N LEU A 104 -15.50 -5.26 1.98
CA LEU A 104 -14.92 -6.04 3.07
C LEU A 104 -15.49 -5.60 4.42
N GLY A 105 -15.94 -4.36 4.49
CA GLY A 105 -16.51 -3.83 5.72
C GLY A 105 -15.48 -3.10 6.56
N ILE A 106 -14.21 -3.25 6.20
CA ILE A 106 -13.13 -2.59 6.94
C ILE A 106 -12.86 -1.20 6.38
N LYS A 107 -12.14 -0.39 7.16
CA LYS A 107 -11.81 0.97 6.75
C LYS A 107 -10.29 1.15 6.64
N LEU A 108 -9.85 1.88 5.63
CA LEU A 108 -8.44 2.13 5.42
C LEU A 108 -8.22 3.42 4.63
N ARG A 109 -7.04 4.01 4.79
CA ARG A 109 -6.71 5.25 4.09
C ARG A 109 -5.32 5.17 3.47
N PHE A 110 -5.10 5.95 2.42
CA PHE A 110 -3.81 5.96 1.74
C PHE A 110 -3.42 7.38 1.33
N GLY A 111 -2.12 7.61 1.15
CA GLY A 111 -1.65 8.92 0.76
C GLY A 111 -1.18 8.98 -0.67
N ALA A 112 -1.86 9.79 -1.48
CA ALA A 112 -1.50 9.93 -2.88
C ALA A 112 -2.45 10.90 -3.60
N ASP A 113 -2.91 11.91 -2.86
CA ASP A 113 -3.82 12.90 -3.42
C ASP A 113 -3.27 14.31 -3.24
N TRP A 114 -3.52 15.16 -4.22
CA TRP A 114 -3.05 16.54 -4.18
C TRP A 114 -3.50 17.23 -2.89
N ASN A 115 -4.52 16.67 -2.25
CA ASN A 115 -5.05 17.23 -1.00
C ASN A 115 -3.92 17.58 -0.05
N ALA A 116 -3.06 16.61 0.24
CA ALA A 116 -1.94 16.82 1.13
C ALA A 116 -0.63 16.35 0.50
N SER A 117 -0.71 15.26 -0.27
CA SER A 117 0.47 14.71 -0.92
C SER A 117 1.08 15.72 -1.90
N GLY A 118 0.30 16.75 -2.24
CA GLY A 118 0.78 17.77 -3.15
C GLY A 118 0.26 17.58 -4.57
N ASP A 119 0.23 16.33 -5.01
CA ASP A 119 -0.25 16.02 -6.36
C ASP A 119 0.01 14.55 -6.69
N TYR A 120 -0.46 14.13 -7.86
CA TYR A 120 -0.28 12.75 -8.30
C TYR A 120 -0.30 12.66 -9.83
N HIS A 121 0.03 13.76 -10.48
CA HIS A 121 0.06 13.81 -11.94
C HIS A 121 1.49 13.69 -12.47
N ASP A 122 2.31 14.69 -12.17
CA ASP A 122 3.70 14.70 -12.61
C ASP A 122 4.61 14.06 -11.56
N GLU A 123 4.26 14.25 -10.29
CA GLU A 123 5.05 13.69 -9.20
C GLU A 123 5.19 12.19 -9.35
N ILE A 124 4.11 11.52 -9.74
CA ILE A 124 4.12 10.08 -9.92
C ILE A 124 5.25 9.65 -10.86
N LYS A 125 5.60 10.53 -11.80
CA LYS A 125 6.67 10.25 -12.75
C LYS A 125 7.98 9.97 -12.03
N ARG A 126 8.07 10.38 -10.77
CA ARG A 126 9.26 10.17 -9.97
C ARG A 126 9.51 8.68 -9.74
N GLY A 127 8.46 7.88 -9.89
CA GLY A 127 8.58 6.46 -9.68
C GLY A 127 8.12 6.02 -8.31
N THR A 128 7.48 6.93 -7.58
CA THR A 128 7.00 6.63 -6.24
C THR A 128 5.51 6.94 -6.11
N TYR A 129 4.91 7.42 -7.21
CA TYR A 129 3.49 7.76 -7.21
C TYR A 129 3.20 8.89 -6.24
N ASP A 130 4.25 9.58 -5.80
CA ASP A 130 4.09 10.69 -4.87
C ASP A 130 3.30 10.26 -3.63
N GLY A 131 3.38 8.97 -3.30
CA GLY A 131 2.66 8.46 -2.15
C GLY A 131 2.38 6.97 -2.27
N GLY A 132 1.15 6.64 -2.65
CA GLY A 132 0.78 5.24 -2.79
C GLY A 132 0.94 4.47 -1.50
N HIS A 133 0.97 5.18 -0.37
CA HIS A 133 1.12 4.54 0.93
C HIS A 133 -0.23 4.41 1.63
N VAL A 134 -0.67 3.17 1.79
CA VAL A 134 -1.95 2.90 2.45
C VAL A 134 -1.74 2.48 3.90
N GLU A 135 -2.82 2.47 4.66
CA GLU A 135 -2.76 2.09 6.08
C GLU A 135 -4.15 1.76 6.61
N LEU A 136 -4.30 0.55 7.13
CA LEU A 136 -5.59 0.11 7.68
C LEU A 136 -6.04 1.04 8.80
N VAL A 137 -7.35 1.07 9.03
CA VAL A 137 -7.92 1.92 10.07
C VAL A 137 -7.38 1.53 11.45
ZN ZN B . 5.96 4.64 2.48
CA CA C . -2.69 12.83 1.44
N MET A 1 -11.77 -14.66 -11.53
CA MET A 1 -10.61 -14.37 -12.36
C MET A 1 -10.11 -12.95 -12.11
N SER A 2 -8.87 -12.85 -11.62
CA SER A 2 -8.27 -11.55 -11.35
C SER A 2 -6.76 -11.60 -11.56
N PHE A 3 -6.15 -10.42 -11.69
CA PHE A 3 -4.71 -10.32 -11.89
C PHE A 3 -3.95 -10.85 -10.69
N LYS A 4 -2.64 -10.61 -10.67
CA LYS A 4 -1.80 -11.06 -9.56
C LYS A 4 -0.62 -10.11 -9.36
N PHE A 5 -0.18 -9.99 -8.11
CA PHE A 5 0.93 -9.11 -7.78
C PHE A 5 2.26 -9.79 -8.11
N GLY A 6 2.60 -10.82 -7.34
CA GLY A 6 3.85 -11.53 -7.56
C GLY A 6 4.32 -12.29 -6.34
N LYS A 7 5.30 -13.16 -6.52
CA LYS A 7 5.84 -13.95 -5.42
C LYS A 7 6.57 -13.06 -4.42
N ASN A 8 7.34 -12.10 -4.94
CA ASN A 8 8.10 -11.19 -4.10
C ASN A 8 7.23 -10.00 -3.67
N SER A 9 6.21 -9.71 -4.47
CA SER A 9 5.30 -8.60 -4.17
C SER A 9 4.23 -9.02 -3.19
N GLU A 10 3.49 -10.07 -3.54
CA GLU A 10 2.42 -10.58 -2.69
C GLU A 10 2.94 -10.89 -1.29
N LYS A 11 4.17 -11.38 -1.21
CA LYS A 11 4.78 -11.72 0.06
C LYS A 11 4.87 -10.50 0.97
N GLN A 12 4.94 -9.32 0.36
CA GLN A 12 5.01 -8.07 1.11
C GLN A 12 3.69 -7.79 1.84
N LEU A 13 2.61 -7.83 1.09
CA LEU A 13 1.28 -7.57 1.66
C LEU A 13 0.76 -8.81 2.39
N ALA A 14 1.29 -9.97 2.02
CA ALA A 14 0.87 -11.22 2.64
C ALA A 14 1.52 -11.40 4.01
N THR A 15 2.60 -10.66 4.24
CA THR A 15 3.32 -10.74 5.51
C THR A 15 2.64 -9.90 6.58
N VAL A 16 1.53 -9.25 6.21
CA VAL A 16 0.78 -8.42 7.14
C VAL A 16 -0.27 -9.23 7.88
N LYS A 17 -0.39 -8.97 9.18
CA LYS A 17 -1.35 -9.68 10.02
C LYS A 17 -2.67 -8.92 10.10
N PRO A 18 -2.61 -7.61 9.79
CA PRO A 18 -3.80 -6.75 9.82
C PRO A 18 -4.77 -7.06 8.69
N GLU A 19 -5.88 -6.32 8.64
CA GLU A 19 -6.88 -6.52 7.60
C GLU A 19 -6.39 -5.99 6.26
N LEU A 20 -5.31 -5.22 6.29
CA LEU A 20 -4.75 -4.64 5.08
C LEU A 20 -4.58 -5.69 4.00
N GLN A 21 -4.22 -6.91 4.41
CA GLN A 21 -4.03 -8.01 3.47
C GLN A 21 -5.29 -8.22 2.64
N LYS A 22 -6.43 -7.88 3.19
CA LYS A 22 -7.71 -8.03 2.49
C LYS A 22 -7.88 -6.95 1.43
N VAL A 23 -7.87 -5.69 1.86
CA VAL A 23 -8.02 -4.57 0.95
C VAL A 23 -6.95 -4.59 -0.14
N ALA A 24 -5.80 -5.15 0.20
CA ALA A 24 -4.69 -5.25 -0.75
C ALA A 24 -4.98 -6.26 -1.85
N ARG A 25 -5.29 -7.49 -1.45
CA ARG A 25 -5.60 -8.55 -2.39
C ARG A 25 -6.98 -8.36 -3.00
N ARG A 26 -7.99 -8.25 -2.15
CA ARG A 26 -9.36 -8.06 -2.60
C ARG A 26 -9.45 -6.92 -3.61
N ALA A 27 -8.54 -5.96 -3.48
CA ALA A 27 -8.51 -4.82 -4.38
C ALA A 27 -8.53 -5.26 -5.84
N LEU A 28 -7.62 -6.15 -6.20
CA LEU A 28 -7.54 -6.67 -7.57
C LEU A 28 -8.81 -7.40 -7.96
N GLU A 29 -9.56 -7.85 -6.95
CA GLU A 29 -10.80 -8.57 -7.19
C GLU A 29 -11.97 -7.59 -7.33
N LEU A 30 -11.71 -6.32 -7.06
CA LEU A 30 -12.74 -5.29 -7.17
C LEU A 30 -12.17 -4.02 -7.77
N SER A 31 -11.12 -4.16 -8.56
CA SER A 31 -10.47 -3.00 -9.19
C SER A 31 -10.45 -3.17 -10.71
N PRO A 32 -10.78 -2.09 -11.43
CA PRO A 32 -10.81 -2.09 -12.89
C PRO A 32 -9.41 -2.17 -13.50
N TYR A 33 -8.48 -1.42 -12.92
CA TYR A 33 -7.10 -1.41 -13.41
C TYR A 33 -6.25 -2.43 -12.65
N ASP A 34 -5.01 -2.58 -13.07
CA ASP A 34 -4.08 -3.51 -12.43
C ASP A 34 -3.06 -2.78 -11.58
N PHE A 35 -2.64 -3.41 -10.49
CA PHE A 35 -1.66 -2.81 -9.58
C PHE A 35 -0.93 -3.88 -8.79
N THR A 36 0.25 -3.53 -8.28
CA THR A 36 1.06 -4.47 -7.50
C THR A 36 1.77 -3.76 -6.35
N ILE A 37 1.86 -4.42 -5.21
CA ILE A 37 2.53 -3.86 -4.05
C ILE A 37 4.04 -4.02 -4.14
N VAL A 38 4.77 -2.96 -3.81
CA VAL A 38 6.23 -2.99 -3.85
C VAL A 38 6.82 -2.96 -2.45
N GLN A 39 6.36 -2.01 -1.63
CA GLN A 39 6.85 -1.88 -0.27
C GLN A 39 5.91 -2.58 0.71
N GLY A 40 6.49 -3.19 1.74
CA GLY A 40 5.70 -3.90 2.72
C GLY A 40 6.12 -3.58 4.14
N ILE A 41 5.25 -3.87 5.10
CA ILE A 41 5.55 -3.61 6.51
C ILE A 41 6.62 -4.56 7.03
N ARG A 42 7.38 -4.09 8.02
CA ARG A 42 8.44 -4.90 8.61
C ARG A 42 7.92 -5.71 9.79
N THR A 43 8.83 -6.41 10.46
CA THR A 43 8.46 -7.23 11.62
C THR A 43 9.53 -7.16 12.70
N VAL A 44 9.31 -7.89 13.80
CA VAL A 44 10.26 -7.91 14.90
C VAL A 44 11.65 -8.29 14.43
N ALA A 45 11.72 -9.10 13.38
CA ALA A 45 12.98 -9.54 12.82
C ALA A 45 13.80 -8.35 12.31
N GLN A 46 13.13 -7.22 12.12
CA GLN A 46 13.80 -6.02 11.64
C GLN A 46 13.95 -4.99 12.74
N SER A 47 12.91 -4.86 13.58
CA SER A 47 12.92 -3.91 14.68
C SER A 47 13.87 -4.37 15.79
N ALA A 48 13.80 -5.66 16.12
CA ALA A 48 14.65 -6.23 17.16
C ALA A 48 16.13 -5.98 16.85
N GLN A 49 16.56 -6.39 15.65
CA GLN A 49 17.94 -6.22 15.24
C GLN A 49 18.31 -4.74 15.16
N ASN A 50 17.34 -3.92 14.79
CA ASN A 50 17.56 -2.47 14.68
C ASN A 50 17.99 -1.89 16.03
N ILE A 51 17.12 -1.99 17.02
CA ILE A 51 17.41 -1.47 18.35
C ILE A 51 17.89 -2.58 19.28
N ALA A 52 17.02 -3.55 19.54
CA ALA A 52 17.35 -4.67 20.40
C ALA A 52 17.47 -4.23 21.86
N ASN A 53 16.40 -3.63 22.38
CA ASN A 53 16.38 -3.16 23.76
C ASN A 53 14.95 -2.88 24.22
N GLY A 54 14.00 -3.59 23.63
CA GLY A 54 12.61 -3.42 23.99
C GLY A 54 12.00 -2.18 23.38
N THR A 55 12.72 -1.57 22.43
CA THR A 55 12.24 -0.37 21.77
C THR A 55 11.48 0.53 22.74
N SER A 56 12.21 1.30 23.54
CA SER A 56 11.60 2.19 24.51
C SER A 56 11.42 3.59 23.92
N PHE A 57 11.43 3.68 22.60
CA PHE A 57 11.26 4.94 21.90
C PHE A 57 9.82 5.13 21.42
N LEU A 58 9.00 4.10 21.65
CA LEU A 58 7.60 4.14 21.24
C LEU A 58 6.69 3.66 22.38
N LYS A 59 5.42 4.08 22.32
CA LYS A 59 4.45 3.69 23.34
C LYS A 59 3.11 3.34 22.70
N ASP A 60 2.71 4.14 21.71
CA ASP A 60 1.44 3.92 21.02
C ASP A 60 1.30 4.85 19.83
N PRO A 61 2.22 4.71 18.85
CA PRO A 61 2.22 5.53 17.65
C PRO A 61 1.04 5.21 16.73
N SER A 62 1.08 5.77 15.51
CA SER A 62 0.01 5.55 14.54
C SER A 62 0.54 4.81 13.31
N LYS A 63 -0.26 4.78 12.25
CA LYS A 63 0.12 4.11 11.02
C LYS A 63 1.12 4.96 10.23
N SER A 64 2.31 5.12 10.79
CA SER A 64 3.36 5.91 10.15
C SER A 64 4.51 5.02 9.69
N LYS A 65 5.26 4.50 10.65
CA LYS A 65 6.40 3.63 10.36
C LYS A 65 5.92 2.24 9.94
N HIS A 66 6.50 1.73 8.86
CA HIS A 66 6.13 0.40 8.36
C HIS A 66 6.35 -0.66 9.43
N ILE A 67 7.15 -0.33 10.43
CA ILE A 67 7.44 -1.26 11.52
C ILE A 67 6.20 -1.51 12.38
N THR A 68 5.15 -0.72 12.12
CA THR A 68 3.91 -0.85 12.87
C THR A 68 3.08 -2.03 12.36
N GLY A 69 3.48 -2.58 11.22
CA GLY A 69 2.77 -3.70 10.64
C GLY A 69 1.67 -3.27 9.69
N ASP A 70 1.47 -1.96 9.58
CA ASP A 70 0.45 -1.41 8.69
C ASP A 70 1.05 -0.37 7.75
N ALA A 71 1.20 -0.73 6.49
CA ALA A 71 1.76 0.17 5.49
C ALA A 71 2.27 -0.59 4.28
N ILE A 72 1.89 -0.13 3.09
CA ILE A 72 2.31 -0.77 1.85
C ILE A 72 2.39 0.23 0.71
N ASP A 73 3.49 0.17 -0.05
CA ASP A 73 3.69 1.08 -1.17
C ASP A 73 3.56 0.34 -2.50
N PHE A 74 2.42 0.51 -3.16
CA PHE A 74 2.18 -0.15 -4.44
C PHE A 74 2.34 0.84 -5.60
N ALA A 75 2.19 0.33 -6.82
CA ALA A 75 2.31 1.17 -8.01
C ALA A 75 1.33 0.73 -9.10
N PRO A 76 0.94 1.67 -9.96
CA PRO A 76 0.02 1.40 -11.06
C PRO A 76 0.63 0.53 -12.15
N TYR A 77 0.23 -0.74 -12.18
CA TYR A 77 0.75 -1.67 -13.17
C TYR A 77 -0.23 -1.82 -14.34
N ILE A 78 0.29 -1.68 -15.55
CA ILE A 78 -0.54 -1.80 -16.75
C ILE A 78 0.11 -2.74 -17.77
N ASN A 79 -0.70 -3.61 -18.35
CA ASN A 79 -0.20 -4.56 -19.34
C ASN A 79 0.77 -5.55 -18.71
N GLY A 80 0.61 -5.79 -17.41
CA GLY A 80 1.49 -6.70 -16.71
C GLY A 80 2.80 -6.07 -16.32
N LYS A 81 2.98 -4.80 -16.69
CA LYS A 81 4.20 -4.07 -16.36
C LYS A 81 3.88 -2.71 -15.77
N ILE A 82 4.79 -2.19 -14.96
CA ILE A 82 4.61 -0.89 -14.32
C ILE A 82 4.30 0.18 -15.36
N ASP A 83 3.38 1.08 -15.02
CA ASP A 83 2.99 2.16 -15.92
C ASP A 83 3.00 3.50 -15.20
N TRP A 84 3.78 4.44 -15.72
CA TRP A 84 3.88 5.77 -15.12
C TRP A 84 3.42 6.85 -16.10
N ASN A 85 2.88 6.41 -17.23
CA ASN A 85 2.39 7.34 -18.25
C ASN A 85 0.89 7.27 -18.38
N ASP A 86 0.21 6.92 -17.29
CA ASP A 86 -1.24 6.82 -17.27
C ASP A 86 -1.82 7.52 -16.05
N LEU A 87 -1.92 8.85 -16.13
CA LEU A 87 -2.46 9.64 -15.03
C LEU A 87 -3.90 9.23 -14.72
N GLU A 88 -4.59 8.73 -15.74
CA GLU A 88 -5.97 8.30 -15.57
C GLU A 88 -6.05 6.91 -14.95
N ALA A 89 -5.05 6.09 -15.28
CA ALA A 89 -5.00 4.72 -14.75
C ALA A 89 -4.74 4.72 -13.25
N PHE A 90 -4.06 5.75 -12.77
CA PHE A 90 -3.74 5.87 -11.35
C PHE A 90 -4.99 6.23 -10.54
N TRP A 91 -5.93 6.91 -11.20
CA TRP A 91 -7.17 7.32 -10.56
C TRP A 91 -7.95 6.11 -10.06
N ALA A 92 -8.22 5.17 -10.96
CA ALA A 92 -8.96 3.96 -10.62
C ALA A 92 -8.19 3.12 -9.61
N VAL A 93 -6.93 2.83 -9.92
CA VAL A 93 -6.09 2.04 -9.04
C VAL A 93 -6.07 2.62 -7.62
N LYS A 94 -6.33 3.91 -7.52
CA LYS A 94 -6.34 4.59 -6.23
C LYS A 94 -7.59 4.22 -5.43
N LYS A 95 -8.76 4.34 -6.07
CA LYS A 95 -10.01 4.00 -5.42
C LYS A 95 -10.15 2.50 -5.21
N ALA A 96 -9.31 1.74 -5.91
CA ALA A 96 -9.33 0.29 -5.81
C ALA A 96 -9.23 -0.16 -4.36
N PHE A 97 -8.40 0.53 -3.59
CA PHE A 97 -8.20 0.20 -2.18
C PHE A 97 -9.41 0.63 -1.35
N GLU A 98 -9.70 1.93 -1.36
CA GLU A 98 -10.82 2.47 -0.61
C GLU A 98 -12.12 1.74 -0.97
N GLN A 99 -12.18 1.23 -2.20
CA GLN A 99 -13.35 0.51 -2.66
C GLN A 99 -13.46 -0.86 -2.00
N ALA A 100 -12.32 -1.44 -1.67
CA ALA A 100 -12.28 -2.74 -1.02
C ALA A 100 -12.82 -2.67 0.40
N GLY A 101 -12.28 -1.75 1.18
CA GLY A 101 -12.73 -1.59 2.56
C GLY A 101 -14.24 -1.46 2.68
N LYS A 102 -14.86 -0.97 1.61
CA LYS A 102 -16.31 -0.80 1.59
C LYS A 102 -17.03 -2.14 1.49
N GLU A 103 -16.49 -3.02 0.64
CA GLU A 103 -17.08 -4.34 0.46
C GLU A 103 -16.67 -5.29 1.58
N LEU A 104 -15.51 -5.02 2.17
CA LEU A 104 -15.00 -5.84 3.26
C LEU A 104 -15.56 -5.38 4.60
N GLY A 105 -15.94 -4.11 4.67
CA GLY A 105 -16.48 -3.56 5.90
C GLY A 105 -15.44 -2.84 6.73
N ILE A 106 -14.18 -2.99 6.35
CA ILE A 106 -13.08 -2.35 7.06
C ILE A 106 -12.77 -0.97 6.47
N LYS A 107 -12.06 -0.15 7.24
CA LYS A 107 -11.70 1.19 6.79
C LYS A 107 -10.18 1.31 6.61
N LEU A 108 -9.77 1.98 5.53
CA LEU A 108 -8.35 2.17 5.25
C LEU A 108 -8.12 3.45 4.47
N ARG A 109 -6.91 4.00 4.60
CA ARG A 109 -6.56 5.23 3.90
C ARG A 109 -5.15 5.15 3.32
N PHE A 110 -4.94 5.81 2.19
CA PHE A 110 -3.64 5.81 1.53
C PHE A 110 -3.22 7.23 1.15
N GLY A 111 -1.91 7.44 1.02
CA GLY A 111 -1.41 8.75 0.66
C GLY A 111 -1.02 8.84 -0.80
N ALA A 112 -1.71 9.71 -1.53
CA ALA A 112 -1.44 9.90 -2.95
C ALA A 112 -2.37 10.95 -3.56
N ASP A 113 -2.73 11.94 -2.76
CA ASP A 113 -3.61 13.01 -3.21
C ASP A 113 -3.27 14.33 -2.53
N TRP A 114 -3.32 15.42 -3.30
CA TRP A 114 -3.02 16.74 -2.77
C TRP A 114 -3.84 17.02 -1.52
N ASN A 115 -4.96 16.33 -1.38
CA ASN A 115 -5.83 16.51 -0.23
C ASN A 115 -5.01 16.64 1.06
N ALA A 116 -4.15 15.67 1.31
CA ALA A 116 -3.31 15.67 2.49
C ALA A 116 -1.84 15.43 2.14
N SER A 117 -1.61 14.48 1.24
CA SER A 117 -0.26 14.15 0.81
C SER A 117 0.50 15.40 0.39
N GLY A 118 -0.24 16.42 -0.06
CA GLY A 118 0.38 17.65 -0.49
C GLY A 118 0.45 17.78 -2.00
N ASP A 119 0.43 16.64 -2.69
CA ASP A 119 0.50 16.62 -4.15
C ASP A 119 0.42 15.19 -4.67
N TYR A 120 0.02 15.05 -5.93
CA TYR A 120 -0.09 13.74 -6.56
C TYR A 120 0.09 13.84 -8.07
N HIS A 121 -0.35 14.95 -8.64
CA HIS A 121 -0.24 15.17 -10.08
C HIS A 121 1.17 15.60 -10.45
N ASP A 122 2.03 15.74 -9.44
CA ASP A 122 3.42 16.15 -9.66
C ASP A 122 4.38 15.08 -9.15
N GLU A 123 4.02 14.44 -8.05
CA GLU A 123 4.85 13.39 -7.46
C GLU A 123 5.14 12.29 -8.47
N ILE A 124 4.11 11.90 -9.21
CA ILE A 124 4.24 10.85 -10.21
C ILE A 124 5.41 11.13 -11.15
N LYS A 125 5.72 12.41 -11.33
CA LYS A 125 6.82 12.82 -12.20
C LYS A 125 8.12 12.12 -11.80
N ARG A 126 8.21 11.73 -10.53
CA ARG A 126 9.39 11.05 -10.02
C ARG A 126 9.57 9.70 -10.69
N GLY A 127 8.48 9.14 -11.20
CA GLY A 127 8.53 7.85 -11.85
C GLY A 127 8.38 6.69 -10.87
N THR A 128 8.01 7.02 -9.64
CA THR A 128 7.84 6.00 -8.61
C THR A 128 6.51 6.17 -7.88
N TYR A 129 5.70 7.11 -8.35
CA TYR A 129 4.41 7.38 -7.74
C TYR A 129 4.53 7.55 -6.22
N ASP A 130 5.17 8.63 -5.81
CA ASP A 130 5.35 8.90 -4.39
C ASP A 130 4.08 8.64 -3.61
N GLY A 131 2.93 8.84 -4.26
CA GLY A 131 1.65 8.61 -3.61
C GLY A 131 1.14 7.21 -3.82
N GLY A 132 1.28 6.37 -2.79
CA GLY A 132 0.83 5.00 -2.88
C GLY A 132 1.01 4.24 -1.57
N HIS A 133 1.02 4.97 -0.47
CA HIS A 133 1.19 4.36 0.85
C HIS A 133 -0.16 4.22 1.56
N VAL A 134 -0.64 2.99 1.68
CA VAL A 134 -1.92 2.73 2.33
C VAL A 134 -1.71 2.32 3.78
N GLU A 135 -2.78 2.38 4.57
CA GLU A 135 -2.72 2.01 5.98
C GLU A 135 -4.11 1.72 6.53
N LEU A 136 -4.27 0.54 7.10
CA LEU A 136 -5.56 0.13 7.67
C LEU A 136 -6.00 1.09 8.77
N VAL A 137 -7.28 1.06 9.09
CA VAL A 137 -7.84 1.94 10.13
C VAL A 137 -7.37 1.50 11.51
ZN ZN B . 6.02 4.63 2.52
CA CA C . -3.70 11.67 1.65
N MET A 1 -10.08 -14.90 -12.11
CA MET A 1 -10.85 -13.76 -12.60
C MET A 1 -10.15 -12.45 -12.26
N SER A 2 -9.39 -12.45 -11.18
CA SER A 2 -8.66 -11.25 -10.76
C SER A 2 -7.16 -11.44 -10.94
N PHE A 3 -6.44 -10.32 -10.94
CA PHE A 3 -4.99 -10.34 -11.11
C PHE A 3 -4.29 -10.64 -9.79
N LYS A 4 -2.96 -10.66 -9.83
CA LYS A 4 -2.17 -10.94 -8.63
C LYS A 4 -0.89 -10.10 -8.63
N PHE A 5 -0.11 -10.24 -7.56
CA PHE A 5 1.15 -9.50 -7.43
C PHE A 5 2.35 -10.44 -7.54
N GLY A 6 3.53 -9.86 -7.72
CA GLY A 6 4.74 -10.67 -7.83
C GLY A 6 5.05 -11.43 -6.56
N LYS A 7 6.02 -12.33 -6.62
CA LYS A 7 6.41 -13.12 -5.47
C LYS A 7 7.08 -12.25 -4.41
N ASN A 8 7.89 -11.30 -4.85
CA ASN A 8 8.59 -10.40 -3.93
C ASN A 8 7.68 -9.25 -3.52
N SER A 9 6.70 -8.94 -4.35
CA SER A 9 5.77 -7.85 -4.07
C SER A 9 4.64 -8.34 -3.15
N GLU A 10 3.98 -9.42 -3.55
CA GLU A 10 2.89 -9.98 -2.77
C GLU A 10 3.34 -10.29 -1.34
N LYS A 11 4.52 -10.88 -1.22
CA LYS A 11 5.07 -11.22 0.09
C LYS A 11 5.03 -10.02 1.03
N GLN A 12 5.12 -8.82 0.45
CA GLN A 12 5.10 -7.60 1.24
C GLN A 12 3.78 -7.44 1.97
N LEU A 13 2.68 -7.51 1.22
CA LEU A 13 1.35 -7.38 1.81
C LEU A 13 0.91 -8.68 2.47
N ALA A 14 1.50 -9.79 2.03
CA ALA A 14 1.17 -11.10 2.58
C ALA A 14 1.82 -11.30 3.94
N THR A 15 2.76 -10.42 4.29
CA THR A 15 3.45 -10.50 5.55
C THR A 15 2.72 -9.70 6.63
N VAL A 16 1.65 -9.03 6.23
CA VAL A 16 0.85 -8.22 7.16
C VAL A 16 -0.18 -9.08 7.88
N LYS A 17 -0.32 -8.86 9.18
CA LYS A 17 -1.27 -9.61 9.99
C LYS A 17 -2.61 -8.88 10.08
N PRO A 18 -2.59 -7.56 9.81
CA PRO A 18 -3.79 -6.72 9.85
C PRO A 18 -4.76 -7.04 8.71
N GLU A 19 -5.86 -6.29 8.65
CA GLU A 19 -6.86 -6.49 7.61
C GLU A 19 -6.38 -5.93 6.27
N LEU A 20 -5.31 -5.14 6.32
CA LEU A 20 -4.74 -4.54 5.12
C LEU A 20 -4.54 -5.59 4.03
N GLN A 21 -4.22 -6.81 4.45
CA GLN A 21 -3.99 -7.90 3.51
C GLN A 21 -5.23 -8.13 2.64
N LYS A 22 -6.40 -7.85 3.20
CA LYS A 22 -7.65 -8.03 2.48
C LYS A 22 -7.83 -6.95 1.42
N VAL A 23 -7.86 -5.70 1.86
CA VAL A 23 -8.02 -4.57 0.95
C VAL A 23 -6.94 -4.58 -0.13
N ALA A 24 -5.78 -5.12 0.20
CA ALA A 24 -4.67 -5.19 -0.74
C ALA A 24 -4.95 -6.21 -1.84
N ARG A 25 -5.23 -7.44 -1.42
CA ARG A 25 -5.51 -8.52 -2.37
C ARG A 25 -6.90 -8.36 -2.99
N ARG A 26 -7.91 -8.26 -2.13
CA ARG A 26 -9.29 -8.09 -2.59
C ARG A 26 -9.39 -6.97 -3.61
N ALA A 27 -8.51 -5.98 -3.49
CA ALA A 27 -8.50 -4.85 -4.40
C ALA A 27 -8.49 -5.31 -5.86
N LEU A 28 -7.52 -6.15 -6.19
CA LEU A 28 -7.40 -6.66 -7.55
C LEU A 28 -8.65 -7.45 -7.95
N GLU A 29 -9.41 -7.89 -6.96
CA GLU A 29 -10.63 -8.65 -7.21
C GLU A 29 -11.83 -7.72 -7.34
N LEU A 30 -11.61 -6.43 -7.07
CA LEU A 30 -12.67 -5.45 -7.16
C LEU A 30 -12.15 -4.14 -7.74
N SER A 31 -11.10 -4.23 -8.54
CA SER A 31 -10.49 -3.06 -9.17
C SER A 31 -10.47 -3.20 -10.69
N PRO A 32 -10.87 -2.14 -11.39
CA PRO A 32 -10.89 -2.12 -12.85
C PRO A 32 -9.50 -2.11 -13.46
N TYR A 33 -8.58 -1.39 -12.81
CA TYR A 33 -7.21 -1.31 -13.30
C TYR A 33 -6.30 -2.27 -12.54
N ASP A 34 -5.05 -2.36 -12.96
CA ASP A 34 -4.08 -3.24 -12.32
C ASP A 34 -3.18 -2.46 -11.37
N PHE A 35 -2.57 -3.16 -10.42
CA PHE A 35 -1.68 -2.54 -9.45
C PHE A 35 -0.93 -3.59 -8.64
N THR A 36 0.25 -3.21 -8.15
CA THR A 36 1.07 -4.13 -7.37
C THR A 36 1.75 -3.40 -6.21
N ILE A 37 1.90 -4.09 -5.09
CA ILE A 37 2.53 -3.51 -3.91
C ILE A 37 4.04 -3.62 -3.99
N VAL A 38 4.74 -2.52 -3.68
CA VAL A 38 6.19 -2.50 -3.70
C VAL A 38 6.77 -2.48 -2.30
N GLN A 39 6.29 -1.56 -1.48
CA GLN A 39 6.76 -1.43 -0.11
C GLN A 39 5.83 -2.17 0.85
N GLY A 40 6.42 -2.77 1.89
CA GLY A 40 5.63 -3.50 2.86
C GLY A 40 6.07 -3.22 4.29
N ILE A 41 5.21 -3.54 5.25
CA ILE A 41 5.51 -3.32 6.65
C ILE A 41 6.59 -4.28 7.14
N ARG A 42 7.36 -3.86 8.12
CA ARG A 42 8.43 -4.68 8.69
C ARG A 42 7.93 -5.50 9.87
N THR A 43 8.82 -6.26 10.48
CA THR A 43 8.47 -7.10 11.62
C THR A 43 9.59 -7.12 12.65
N VAL A 44 9.41 -7.93 13.69
CA VAL A 44 10.41 -8.05 14.75
C VAL A 44 11.77 -8.43 14.17
N ALA A 45 11.76 -9.11 13.03
CA ALA A 45 12.99 -9.53 12.38
C ALA A 45 13.80 -8.33 11.92
N GLN A 46 13.17 -7.16 11.93
CA GLN A 46 13.85 -5.93 11.52
C GLN A 46 14.02 -4.97 12.70
N SER A 47 12.99 -4.88 13.53
CA SER A 47 13.03 -4.01 14.70
C SER A 47 14.00 -4.53 15.74
N ALA A 48 13.88 -5.81 16.06
CA ALA A 48 14.75 -6.44 17.05
C ALA A 48 16.22 -6.13 16.75
N GLN A 49 16.69 -6.57 15.58
CA GLN A 49 18.08 -6.34 15.18
C GLN A 49 18.41 -4.85 15.20
N ASN A 50 17.44 -4.03 14.82
CA ASN A 50 17.63 -2.58 14.79
C ASN A 50 18.12 -2.07 16.14
N ILE A 51 17.26 -2.21 17.16
CA ILE A 51 17.61 -1.75 18.50
C ILE A 51 18.09 -2.92 19.37
N ALA A 52 17.19 -3.87 19.60
CA ALA A 52 17.52 -5.04 20.42
C ALA A 52 17.71 -4.66 21.88
N ASN A 53 16.66 -4.12 22.49
CA ASN A 53 16.72 -3.72 23.89
C ASN A 53 15.33 -3.72 24.52
N GLY A 54 14.42 -4.48 23.92
CA GLY A 54 13.07 -4.57 24.44
C GLY A 54 12.19 -3.43 23.94
N THR A 55 12.66 -2.73 22.92
CA THR A 55 11.91 -1.62 22.35
C THR A 55 11.18 -0.83 23.43
N SER A 56 11.90 -0.48 24.48
CA SER A 56 11.33 0.27 25.60
C SER A 56 11.14 1.74 25.23
N PHE A 57 11.59 2.10 24.03
CA PHE A 57 11.47 3.47 23.55
C PHE A 57 10.07 3.75 23.03
N LEU A 58 9.21 2.75 23.10
CA LEU A 58 7.83 2.88 22.64
C LEU A 58 6.85 2.35 23.68
N LYS A 59 5.77 3.08 23.89
CA LYS A 59 4.75 2.67 24.86
C LYS A 59 3.45 2.30 24.15
N ASP A 60 3.03 3.14 23.20
CA ASP A 60 1.80 2.90 22.46
C ASP A 60 1.63 3.94 21.36
N PRO A 61 2.62 4.03 20.46
CA PRO A 61 2.60 4.97 19.34
C PRO A 61 1.55 4.62 18.29
N SER A 62 1.61 5.29 17.15
CA SER A 62 0.66 5.04 16.07
C SER A 62 1.32 4.21 14.96
N LYS A 63 0.62 4.11 13.82
CA LYS A 63 1.14 3.36 12.69
C LYS A 63 1.91 4.26 11.72
N SER A 64 2.74 5.13 12.28
CA SER A 64 3.53 6.05 11.47
C SER A 64 4.61 5.31 10.69
N LYS A 65 5.42 4.53 11.41
CA LYS A 65 6.49 3.76 10.80
C LYS A 65 5.99 2.40 10.34
N HIS A 66 6.52 1.92 9.21
CA HIS A 66 6.13 0.62 8.66
C HIS A 66 6.36 -0.48 9.68
N ILE A 67 7.21 -0.21 10.67
CA ILE A 67 7.52 -1.19 11.71
C ILE A 67 6.29 -1.50 12.56
N THR A 68 5.25 -0.70 12.38
CA THR A 68 4.01 -0.88 13.13
C THR A 68 3.23 -2.09 12.62
N GLY A 69 3.44 -2.42 11.35
CA GLY A 69 2.75 -3.55 10.76
C GLY A 69 1.61 -3.13 9.85
N ASP A 70 1.40 -1.82 9.73
CA ASP A 70 0.34 -1.28 8.88
C ASP A 70 0.88 -0.21 7.94
N ALA A 71 1.02 -0.56 6.67
CA ALA A 71 1.53 0.37 5.67
C ALA A 71 2.07 -0.37 4.46
N ILE A 72 1.69 0.10 3.26
CA ILE A 72 2.13 -0.52 2.03
C ILE A 72 2.19 0.49 0.89
N ASP A 73 3.29 0.49 0.16
CA ASP A 73 3.46 1.41 -0.96
C ASP A 73 3.35 0.68 -2.29
N PHE A 74 2.22 0.85 -2.97
CA PHE A 74 1.99 0.20 -4.25
C PHE A 74 2.10 1.21 -5.40
N ALA A 75 1.95 0.71 -6.62
CA ALA A 75 2.03 1.56 -7.81
C ALA A 75 1.08 1.09 -8.89
N PRO A 76 0.64 2.02 -9.75
CA PRO A 76 -0.28 1.71 -10.86
C PRO A 76 0.39 0.89 -11.94
N TYR A 77 0.06 -0.40 -11.99
CA TYR A 77 0.62 -1.30 -12.99
C TYR A 77 -0.34 -1.49 -14.15
N ILE A 78 0.20 -1.45 -15.37
CA ILE A 78 -0.61 -1.63 -16.57
C ILE A 78 0.08 -2.55 -17.57
N ASN A 79 -0.69 -3.46 -18.15
CA ASN A 79 -0.15 -4.40 -19.13
C ASN A 79 0.87 -5.33 -18.48
N GLY A 80 0.73 -5.56 -17.18
CA GLY A 80 1.65 -6.42 -16.47
C GLY A 80 2.92 -5.71 -16.07
N LYS A 81 3.06 -4.45 -16.49
CA LYS A 81 4.24 -3.67 -16.17
C LYS A 81 3.85 -2.30 -15.60
N ILE A 82 4.72 -1.73 -14.79
CA ILE A 82 4.47 -0.42 -14.18
C ILE A 82 4.13 0.61 -15.25
N ASP A 83 3.15 1.46 -14.94
CA ASP A 83 2.73 2.50 -15.87
C ASP A 83 2.68 3.86 -15.18
N TRP A 84 3.42 4.82 -15.71
CA TRP A 84 3.47 6.16 -15.14
C TRP A 84 2.99 7.20 -16.16
N ASN A 85 2.45 6.72 -17.27
CA ASN A 85 1.96 7.61 -18.32
C ASN A 85 0.44 7.54 -18.41
N ASP A 86 -0.20 7.13 -17.31
CA ASP A 86 -1.66 7.03 -17.26
C ASP A 86 -2.21 7.73 -16.02
N LEU A 87 -2.31 9.05 -16.08
CA LEU A 87 -2.82 9.83 -14.97
C LEU A 87 -4.24 9.40 -14.60
N GLU A 88 -4.98 8.94 -15.60
CA GLU A 88 -6.35 8.49 -15.39
C GLU A 88 -6.39 7.09 -14.80
N ALA A 89 -5.42 6.27 -15.19
CA ALA A 89 -5.33 4.90 -14.69
C ALA A 89 -5.10 4.87 -13.19
N PHE A 90 -4.44 5.91 -12.67
CA PHE A 90 -4.16 5.99 -11.25
C PHE A 90 -5.42 6.28 -10.46
N TRP A 91 -6.35 7.01 -11.08
CA TRP A 91 -7.60 7.35 -10.42
C TRP A 91 -8.35 6.10 -9.96
N ALA A 92 -8.56 5.17 -10.89
CA ALA A 92 -9.25 3.92 -10.57
C ALA A 92 -8.46 3.10 -9.56
N VAL A 93 -7.19 2.87 -9.86
CA VAL A 93 -6.33 2.09 -8.97
C VAL A 93 -6.35 2.66 -7.55
N LYS A 94 -6.66 3.94 -7.44
CA LYS A 94 -6.73 4.59 -6.14
C LYS A 94 -7.96 4.16 -5.36
N LYS A 95 -9.12 4.23 -6.02
CA LYS A 95 -10.38 3.85 -5.40
C LYS A 95 -10.44 2.34 -5.19
N ALA A 96 -9.60 1.60 -5.92
CA ALA A 96 -9.56 0.15 -5.82
C ALA A 96 -9.42 -0.30 -4.37
N PHE A 97 -8.63 0.45 -3.60
CA PHE A 97 -8.41 0.12 -2.20
C PHE A 97 -9.63 0.48 -1.35
N GLU A 98 -10.01 1.76 -1.40
CA GLU A 98 -11.16 2.24 -0.65
C GLU A 98 -12.43 1.50 -1.05
N GLN A 99 -12.39 0.88 -2.24
CA GLN A 99 -13.53 0.13 -2.74
C GLN A 99 -13.62 -1.24 -2.09
N ALA A 100 -12.47 -1.80 -1.74
CA ALA A 100 -12.42 -3.11 -1.11
C ALA A 100 -12.97 -3.07 0.31
N GLY A 101 -12.50 -2.11 1.09
CA GLY A 101 -12.96 -1.97 2.47
C GLY A 101 -14.47 -1.92 2.57
N LYS A 102 -15.12 -1.50 1.48
CA LYS A 102 -16.58 -1.40 1.45
C LYS A 102 -17.21 -2.79 1.56
N GLU A 103 -16.76 -3.72 0.72
CA GLU A 103 -17.28 -5.08 0.73
C GLU A 103 -16.71 -5.87 1.91
N LEU A 104 -15.49 -5.54 2.29
CA LEU A 104 -14.83 -6.23 3.41
C LEU A 104 -15.39 -5.76 4.74
N GLY A 105 -15.94 -4.55 4.75
CA GLY A 105 -16.51 -4.00 5.97
C GLY A 105 -15.49 -3.22 6.78
N ILE A 106 -14.23 -3.27 6.36
CA ILE A 106 -13.16 -2.55 7.05
C ILE A 106 -12.90 -1.19 6.41
N LYS A 107 -12.24 -0.32 7.15
CA LYS A 107 -11.92 1.02 6.65
C LYS A 107 -10.42 1.20 6.51
N LEU A 108 -10.00 1.89 5.46
CA LEU A 108 -8.58 2.14 5.21
C LEU A 108 -8.38 3.45 4.46
N ARG A 109 -7.21 4.05 4.63
CA ARG A 109 -6.89 5.31 3.97
C ARG A 109 -5.49 5.27 3.37
N PHE A 110 -5.32 5.92 2.22
CA PHE A 110 -4.02 5.96 1.55
C PHE A 110 -3.65 7.39 1.17
N GLY A 111 -2.35 7.63 1.02
CA GLY A 111 -1.90 8.96 0.65
C GLY A 111 -1.48 9.05 -0.80
N ALA A 112 -2.17 9.89 -1.57
CA ALA A 112 -1.87 10.07 -2.98
C ALA A 112 -2.95 10.90 -3.66
N ASP A 113 -2.99 12.18 -3.34
CA ASP A 113 -3.98 13.09 -3.93
C ASP A 113 -3.55 14.54 -3.76
N TRP A 114 -3.82 15.35 -4.78
CA TRP A 114 -3.45 16.76 -4.75
C TRP A 114 -4.04 17.44 -3.51
N ASN A 115 -5.04 16.81 -2.92
CA ASN A 115 -5.69 17.35 -1.72
C ASN A 115 -4.66 17.85 -0.72
N ALA A 116 -3.72 16.98 -0.37
CA ALA A 116 -2.66 17.33 0.58
C ALA A 116 -1.28 16.99 0.02
N SER A 117 -1.23 15.93 -0.77
CA SER A 117 0.04 15.49 -1.37
C SER A 117 0.64 16.59 -2.23
N GLY A 118 -0.19 17.57 -2.59
CA GLY A 118 0.28 18.66 -3.42
C GLY A 118 -0.19 18.55 -4.85
N ASP A 119 -0.11 17.35 -5.42
CA ASP A 119 -0.53 17.11 -6.80
C ASP A 119 -0.05 15.75 -7.29
N TYR A 120 -0.70 15.24 -8.32
CA TYR A 120 -0.34 13.95 -8.89
C TYR A 120 -0.44 13.97 -10.41
N HIS A 121 0.58 14.54 -11.05
CA HIS A 121 0.61 14.62 -12.51
C HIS A 121 2.04 14.45 -13.03
N ASP A 122 2.98 15.10 -12.36
CA ASP A 122 4.38 15.03 -12.75
C ASP A 122 5.20 14.26 -11.72
N GLU A 123 4.83 14.43 -10.45
CA GLU A 123 5.55 13.75 -9.37
C GLU A 123 5.59 12.25 -9.59
N ILE A 124 4.46 11.68 -10.02
CA ILE A 124 4.37 10.25 -10.27
C ILE A 124 5.45 9.80 -11.25
N LYS A 125 5.87 10.70 -12.13
CA LYS A 125 6.91 10.41 -13.11
C LYS A 125 8.22 10.04 -12.43
N ARG A 126 8.30 10.33 -11.13
CA ARG A 126 9.50 10.03 -10.35
C ARG A 126 9.75 8.53 -10.30
N GLY A 127 8.68 7.75 -10.43
CA GLY A 127 8.80 6.30 -10.38
C GLY A 127 8.43 5.73 -9.04
N THR A 128 7.90 6.57 -8.16
CA THR A 128 7.49 6.14 -6.83
C THR A 128 6.05 6.56 -6.53
N TYR A 129 5.43 7.25 -7.48
CA TYR A 129 4.05 7.70 -7.32
C TYR A 129 3.96 8.79 -6.26
N ASP A 130 5.11 9.24 -5.78
CA ASP A 130 5.16 10.28 -4.76
C ASP A 130 4.13 10.02 -3.66
N GLY A 131 3.94 8.75 -3.32
CA GLY A 131 2.98 8.38 -2.30
C GLY A 131 2.53 6.94 -2.41
N GLY A 132 1.26 6.73 -2.73
CA GLY A 132 0.73 5.39 -2.86
C GLY A 132 0.88 4.59 -1.58
N HIS A 133 0.83 5.27 -0.44
CA HIS A 133 0.96 4.61 0.85
C HIS A 133 -0.41 4.46 1.52
N VAL A 134 -0.84 3.21 1.69
CA VAL A 134 -2.12 2.93 2.32
C VAL A 134 -1.94 2.53 3.79
N GLU A 135 -3.04 2.56 4.53
CA GLU A 135 -3.00 2.20 5.95
C GLU A 135 -4.40 1.80 6.44
N LEU A 136 -4.47 0.68 7.15
CA LEU A 136 -5.73 0.19 7.68
C LEU A 136 -6.22 1.06 8.83
N VAL A 137 -7.53 1.16 8.99
CA VAL A 137 -8.12 1.96 10.06
C VAL A 137 -7.70 1.44 11.44
ZN ZN B . 5.83 4.69 2.51
CA CA C . -2.89 13.33 0.90
N MET A 1 -8.43 -15.13 -14.60
CA MET A 1 -9.64 -14.43 -14.19
C MET A 1 -9.30 -13.03 -13.68
N SER A 2 -8.25 -12.94 -12.86
CA SER A 2 -7.83 -11.67 -12.30
C SER A 2 -6.31 -11.52 -12.37
N PHE A 3 -5.84 -10.28 -12.23
CA PHE A 3 -4.41 -10.01 -12.28
C PHE A 3 -3.69 -10.65 -11.09
N LYS A 4 -2.43 -10.28 -10.90
CA LYS A 4 -1.63 -10.82 -9.80
C LYS A 4 -0.45 -9.92 -9.49
N PHE A 5 -0.10 -9.81 -8.22
CA PHE A 5 1.02 -8.98 -7.78
C PHE A 5 2.35 -9.67 -8.07
N GLY A 6 2.50 -10.88 -7.54
CA GLY A 6 3.72 -11.63 -7.74
C GLY A 6 4.21 -12.32 -6.48
N LYS A 7 5.23 -13.15 -6.61
CA LYS A 7 5.78 -13.87 -5.47
C LYS A 7 6.49 -12.91 -4.50
N ASN A 8 7.27 -11.99 -5.05
CA ASN A 8 7.98 -11.01 -4.24
C ASN A 8 7.07 -9.86 -3.84
N SER A 9 6.04 -9.61 -4.64
CA SER A 9 5.09 -8.54 -4.37
C SER A 9 4.05 -8.98 -3.36
N GLU A 10 3.52 -10.19 -3.56
CA GLU A 10 2.50 -10.74 -2.66
C GLU A 10 3.08 -11.01 -1.27
N LYS A 11 4.31 -11.53 -1.24
CA LYS A 11 4.98 -11.84 0.01
C LYS A 11 5.04 -10.61 0.91
N GLN A 12 5.01 -9.42 0.30
CA GLN A 12 5.06 -8.17 1.04
C GLN A 12 3.75 -7.94 1.79
N LEU A 13 2.64 -7.97 1.05
CA LEU A 13 1.33 -7.75 1.64
C LEU A 13 0.84 -9.01 2.35
N ALA A 14 1.40 -10.15 1.98
CA ALA A 14 1.03 -11.42 2.60
C ALA A 14 1.68 -11.58 3.97
N THR A 15 2.77 -10.84 4.20
CA THR A 15 3.48 -10.90 5.47
C THR A 15 2.77 -10.08 6.53
N VAL A 16 1.69 -9.42 6.15
CA VAL A 16 0.92 -8.60 7.08
C VAL A 16 -0.13 -9.43 7.80
N LYS A 17 -0.29 -9.18 9.09
CA LYS A 17 -1.28 -9.90 9.90
C LYS A 17 -2.59 -9.13 9.97
N PRO A 18 -2.53 -7.82 9.66
CA PRO A 18 -3.71 -6.96 9.69
C PRO A 18 -4.70 -7.27 8.57
N GLU A 19 -5.79 -6.52 8.52
CA GLU A 19 -6.81 -6.74 7.50
C GLU A 19 -6.35 -6.19 6.15
N LEU A 20 -5.27 -5.42 6.17
CA LEU A 20 -4.73 -4.83 4.95
C LEU A 20 -4.59 -5.88 3.85
N GLN A 21 -4.14 -7.07 4.24
CA GLN A 21 -3.97 -8.17 3.29
C GLN A 21 -5.25 -8.38 2.47
N LYS A 22 -6.39 -8.05 3.07
CA LYS A 22 -7.68 -8.20 2.41
C LYS A 22 -7.88 -7.12 1.36
N VAL A 23 -7.87 -5.87 1.79
CA VAL A 23 -8.05 -4.73 0.88
C VAL A 23 -6.99 -4.72 -0.20
N ALA A 24 -5.80 -5.26 0.12
CA ALA A 24 -4.70 -5.31 -0.83
C ALA A 24 -5.00 -6.29 -1.95
N ARG A 25 -5.30 -7.53 -1.59
CA ARG A 25 -5.60 -8.57 -2.57
C ARG A 25 -6.99 -8.36 -3.17
N ARG A 26 -8.00 -8.25 -2.31
CA ARG A 26 -9.36 -8.06 -2.75
C ARG A 26 -9.45 -6.90 -3.75
N ALA A 27 -8.55 -5.94 -3.61
CA ALA A 27 -8.52 -4.78 -4.50
C ALA A 27 -8.53 -5.22 -5.96
N LEU A 28 -7.59 -6.07 -6.33
CA LEU A 28 -7.49 -6.57 -7.70
C LEU A 28 -8.76 -7.30 -8.11
N GLU A 29 -9.52 -7.75 -7.12
CA GLU A 29 -10.77 -8.46 -7.38
C GLU A 29 -11.95 -7.50 -7.47
N LEU A 30 -11.69 -6.23 -7.15
CA LEU A 30 -12.72 -5.21 -7.19
C LEU A 30 -12.17 -3.90 -7.75
N SER A 31 -11.15 -4.01 -8.58
CA SER A 31 -10.52 -2.83 -9.18
C SER A 31 -10.54 -2.92 -10.70
N PRO A 32 -10.89 -1.81 -11.35
CA PRO A 32 -10.96 -1.73 -12.82
C PRO A 32 -9.58 -1.79 -13.46
N TYR A 33 -8.59 -1.21 -12.79
CA TYR A 33 -7.22 -1.19 -13.30
C TYR A 33 -6.36 -2.21 -12.55
N ASP A 34 -5.11 -2.36 -13.00
CA ASP A 34 -4.18 -3.29 -12.39
C ASP A 34 -3.21 -2.56 -11.46
N PHE A 35 -2.60 -3.31 -10.56
CA PHE A 35 -1.65 -2.74 -9.60
C PHE A 35 -0.93 -3.84 -8.84
N THR A 36 0.26 -3.51 -8.33
CA THR A 36 1.07 -4.47 -7.58
C THR A 36 1.80 -3.79 -6.43
N ILE A 37 1.93 -4.49 -5.32
CA ILE A 37 2.61 -3.95 -4.15
C ILE A 37 4.11 -4.15 -4.25
N VAL A 38 4.87 -3.12 -3.87
CA VAL A 38 6.33 -3.19 -3.91
C VAL A 38 6.92 -3.15 -2.51
N GLN A 39 6.44 -2.23 -1.69
CA GLN A 39 6.92 -2.09 -0.32
C GLN A 39 5.97 -2.76 0.67
N GLY A 40 6.54 -3.37 1.71
CA GLY A 40 5.73 -4.04 2.70
C GLY A 40 6.17 -3.73 4.12
N ILE A 41 5.30 -4.01 5.09
CA ILE A 41 5.61 -3.75 6.49
C ILE A 41 6.70 -4.70 6.99
N ARG A 42 7.44 -4.24 8.00
CA ARG A 42 8.52 -5.05 8.57
C ARG A 42 8.00 -5.91 9.72
N THR A 43 8.92 -6.62 10.36
CA THR A 43 8.55 -7.50 11.48
C THR A 43 9.57 -7.40 12.60
N VAL A 44 9.36 -8.19 13.66
CA VAL A 44 10.26 -8.19 14.81
C VAL A 44 11.70 -8.45 14.37
N ALA A 45 11.86 -9.21 13.29
CA ALA A 45 13.18 -9.52 12.77
C ALA A 45 13.93 -8.25 12.38
N GLN A 46 13.21 -7.16 12.20
CA GLN A 46 13.81 -5.88 11.84
C GLN A 46 13.73 -4.89 13.00
N SER A 47 12.66 -5.00 13.78
CA SER A 47 12.45 -4.11 14.92
C SER A 47 13.38 -4.48 16.07
N ALA A 48 13.45 -5.76 16.38
CA ALA A 48 14.31 -6.25 17.46
C ALA A 48 15.74 -5.79 17.27
N GLN A 49 16.27 -6.01 16.06
CA GLN A 49 17.64 -5.62 15.75
C GLN A 49 17.79 -4.11 15.74
N ASN A 50 16.77 -3.42 15.25
CA ASN A 50 16.78 -1.96 15.19
C ASN A 50 17.02 -1.36 16.57
N ILE A 51 16.16 -1.72 17.52
CA ILE A 51 16.28 -1.22 18.88
C ILE A 51 17.00 -2.22 19.78
N ALA A 52 16.34 -3.34 20.07
CA ALA A 52 16.92 -4.38 20.91
C ALA A 52 17.10 -3.88 22.34
N ASN A 53 16.04 -3.30 22.90
CA ASN A 53 16.08 -2.79 24.27
C ASN A 53 14.67 -2.63 24.84
N GLY A 54 13.73 -3.40 24.29
CA GLY A 54 12.36 -3.34 24.75
C GLY A 54 11.61 -2.15 24.17
N THR A 55 12.14 -1.59 23.10
CA THR A 55 11.51 -0.44 22.44
C THR A 55 10.90 0.49 23.47
N SER A 56 11.68 0.85 24.49
CA SER A 56 11.20 1.75 25.54
C SER A 56 11.18 3.19 25.05
N PHE A 57 11.66 3.40 23.83
CA PHE A 57 11.69 4.74 23.24
C PHE A 57 10.32 5.14 22.71
N LEU A 58 9.35 4.24 22.85
CA LEU A 58 7.99 4.50 22.39
C LEU A 58 6.97 4.15 23.47
N LYS A 59 5.72 4.50 23.22
CA LYS A 59 4.64 4.22 24.17
C LYS A 59 3.40 3.71 23.45
N ASP A 60 3.00 4.42 22.39
CA ASP A 60 1.83 4.03 21.62
C ASP A 60 1.65 4.96 20.42
N PRO A 61 2.64 4.96 19.51
CA PRO A 61 2.62 5.78 18.31
C PRO A 61 1.57 5.32 17.30
N SER A 62 1.62 5.88 16.09
CA SER A 62 0.67 5.52 15.05
C SER A 62 1.26 4.48 14.12
N LYS A 63 0.60 4.27 12.98
CA LYS A 63 1.06 3.29 12.00
C LYS A 63 1.93 3.96 10.94
N SER A 64 2.57 5.05 11.31
CA SER A 64 3.43 5.79 10.39
C SER A 64 4.54 4.89 9.86
N LYS A 65 5.39 4.40 10.76
CA LYS A 65 6.49 3.52 10.38
C LYS A 65 5.98 2.15 9.96
N HIS A 66 6.57 1.59 8.91
CA HIS A 66 6.17 0.28 8.41
C HIS A 66 6.37 -0.79 9.47
N ILE A 67 7.16 -0.47 10.50
CA ILE A 67 7.44 -1.41 11.58
C ILE A 67 6.18 -1.65 12.41
N THR A 68 5.14 -0.89 12.15
CA THR A 68 3.88 -1.02 12.87
C THR A 68 3.08 -2.22 12.37
N GLY A 69 3.47 -2.75 11.22
CA GLY A 69 2.78 -3.89 10.65
C GLY A 69 1.69 -3.49 9.68
N ASP A 70 1.45 -2.18 9.58
CA ASP A 70 0.42 -1.67 8.68
C ASP A 70 1.00 -0.62 7.74
N ALA A 71 1.18 -0.98 6.48
CA ALA A 71 1.72 -0.06 5.48
C ALA A 71 2.24 -0.83 4.27
N ILE A 72 1.87 -0.36 3.08
CA ILE A 72 2.30 -0.98 1.84
C ILE A 72 2.40 0.02 0.70
N ASP A 73 3.52 0.00 0.00
CA ASP A 73 3.73 0.92 -1.12
C ASP A 73 3.61 0.20 -2.46
N PHE A 74 2.47 0.40 -3.13
CA PHE A 74 2.22 -0.25 -4.41
C PHE A 74 2.41 0.75 -5.55
N ALA A 75 2.21 0.28 -6.78
CA ALA A 75 2.34 1.13 -7.96
C ALA A 75 1.34 0.73 -9.04
N PRO A 76 0.88 1.72 -9.81
CA PRO A 76 -0.08 1.51 -10.89
C PRO A 76 0.53 0.74 -12.07
N TYR A 77 0.21 -0.54 -12.16
CA TYR A 77 0.73 -1.37 -13.24
C TYR A 77 -0.27 -1.46 -14.40
N ILE A 78 0.22 -1.20 -15.61
CA ILE A 78 -0.63 -1.26 -16.79
C ILE A 78 0.00 -2.11 -17.89
N ASN A 79 -0.81 -2.96 -18.50
CA ASN A 79 -0.33 -3.83 -19.57
C ASN A 79 0.71 -4.81 -19.04
N GLY A 80 0.59 -5.16 -17.76
CA GLY A 80 1.53 -6.08 -17.15
C GLY A 80 2.84 -5.43 -16.78
N LYS A 81 2.93 -4.12 -17.01
CA LYS A 81 4.15 -3.38 -16.69
C LYS A 81 3.81 -2.06 -16.00
N ILE A 82 4.68 -1.63 -15.10
CA ILE A 82 4.47 -0.38 -14.36
C ILE A 82 4.20 0.78 -15.33
N ASP A 83 3.26 1.64 -14.95
CA ASP A 83 2.90 2.79 -15.77
C ASP A 83 2.96 4.08 -14.95
N TRP A 84 3.72 5.05 -15.45
CA TRP A 84 3.86 6.33 -14.76
C TRP A 84 3.39 7.48 -15.65
N ASN A 85 2.81 7.13 -16.80
CA ASN A 85 2.33 8.13 -17.74
C ASN A 85 0.81 8.31 -17.61
N ASP A 86 0.09 7.20 -17.54
CA ASP A 86 -1.35 7.23 -17.41
C ASP A 86 -1.77 7.80 -16.06
N LEU A 87 -1.98 9.11 -16.01
CA LEU A 87 -2.37 9.79 -14.78
C LEU A 87 -3.80 9.41 -14.39
N GLU A 88 -4.52 8.81 -15.32
CA GLU A 88 -5.90 8.40 -15.07
C GLU A 88 -5.94 7.03 -14.39
N ALA A 89 -5.12 6.10 -14.87
CA ALA A 89 -5.07 4.76 -14.30
C ALA A 89 -4.81 4.81 -12.80
N PHE A 90 -4.10 5.84 -12.37
CA PHE A 90 -3.77 6.01 -10.96
C PHE A 90 -5.03 6.31 -10.14
N TRP A 91 -5.93 7.08 -10.74
CA TRP A 91 -7.17 7.46 -10.07
C TRP A 91 -7.99 6.21 -9.71
N ALA A 92 -8.23 5.36 -10.69
CA ALA A 92 -8.99 4.14 -10.48
C ALA A 92 -8.29 3.23 -9.48
N VAL A 93 -7.02 2.95 -9.73
CA VAL A 93 -6.24 2.09 -8.84
C VAL A 93 -6.23 2.63 -7.41
N LYS A 94 -6.48 3.93 -7.27
CA LYS A 94 -6.51 4.56 -5.96
C LYS A 94 -7.76 4.17 -5.19
N LYS A 95 -8.91 4.29 -5.85
CA LYS A 95 -10.19 3.95 -5.23
C LYS A 95 -10.32 2.45 -5.06
N ALA A 96 -9.51 1.69 -5.80
CA ALA A 96 -9.54 0.24 -5.72
C ALA A 96 -9.40 -0.24 -4.29
N PHE A 97 -8.56 0.45 -3.52
CA PHE A 97 -8.34 0.09 -2.12
C PHE A 97 -9.53 0.47 -1.25
N GLU A 98 -9.87 1.76 -1.25
CA GLU A 98 -10.99 2.24 -0.46
C GLU A 98 -12.29 1.56 -0.89
N GLN A 99 -12.28 0.97 -2.08
CA GLN A 99 -13.46 0.28 -2.59
C GLN A 99 -13.60 -1.10 -1.97
N ALA A 100 -12.47 -1.70 -1.59
CA ALA A 100 -12.47 -3.02 -0.97
C ALA A 100 -12.93 -2.94 0.48
N GLY A 101 -12.38 -2.00 1.23
CA GLY A 101 -12.75 -1.84 2.62
C GLY A 101 -14.25 -1.75 2.82
N LYS A 102 -14.94 -1.23 1.81
CA LYS A 102 -16.38 -1.08 1.88
C LYS A 102 -17.08 -2.44 1.75
N GLU A 103 -16.55 -3.30 0.88
CA GLU A 103 -17.10 -4.62 0.66
C GLU A 103 -16.66 -5.59 1.76
N LEU A 104 -15.50 -5.31 2.34
CA LEU A 104 -14.95 -6.15 3.40
C LEU A 104 -15.46 -5.71 4.77
N GLY A 105 -15.91 -4.47 4.85
CA GLY A 105 -16.43 -3.95 6.11
C GLY A 105 -15.36 -3.26 6.94
N ILE A 106 -14.12 -3.32 6.45
CA ILE A 106 -13.00 -2.70 7.15
C ILE A 106 -12.69 -1.31 6.58
N LYS A 107 -11.98 -0.51 7.36
CA LYS A 107 -11.61 0.84 6.94
C LYS A 107 -10.11 0.95 6.71
N LEU A 108 -9.71 1.71 5.70
CA LEU A 108 -8.31 1.90 5.38
C LEU A 108 -8.08 3.22 4.65
N ARG A 109 -6.88 3.77 4.79
CA ARG A 109 -6.53 5.03 4.14
C ARG A 109 -5.16 4.95 3.48
N PHE A 110 -5.02 5.60 2.34
CA PHE A 110 -3.75 5.61 1.61
C PHE A 110 -3.36 7.03 1.22
N GLY A 111 -2.06 7.24 1.00
CA GLY A 111 -1.57 8.54 0.62
C GLY A 111 -1.09 8.60 -0.82
N ALA A 112 -1.64 9.53 -1.59
CA ALA A 112 -1.27 9.67 -2.99
C ALA A 112 -2.07 10.79 -3.66
N ASP A 113 -2.37 11.83 -2.90
CA ASP A 113 -3.14 12.96 -3.41
C ASP A 113 -2.50 14.29 -3.01
N TRP A 114 -2.47 15.23 -3.95
CA TRP A 114 -1.87 16.54 -3.69
C TRP A 114 -2.47 17.17 -2.44
N ASN A 115 -3.64 16.68 -2.05
CA ASN A 115 -4.32 17.20 -0.86
C ASN A 115 -3.33 17.36 0.30
N ALA A 116 -2.65 16.28 0.65
CA ALA A 116 -1.68 16.31 1.73
C ALA A 116 -0.33 15.74 1.29
N SER A 117 -0.38 14.72 0.43
CA SER A 117 0.83 14.07 -0.07
C SER A 117 1.77 15.11 -0.69
N GLY A 118 1.20 16.22 -1.13
CA GLY A 118 1.99 17.27 -1.74
C GLY A 118 1.77 17.38 -3.24
N ASP A 119 1.50 16.25 -3.87
CA ASP A 119 1.27 16.21 -5.31
C ASP A 119 0.94 14.80 -5.77
N TYR A 120 0.22 14.69 -6.89
CA TYR A 120 -0.16 13.40 -7.44
C TYR A 120 -0.37 13.49 -8.95
N HIS A 121 -1.02 14.56 -9.38
CA HIS A 121 -1.30 14.76 -10.80
C HIS A 121 -0.01 15.10 -11.55
N ASP A 122 1.00 15.54 -10.81
CA ASP A 122 2.29 15.89 -11.42
C ASP A 122 3.41 15.07 -10.81
N GLU A 123 3.28 14.76 -9.52
CA GLU A 123 4.30 13.98 -8.82
C GLU A 123 4.57 12.67 -9.55
N ILE A 124 3.51 12.03 -10.03
CA ILE A 124 3.62 10.77 -10.75
C ILE A 124 4.64 10.88 -11.89
N LYS A 125 4.74 12.07 -12.47
CA LYS A 125 5.67 12.31 -13.57
C LYS A 125 7.09 11.91 -13.16
N ARG A 126 7.35 11.88 -11.87
CA ARG A 126 8.67 11.52 -11.37
C ARG A 126 8.99 10.05 -11.67
N GLY A 127 7.94 9.24 -11.81
CA GLY A 127 8.12 7.83 -12.09
C GLY A 127 8.20 6.99 -10.84
N THR A 128 7.75 7.55 -9.72
CA THR A 128 7.77 6.83 -8.45
C THR A 128 6.41 6.88 -7.76
N TYR A 129 5.44 7.51 -8.42
CA TYR A 129 4.10 7.62 -7.88
C TYR A 129 4.14 8.09 -6.43
N ASP A 130 4.39 9.38 -6.23
CA ASP A 130 4.46 9.96 -4.90
C ASP A 130 3.25 9.53 -4.06
N GLY A 131 3.47 8.57 -3.17
CA GLY A 131 2.40 8.08 -2.32
C GLY A 131 2.21 6.58 -2.43
N GLY A 132 1.07 6.16 -2.94
CA GLY A 132 0.79 4.73 -3.07
C GLY A 132 1.00 3.98 -1.77
N HIS A 133 0.92 4.69 -0.66
CA HIS A 133 1.10 4.08 0.65
C HIS A 133 -0.24 3.94 1.37
N VAL A 134 -0.69 2.72 1.54
CA VAL A 134 -1.96 2.45 2.22
C VAL A 134 -1.73 1.94 3.63
N GLU A 135 -2.69 2.20 4.52
CA GLU A 135 -2.59 1.76 5.91
C GLU A 135 -3.97 1.49 6.50
N LEU A 136 -4.17 0.28 6.99
CA LEU A 136 -5.45 -0.11 7.58
C LEU A 136 -5.88 0.89 8.65
N VAL A 137 -7.18 0.97 8.90
CA VAL A 137 -7.72 1.88 9.89
C VAL A 137 -7.02 1.70 11.24
ZN ZN B . 6.05 4.49 2.61
CA CA C . -3.01 11.99 1.23
N MET A 1 -9.07 -15.86 -12.70
CA MET A 1 -9.38 -14.95 -13.80
C MET A 1 -9.08 -13.51 -13.42
N SER A 2 -8.11 -13.32 -12.53
CA SER A 2 -7.72 -11.99 -12.09
C SER A 2 -6.20 -11.84 -12.04
N PHE A 3 -5.74 -10.60 -12.01
CA PHE A 3 -4.30 -10.32 -11.97
C PHE A 3 -3.68 -10.85 -10.69
N LYS A 4 -2.45 -10.43 -10.43
CA LYS A 4 -1.74 -10.87 -9.23
C LYS A 4 -0.41 -10.14 -9.09
N PHE A 5 0.07 -10.01 -7.85
CA PHE A 5 1.35 -9.33 -7.59
C PHE A 5 2.50 -10.33 -7.62
N GLY A 6 3.70 -9.83 -7.94
CA GLY A 6 4.87 -10.68 -7.99
C GLY A 6 5.13 -11.37 -6.67
N LYS A 7 6.14 -12.25 -6.66
CA LYS A 7 6.50 -12.98 -5.45
C LYS A 7 7.08 -12.05 -4.40
N ASN A 8 7.91 -11.11 -4.83
CA ASN A 8 8.53 -10.15 -3.92
C ASN A 8 7.56 -9.03 -3.57
N SER A 9 6.63 -8.76 -4.47
CA SER A 9 5.64 -7.71 -4.25
C SER A 9 4.49 -8.21 -3.36
N GLU A 10 4.04 -9.43 -3.64
CA GLU A 10 2.95 -10.02 -2.86
C GLU A 10 3.39 -10.32 -1.43
N LYS A 11 4.58 -10.90 -1.30
CA LYS A 11 5.13 -11.23 0.02
C LYS A 11 5.06 -10.03 0.95
N GLN A 12 5.14 -8.84 0.38
CA GLN A 12 5.10 -7.61 1.15
C GLN A 12 3.77 -7.47 1.88
N LEU A 13 2.67 -7.55 1.12
CA LEU A 13 1.34 -7.44 1.68
C LEU A 13 0.91 -8.75 2.35
N ALA A 14 1.52 -9.84 1.92
CA ALA A 14 1.20 -11.16 2.47
C ALA A 14 1.86 -11.35 3.82
N THR A 15 2.74 -10.42 4.20
CA THR A 15 3.44 -10.49 5.48
C THR A 15 2.71 -9.68 6.55
N VAL A 16 1.58 -9.10 6.18
CA VAL A 16 0.79 -8.30 7.10
C VAL A 16 -0.25 -9.16 7.83
N LYS A 17 -0.41 -8.91 9.13
CA LYS A 17 -1.36 -9.66 9.93
C LYS A 17 -2.70 -8.93 10.00
N PRO A 18 -2.68 -7.62 9.71
CA PRO A 18 -3.88 -6.78 9.73
C PRO A 18 -4.85 -7.13 8.60
N GLU A 19 -5.97 -6.41 8.55
CA GLU A 19 -6.97 -6.63 7.52
C GLU A 19 -6.50 -6.08 6.17
N LEU A 20 -5.46 -5.26 6.21
CA LEU A 20 -4.91 -4.67 4.99
C LEU A 20 -4.71 -5.72 3.90
N GLN A 21 -4.28 -6.91 4.31
CA GLN A 21 -4.06 -8.00 3.38
C GLN A 21 -5.29 -8.23 2.50
N LYS A 22 -6.46 -7.91 3.05
CA LYS A 22 -7.71 -8.08 2.32
C LYS A 22 -7.87 -7.00 1.25
N VAL A 23 -7.91 -5.75 1.69
CA VAL A 23 -8.06 -4.62 0.77
C VAL A 23 -6.95 -4.63 -0.29
N ALA A 24 -5.80 -5.16 0.07
CA ALA A 24 -4.67 -5.23 -0.84
C ALA A 24 -4.92 -6.24 -1.95
N ARG A 25 -5.20 -7.48 -1.58
CA ARG A 25 -5.46 -8.53 -2.54
C ARG A 25 -6.85 -8.38 -3.15
N ARG A 26 -7.86 -8.30 -2.30
CA ARG A 26 -9.24 -8.16 -2.76
C ARG A 26 -9.36 -7.03 -3.78
N ALA A 27 -8.49 -6.04 -3.66
CA ALA A 27 -8.49 -4.89 -4.57
C ALA A 27 -8.48 -5.36 -6.02
N LEU A 28 -7.52 -6.22 -6.36
CA LEU A 28 -7.40 -6.74 -7.73
C LEU A 28 -8.66 -7.51 -8.12
N GLU A 29 -9.41 -7.95 -7.12
CA GLU A 29 -10.64 -8.70 -7.37
C GLU A 29 -11.84 -7.76 -7.48
N LEU A 30 -11.61 -6.48 -7.20
CA LEU A 30 -12.67 -5.49 -7.28
C LEU A 30 -12.15 -4.19 -7.87
N SER A 31 -11.11 -4.29 -8.69
CA SER A 31 -10.52 -3.12 -9.32
C SER A 31 -10.50 -3.27 -10.84
N PRO A 32 -10.91 -2.21 -11.55
CA PRO A 32 -10.95 -2.19 -13.01
C PRO A 32 -9.56 -2.18 -13.63
N TYR A 33 -8.62 -1.55 -12.94
CA TYR A 33 -7.24 -1.45 -13.42
C TYR A 33 -6.33 -2.39 -12.64
N ASP A 34 -5.07 -2.47 -13.06
CA ASP A 34 -4.10 -3.34 -12.41
C ASP A 34 -3.23 -2.53 -11.44
N PHE A 35 -2.58 -3.24 -10.52
CA PHE A 35 -1.72 -2.59 -9.53
C PHE A 35 -0.93 -3.63 -8.75
N THR A 36 0.24 -3.22 -8.24
CA THR A 36 1.09 -4.12 -7.46
C THR A 36 1.75 -3.38 -6.30
N ILE A 37 1.94 -4.09 -5.20
CA ILE A 37 2.55 -3.50 -4.01
C ILE A 37 4.07 -3.59 -4.08
N VAL A 38 4.74 -2.49 -3.74
CA VAL A 38 6.20 -2.44 -3.76
C VAL A 38 6.77 -2.43 -2.35
N GLN A 39 6.25 -1.53 -1.51
CA GLN A 39 6.71 -1.42 -0.13
C GLN A 39 5.78 -2.16 0.81
N GLY A 40 6.36 -2.77 1.84
CA GLY A 40 5.56 -3.51 2.81
C GLY A 40 6.00 -3.25 4.24
N ILE A 41 5.13 -3.58 5.19
CA ILE A 41 5.44 -3.38 6.61
C ILE A 41 6.52 -4.35 7.08
N ARG A 42 7.27 -3.93 8.09
CA ARG A 42 8.34 -4.76 8.64
C ARG A 42 7.82 -5.60 9.80
N THR A 43 8.73 -6.33 10.44
CA THR A 43 8.37 -7.19 11.56
C THR A 43 9.46 -7.17 12.63
N VAL A 44 9.25 -7.96 13.68
CA VAL A 44 10.22 -8.04 14.77
C VAL A 44 11.61 -8.37 14.26
N ALA A 45 11.67 -9.13 13.18
CA ALA A 45 12.95 -9.51 12.57
C ALA A 45 13.73 -8.30 12.12
N GLN A 46 13.03 -7.16 11.99
CA GLN A 46 13.67 -5.93 11.55
C GLN A 46 13.84 -4.96 12.73
N SER A 47 12.82 -4.88 13.57
CA SER A 47 12.85 -3.99 14.74
C SER A 47 13.82 -4.51 15.79
N ALA A 48 13.69 -5.79 16.13
CA ALA A 48 14.54 -6.41 17.12
C ALA A 48 16.01 -6.22 16.78
N GLN A 49 16.39 -6.58 15.56
CA GLN A 49 17.77 -6.44 15.10
C GLN A 49 18.20 -4.97 15.13
N ASN A 50 17.27 -4.08 14.79
CA ASN A 50 17.56 -2.64 14.78
C ASN A 50 18.05 -2.18 16.13
N ILE A 51 17.19 -2.29 17.15
CA ILE A 51 17.54 -1.88 18.50
C ILE A 51 17.98 -3.07 19.34
N ALA A 52 17.06 -3.99 19.59
CA ALA A 52 17.35 -5.18 20.38
C ALA A 52 17.52 -4.82 21.85
N ASN A 53 16.50 -4.20 22.44
CA ASN A 53 16.55 -3.81 23.84
C ASN A 53 15.16 -3.44 24.34
N GLY A 54 14.13 -4.03 23.73
CA GLY A 54 12.78 -3.75 24.13
C GLY A 54 12.30 -2.39 23.66
N THR A 55 13.02 -1.80 22.71
CA THR A 55 12.65 -0.50 22.19
C THR A 55 12.08 0.41 23.28
N SER A 56 12.96 1.00 24.08
CA SER A 56 12.53 1.88 25.16
C SER A 56 12.42 3.32 24.67
N PHE A 57 12.35 3.49 23.36
CA PHE A 57 12.25 4.81 22.77
C PHE A 57 10.80 5.15 22.44
N LEU A 58 9.91 4.19 22.66
CA LEU A 58 8.50 4.37 22.39
C LEU A 58 7.63 3.70 23.45
N LYS A 59 6.36 4.09 23.51
CA LYS A 59 5.44 3.51 24.48
C LYS A 59 4.21 2.94 23.79
N ASP A 60 3.56 3.76 22.97
CA ASP A 60 2.37 3.33 22.24
C ASP A 60 2.02 4.32 21.13
N PRO A 61 2.95 4.47 20.18
CA PRO A 61 2.77 5.39 19.05
C PRO A 61 1.70 4.90 18.07
N SER A 62 1.62 5.55 16.91
CA SER A 62 0.64 5.18 15.89
C SER A 62 1.28 4.30 14.82
N LYS A 63 0.58 4.12 13.71
CA LYS A 63 1.07 3.30 12.61
C LYS A 63 1.82 4.16 11.59
N SER A 64 2.57 5.15 12.09
CA SER A 64 3.32 6.04 11.22
C SER A 64 4.46 5.29 10.53
N LYS A 65 5.18 4.48 11.30
CA LYS A 65 6.29 3.70 10.76
C LYS A 65 5.81 2.33 10.30
N HIS A 66 6.37 1.87 9.18
CA HIS A 66 6.00 0.56 8.63
C HIS A 66 6.25 -0.55 9.65
N ILE A 67 7.08 -0.26 10.65
CA ILE A 67 7.40 -1.23 11.68
C ILE A 67 6.18 -1.55 12.54
N THR A 68 5.11 -0.78 12.35
CA THR A 68 3.88 -0.97 13.10
C THR A 68 3.11 -2.18 12.56
N GLY A 69 3.36 -2.53 11.31
CA GLY A 69 2.68 -3.66 10.70
C GLY A 69 1.52 -3.23 9.82
N ASP A 70 1.36 -1.93 9.66
CA ASP A 70 0.28 -1.39 8.83
C ASP A 70 0.81 -0.31 7.90
N ALA A 71 0.93 -0.65 6.62
CA ALA A 71 1.42 0.29 5.62
C ALA A 71 1.96 -0.44 4.39
N ILE A 72 1.57 0.02 3.22
CA ILE A 72 2.00 -0.58 1.96
C ILE A 72 2.06 0.44 0.84
N ASP A 73 3.18 0.46 0.11
CA ASP A 73 3.34 1.40 -0.99
C ASP A 73 3.23 0.68 -2.33
N PHE A 74 2.09 0.86 -3.00
CA PHE A 74 1.86 0.23 -4.29
C PHE A 74 1.91 1.25 -5.41
N ALA A 75 1.76 0.77 -6.64
CA ALA A 75 1.79 1.64 -7.81
C ALA A 75 0.87 1.12 -8.92
N PRO A 76 0.37 2.04 -9.75
CA PRO A 76 -0.53 1.69 -10.86
C PRO A 76 0.20 0.95 -11.98
N TYR A 77 -0.06 -0.36 -12.07
CA TYR A 77 0.56 -1.17 -13.10
C TYR A 77 -0.36 -1.37 -14.30
N ILE A 78 0.17 -1.14 -15.49
CA ILE A 78 -0.61 -1.28 -16.71
C ILE A 78 0.16 -2.07 -17.77
N ASN A 79 -0.53 -2.98 -18.44
CA ASN A 79 0.09 -3.80 -19.48
C ASN A 79 1.15 -4.72 -18.87
N GLY A 80 0.98 -5.07 -17.61
CA GLY A 80 1.94 -5.93 -16.94
C GLY A 80 3.18 -5.18 -16.47
N LYS A 81 3.22 -3.88 -16.75
CA LYS A 81 4.34 -3.05 -16.36
C LYS A 81 3.86 -1.76 -15.68
N ILE A 82 4.71 -1.20 -14.82
CA ILE A 82 4.37 0.02 -14.12
C ILE A 82 3.96 1.13 -15.10
N ASP A 83 2.94 1.88 -14.74
CA ASP A 83 2.45 2.97 -15.58
C ASP A 83 2.57 4.31 -14.86
N TRP A 84 3.34 5.22 -15.43
CA TRP A 84 3.54 6.54 -14.84
C TRP A 84 3.10 7.64 -15.80
N ASN A 85 2.47 7.24 -16.91
CA ASN A 85 2.00 8.18 -17.91
C ASN A 85 0.48 8.30 -17.86
N ASP A 86 -0.20 7.16 -17.78
CA ASP A 86 -1.65 7.14 -17.74
C ASP A 86 -2.16 7.62 -16.38
N LEU A 87 -2.24 8.94 -16.21
CA LEU A 87 -2.70 9.53 -14.97
C LEU A 87 -4.12 9.08 -14.64
N GLU A 88 -5.01 9.20 -15.63
CA GLU A 88 -6.39 8.80 -15.45
C GLU A 88 -6.49 7.35 -14.98
N ALA A 89 -5.54 6.53 -15.40
CA ALA A 89 -5.52 5.12 -15.02
C ALA A 89 -5.28 4.97 -13.52
N PHE A 90 -4.59 5.94 -12.93
CA PHE A 90 -4.30 5.91 -11.50
C PHE A 90 -5.56 6.17 -10.67
N TRP A 91 -6.48 6.93 -11.25
CA TRP A 91 -7.72 7.26 -10.56
C TRP A 91 -8.46 5.99 -10.15
N ALA A 92 -8.65 5.08 -11.09
CA ALA A 92 -9.34 3.83 -10.81
C ALA A 92 -8.58 2.99 -9.79
N VAL A 93 -7.29 2.79 -10.05
CA VAL A 93 -6.46 2.01 -9.14
C VAL A 93 -6.46 2.60 -7.74
N LYS A 94 -6.79 3.88 -7.64
CA LYS A 94 -6.84 4.57 -6.36
C LYS A 94 -8.07 4.14 -5.55
N LYS A 95 -9.24 4.21 -6.19
CA LYS A 95 -10.48 3.82 -5.53
C LYS A 95 -10.54 2.31 -5.33
N ALA A 96 -9.69 1.58 -6.05
CA ALA A 96 -9.65 0.13 -5.95
C ALA A 96 -9.51 -0.32 -4.50
N PHE A 97 -8.70 0.41 -3.73
CA PHE A 97 -8.49 0.09 -2.33
C PHE A 97 -9.69 0.49 -1.49
N GLU A 98 -10.01 1.78 -1.51
CA GLU A 98 -11.14 2.30 -0.75
C GLU A 98 -12.44 1.57 -1.13
N GLN A 99 -12.44 0.96 -2.31
CA GLN A 99 -13.60 0.24 -2.79
C GLN A 99 -13.69 -1.15 -2.17
N ALA A 100 -12.53 -1.71 -1.84
CA ALA A 100 -12.47 -3.03 -1.23
C ALA A 100 -13.03 -3.01 0.19
N GLY A 101 -12.63 -2.00 0.96
CA GLY A 101 -13.10 -1.89 2.32
C GLY A 101 -14.61 -1.93 2.42
N LYS A 102 -15.29 -1.59 1.33
CA LYS A 102 -16.74 -1.60 1.30
C LYS A 102 -17.29 -3.02 1.45
N GLU A 103 -16.93 -3.89 0.51
CA GLU A 103 -17.38 -5.27 0.55
C GLU A 103 -16.80 -6.00 1.76
N LEU A 104 -15.54 -5.70 2.08
CA LEU A 104 -14.87 -6.32 3.21
C LEU A 104 -15.45 -5.84 4.53
N GLY A 105 -16.01 -4.63 4.51
CA GLY A 105 -16.60 -4.07 5.72
C GLY A 105 -15.57 -3.37 6.59
N ILE A 106 -14.35 -3.29 6.11
CA ILE A 106 -13.27 -2.63 6.85
C ILE A 106 -13.01 -1.23 6.32
N LYS A 107 -12.27 -0.44 7.10
CA LYS A 107 -11.95 0.93 6.70
C LYS A 107 -10.45 1.09 6.51
N LEU A 108 -10.07 1.81 5.45
CA LEU A 108 -8.66 2.03 5.14
C LEU A 108 -8.47 3.36 4.40
N ARG A 109 -7.28 3.94 4.53
CA ARG A 109 -6.98 5.20 3.87
C ARG A 109 -5.56 5.19 3.31
N PHE A 110 -5.39 5.79 2.12
CA PHE A 110 -4.09 5.85 1.48
C PHE A 110 -3.75 7.28 1.08
N GLY A 111 -2.45 7.56 0.95
CA GLY A 111 -2.01 8.89 0.57
C GLY A 111 -1.47 8.95 -0.84
N ALA A 112 -2.06 9.80 -1.67
CA ALA A 112 -1.63 9.94 -3.06
C ALA A 112 -2.48 10.97 -3.79
N ASP A 113 -2.90 12.01 -3.07
CA ASP A 113 -3.72 13.06 -3.65
C ASP A 113 -3.12 14.43 -3.38
N TRP A 114 -3.28 15.35 -4.33
CA TRP A 114 -2.75 16.71 -4.19
C TRP A 114 -3.23 17.34 -2.88
N ASN A 115 -4.33 16.83 -2.34
CA ASN A 115 -4.89 17.35 -1.10
C ASN A 115 -3.78 17.61 -0.08
N ALA A 116 -2.98 16.59 0.18
CA ALA A 116 -1.88 16.72 1.13
C ALA A 116 -0.57 16.22 0.53
N SER A 117 -0.65 15.13 -0.23
CA SER A 117 0.53 14.55 -0.86
C SER A 117 1.32 15.60 -1.63
N GLY A 118 0.63 16.66 -2.04
CA GLY A 118 1.27 17.73 -2.78
C GLY A 118 0.95 17.69 -4.26
N ASP A 119 0.74 16.49 -4.79
CA ASP A 119 0.42 16.31 -6.20
C ASP A 119 0.49 14.85 -6.60
N TYR A 120 -0.04 14.53 -7.79
CA TYR A 120 -0.03 13.16 -8.28
C TYR A 120 -0.10 13.14 -9.80
N HIS A 121 0.60 14.07 -10.44
CA HIS A 121 0.62 14.16 -11.89
C HIS A 121 2.03 13.96 -12.43
N ASP A 122 3.03 14.40 -11.67
CA ASP A 122 4.42 14.27 -12.06
C ASP A 122 5.22 13.54 -11.00
N GLU A 123 4.82 13.71 -9.74
CA GLU A 123 5.52 13.06 -8.63
C GLU A 123 5.55 11.55 -8.81
N ILE A 124 4.49 11.01 -9.39
CA ILE A 124 4.40 9.57 -9.62
C ILE A 124 5.57 9.08 -10.46
N LYS A 125 6.11 9.96 -11.30
CA LYS A 125 7.24 9.62 -12.15
C LYS A 125 8.46 9.26 -11.31
N ARG A 126 8.46 9.68 -10.05
CA ARG A 126 9.57 9.41 -9.15
C ARG A 126 9.67 7.92 -8.85
N GLY A 127 8.57 7.20 -9.05
CA GLY A 127 8.55 5.77 -8.80
C GLY A 127 7.90 5.42 -7.48
N THR A 128 7.20 6.39 -6.90
CA THR A 128 6.52 6.18 -5.62
C THR A 128 5.06 6.59 -5.70
N TYR A 129 4.60 6.90 -6.91
CA TYR A 129 3.22 7.31 -7.11
C TYR A 129 2.85 8.46 -6.19
N ASP A 130 3.76 9.40 -6.02
CA ASP A 130 3.53 10.56 -5.16
C ASP A 130 2.89 10.13 -3.84
N GLY A 131 3.20 8.91 -3.40
CA GLY A 131 2.64 8.40 -2.17
C GLY A 131 2.24 6.93 -2.27
N GLY A 132 1.03 6.68 -2.74
CA GLY A 132 0.55 5.32 -2.87
C GLY A 132 0.72 4.52 -1.60
N HIS A 133 0.71 5.22 -0.46
CA HIS A 133 0.86 4.57 0.83
C HIS A 133 -0.49 4.41 1.52
N VAL A 134 -0.92 3.16 1.68
CA VAL A 134 -2.20 2.87 2.31
C VAL A 134 -2.01 2.47 3.77
N GLU A 135 -3.09 2.50 4.54
CA GLU A 135 -3.04 2.13 5.95
C GLU A 135 -4.42 1.74 6.46
N LEU A 136 -4.51 0.58 7.09
CA LEU A 136 -5.78 0.08 7.63
C LEU A 136 -6.26 0.98 8.76
N VAL A 137 -7.58 1.07 8.91
CA VAL A 137 -8.18 1.88 9.97
C VAL A 137 -7.56 1.57 11.32
ZN ZN B . 5.75 4.66 2.52
CA CA C . -2.79 12.72 1.19
N MET A 1 -11.47 -15.32 -11.71
CA MET A 1 -10.24 -14.98 -12.42
C MET A 1 -9.84 -13.54 -12.16
N SER A 2 -8.64 -13.35 -11.63
CA SER A 2 -8.13 -12.02 -11.33
C SER A 2 -6.60 -11.98 -11.40
N PHE A 3 -6.06 -10.78 -11.54
CA PHE A 3 -4.61 -10.61 -11.61
C PHE A 3 -3.94 -11.04 -10.31
N LYS A 4 -2.66 -10.70 -10.18
CA LYS A 4 -1.89 -11.06 -8.98
C LYS A 4 -0.59 -10.27 -8.92
N PHE A 5 -0.06 -10.11 -7.71
CA PHE A 5 1.19 -9.38 -7.51
C PHE A 5 2.40 -10.32 -7.62
N GLY A 6 3.56 -9.75 -7.90
CA GLY A 6 4.76 -10.54 -8.03
C GLY A 6 5.04 -11.38 -6.79
N LYS A 7 6.01 -12.27 -6.90
CA LYS A 7 6.37 -13.14 -5.79
C LYS A 7 7.02 -12.34 -4.65
N ASN A 8 7.86 -11.38 -5.03
CA ASN A 8 8.54 -10.54 -4.05
C ASN A 8 7.65 -9.39 -3.60
N SER A 9 6.69 -9.03 -4.44
CA SER A 9 5.77 -7.94 -4.12
C SER A 9 4.59 -8.45 -3.29
N GLU A 10 3.96 -9.52 -3.77
CA GLU A 10 2.82 -10.11 -3.07
C GLU A 10 3.18 -10.45 -1.63
N LYS A 11 4.45 -10.80 -1.41
CA LYS A 11 4.93 -11.16 -0.08
C LYS A 11 4.98 -9.93 0.82
N GLN A 12 5.06 -8.75 0.21
CA GLN A 12 5.12 -7.49 0.96
C GLN A 12 3.83 -7.28 1.75
N LEU A 13 2.70 -7.22 1.04
CA LEU A 13 1.41 -7.01 1.67
C LEU A 13 0.89 -8.31 2.28
N ALA A 14 1.41 -9.43 1.81
CA ALA A 14 1.01 -10.74 2.30
C ALA A 14 1.66 -11.05 3.64
N THR A 15 2.53 -10.14 4.08
CA THR A 15 3.24 -10.33 5.35
C THR A 15 2.54 -9.56 6.48
N VAL A 16 1.49 -8.83 6.12
CA VAL A 16 0.74 -8.05 7.10
C VAL A 16 -0.27 -8.92 7.85
N LYS A 17 -0.38 -8.70 9.15
CA LYS A 17 -1.31 -9.47 9.98
C LYS A 17 -2.65 -8.75 10.08
N PRO A 18 -2.65 -7.44 9.82
CA PRO A 18 -3.87 -6.62 9.87
C PRO A 18 -4.85 -6.94 8.74
N GLU A 19 -5.95 -6.21 8.69
CA GLU A 19 -6.97 -6.42 7.67
C GLU A 19 -6.48 -5.89 6.32
N LEU A 20 -5.43 -5.08 6.34
CA LEU A 20 -4.88 -4.50 5.13
C LEU A 20 -4.69 -5.56 4.06
N GLN A 21 -4.25 -6.74 4.47
CA GLN A 21 -4.03 -7.85 3.55
C GLN A 21 -5.27 -8.10 2.70
N LYS A 22 -6.44 -7.78 3.24
CA LYS A 22 -7.69 -7.97 2.54
C LYS A 22 -7.88 -6.92 1.45
N VAL A 23 -7.88 -5.65 1.85
CA VAL A 23 -8.05 -4.55 0.91
C VAL A 23 -6.95 -4.57 -0.15
N ALA A 24 -5.79 -5.10 0.22
CA ALA A 24 -4.66 -5.18 -0.70
C ALA A 24 -4.91 -6.21 -1.79
N ARG A 25 -5.21 -7.44 -1.38
CA ARG A 25 -5.46 -8.51 -2.34
C ARG A 25 -6.85 -8.36 -2.96
N ARG A 26 -7.86 -8.27 -2.11
CA ARG A 26 -9.24 -8.13 -2.57
C ARG A 26 -9.35 -7.01 -3.61
N ALA A 27 -8.46 -6.02 -3.50
CA ALA A 27 -8.47 -4.89 -4.42
C ALA A 27 -8.46 -5.36 -5.86
N LEU A 28 -7.50 -6.21 -6.20
CA LEU A 28 -7.39 -6.75 -7.56
C LEU A 28 -8.64 -7.52 -7.95
N GLU A 29 -9.39 -7.97 -6.94
CA GLU A 29 -10.62 -8.72 -7.19
C GLU A 29 -11.81 -7.78 -7.36
N LEU A 30 -11.58 -6.50 -7.09
CA LEU A 30 -12.63 -5.49 -7.20
C LEU A 30 -12.09 -4.20 -7.82
N SER A 31 -11.02 -4.33 -8.60
CA SER A 31 -10.40 -3.17 -9.24
C SER A 31 -10.38 -3.34 -10.76
N PRO A 32 -10.77 -2.29 -11.48
CA PRO A 32 -10.80 -2.30 -12.94
C PRO A 32 -9.40 -2.31 -13.55
N TYR A 33 -8.45 -1.71 -12.84
CA TYR A 33 -7.07 -1.64 -13.30
C TYR A 33 -6.19 -2.60 -12.52
N ASP A 34 -4.93 -2.71 -12.94
CA ASP A 34 -3.98 -3.59 -12.28
C ASP A 34 -3.02 -2.80 -11.39
N PHE A 35 -2.52 -3.44 -10.34
CA PHE A 35 -1.60 -2.80 -9.42
C PHE A 35 -0.81 -3.83 -8.62
N THR A 36 0.35 -3.43 -8.11
CA THR A 36 1.19 -4.32 -7.32
C THR A 36 1.84 -3.57 -6.16
N ILE A 37 1.93 -4.24 -5.02
CA ILE A 37 2.53 -3.64 -3.83
C ILE A 37 4.06 -3.72 -3.89
N VAL A 38 4.71 -2.59 -3.68
CA VAL A 38 6.17 -2.53 -3.71
C VAL A 38 6.74 -2.51 -2.30
N GLN A 39 6.27 -1.56 -1.48
CA GLN A 39 6.73 -1.44 -0.11
C GLN A 39 5.80 -2.17 0.85
N GLY A 40 6.37 -2.75 1.90
CA GLY A 40 5.58 -3.47 2.88
C GLY A 40 6.01 -3.18 4.31
N ILE A 41 5.13 -3.48 5.26
CA ILE A 41 5.43 -3.25 6.67
C ILE A 41 6.50 -4.22 7.17
N ARG A 42 7.26 -3.78 8.16
CA ARG A 42 8.32 -4.60 8.73
C ARG A 42 7.80 -5.40 9.93
N THR A 43 8.70 -6.14 10.57
CA THR A 43 8.34 -6.94 11.73
C THR A 43 9.45 -6.95 12.78
N VAL A 44 9.23 -7.69 13.86
CA VAL A 44 10.22 -7.77 14.93
C VAL A 44 11.59 -8.19 14.38
N ALA A 45 11.58 -8.95 13.30
CA ALA A 45 12.81 -9.41 12.68
C ALA A 45 13.65 -8.24 12.19
N GLN A 46 13.02 -7.07 12.08
CA GLN A 46 13.71 -5.87 11.61
C GLN A 46 13.91 -4.89 12.75
N SER A 47 12.91 -4.77 13.62
CA SER A 47 12.96 -3.86 14.76
C SER A 47 13.91 -4.38 15.83
N ALA A 48 13.77 -5.67 16.15
CA ALA A 48 14.62 -6.29 17.16
C ALA A 48 16.09 -6.13 16.83
N GLN A 49 16.46 -6.50 15.60
CA GLN A 49 17.84 -6.39 15.16
C GLN A 49 18.29 -4.93 15.11
N ASN A 50 17.37 -4.05 14.74
CA ASN A 50 17.67 -2.63 14.65
C ASN A 50 18.18 -2.10 15.98
N ILE A 51 17.34 -2.20 17.01
CA ILE A 51 17.70 -1.73 18.34
C ILE A 51 18.19 -2.88 19.22
N ALA A 52 17.28 -3.80 19.52
CA ALA A 52 17.61 -4.96 20.35
C ALA A 52 17.85 -4.55 21.79
N ASN A 53 16.82 -4.00 22.42
CA ASN A 53 16.92 -3.56 23.81
C ASN A 53 15.55 -3.55 24.48
N GLY A 54 14.63 -4.33 23.94
CA GLY A 54 13.28 -4.40 24.49
C GLY A 54 12.36 -3.35 23.91
N THR A 55 12.82 -2.69 22.85
CA THR A 55 12.03 -1.65 22.20
C THR A 55 11.22 -0.85 23.22
N SER A 56 11.90 -0.40 24.28
CA SER A 56 11.25 0.37 25.32
C SER A 56 11.01 1.81 24.86
N PHE A 57 11.48 2.12 23.67
CA PHE A 57 11.32 3.46 23.11
C PHE A 57 9.92 3.66 22.55
N LEU A 58 9.10 2.61 22.65
CA LEU A 58 7.73 2.66 22.14
C LEU A 58 6.74 2.15 23.19
N LYS A 59 5.63 2.86 23.35
CA LYS A 59 4.62 2.47 24.32
C LYS A 59 3.26 2.35 23.65
N ASP A 60 2.99 3.23 22.69
CA ASP A 60 1.72 3.22 21.96
C ASP A 60 1.72 4.27 20.86
N PRO A 61 2.65 4.14 19.91
CA PRO A 61 2.77 5.07 18.79
C PRO A 61 1.61 4.95 17.80
N SER A 62 1.74 5.60 16.65
CA SER A 62 0.70 5.58 15.63
C SER A 62 1.26 5.07 14.29
N LYS A 63 0.47 5.22 13.24
CA LYS A 63 0.88 4.79 11.91
C LYS A 63 1.86 5.78 11.30
N SER A 64 3.06 5.84 11.88
CA SER A 64 4.09 6.75 11.38
C SER A 64 5.24 5.98 10.74
N LYS A 65 5.46 4.76 11.22
CA LYS A 65 6.52 3.91 10.69
C LYS A 65 5.97 2.56 10.25
N HIS A 66 6.51 2.03 9.16
CA HIS A 66 6.09 0.75 8.63
C HIS A 66 6.29 -0.36 9.65
N ILE A 67 7.13 -0.09 10.65
CA ILE A 67 7.40 -1.07 11.69
C ILE A 67 6.16 -1.35 12.53
N THR A 68 5.13 -0.53 12.35
CA THR A 68 3.88 -0.69 13.08
C THR A 68 3.10 -1.90 12.57
N GLY A 69 3.35 -2.28 11.33
CA GLY A 69 2.66 -3.42 10.75
C GLY A 69 1.52 -3.01 9.85
N ASP A 70 1.33 -1.69 9.70
CA ASP A 70 0.27 -1.17 8.85
C ASP A 70 0.82 -0.12 7.88
N ALA A 71 0.93 -0.49 6.62
CA ALA A 71 1.43 0.42 5.60
C ALA A 71 1.97 -0.34 4.39
N ILE A 72 1.60 0.10 3.20
CA ILE A 72 2.04 -0.55 1.97
C ILE A 72 2.10 0.45 0.81
N ASP A 73 3.24 0.47 0.12
CA ASP A 73 3.42 1.37 -1.00
C ASP A 73 3.36 0.61 -2.33
N PHE A 74 2.22 0.74 -3.01
CA PHE A 74 2.02 0.06 -4.30
C PHE A 74 2.12 1.05 -5.45
N ALA A 75 2.06 0.53 -6.67
CA ALA A 75 2.15 1.36 -7.86
C ALA A 75 1.19 0.87 -8.94
N PRO A 76 0.74 1.80 -9.81
CA PRO A 76 -0.18 1.48 -10.90
C PRO A 76 0.48 0.64 -11.99
N TYR A 77 0.17 -0.65 -12.03
CA TYR A 77 0.74 -1.55 -13.02
C TYR A 77 -0.22 -1.74 -14.20
N ILE A 78 0.33 -1.72 -15.40
CA ILE A 78 -0.46 -1.88 -16.61
C ILE A 78 0.24 -2.80 -17.61
N ASN A 79 -0.51 -3.72 -18.20
CA ASN A 79 0.04 -4.65 -19.18
C ASN A 79 1.09 -5.56 -18.54
N GLY A 80 0.92 -5.81 -17.24
CA GLY A 80 1.87 -6.66 -16.54
C GLY A 80 3.15 -5.94 -16.17
N LYS A 81 3.20 -4.64 -16.48
CA LYS A 81 4.38 -3.84 -16.18
C LYS A 81 3.98 -2.48 -15.62
N ILE A 82 4.84 -1.92 -14.78
CA ILE A 82 4.58 -0.62 -14.18
C ILE A 82 4.24 0.43 -15.24
N ASP A 83 3.26 1.28 -14.94
CA ASP A 83 2.84 2.32 -15.86
C ASP A 83 2.79 3.67 -15.16
N TRP A 84 3.53 4.64 -15.70
CA TRP A 84 3.57 5.99 -15.13
C TRP A 84 3.08 7.02 -16.13
N ASN A 85 2.57 6.54 -17.26
CA ASN A 85 2.05 7.43 -18.31
C ASN A 85 0.54 7.33 -18.40
N ASP A 86 -0.11 6.98 -17.30
CA ASP A 86 -1.55 6.86 -17.26
C ASP A 86 -2.13 7.55 -16.03
N LEU A 87 -2.21 8.88 -16.09
CA LEU A 87 -2.75 9.67 -14.99
C LEU A 87 -4.15 9.20 -14.61
N GLU A 88 -4.88 8.69 -15.59
CA GLU A 88 -6.24 8.21 -15.35
C GLU A 88 -6.21 6.81 -14.72
N ALA A 89 -5.36 5.94 -15.25
CA ALA A 89 -5.24 4.58 -14.75
C ALA A 89 -4.98 4.57 -13.25
N PHE A 90 -4.35 5.64 -12.75
CA PHE A 90 -4.04 5.75 -11.34
C PHE A 90 -5.30 6.05 -10.53
N TRP A 91 -6.20 6.83 -11.11
CA TRP A 91 -7.45 7.19 -10.45
C TRP A 91 -8.22 5.94 -10.04
N ALA A 92 -8.43 5.04 -10.99
CA ALA A 92 -9.16 3.80 -10.72
C ALA A 92 -8.43 2.95 -9.69
N VAL A 93 -7.15 2.71 -9.92
CA VAL A 93 -6.34 1.91 -9.00
C VAL A 93 -6.37 2.48 -7.60
N LYS A 94 -6.68 3.77 -7.49
CA LYS A 94 -6.75 4.45 -6.20
C LYS A 94 -8.00 4.04 -5.45
N LYS A 95 -9.15 4.13 -6.11
CA LYS A 95 -10.42 3.77 -5.50
C LYS A 95 -10.51 2.26 -5.27
N ALA A 96 -9.66 1.51 -5.97
CA ALA A 96 -9.64 0.06 -5.84
C ALA A 96 -9.51 -0.36 -4.38
N PHE A 97 -8.70 0.38 -3.64
CA PHE A 97 -8.48 0.08 -2.22
C PHE A 97 -9.69 0.50 -1.39
N GLU A 98 -10.03 1.78 -1.45
CA GLU A 98 -11.16 2.31 -0.71
C GLU A 98 -12.45 1.59 -1.10
N GLN A 99 -12.44 0.95 -2.27
CA GLN A 99 -13.61 0.23 -2.75
C GLN A 99 -13.71 -1.14 -2.10
N ALA A 100 -12.56 -1.72 -1.75
CA ALA A 100 -12.53 -3.03 -1.11
C ALA A 100 -13.05 -2.96 0.32
N GLY A 101 -12.66 -1.91 1.04
CA GLY A 101 -13.11 -1.75 2.41
C GLY A 101 -14.61 -1.82 2.55
N LYS A 102 -15.31 -1.53 1.46
CA LYS A 102 -16.77 -1.57 1.46
C LYS A 102 -17.29 -3.00 1.65
N GLU A 103 -16.92 -3.87 0.72
CA GLU A 103 -17.35 -5.26 0.79
C GLU A 103 -16.74 -5.97 2.00
N LEU A 104 -15.51 -5.59 2.33
CA LEU A 104 -14.81 -6.19 3.48
C LEU A 104 -15.38 -5.66 4.79
N GLY A 105 -15.97 -4.46 4.74
CA GLY A 105 -16.54 -3.87 5.93
C GLY A 105 -15.52 -3.12 6.76
N ILE A 106 -14.30 -3.01 6.23
CA ILE A 106 -13.23 -2.31 6.93
C ILE A 106 -12.97 -0.95 6.31
N LYS A 107 -12.26 -0.09 7.04
CA LYS A 107 -11.94 1.25 6.55
C LYS A 107 -10.43 1.44 6.44
N LEU A 108 -10.00 2.08 5.35
CA LEU A 108 -8.58 2.32 5.13
C LEU A 108 -8.37 3.60 4.32
N ARG A 109 -7.18 4.18 4.43
CA ARG A 109 -6.85 5.41 3.72
C ARG A 109 -5.44 5.34 3.13
N PHE A 110 -5.26 5.96 1.98
CA PHE A 110 -3.96 5.97 1.31
C PHE A 110 -3.54 7.39 0.96
N GLY A 111 -2.23 7.60 0.82
CA GLY A 111 -1.72 8.92 0.49
C GLY A 111 -1.22 8.99 -0.95
N ALA A 112 -1.81 9.89 -1.73
CA ALA A 112 -1.42 10.06 -3.12
C ALA A 112 -2.28 11.10 -3.81
N ASP A 113 -2.75 12.08 -3.05
CA ASP A 113 -3.59 13.14 -3.59
C ASP A 113 -3.11 14.51 -3.13
N TRP A 114 -3.31 15.52 -3.97
CA TRP A 114 -2.91 16.88 -3.64
C TRP A 114 -3.51 17.33 -2.33
N ASN A 115 -4.56 16.65 -1.89
CA ASN A 115 -5.24 16.98 -0.65
C ASN A 115 -4.22 17.19 0.48
N ALA A 116 -3.39 16.18 0.71
CA ALA A 116 -2.37 16.24 1.75
C ALA A 116 -1.00 15.89 1.21
N SER A 117 -0.96 14.93 0.29
CA SER A 117 0.29 14.50 -0.31
C SER A 117 1.08 15.69 -0.86
N GLY A 118 0.36 16.76 -1.17
CA GLY A 118 1.00 17.95 -1.71
C GLY A 118 0.63 18.21 -3.15
N ASP A 119 0.50 17.14 -3.92
CA ASP A 119 0.15 17.26 -5.33
C ASP A 119 0.16 15.89 -6.01
N TYR A 120 -0.57 15.78 -7.12
CA TYR A 120 -0.65 14.53 -7.85
C TYR A 120 -0.96 14.77 -9.33
N HIS A 121 0.06 14.67 -10.17
CA HIS A 121 -0.10 14.89 -11.60
C HIS A 121 1.21 14.68 -12.34
N ASP A 122 2.28 15.29 -11.82
CA ASP A 122 3.59 15.18 -12.43
C ASP A 122 4.54 14.38 -11.54
N GLU A 123 4.22 14.31 -10.25
CA GLU A 123 5.04 13.58 -9.30
C GLU A 123 5.27 12.14 -9.77
N ILE A 124 4.24 11.55 -10.37
CA ILE A 124 4.32 10.19 -10.87
C ILE A 124 5.55 10.01 -11.76
N LYS A 125 5.96 11.09 -12.43
CA LYS A 125 7.12 11.06 -13.31
C LYS A 125 8.35 10.54 -12.57
N ARG A 126 8.34 10.68 -11.25
CA ARG A 126 9.46 10.24 -10.42
C ARG A 126 9.59 8.72 -10.48
N GLY A 127 8.48 8.03 -10.72
CA GLY A 127 8.49 6.58 -10.79
C GLY A 127 8.15 5.94 -9.46
N THR A 128 7.68 6.75 -8.52
CA THR A 128 7.32 6.25 -7.20
C THR A 128 5.89 6.64 -6.84
N TYR A 129 5.26 7.43 -7.70
CA TYR A 129 3.90 7.88 -7.47
C TYR A 129 3.84 8.82 -6.27
N ASP A 130 4.99 9.20 -5.75
CA ASP A 130 5.07 10.10 -4.61
C ASP A 130 3.90 9.87 -3.66
N GLY A 131 3.65 8.60 -3.33
CA GLY A 131 2.55 8.28 -2.44
C GLY A 131 2.20 6.80 -2.47
N GLY A 132 0.98 6.50 -2.92
CA GLY A 132 0.55 5.12 -2.99
C GLY A 132 0.70 4.38 -1.67
N HIS A 133 0.74 5.14 -0.58
CA HIS A 133 0.90 4.55 0.75
C HIS A 133 -0.45 4.42 1.44
N VAL A 134 -0.92 3.19 1.57
CA VAL A 134 -2.21 2.93 2.21
C VAL A 134 -2.02 2.55 3.68
N GLU A 135 -3.11 2.56 4.43
CA GLU A 135 -3.07 2.22 5.85
C GLU A 135 -4.46 1.84 6.36
N LEU A 136 -4.52 0.74 7.09
CA LEU A 136 -5.79 0.25 7.65
C LEU A 136 -6.23 1.12 8.83
N VAL A 137 -7.54 1.21 9.02
CA VAL A 137 -8.09 2.00 10.12
C VAL A 137 -7.84 1.34 11.46
ZN ZN B . 5.85 4.85 2.61
CA CA C . -3.03 12.32 1.22
N MET A 1 -11.47 -14.63 -12.94
CA MET A 1 -10.15 -14.32 -13.47
C MET A 1 -9.72 -12.91 -13.08
N SER A 2 -8.63 -12.82 -12.33
CA SER A 2 -8.12 -11.52 -11.89
C SER A 2 -6.59 -11.51 -11.89
N PHE A 3 -6.01 -10.32 -11.88
CA PHE A 3 -4.56 -10.17 -11.88
C PHE A 3 -3.97 -10.72 -10.58
N LYS A 4 -2.68 -10.44 -10.37
CA LYS A 4 -1.98 -10.90 -9.18
C LYS A 4 -0.64 -10.21 -9.03
N PHE A 5 -0.14 -10.14 -7.81
CA PHE A 5 1.16 -9.52 -7.53
C PHE A 5 2.29 -10.54 -7.60
N GLY A 6 3.51 -10.05 -7.84
CA GLY A 6 4.65 -10.94 -7.92
C GLY A 6 4.88 -11.70 -6.63
N LYS A 7 5.81 -12.66 -6.67
CA LYS A 7 6.12 -13.47 -5.50
C LYS A 7 6.81 -12.62 -4.43
N ASN A 8 7.69 -11.73 -4.86
CA ASN A 8 8.42 -10.86 -3.94
C ASN A 8 7.56 -9.68 -3.52
N SER A 9 6.60 -9.31 -4.37
CA SER A 9 5.71 -8.19 -4.09
C SER A 9 4.56 -8.63 -3.18
N GLU A 10 3.86 -9.69 -3.59
CA GLU A 10 2.73 -10.19 -2.82
C GLU A 10 3.16 -10.52 -1.38
N LYS A 11 4.33 -11.13 -1.24
CA LYS A 11 4.85 -11.50 0.07
C LYS A 11 4.87 -10.28 0.99
N GLN A 12 5.00 -9.10 0.41
CA GLN A 12 5.03 -7.86 1.18
C GLN A 12 3.70 -7.62 1.90
N LEU A 13 2.62 -7.66 1.15
CA LEU A 13 1.30 -7.45 1.71
C LEU A 13 0.79 -8.71 2.39
N ALA A 14 1.31 -9.85 1.98
CA ALA A 14 0.92 -11.13 2.55
C ALA A 14 1.54 -11.33 3.93
N THR A 15 2.61 -10.59 4.20
CA THR A 15 3.30 -10.68 5.48
C THR A 15 2.56 -9.90 6.57
N VAL A 16 1.55 -9.14 6.15
CA VAL A 16 0.77 -8.34 7.08
C VAL A 16 -0.28 -9.19 7.80
N LYS A 17 -0.43 -8.96 9.09
CA LYS A 17 -1.39 -9.71 9.89
C LYS A 17 -2.73 -8.98 9.96
N PRO A 18 -2.70 -7.66 9.69
CA PRO A 18 -3.90 -6.83 9.71
C PRO A 18 -4.86 -7.14 8.57
N GLU A 19 -5.97 -6.42 8.51
CA GLU A 19 -6.97 -6.64 7.47
C GLU A 19 -6.47 -6.09 6.13
N LEU A 20 -5.40 -5.30 6.18
CA LEU A 20 -4.83 -4.70 4.98
C LEU A 20 -4.67 -5.75 3.88
N GLN A 21 -4.21 -6.93 4.26
CA GLN A 21 -4.01 -8.02 3.30
C GLN A 21 -5.28 -8.26 2.48
N LYS A 22 -6.43 -7.94 3.08
CA LYS A 22 -7.71 -8.12 2.40
C LYS A 22 -7.92 -7.04 1.34
N VAL A 23 -7.91 -5.79 1.77
CA VAL A 23 -8.10 -4.66 0.86
C VAL A 23 -7.02 -4.65 -0.23
N ALA A 24 -5.84 -5.17 0.11
CA ALA A 24 -4.74 -5.22 -0.84
C ALA A 24 -5.03 -6.22 -1.96
N ARG A 25 -5.32 -7.46 -1.59
CA ARG A 25 -5.60 -8.50 -2.55
C ARG A 25 -6.99 -8.32 -3.16
N ARG A 26 -8.00 -8.21 -2.31
CA ARG A 26 -9.37 -8.02 -2.77
C ARG A 26 -9.46 -6.87 -3.78
N ALA A 27 -8.56 -5.90 -3.64
CA ALA A 27 -8.54 -4.76 -4.54
C ALA A 27 -8.53 -5.20 -5.99
N LEU A 28 -7.57 -6.06 -6.34
CA LEU A 28 -7.46 -6.57 -7.70
C LEU A 28 -8.73 -7.31 -8.13
N GLU A 29 -9.50 -7.76 -7.13
CA GLU A 29 -10.73 -8.48 -7.40
C GLU A 29 -11.91 -7.52 -7.53
N LEU A 30 -11.67 -6.25 -7.22
CA LEU A 30 -12.70 -5.23 -7.31
C LEU A 30 -12.15 -3.93 -7.88
N SER A 31 -11.09 -4.04 -8.68
CA SER A 31 -10.47 -2.88 -9.29
C SER A 31 -10.44 -3.00 -10.81
N PRO A 32 -10.83 -1.92 -11.51
CA PRO A 32 -10.85 -1.89 -12.98
C PRO A 32 -9.45 -1.90 -13.58
N TYR A 33 -8.51 -1.25 -12.90
CA TYR A 33 -7.14 -1.18 -13.37
C TYR A 33 -6.26 -2.18 -12.63
N ASP A 34 -5.01 -2.29 -13.06
CA ASP A 34 -4.06 -3.21 -12.43
C ASP A 34 -3.11 -2.47 -11.49
N PHE A 35 -2.53 -3.20 -10.55
CA PHE A 35 -1.61 -2.60 -9.58
C PHE A 35 -0.89 -3.68 -8.78
N THR A 36 0.29 -3.35 -8.29
CA THR A 36 1.08 -4.29 -7.50
C THR A 36 1.80 -3.59 -6.35
N ILE A 37 1.89 -4.27 -5.21
CA ILE A 37 2.55 -3.71 -4.04
C ILE A 37 4.06 -3.86 -4.13
N VAL A 38 4.78 -2.79 -3.81
CA VAL A 38 6.23 -2.81 -3.86
C VAL A 38 6.83 -2.85 -2.45
N GLN A 39 6.42 -1.90 -1.62
CA GLN A 39 6.92 -1.82 -0.24
C GLN A 39 5.94 -2.48 0.72
N GLY A 40 6.48 -3.08 1.77
CA GLY A 40 5.64 -3.74 2.76
C GLY A 40 6.06 -3.43 4.18
N ILE A 41 5.18 -3.72 5.13
CA ILE A 41 5.48 -3.48 6.54
C ILE A 41 6.56 -4.43 7.05
N ARG A 42 7.30 -3.98 8.06
CA ARG A 42 8.36 -4.80 8.64
C ARG A 42 7.84 -5.64 9.80
N THR A 43 8.74 -6.36 10.46
CA THR A 43 8.37 -7.21 11.59
C THR A 43 9.43 -7.16 12.68
N VAL A 44 9.21 -7.93 13.75
CA VAL A 44 10.14 -7.97 14.86
C VAL A 44 11.54 -8.33 14.39
N ALA A 45 11.62 -9.10 13.31
CA ALA A 45 12.90 -9.50 12.75
C ALA A 45 13.71 -8.30 12.27
N GLN A 46 13.03 -7.17 12.11
CA GLN A 46 13.68 -5.94 11.66
C GLN A 46 13.82 -4.95 12.81
N SER A 47 12.79 -4.86 13.64
CA SER A 47 12.79 -3.95 14.78
C SER A 47 13.73 -4.44 15.87
N ALA A 48 13.59 -5.72 16.23
CA ALA A 48 14.43 -6.32 17.26
C ALA A 48 15.90 -6.14 16.94
N GLN A 49 16.29 -6.49 15.71
CA GLN A 49 17.67 -6.36 15.29
C GLN A 49 18.11 -4.91 15.26
N ASN A 50 17.19 -4.01 14.90
CA ASN A 50 17.48 -2.59 14.84
C ASN A 50 17.95 -2.06 16.19
N ILE A 51 17.07 -2.17 17.19
CA ILE A 51 17.39 -1.72 18.54
C ILE A 51 17.86 -2.88 19.41
N ALA A 52 16.95 -3.82 19.67
CA ALA A 52 17.26 -4.98 20.49
C ALA A 52 17.43 -4.58 21.95
N ASN A 53 16.41 -3.95 22.51
CA ASN A 53 16.44 -3.51 23.90
C ASN A 53 15.04 -3.16 24.40
N GLY A 54 14.03 -3.77 23.79
CA GLY A 54 12.66 -3.52 24.18
C GLY A 54 12.15 -2.18 23.66
N THR A 55 12.87 -1.61 22.70
CA THR A 55 12.49 -0.33 22.12
C THR A 55 11.88 0.59 23.17
N SER A 56 12.74 1.24 23.95
CA SER A 56 12.29 2.15 24.99
C SER A 56 12.16 3.57 24.46
N PHE A 57 12.08 3.69 23.14
CA PHE A 57 11.95 5.00 22.50
C PHE A 57 10.50 5.28 22.13
N LEU A 58 9.63 4.31 22.38
CA LEU A 58 8.21 4.45 22.09
C LEU A 58 7.36 3.82 23.18
N LYS A 59 6.09 4.22 23.24
CA LYS A 59 5.17 3.69 24.24
C LYS A 59 3.96 3.07 23.57
N ASP A 60 3.39 3.77 22.59
CA ASP A 60 2.22 3.27 21.86
C ASP A 60 1.78 4.26 20.80
N PRO A 61 2.68 4.56 19.85
CA PRO A 61 2.40 5.49 18.76
C PRO A 61 1.39 4.94 17.76
N SER A 62 1.24 5.63 16.65
CA SER A 62 0.29 5.22 15.61
C SER A 62 0.99 4.36 14.56
N LYS A 63 0.29 4.12 13.45
CA LYS A 63 0.83 3.30 12.37
C LYS A 63 1.61 4.16 11.38
N SER A 64 2.48 5.02 11.90
CA SER A 64 3.28 5.90 11.06
C SER A 64 4.37 5.12 10.34
N LYS A 65 5.24 4.48 11.11
CA LYS A 65 6.34 3.70 10.55
C LYS A 65 5.84 2.33 10.11
N HIS A 66 6.43 1.82 9.03
CA HIS A 66 6.04 0.51 8.51
C HIS A 66 6.25 -0.59 9.56
N ILE A 67 7.06 -0.27 10.57
CA ILE A 67 7.34 -1.23 11.64
C ILE A 67 6.09 -1.48 12.48
N THR A 68 5.05 -0.71 12.23
CA THR A 68 3.79 -0.85 12.96
C THR A 68 3.00 -2.06 12.47
N GLY A 69 3.31 -2.50 11.25
CA GLY A 69 2.61 -3.64 10.68
C GLY A 69 1.53 -3.23 9.69
N ASP A 70 1.27 -1.93 9.63
CA ASP A 70 0.24 -1.41 8.73
C ASP A 70 0.83 -0.35 7.80
N ALA A 71 1.00 -0.72 6.53
CA ALA A 71 1.55 0.19 5.54
C ALA A 71 2.07 -0.56 4.32
N ILE A 72 1.71 -0.10 3.13
CA ILE A 72 2.14 -0.73 1.89
C ILE A 72 2.24 0.29 0.76
N ASP A 73 3.35 0.25 0.04
CA ASP A 73 3.57 1.17 -1.07
C ASP A 73 3.48 0.44 -2.41
N PHE A 74 2.36 0.61 -3.10
CA PHE A 74 2.14 -0.04 -4.38
C PHE A 74 2.32 0.95 -5.53
N ALA A 75 2.15 0.47 -6.76
CA ALA A 75 2.29 1.32 -7.94
C ALA A 75 1.31 0.90 -9.03
N PRO A 76 0.90 1.87 -9.86
CA PRO A 76 -0.04 1.62 -10.96
C PRO A 76 0.59 0.80 -12.08
N TYR A 77 0.22 -0.48 -12.14
CA TYR A 77 0.74 -1.38 -13.17
C TYR A 77 -0.23 -1.51 -14.33
N ILE A 78 0.26 -1.30 -15.54
CA ILE A 78 -0.56 -1.40 -16.73
C ILE A 78 0.09 -2.29 -17.78
N ASN A 79 -0.72 -3.15 -18.40
CA ASN A 79 -0.21 -4.06 -19.43
C ASN A 79 0.77 -5.06 -18.83
N GLY A 80 0.62 -5.34 -17.54
CA GLY A 80 1.51 -6.28 -16.87
C GLY A 80 2.80 -5.64 -16.44
N LYS A 81 2.99 -4.37 -16.80
CA LYS A 81 4.19 -3.65 -16.44
C LYS A 81 3.84 -2.30 -15.80
N ILE A 82 4.75 -1.79 -14.97
CA ILE A 82 4.54 -0.51 -14.30
C ILE A 82 4.22 0.59 -15.31
N ASP A 83 3.29 1.46 -14.95
CA ASP A 83 2.89 2.56 -15.82
C ASP A 83 2.88 3.88 -15.06
N TRP A 84 3.60 4.86 -15.58
CA TRP A 84 3.68 6.17 -14.95
C TRP A 84 3.17 7.26 -15.89
N ASN A 85 2.61 6.84 -17.02
CA ASN A 85 2.08 7.79 -18.00
C ASN A 85 0.57 7.92 -17.87
N ASP A 86 -0.11 6.78 -17.73
CA ASP A 86 -1.56 6.77 -17.59
C ASP A 86 -1.98 7.44 -16.28
N LEU A 87 -2.18 8.75 -16.34
CA LEU A 87 -2.58 9.52 -15.17
C LEU A 87 -3.93 9.04 -14.64
N GLU A 88 -4.92 8.98 -15.53
CA GLU A 88 -6.25 8.53 -15.15
C GLU A 88 -6.21 7.12 -14.57
N ALA A 89 -5.29 6.31 -15.07
CA ALA A 89 -5.14 4.93 -14.60
C ALA A 89 -4.87 4.90 -13.09
N PHE A 90 -4.24 5.95 -12.59
CA PHE A 90 -3.93 6.04 -11.16
C PHE A 90 -5.17 6.36 -10.35
N TRP A 91 -6.10 7.09 -10.95
CA TRP A 91 -7.34 7.47 -10.29
C TRP A 91 -8.11 6.24 -9.84
N ALA A 92 -8.36 5.33 -10.77
CA ALA A 92 -9.08 4.10 -10.47
C ALA A 92 -8.31 3.23 -9.49
N VAL A 93 -7.05 2.96 -9.80
CA VAL A 93 -6.20 2.15 -8.95
C VAL A 93 -6.23 2.63 -7.51
N LYS A 94 -6.46 3.93 -7.34
CA LYS A 94 -6.51 4.54 -6.02
C LYS A 94 -7.80 4.14 -5.29
N LYS A 95 -8.92 4.18 -6.02
CA LYS A 95 -10.21 3.84 -5.44
C LYS A 95 -10.32 2.33 -5.23
N ALA A 96 -9.47 1.57 -5.92
CA ALA A 96 -9.47 0.11 -5.80
C ALA A 96 -9.37 -0.32 -4.35
N PHE A 97 -8.57 0.40 -3.57
CA PHE A 97 -8.38 0.09 -2.16
C PHE A 97 -9.62 0.49 -1.35
N GLU A 98 -9.97 1.76 -1.41
CA GLU A 98 -11.13 2.27 -0.68
C GLU A 98 -12.41 1.56 -1.12
N GLN A 99 -12.34 0.93 -2.29
CA GLN A 99 -13.49 0.21 -2.83
C GLN A 99 -13.63 -1.16 -2.19
N ALA A 100 -12.50 -1.74 -1.79
CA ALA A 100 -12.49 -3.05 -1.15
C ALA A 100 -13.06 -2.97 0.27
N GLY A 101 -12.55 -2.03 1.05
CA GLY A 101 -13.01 -1.88 2.41
C GLY A 101 -14.52 -1.78 2.51
N LYS A 102 -15.15 -1.36 1.42
CA LYS A 102 -16.60 -1.23 1.38
C LYS A 102 -17.28 -2.59 1.47
N GLU A 103 -16.81 -3.53 0.66
CA GLU A 103 -17.38 -4.88 0.65
C GLU A 103 -16.86 -5.69 1.84
N LEU A 104 -15.64 -5.41 2.27
CA LEU A 104 -15.03 -6.11 3.39
C LEU A 104 -15.57 -5.58 4.72
N GLY A 105 -16.07 -4.35 4.69
CA GLY A 105 -16.61 -3.73 5.89
C GLY A 105 -15.56 -2.98 6.67
N ILE A 106 -14.30 -3.17 6.31
CA ILE A 106 -13.19 -2.49 6.98
C ILE A 106 -12.90 -1.14 6.34
N LYS A 107 -12.21 -0.29 7.08
CA LYS A 107 -11.86 1.04 6.59
C LYS A 107 -10.35 1.20 6.49
N LEU A 108 -9.90 1.87 5.44
CA LEU A 108 -8.48 2.10 5.22
C LEU A 108 -8.24 3.39 4.43
N ARG A 109 -7.08 4.01 4.65
CA ARG A 109 -6.75 5.25 3.96
C ARG A 109 -5.36 5.15 3.33
N PHE A 110 -5.15 5.90 2.25
CA PHE A 110 -3.88 5.89 1.54
C PHE A 110 -3.47 7.30 1.15
N GLY A 111 -2.17 7.51 0.95
CA GLY A 111 -1.68 8.82 0.56
C GLY A 111 -1.16 8.85 -0.87
N ALA A 112 -1.77 9.70 -1.69
CA ALA A 112 -1.38 9.83 -3.08
C ALA A 112 -2.26 10.83 -3.82
N ASP A 113 -2.71 11.86 -3.10
CA ASP A 113 -3.56 12.88 -3.68
C ASP A 113 -3.17 14.26 -3.17
N TRP A 114 -3.13 15.24 -4.07
CA TRP A 114 -2.77 16.61 -3.69
C TRP A 114 -3.64 17.10 -2.54
N ASN A 115 -4.79 16.47 -2.35
CA ASN A 115 -5.71 16.84 -1.28
C ASN A 115 -4.94 17.13 0.00
N ALA A 116 -4.12 16.16 0.43
CA ALA A 116 -3.34 16.31 1.65
C ALA A 116 -1.88 15.94 1.41
N SER A 117 -1.67 14.91 0.58
CA SER A 117 -0.32 14.44 0.28
C SER A 117 0.60 15.61 -0.03
N GLY A 118 0.03 16.67 -0.62
CA GLY A 118 0.81 17.84 -0.96
C GLY A 118 0.79 18.13 -2.45
N ASP A 119 0.66 17.08 -3.26
CA ASP A 119 0.62 17.22 -4.70
C ASP A 119 0.59 15.85 -5.39
N TYR A 120 -0.04 15.80 -6.56
CA TYR A 120 -0.15 14.56 -7.31
C TYR A 120 -0.35 14.83 -8.79
N HIS A 121 -0.55 13.77 -9.56
CA HIS A 121 -0.77 13.90 -11.00
C HIS A 121 0.48 14.43 -11.69
N ASP A 122 1.60 14.43 -10.97
CA ASP A 122 2.86 14.92 -11.51
C ASP A 122 4.04 14.22 -10.84
N GLU A 123 3.91 13.94 -9.55
CA GLU A 123 4.96 13.28 -8.79
C GLU A 123 5.31 11.93 -9.42
N ILE A 124 4.32 11.30 -10.04
CA ILE A 124 4.52 10.01 -10.67
C ILE A 124 5.71 10.04 -11.62
N LYS A 125 6.00 11.22 -12.17
CA LYS A 125 7.11 11.39 -13.09
C LYS A 125 8.42 10.93 -12.46
N ARG A 126 8.44 10.88 -11.13
CA ARG A 126 9.63 10.46 -10.40
C ARG A 126 9.94 8.99 -10.68
N GLY A 127 8.91 8.22 -11.02
CA GLY A 127 9.09 6.81 -11.30
C GLY A 127 8.83 5.94 -10.08
N THR A 128 8.36 6.57 -9.00
CA THR A 128 8.07 5.84 -7.77
C THR A 128 6.67 6.19 -7.25
N TYR A 129 5.94 6.97 -8.01
CA TYR A 129 4.58 7.37 -7.63
C TYR A 129 4.56 7.86 -6.19
N ASP A 130 5.13 9.04 -5.96
CA ASP A 130 5.18 9.63 -4.63
C ASP A 130 3.85 9.41 -3.89
N GLY A 131 3.84 8.44 -2.98
CA GLY A 131 2.63 8.16 -2.23
C GLY A 131 2.26 6.69 -2.27
N GLY A 132 1.08 6.39 -2.80
CA GLY A 132 0.63 5.01 -2.89
C GLY A 132 0.80 4.26 -1.59
N HIS A 133 0.82 4.99 -0.48
CA HIS A 133 0.97 4.39 0.84
C HIS A 133 -0.37 4.27 1.55
N VAL A 134 -0.85 3.03 1.69
CA VAL A 134 -2.12 2.78 2.35
C VAL A 134 -1.92 2.37 3.80
N GLU A 135 -2.99 2.39 4.58
CA GLU A 135 -2.93 2.01 5.98
C GLU A 135 -4.32 1.69 6.53
N LEU A 136 -4.47 0.49 7.07
CA LEU A 136 -5.74 0.04 7.62
C LEU A 136 -6.19 0.96 8.76
N VAL A 137 -7.49 0.99 9.02
CA VAL A 137 -8.04 1.82 10.09
C VAL A 137 -7.69 1.24 11.46
ZN ZN B . 5.76 4.38 2.18
CA CA C . -3.91 11.88 0.93
N MET A 1 -8.63 -15.73 -13.07
CA MET A 1 -9.72 -14.81 -13.37
C MET A 1 -9.30 -13.36 -13.09
N SER A 2 -8.53 -13.18 -12.02
CA SER A 2 -8.07 -11.84 -11.64
C SER A 2 -6.55 -11.76 -11.68
N PHE A 3 -6.02 -10.54 -11.72
CA PHE A 3 -4.58 -10.33 -11.75
C PHE A 3 -3.92 -10.84 -10.48
N LYS A 4 -2.65 -10.48 -10.29
CA LYS A 4 -1.91 -10.90 -9.11
C LYS A 4 -0.58 -10.16 -9.01
N PHE A 5 -0.06 -10.04 -7.80
CA PHE A 5 1.21 -9.36 -7.57
C PHE A 5 2.38 -10.33 -7.66
N GLY A 6 3.57 -9.80 -7.89
CA GLY A 6 4.76 -10.64 -7.98
C GLY A 6 5.05 -11.39 -6.70
N LYS A 7 6.02 -12.29 -6.76
CA LYS A 7 6.39 -13.08 -5.59
C LYS A 7 7.04 -12.22 -4.53
N ASN A 8 7.88 -11.28 -4.97
CA ASN A 8 8.56 -10.37 -4.04
C ASN A 8 7.65 -9.22 -3.63
N SER A 9 6.68 -8.91 -4.48
CA SER A 9 5.74 -7.83 -4.21
C SER A 9 4.61 -8.31 -3.28
N GLU A 10 4.02 -9.45 -3.62
CA GLU A 10 2.94 -10.00 -2.83
C GLU A 10 3.42 -10.32 -1.41
N LYS A 11 4.63 -10.85 -1.30
CA LYS A 11 5.20 -11.19 -0.01
C LYS A 11 5.18 -10.00 0.94
N GLN A 12 5.22 -8.79 0.38
CA GLN A 12 5.20 -7.58 1.17
C GLN A 12 3.87 -7.44 1.91
N LEU A 13 2.78 -7.51 1.16
CA LEU A 13 1.44 -7.38 1.74
C LEU A 13 1.02 -8.69 2.42
N ALA A 14 1.62 -9.80 1.99
CA ALA A 14 1.31 -11.10 2.56
C ALA A 14 1.98 -11.28 3.91
N THR A 15 2.96 -10.44 4.20
CA THR A 15 3.68 -10.50 5.47
C THR A 15 2.96 -9.72 6.55
N VAL A 16 1.89 -9.03 6.17
CA VAL A 16 1.11 -8.24 7.11
C VAL A 16 0.09 -9.11 7.85
N LYS A 17 -0.05 -8.88 9.14
CA LYS A 17 -0.99 -9.63 9.96
C LYS A 17 -2.33 -8.91 10.08
N PRO A 18 -2.31 -7.60 9.79
CA PRO A 18 -3.51 -6.76 9.85
C PRO A 18 -4.50 -7.08 8.75
N GLU A 19 -5.62 -6.35 8.72
CA GLU A 19 -6.65 -6.57 7.71
C GLU A 19 -6.20 -6.04 6.35
N LEU A 20 -5.16 -5.22 6.36
CA LEU A 20 -4.63 -4.63 5.14
C LEU A 20 -4.43 -5.70 4.06
N GLN A 21 -3.99 -6.88 4.49
CA GLN A 21 -3.76 -7.99 3.57
C GLN A 21 -4.99 -8.25 2.71
N LYS A 22 -6.16 -7.92 3.24
CA LYS A 22 -7.41 -8.12 2.53
C LYS A 22 -7.61 -7.04 1.47
N VAL A 23 -7.75 -5.80 1.92
CA VAL A 23 -7.94 -4.67 1.01
C VAL A 23 -6.87 -4.66 -0.08
N ALA A 24 -5.69 -5.18 0.25
CA ALA A 24 -4.59 -5.23 -0.69
C ALA A 24 -4.86 -6.25 -1.80
N ARG A 25 -5.18 -7.48 -1.41
CA ARG A 25 -5.47 -8.53 -2.37
C ARG A 25 -6.86 -8.36 -2.99
N ARG A 26 -7.86 -8.28 -2.13
CA ARG A 26 -9.24 -8.12 -2.58
C ARG A 26 -9.35 -6.97 -3.57
N ALA A 27 -8.45 -6.00 -3.45
CA ALA A 27 -8.44 -4.84 -4.33
C ALA A 27 -8.47 -5.27 -5.79
N LEU A 28 -7.55 -6.15 -6.17
CA LEU A 28 -7.47 -6.65 -7.54
C LEU A 28 -8.74 -7.40 -7.92
N GLU A 29 -9.47 -7.88 -6.91
CA GLU A 29 -10.71 -8.62 -7.14
C GLU A 29 -11.89 -7.68 -7.24
N LEU A 30 -11.65 -6.39 -6.97
CA LEU A 30 -12.70 -5.39 -7.02
C LEU A 30 -12.18 -4.09 -7.63
N SER A 31 -11.14 -4.20 -8.46
CA SER A 31 -10.54 -3.04 -9.10
C SER A 31 -10.54 -3.20 -10.62
N PRO A 32 -10.99 -2.14 -11.32
CA PRO A 32 -11.06 -2.14 -12.78
C PRO A 32 -9.67 -2.09 -13.42
N TYR A 33 -8.71 -1.53 -12.69
CA TYR A 33 -7.35 -1.42 -13.19
C TYR A 33 -6.42 -2.38 -12.45
N ASP A 34 -5.16 -2.44 -12.90
CA ASP A 34 -4.18 -3.31 -12.28
C ASP A 34 -3.26 -2.52 -11.34
N PHE A 35 -2.65 -3.23 -10.39
CA PHE A 35 -1.75 -2.59 -9.43
C PHE A 35 -0.97 -3.63 -8.64
N THR A 36 0.21 -3.25 -8.17
CA THR A 36 1.05 -4.15 -7.40
C THR A 36 1.74 -3.42 -6.25
N ILE A 37 1.91 -4.11 -5.13
CA ILE A 37 2.56 -3.52 -3.96
C ILE A 37 4.08 -3.62 -4.07
N VAL A 38 4.76 -2.54 -3.76
CA VAL A 38 6.22 -2.50 -3.81
C VAL A 38 6.82 -2.48 -2.41
N GLN A 39 6.35 -1.56 -1.58
CA GLN A 39 6.84 -1.43 -0.21
C GLN A 39 5.94 -2.18 0.76
N GLY A 40 6.54 -2.77 1.79
CA GLY A 40 5.77 -3.50 2.78
C GLY A 40 6.22 -3.23 4.19
N ILE A 41 5.37 -3.56 5.17
CA ILE A 41 5.71 -3.34 6.57
C ILE A 41 6.80 -4.31 7.03
N ARG A 42 7.56 -3.90 8.04
CA ARG A 42 8.63 -4.73 8.56
C ARG A 42 8.12 -5.59 9.72
N THR A 43 9.03 -6.33 10.35
CA THR A 43 8.67 -7.20 11.47
C THR A 43 9.77 -7.19 12.54
N VAL A 44 9.57 -7.99 13.57
CA VAL A 44 10.53 -8.08 14.66
C VAL A 44 11.93 -8.37 14.14
N ALA A 45 12.01 -9.10 13.03
CA ALA A 45 13.29 -9.43 12.43
C ALA A 45 14.08 -8.19 12.08
N GLN A 46 13.38 -7.06 11.97
CA GLN A 46 14.02 -5.79 11.64
C GLN A 46 14.10 -4.89 12.86
N SER A 47 13.01 -4.86 13.64
CA SER A 47 12.95 -4.03 14.84
C SER A 47 13.92 -4.54 15.89
N ALA A 48 13.83 -5.83 16.21
CA ALA A 48 14.69 -6.45 17.21
C ALA A 48 16.16 -6.17 16.89
N GLN A 49 16.60 -6.59 15.71
CA GLN A 49 17.98 -6.40 15.30
C GLN A 49 18.38 -4.94 15.41
N ASN A 50 17.44 -4.05 15.12
CA ASN A 50 17.69 -2.61 15.18
C ASN A 50 18.10 -2.19 16.59
N ILE A 51 17.15 -2.27 17.53
CA ILE A 51 17.41 -1.91 18.91
C ILE A 51 17.70 -3.14 19.76
N ALA A 52 16.74 -4.05 19.84
CA ALA A 52 16.90 -5.28 20.61
C ALA A 52 16.86 -4.98 22.11
N ASN A 53 15.77 -4.36 22.56
CA ASN A 53 15.61 -4.02 23.97
C ASN A 53 14.13 -3.99 24.35
N GLY A 54 13.31 -4.66 23.56
CA GLY A 54 11.88 -4.68 23.83
C GLY A 54 11.18 -3.44 23.35
N THR A 55 11.84 -2.69 22.47
CA THR A 55 11.26 -1.46 21.93
C THR A 55 10.45 -0.72 22.98
N SER A 56 11.05 -0.52 24.15
CA SER A 56 10.38 0.17 25.25
C SER A 56 10.37 1.68 25.01
N PHE A 57 11.01 2.10 23.93
CA PHE A 57 11.08 3.52 23.58
C PHE A 57 9.79 3.98 22.92
N LEU A 58 8.85 3.06 22.76
CA LEU A 58 7.56 3.37 22.14
C LEU A 58 6.41 2.83 22.98
N LYS A 59 5.37 3.65 23.13
CA LYS A 59 4.20 3.26 23.91
C LYS A 59 3.13 2.65 23.01
N ASP A 60 2.44 3.50 22.26
CA ASP A 60 1.39 3.04 21.36
C ASP A 60 1.04 4.12 20.33
N PRO A 61 2.06 4.60 19.60
CA PRO A 61 1.88 5.64 18.58
C PRO A 61 1.11 5.13 17.37
N SER A 62 1.09 5.94 16.31
CA SER A 62 0.38 5.58 15.09
C SER A 62 1.19 4.59 14.25
N LYS A 63 0.81 4.43 13.00
CA LYS A 63 1.50 3.51 12.10
C LYS A 63 2.46 4.27 11.19
N SER A 64 2.96 5.40 11.67
CA SER A 64 3.88 6.23 10.90
C SER A 64 5.01 5.37 10.31
N LYS A 65 5.68 4.61 11.17
CA LYS A 65 6.77 3.75 10.74
C LYS A 65 6.24 2.39 10.29
N HIS A 66 6.74 1.92 9.16
CA HIS A 66 6.33 0.63 8.62
C HIS A 66 6.55 -0.48 9.64
N ILE A 67 7.40 -0.22 10.62
CA ILE A 67 7.69 -1.20 11.66
C ILE A 67 6.46 -1.48 12.52
N THR A 68 5.42 -0.68 12.32
CA THR A 68 4.17 -0.85 13.06
C THR A 68 3.40 -2.06 12.57
N GLY A 69 3.60 -2.41 11.30
CA GLY A 69 2.90 -3.54 10.72
C GLY A 69 1.79 -3.13 9.78
N ASP A 70 1.52 -1.82 9.72
CA ASP A 70 0.47 -1.30 8.85
C ASP A 70 1.03 -0.23 7.92
N ALA A 71 1.17 -0.58 6.64
CA ALA A 71 1.69 0.35 5.64
C ALA A 71 2.21 -0.40 4.42
N ILE A 72 1.81 0.07 3.25
CA ILE A 72 2.23 -0.55 1.99
C ILE A 72 2.27 0.47 0.86
N ASP A 73 3.37 0.47 0.10
CA ASP A 73 3.52 1.39 -1.02
C ASP A 73 3.39 0.66 -2.35
N PHE A 74 2.25 0.82 -3.00
CA PHE A 74 2.00 0.18 -4.29
C PHE A 74 2.08 1.18 -5.43
N ALA A 75 1.95 0.69 -6.65
CA ALA A 75 2.01 1.54 -7.83
C ALA A 75 1.02 1.07 -8.90
N PRO A 76 0.55 2.01 -9.73
CA PRO A 76 -0.41 1.71 -10.80
C PRO A 76 0.23 0.91 -11.93
N TYR A 77 -0.08 -0.38 -11.97
CA TYR A 77 0.46 -1.26 -12.99
C TYR A 77 -0.54 -1.45 -14.13
N ILE A 78 -0.04 -1.40 -15.37
CA ILE A 78 -0.89 -1.57 -16.54
C ILE A 78 -0.22 -2.45 -17.58
N ASN A 79 -1.00 -3.37 -18.14
CA ASN A 79 -0.48 -4.30 -19.15
C ASN A 79 0.59 -5.20 -18.57
N GLY A 80 0.49 -5.48 -17.27
CA GLY A 80 1.46 -6.33 -16.60
C GLY A 80 2.75 -5.60 -16.28
N LYS A 81 2.80 -4.32 -16.63
CA LYS A 81 3.99 -3.51 -16.37
C LYS A 81 3.61 -2.16 -15.75
N ILE A 82 4.49 -1.64 -14.92
CA ILE A 82 4.24 -0.35 -14.26
C ILE A 82 3.87 0.72 -15.27
N ASP A 83 2.88 1.53 -14.94
CA ASP A 83 2.43 2.60 -15.81
C ASP A 83 2.50 3.96 -15.11
N TRP A 84 3.24 4.88 -15.70
CA TRP A 84 3.40 6.22 -15.13
C TRP A 84 2.90 7.28 -16.09
N ASN A 85 2.26 6.84 -17.18
CA ASN A 85 1.74 7.77 -18.18
C ASN A 85 0.24 7.97 -18.00
N ASP A 86 -0.47 6.88 -17.78
CA ASP A 86 -1.92 6.94 -17.59
C ASP A 86 -2.26 7.65 -16.27
N LEU A 87 -2.40 8.97 -16.33
CA LEU A 87 -2.72 9.76 -15.16
C LEU A 87 -4.12 9.42 -14.63
N GLU A 88 -5.02 9.09 -15.55
CA GLU A 88 -6.39 8.73 -15.19
C GLU A 88 -6.45 7.32 -14.61
N ALA A 89 -5.58 6.44 -15.10
CA ALA A 89 -5.54 5.07 -14.63
C ALA A 89 -5.25 5.01 -13.14
N PHE A 90 -4.55 6.01 -12.63
CA PHE A 90 -4.20 6.06 -11.21
C PHE A 90 -5.45 6.30 -10.37
N TRP A 91 -6.39 7.06 -10.90
CA TRP A 91 -7.63 7.37 -10.20
C TRP A 91 -8.36 6.08 -9.81
N ALA A 92 -8.56 5.20 -10.78
CA ALA A 92 -9.24 3.94 -10.53
C ALA A 92 -8.47 3.09 -9.52
N VAL A 93 -7.18 2.90 -9.79
CA VAL A 93 -6.33 2.11 -8.90
C VAL A 93 -6.33 2.67 -7.49
N LYS A 94 -6.68 3.95 -7.37
CA LYS A 94 -6.70 4.62 -6.07
C LYS A 94 -7.92 4.16 -5.26
N LYS A 95 -9.10 4.24 -5.87
CA LYS A 95 -10.33 3.84 -5.20
C LYS A 95 -10.38 2.33 -5.02
N ALA A 96 -9.52 1.62 -5.76
CA ALA A 96 -9.47 0.17 -5.67
C ALA A 96 -9.33 -0.29 -4.22
N PHE A 97 -8.53 0.43 -3.44
CA PHE A 97 -8.32 0.10 -2.04
C PHE A 97 -9.54 0.46 -1.21
N GLU A 98 -9.90 1.74 -1.23
CA GLU A 98 -11.05 2.22 -0.47
C GLU A 98 -12.32 1.47 -0.86
N GLN A 99 -12.29 0.85 -2.04
CA GLN A 99 -13.44 0.10 -2.52
C GLN A 99 -13.51 -1.28 -1.88
N ALA A 100 -12.34 -1.82 -1.53
CA ALA A 100 -12.26 -3.13 -0.90
C ALA A 100 -12.77 -3.08 0.54
N GLY A 101 -12.25 -2.14 1.32
CA GLY A 101 -12.67 -2.00 2.70
C GLY A 101 -14.17 -1.89 2.84
N LYS A 102 -14.83 -1.41 1.79
CA LYS A 102 -16.28 -1.25 1.80
C LYS A 102 -16.97 -2.61 1.80
N GLU A 103 -16.49 -3.52 0.96
CA GLU A 103 -17.07 -4.86 0.86
C GLU A 103 -16.58 -5.74 2.00
N LEU A 104 -15.37 -5.46 2.48
CA LEU A 104 -14.78 -6.24 3.56
C LEU A 104 -15.30 -5.77 4.91
N GLY A 105 -15.81 -4.55 4.95
CA GLY A 105 -16.33 -4.00 6.19
C GLY A 105 -15.30 -3.23 6.98
N ILE A 106 -14.04 -3.35 6.57
CA ILE A 106 -12.95 -2.66 7.25
C ILE A 106 -12.68 -1.30 6.63
N LYS A 107 -12.08 -0.40 7.40
CA LYS A 107 -11.78 0.94 6.93
C LYS A 107 -10.27 1.13 6.76
N LEU A 108 -9.88 1.79 5.67
CA LEU A 108 -8.47 2.04 5.39
C LEU A 108 -8.29 3.35 4.63
N ARG A 109 -7.11 3.94 4.76
CA ARG A 109 -6.81 5.20 4.09
C ARG A 109 -5.40 5.17 3.48
N PHE A 110 -5.23 5.84 2.35
CA PHE A 110 -3.94 5.89 1.68
C PHE A 110 -3.59 7.32 1.29
N GLY A 111 -2.30 7.59 1.13
CA GLY A 111 -1.85 8.92 0.76
C GLY A 111 -1.43 9.01 -0.69
N ALA A 112 -2.12 9.84 -1.46
CA ALA A 112 -1.81 10.01 -2.88
C ALA A 112 -2.87 10.86 -3.58
N ASP A 113 -2.91 12.14 -3.24
CA ASP A 113 -3.87 13.06 -3.83
C ASP A 113 -3.43 14.51 -3.64
N TRP A 114 -3.68 15.34 -4.65
CA TRP A 114 -3.31 16.74 -4.59
C TRP A 114 -3.88 17.41 -3.35
N ASN A 115 -4.90 16.79 -2.76
CA ASN A 115 -5.55 17.31 -1.57
C ASN A 115 -4.50 17.78 -0.56
N ALA A 116 -3.58 16.89 -0.21
CA ALA A 116 -2.54 17.21 0.75
C ALA A 116 -1.16 16.86 0.20
N SER A 117 -1.10 15.82 -0.62
CA SER A 117 0.15 15.39 -1.22
C SER A 117 0.77 16.50 -2.06
N GLY A 118 -0.04 17.49 -2.41
CA GLY A 118 0.45 18.60 -3.21
C GLY A 118 -0.01 18.52 -4.65
N ASP A 119 0.05 17.33 -5.23
CA ASP A 119 -0.37 17.11 -6.62
C ASP A 119 0.11 15.77 -7.14
N TYR A 120 -0.60 15.24 -8.13
CA TYR A 120 -0.24 13.95 -8.72
C TYR A 120 -0.33 14.00 -10.24
N HIS A 121 0.71 14.52 -10.86
CA HIS A 121 0.76 14.62 -12.32
C HIS A 121 2.19 14.42 -12.83
N ASP A 122 3.15 15.03 -12.15
CA ASP A 122 4.54 14.91 -12.54
C ASP A 122 5.34 14.11 -11.51
N GLU A 123 4.97 14.28 -10.24
CA GLU A 123 5.65 13.56 -9.15
C GLU A 123 5.66 12.06 -9.41
N ILE A 124 4.51 11.53 -9.84
CA ILE A 124 4.38 10.11 -10.11
C ILE A 124 5.45 9.65 -11.11
N LYS A 125 5.87 10.56 -11.98
CA LYS A 125 6.88 10.25 -12.98
C LYS A 125 8.20 9.88 -12.31
N ARG A 126 8.32 10.17 -11.03
CA ARG A 126 9.53 9.86 -10.28
C ARG A 126 9.75 8.35 -10.20
N GLY A 127 8.68 7.59 -10.35
CA GLY A 127 8.78 6.14 -10.30
C GLY A 127 8.39 5.59 -8.95
N THR A 128 7.85 6.44 -8.08
CA THR A 128 7.43 6.03 -6.74
C THR A 128 6.00 6.46 -6.47
N TYR A 129 5.37 7.11 -7.44
CA TYR A 129 4.00 7.58 -7.29
C TYR A 129 3.92 8.69 -6.24
N ASP A 130 5.07 9.18 -5.81
CA ASP A 130 5.13 10.24 -4.81
C ASP A 130 4.15 9.96 -3.67
N GLY A 131 4.00 8.68 -3.33
CA GLY A 131 3.09 8.31 -2.26
C GLY A 131 2.61 6.88 -2.37
N GLY A 132 1.32 6.70 -2.64
CA GLY A 132 0.77 5.37 -2.77
C GLY A 132 0.92 4.56 -1.49
N HIS A 133 0.89 5.24 -0.36
CA HIS A 133 1.03 4.56 0.93
C HIS A 133 -0.33 4.41 1.61
N VAL A 134 -0.75 3.16 1.80
CA VAL A 134 -2.03 2.87 2.43
C VAL A 134 -1.84 2.45 3.88
N GLU A 135 -2.93 2.43 4.63
CA GLU A 135 -2.90 2.04 6.04
C GLU A 135 -4.28 1.62 6.54
N LEU A 136 -4.32 0.55 7.32
CA LEU A 136 -5.58 0.05 7.85
C LEU A 136 -6.04 0.89 9.04
N VAL A 137 -7.35 1.04 9.19
CA VAL A 137 -7.92 1.81 10.28
C VAL A 137 -7.36 1.37 11.62
ZN ZN B . 5.90 4.59 2.40
CA CA C . -2.80 13.23 1.00
N MET A 1 -10.98 -15.21 -13.62
CA MET A 1 -9.53 -14.98 -13.59
C MET A 1 -9.22 -13.54 -13.21
N SER A 2 -8.25 -13.38 -12.32
CA SER A 2 -7.85 -12.05 -11.86
C SER A 2 -6.33 -11.89 -11.88
N PHE A 3 -5.87 -10.65 -11.84
CA PHE A 3 -4.44 -10.38 -11.85
C PHE A 3 -3.77 -10.91 -10.60
N LYS A 4 -2.51 -10.51 -10.39
CA LYS A 4 -1.76 -10.95 -9.22
C LYS A 4 -0.43 -10.19 -9.11
N PHE A 5 0.04 -10.03 -7.88
CA PHE A 5 1.29 -9.33 -7.63
C PHE A 5 2.48 -10.27 -7.72
N GLY A 6 3.67 -9.71 -7.95
CA GLY A 6 4.86 -10.52 -8.05
C GLY A 6 5.15 -11.29 -6.77
N LYS A 7 6.16 -12.16 -6.83
CA LYS A 7 6.54 -12.96 -5.67
C LYS A 7 7.13 -12.10 -4.57
N ASN A 8 7.95 -11.12 -4.99
CA ASN A 8 8.59 -10.21 -4.04
C ASN A 8 7.64 -9.10 -3.62
N SER A 9 6.67 -8.81 -4.48
CA SER A 9 5.69 -7.76 -4.19
C SER A 9 4.57 -8.29 -3.31
N GLU A 10 4.02 -9.44 -3.68
CA GLU A 10 2.93 -10.05 -2.91
C GLU A 10 3.39 -10.39 -1.50
N LYS A 11 4.65 -10.80 -1.38
CA LYS A 11 5.21 -11.15 -0.08
C LYS A 11 5.16 -9.97 0.89
N GLN A 12 5.20 -8.76 0.32
CA GLN A 12 5.16 -7.54 1.13
C GLN A 12 3.83 -7.43 1.86
N LEU A 13 2.74 -7.50 1.10
CA LEU A 13 1.40 -7.41 1.68
C LEU A 13 0.98 -8.72 2.33
N ALA A 14 1.57 -9.81 1.87
CA ALA A 14 1.27 -11.13 2.40
C ALA A 14 1.94 -11.36 3.75
N THR A 15 2.78 -10.40 4.16
CA THR A 15 3.48 -10.48 5.43
C THR A 15 2.77 -9.67 6.51
N VAL A 16 1.60 -9.14 6.17
CA VAL A 16 0.83 -8.33 7.11
C VAL A 16 -0.21 -9.20 7.83
N LYS A 17 -0.37 -8.95 9.12
CA LYS A 17 -1.32 -9.70 9.94
C LYS A 17 -2.66 -8.97 10.01
N PRO A 18 -2.63 -7.66 9.74
CA PRO A 18 -3.84 -6.82 9.76
C PRO A 18 -4.79 -7.15 8.61
N GLU A 19 -5.91 -6.43 8.55
CA GLU A 19 -6.90 -6.63 7.51
C GLU A 19 -6.42 -6.07 6.18
N LEU A 20 -5.36 -5.26 6.23
CA LEU A 20 -4.79 -4.65 5.03
C LEU A 20 -4.59 -5.69 3.94
N GLN A 21 -4.21 -6.90 4.33
CA GLN A 21 -3.99 -7.98 3.39
C GLN A 21 -5.21 -8.20 2.51
N LYS A 22 -6.38 -7.87 3.04
CA LYS A 22 -7.63 -8.02 2.30
C LYS A 22 -7.77 -6.93 1.25
N VAL A 23 -7.82 -5.68 1.70
CA VAL A 23 -7.96 -4.54 0.80
C VAL A 23 -6.86 -4.54 -0.26
N ALA A 24 -5.71 -5.12 0.09
CA ALA A 24 -4.58 -5.20 -0.84
C ALA A 24 -4.85 -6.20 -1.96
N ARG A 25 -5.14 -7.44 -1.57
CA ARG A 25 -5.41 -8.50 -2.53
C ARG A 25 -6.80 -8.32 -3.15
N ARG A 26 -7.82 -8.26 -2.30
CA ARG A 26 -9.19 -8.10 -2.75
C ARG A 26 -9.29 -6.96 -3.76
N ALA A 27 -8.42 -5.96 -3.61
CA ALA A 27 -8.42 -4.81 -4.51
C ALA A 27 -8.36 -5.25 -5.97
N LEU A 28 -7.60 -6.32 -6.23
CA LEU A 28 -7.46 -6.84 -7.58
C LEU A 28 -8.69 -7.65 -7.98
N GLU A 29 -9.45 -8.09 -6.99
CA GLU A 29 -10.65 -8.87 -7.24
C GLU A 29 -11.87 -7.97 -7.42
N LEU A 30 -11.65 -6.67 -7.31
CA LEU A 30 -12.72 -5.69 -7.47
C LEU A 30 -12.31 -4.58 -8.41
N SER A 31 -11.20 -3.92 -8.11
CA SER A 31 -10.70 -2.82 -8.93
C SER A 31 -10.63 -3.23 -10.39
N PRO A 32 -11.07 -2.34 -11.28
CA PRO A 32 -11.08 -2.58 -12.73
C PRO A 32 -9.67 -2.61 -13.31
N TYR A 33 -8.83 -1.70 -12.85
CA TYR A 33 -7.45 -1.62 -13.32
C TYR A 33 -6.54 -2.56 -12.53
N ASP A 34 -5.27 -2.62 -12.93
CA ASP A 34 -4.31 -3.49 -12.26
C ASP A 34 -3.40 -2.67 -11.35
N PHE A 35 -2.70 -3.35 -10.44
CA PHE A 35 -1.81 -2.68 -9.51
C PHE A 35 -1.00 -3.70 -8.71
N THR A 36 0.16 -3.27 -8.23
CA THR A 36 1.04 -4.15 -7.45
C THR A 36 1.69 -3.40 -6.30
N ILE A 37 1.89 -4.09 -5.19
CA ILE A 37 2.52 -3.48 -4.02
C ILE A 37 4.04 -3.56 -4.10
N VAL A 38 4.69 -2.45 -3.75
CA VAL A 38 6.15 -2.39 -3.78
C VAL A 38 6.73 -2.39 -2.37
N GLN A 39 6.23 -1.49 -1.53
CA GLN A 39 6.70 -1.38 -0.16
C GLN A 39 5.79 -2.15 0.79
N GLY A 40 6.38 -2.74 1.83
CA GLY A 40 5.61 -3.49 2.80
C GLY A 40 6.06 -3.25 4.22
N ILE A 41 5.20 -3.60 5.18
CA ILE A 41 5.52 -3.41 6.59
C ILE A 41 6.59 -4.39 7.04
N ARG A 42 7.36 -3.99 8.05
CA ARG A 42 8.43 -4.83 8.59
C ARG A 42 7.91 -5.72 9.71
N THR A 43 8.82 -6.47 10.33
CA THR A 43 8.46 -7.36 11.42
C THR A 43 9.51 -7.34 12.51
N VAL A 44 9.31 -8.16 13.55
CA VAL A 44 10.25 -8.24 14.66
C VAL A 44 11.66 -8.53 14.17
N ALA A 45 11.76 -9.25 13.05
CA ALA A 45 13.06 -9.59 12.48
C ALA A 45 13.84 -8.33 12.09
N GLN A 46 13.12 -7.21 12.00
CA GLN A 46 13.75 -5.94 11.64
C GLN A 46 13.76 -4.98 12.82
N SER A 47 12.72 -5.06 13.64
CA SER A 47 12.60 -4.19 14.81
C SER A 47 13.56 -4.63 15.91
N ALA A 48 13.56 -5.92 16.20
CA ALA A 48 14.43 -6.48 17.23
C ALA A 48 15.88 -6.07 17.00
N GLN A 49 16.35 -6.25 15.77
CA GLN A 49 17.72 -5.91 15.42
C GLN A 49 17.92 -4.40 15.41
N ASN A 50 16.89 -3.67 15.02
CA ASN A 50 16.94 -2.22 14.97
C ASN A 50 17.27 -1.64 16.35
N ILE A 51 16.48 -2.04 17.34
CA ILE A 51 16.69 -1.57 18.71
C ILE A 51 17.51 -2.56 19.52
N ALA A 52 16.92 -3.72 19.79
CA ALA A 52 17.60 -4.76 20.56
C ALA A 52 17.79 -4.34 22.00
N ASN A 53 16.75 -3.79 22.61
CA ASN A 53 16.81 -3.35 24.00
C ASN A 53 15.41 -3.27 24.60
N GLY A 54 14.48 -4.05 24.05
CA GLY A 54 13.12 -4.06 24.56
C GLY A 54 12.31 -2.89 24.07
N THR A 55 12.78 -2.24 23.01
CA THR A 55 12.10 -1.08 22.45
C THR A 55 11.48 -0.22 23.55
N SER A 56 12.28 0.08 24.57
CA SER A 56 11.81 0.89 25.69
C SER A 56 11.75 2.37 25.30
N PHE A 57 12.19 2.67 24.08
CA PHE A 57 12.18 4.05 23.59
C PHE A 57 10.79 4.46 23.14
N LEU A 58 9.84 3.54 23.25
CA LEU A 58 8.46 3.81 22.85
C LEU A 58 7.48 3.39 23.95
N LYS A 59 6.29 3.97 23.93
CA LYS A 59 5.27 3.66 24.92
C LYS A 59 3.99 3.17 24.24
N ASP A 60 3.55 3.90 23.22
CA ASP A 60 2.35 3.54 22.49
C ASP A 60 2.11 4.48 21.32
N PRO A 61 3.06 4.51 20.38
CA PRO A 61 2.99 5.37 19.19
C PRO A 61 1.91 4.92 18.22
N SER A 62 1.90 5.51 17.03
CA SER A 62 0.92 5.17 16.01
C SER A 62 1.53 4.30 14.92
N LYS A 63 0.81 4.15 13.81
CA LYS A 63 1.29 3.34 12.69
C LYS A 63 2.04 4.19 11.69
N SER A 64 2.82 5.15 12.19
CA SER A 64 3.59 6.04 11.33
C SER A 64 4.69 5.28 10.60
N LYS A 65 5.42 4.44 11.34
CA LYS A 65 6.49 3.65 10.76
C LYS A 65 5.97 2.29 10.29
N HIS A 66 6.53 1.80 9.18
CA HIS A 66 6.13 0.52 8.63
C HIS A 66 6.36 -0.60 9.65
N ILE A 67 7.19 -0.34 10.65
CA ILE A 67 7.49 -1.31 11.68
C ILE A 67 6.27 -1.62 12.53
N THR A 68 5.22 -0.82 12.34
CA THR A 68 3.98 -1.01 13.09
C THR A 68 3.19 -2.19 12.56
N GLY A 69 3.46 -2.57 11.31
CA GLY A 69 2.75 -3.70 10.72
C GLY A 69 1.62 -3.26 9.81
N ASP A 70 1.42 -1.96 9.70
CA ASP A 70 0.36 -1.41 8.86
C ASP A 70 0.90 -0.32 7.93
N ALA A 71 1.03 -0.66 6.66
CA ALA A 71 1.54 0.28 5.67
C ALA A 71 2.06 -0.44 4.43
N ILE A 72 1.66 0.04 3.26
CA ILE A 72 2.10 -0.55 2.00
C ILE A 72 2.13 0.47 0.88
N ASP A 73 3.20 0.46 0.11
CA ASP A 73 3.36 1.40 -1.00
C ASP A 73 3.23 0.68 -2.34
N PHE A 74 2.09 0.85 -3.00
CA PHE A 74 1.85 0.21 -4.28
C PHE A 74 1.90 1.24 -5.42
N ALA A 75 1.73 0.76 -6.64
CA ALA A 75 1.74 1.63 -7.82
C ALA A 75 0.82 1.12 -8.91
N PRO A 76 0.32 2.03 -9.75
CA PRO A 76 -0.59 1.68 -10.85
C PRO A 76 0.12 0.92 -11.96
N TYR A 77 -0.15 -0.38 -12.04
CA TYR A 77 0.46 -1.23 -13.05
C TYR A 77 -0.49 -1.44 -14.23
N ILE A 78 0.06 -1.33 -15.45
CA ILE A 78 -0.73 -1.51 -16.66
C ILE A 78 0.02 -2.34 -17.69
N ASN A 79 -0.68 -3.27 -18.32
CA ASN A 79 -0.08 -4.12 -19.34
C ASN A 79 0.99 -5.01 -18.73
N GLY A 80 0.83 -5.32 -17.44
CA GLY A 80 1.79 -6.17 -16.76
C GLY A 80 3.03 -5.42 -16.34
N LYS A 81 3.07 -4.13 -16.65
CA LYS A 81 4.21 -3.29 -16.30
C LYS A 81 3.75 -1.98 -15.67
N ILE A 82 4.61 -1.40 -14.83
CA ILE A 82 4.28 -0.14 -14.16
C ILE A 82 3.88 0.93 -15.17
N ASP A 83 2.85 1.69 -14.82
CA ASP A 83 2.37 2.75 -15.69
C ASP A 83 2.47 4.11 -15.01
N TRP A 84 3.24 5.02 -15.60
CA TRP A 84 3.43 6.34 -15.05
C TRP A 84 2.99 7.42 -16.04
N ASN A 85 2.38 6.99 -17.14
CA ASN A 85 1.90 7.91 -18.16
C ASN A 85 0.39 8.08 -18.08
N ASP A 86 -0.32 6.97 -17.94
CA ASP A 86 -1.78 7.01 -17.85
C ASP A 86 -2.22 7.65 -16.54
N LEU A 87 -2.41 8.97 -16.58
CA LEU A 87 -2.84 9.71 -15.40
C LEU A 87 -4.28 9.37 -15.03
N GLU A 88 -5.05 8.93 -16.02
CA GLU A 88 -6.45 8.56 -15.80
C GLU A 88 -6.55 7.17 -15.18
N ALA A 89 -5.61 6.30 -15.54
CA ALA A 89 -5.60 4.93 -15.03
C ALA A 89 -5.38 4.91 -13.53
N PHE A 90 -4.65 5.91 -13.03
CA PHE A 90 -4.36 6.00 -11.61
C PHE A 90 -5.64 6.26 -10.80
N TRP A 91 -6.57 6.98 -11.42
CA TRP A 91 -7.84 7.31 -10.77
C TRP A 91 -8.56 6.04 -10.32
N ALA A 92 -8.66 5.07 -11.23
CA ALA A 92 -9.32 3.81 -10.92
C ALA A 92 -8.55 3.02 -9.87
N VAL A 93 -7.26 2.82 -10.11
CA VAL A 93 -6.42 2.09 -9.17
C VAL A 93 -6.47 2.71 -7.78
N LYS A 94 -6.76 4.00 -7.73
CA LYS A 94 -6.84 4.71 -6.46
C LYS A 94 -7.98 4.17 -5.60
N LYS A 95 -9.18 4.14 -6.17
CA LYS A 95 -10.36 3.65 -5.47
C LYS A 95 -10.28 2.14 -5.27
N ALA A 96 -9.33 1.51 -5.96
CA ALA A 96 -9.16 0.07 -5.86
C ALA A 96 -9.19 -0.39 -4.40
N PHE A 97 -8.44 0.31 -3.55
CA PHE A 97 -8.38 -0.02 -2.13
C PHE A 97 -9.68 0.37 -1.42
N GLU A 98 -10.12 1.61 -1.65
CA GLU A 98 -11.34 2.10 -1.03
C GLU A 98 -12.50 1.15 -1.29
N GLN A 99 -12.79 0.91 -2.56
CA GLN A 99 -13.87 0.01 -2.94
C GLN A 99 -13.77 -1.32 -2.20
N ALA A 100 -12.55 -1.72 -1.90
CA ALA A 100 -12.31 -2.98 -1.19
C ALA A 100 -12.88 -2.94 0.21
N GLY A 101 -12.51 -1.90 0.97
CA GLY A 101 -12.99 -1.76 2.33
C GLY A 101 -14.50 -1.79 2.41
N LYS A 102 -15.16 -1.42 1.32
CA LYS A 102 -16.62 -1.41 1.27
C LYS A 102 -17.18 -2.83 1.24
N GLU A 103 -16.68 -3.64 0.31
CA GLU A 103 -17.13 -5.02 0.18
C GLU A 103 -16.60 -5.88 1.32
N LEU A 104 -15.44 -5.50 1.84
CA LEU A 104 -14.82 -6.24 2.95
C LEU A 104 -15.43 -5.83 4.28
N GLY A 105 -15.91 -4.59 4.35
CA GLY A 105 -16.52 -4.10 5.58
C GLY A 105 -15.53 -3.40 6.48
N ILE A 106 -14.29 -3.31 6.03
CA ILE A 106 -13.24 -2.66 6.81
C ILE A 106 -12.98 -1.24 6.30
N LYS A 107 -12.25 -0.47 7.08
CA LYS A 107 -11.93 0.91 6.71
C LYS A 107 -10.42 1.08 6.53
N LEU A 108 -10.04 1.88 5.54
CA LEU A 108 -8.63 2.13 5.26
C LEU A 108 -8.45 3.43 4.48
N ARG A 109 -7.24 3.98 4.52
CA ARG A 109 -6.93 5.22 3.81
C ARG A 109 -5.51 5.20 3.27
N PHE A 110 -5.29 5.91 2.16
CA PHE A 110 -3.97 5.98 1.55
C PHE A 110 -3.66 7.39 1.09
N GLY A 111 -2.38 7.70 0.95
CA GLY A 111 -1.96 9.02 0.52
C GLY A 111 -1.33 9.01 -0.85
N ALA A 112 -1.84 9.84 -1.75
CA ALA A 112 -1.31 9.92 -3.11
C ALA A 112 -2.06 10.96 -3.93
N ASP A 113 -2.48 12.04 -3.27
CA ASP A 113 -3.22 13.11 -3.94
C ASP A 113 -2.66 14.47 -3.55
N TRP A 114 -2.55 15.36 -4.52
CA TRP A 114 -2.04 16.72 -4.27
C TRP A 114 -2.80 17.38 -3.13
N ASN A 115 -4.00 16.87 -2.85
CA ASN A 115 -4.83 17.43 -1.78
C ASN A 115 -4.00 17.70 -0.53
N ALA A 116 -3.31 16.67 -0.05
CA ALA A 116 -2.47 16.80 1.14
C ALA A 116 -1.07 16.24 0.88
N SER A 117 -1.00 15.16 0.12
CA SER A 117 0.28 14.53 -0.19
C SER A 117 1.29 15.56 -0.69
N GLY A 118 0.78 16.64 -1.28
CA GLY A 118 1.64 17.68 -1.79
C GLY A 118 1.56 17.82 -3.30
N ASP A 119 1.37 16.69 -3.99
CA ASP A 119 1.28 16.69 -5.44
C ASP A 119 1.05 15.28 -5.96
N TYR A 120 0.71 15.17 -7.24
CA TYR A 120 0.46 13.87 -7.87
C TYR A 120 0.70 13.94 -9.36
N HIS A 121 0.27 15.04 -9.98
CA HIS A 121 0.43 15.22 -11.42
C HIS A 121 1.91 15.24 -11.80
N ASP A 122 2.29 14.30 -12.66
CA ASP A 122 3.68 14.20 -13.11
C ASP A 122 4.56 13.55 -12.04
N GLU A 123 4.11 13.65 -10.78
CA GLU A 123 4.85 13.08 -9.67
C GLU A 123 5.00 11.57 -9.83
N ILE A 124 4.07 10.97 -10.57
CA ILE A 124 4.10 9.53 -10.80
C ILE A 124 5.37 9.11 -11.53
N LYS A 125 5.94 10.04 -12.31
CA LYS A 125 7.15 9.77 -13.05
C LYS A 125 8.30 9.42 -12.12
N ARG A 126 8.18 9.84 -10.86
CA ARG A 126 9.21 9.56 -9.86
C ARG A 126 9.24 8.07 -9.51
N GLY A 127 8.14 7.39 -9.78
CA GLY A 127 8.05 5.97 -9.48
C GLY A 127 7.64 5.70 -8.05
N THR A 128 7.01 6.68 -7.42
CA THR A 128 6.57 6.55 -6.04
C THR A 128 5.10 6.94 -5.90
N TYR A 129 4.45 7.23 -7.02
CA TYR A 129 3.05 7.62 -7.03
C TYR A 129 2.79 8.71 -6.01
N ASP A 130 3.74 9.62 -5.86
CA ASP A 130 3.62 10.73 -4.91
C ASP A 130 3.04 10.24 -3.58
N GLY A 131 3.38 9.01 -3.20
CA GLY A 131 2.88 8.45 -1.96
C GLY A 131 2.46 7.00 -2.10
N GLY A 132 1.26 6.77 -2.62
CA GLY A 132 0.77 5.42 -2.80
C GLY A 132 0.87 4.60 -1.54
N HIS A 133 0.91 5.28 -0.39
CA HIS A 133 1.00 4.60 0.90
C HIS A 133 -0.37 4.47 1.54
N VAL A 134 -0.77 3.23 1.84
CA VAL A 134 -2.06 2.97 2.45
C VAL A 134 -1.90 2.57 3.92
N GLU A 135 -3.00 2.57 4.65
CA GLU A 135 -2.99 2.21 6.07
C GLU A 135 -4.38 1.80 6.54
N LEU A 136 -4.46 0.61 7.14
CA LEU A 136 -5.73 0.10 7.64
C LEU A 136 -6.26 0.98 8.76
N VAL A 137 -7.59 1.03 8.89
CA VAL A 137 -8.23 1.83 9.93
C VAL A 137 -7.61 1.55 11.30
ZN ZN B . 5.81 4.59 2.49
CA CA C . -3.60 12.38 0.72
N MET A 1 -10.17 -15.11 -12.21
CA MET A 1 -10.96 -14.00 -12.74
C MET A 1 -10.26 -12.66 -12.47
N SER A 2 -9.82 -12.46 -11.24
CA SER A 2 -9.13 -11.24 -10.85
C SER A 2 -7.63 -11.37 -11.05
N PHE A 3 -6.96 -10.23 -11.21
CA PHE A 3 -5.51 -10.21 -11.41
C PHE A 3 -4.79 -10.74 -10.18
N LYS A 4 -3.47 -10.55 -10.15
CA LYS A 4 -2.65 -11.00 -9.03
C LYS A 4 -1.29 -10.33 -9.04
N PHE A 5 -0.65 -10.27 -7.88
CA PHE A 5 0.66 -9.65 -7.75
C PHE A 5 1.76 -10.67 -7.92
N GLY A 6 2.97 -10.19 -8.19
CA GLY A 6 4.11 -11.08 -8.39
C GLY A 6 4.44 -11.87 -7.13
N LYS A 7 5.35 -12.83 -7.27
CA LYS A 7 5.76 -13.66 -6.14
C LYS A 7 6.54 -12.85 -5.11
N ASN A 8 7.39 -11.95 -5.61
CA ASN A 8 8.19 -11.10 -4.74
C ASN A 8 7.39 -9.92 -4.23
N SER A 9 6.36 -9.54 -4.99
CA SER A 9 5.50 -8.42 -4.63
C SER A 9 4.44 -8.84 -3.63
N GLU A 10 3.73 -9.91 -3.96
CA GLU A 10 2.68 -10.43 -3.09
C GLU A 10 3.24 -10.81 -1.71
N LYS A 11 4.44 -11.36 -1.71
CA LYS A 11 5.09 -11.76 -0.48
C LYS A 11 5.18 -10.60 0.50
N GLN A 12 5.25 -9.38 -0.04
CA GLN A 12 5.34 -8.18 0.78
C GLN A 12 4.06 -7.97 1.58
N LEU A 13 2.92 -7.98 0.89
CA LEU A 13 1.63 -7.80 1.53
C LEU A 13 1.18 -9.07 2.23
N ALA A 14 1.71 -10.21 1.78
CA ALA A 14 1.35 -11.49 2.36
C ALA A 14 2.11 -11.73 3.68
N THR A 15 3.16 -10.95 3.89
CA THR A 15 3.96 -11.07 5.10
C THR A 15 3.36 -10.26 6.24
N VAL A 16 2.28 -9.53 5.95
CA VAL A 16 1.61 -8.73 6.95
C VAL A 16 0.59 -9.55 7.74
N LYS A 17 0.54 -9.33 9.04
CA LYS A 17 -0.39 -10.06 9.90
C LYS A 17 -1.68 -9.27 10.10
N PRO A 18 -1.63 -7.95 9.82
CA PRO A 18 -2.79 -7.07 9.95
C PRO A 18 -3.86 -7.35 8.89
N GLU A 19 -4.94 -6.58 8.94
CA GLU A 19 -6.04 -6.75 7.99
C GLU A 19 -5.66 -6.20 6.62
N LEU A 20 -4.57 -5.42 6.59
CA LEU A 20 -4.10 -4.83 5.34
C LEU A 20 -4.04 -5.87 4.23
N GLN A 21 -3.59 -7.06 4.57
CA GLN A 21 -3.48 -8.15 3.59
C GLN A 21 -4.80 -8.32 2.83
N LYS A 22 -5.90 -7.98 3.48
CA LYS A 22 -7.22 -8.10 2.87
C LYS A 22 -7.44 -6.99 1.85
N VAL A 23 -7.45 -5.74 2.31
CA VAL A 23 -7.65 -4.60 1.44
C VAL A 23 -6.67 -4.61 0.28
N ALA A 24 -5.49 -5.18 0.52
CA ALA A 24 -4.45 -5.26 -0.50
C ALA A 24 -4.83 -6.24 -1.61
N ARG A 25 -5.19 -7.46 -1.21
CA ARG A 25 -5.58 -8.49 -2.17
C ARG A 25 -6.99 -8.22 -2.71
N ARG A 26 -7.95 -8.12 -1.79
CA ARG A 26 -9.34 -7.87 -2.16
C ARG A 26 -9.44 -6.69 -3.12
N ALA A 27 -8.49 -5.76 -3.01
CA ALA A 27 -8.47 -4.58 -3.87
C ALA A 27 -8.60 -4.97 -5.33
N LEU A 28 -7.79 -5.94 -5.76
CA LEU A 28 -7.81 -6.40 -7.15
C LEU A 28 -9.14 -7.06 -7.48
N GLU A 29 -9.83 -7.54 -6.45
CA GLU A 29 -11.13 -8.19 -6.64
C GLU A 29 -12.25 -7.17 -6.65
N LEU A 30 -11.92 -5.92 -6.37
CA LEU A 30 -12.91 -4.84 -6.35
C LEU A 30 -12.34 -3.57 -6.96
N SER A 31 -11.34 -3.72 -7.83
CA SER A 31 -10.72 -2.59 -8.48
C SER A 31 -10.81 -2.70 -10.00
N PRO A 32 -11.24 -1.60 -10.65
CA PRO A 32 -11.39 -1.54 -12.10
C PRO A 32 -10.04 -1.58 -12.83
N TYR A 33 -9.00 -1.12 -12.15
CA TYR A 33 -7.66 -1.08 -12.73
C TYR A 33 -6.77 -2.13 -12.07
N ASP A 34 -5.55 -2.26 -12.59
CA ASP A 34 -4.59 -3.23 -12.06
C ASP A 34 -3.51 -2.52 -11.24
N PHE A 35 -2.98 -3.21 -10.24
CA PHE A 35 -1.95 -2.66 -9.38
C PHE A 35 -1.19 -3.77 -8.65
N THR A 36 0.03 -3.46 -8.23
CA THR A 36 0.86 -4.42 -7.52
C THR A 36 1.66 -3.75 -6.41
N ILE A 37 1.82 -4.46 -5.29
CA ILE A 37 2.57 -3.93 -4.16
C ILE A 37 4.07 -4.13 -4.35
N VAL A 38 4.84 -3.08 -4.06
CA VAL A 38 6.29 -3.13 -4.20
C VAL A 38 6.97 -3.17 -2.84
N GLN A 39 6.62 -2.21 -1.98
CA GLN A 39 7.20 -2.13 -0.65
C GLN A 39 6.30 -2.84 0.38
N GLY A 40 6.91 -3.44 1.39
CA GLY A 40 6.16 -4.14 2.42
C GLY A 40 6.69 -3.87 3.81
N ILE A 41 5.89 -4.18 4.81
CA ILE A 41 6.28 -3.96 6.20
C ILE A 41 7.38 -4.94 6.61
N ARG A 42 8.18 -4.54 7.60
CA ARG A 42 9.27 -5.38 8.09
C ARG A 42 8.79 -6.31 9.20
N THR A 43 9.72 -7.05 9.78
CA THR A 43 9.38 -7.99 10.85
C THR A 43 10.25 -7.73 12.09
N VAL A 44 9.99 -8.49 13.15
CA VAL A 44 10.74 -8.35 14.39
C VAL A 44 12.25 -8.40 14.13
N ALA A 45 12.65 -9.22 13.16
CA ALA A 45 14.06 -9.36 12.82
C ALA A 45 14.69 -8.00 12.53
N GLN A 46 13.86 -7.05 12.07
CA GLN A 46 14.34 -5.72 11.75
C GLN A 46 13.96 -4.73 12.85
N SER A 47 12.84 -4.99 13.52
CA SER A 47 12.36 -4.12 14.59
C SER A 47 13.35 -4.11 15.75
N ALA A 48 13.75 -5.29 16.20
CA ALA A 48 14.69 -5.42 17.31
C ALA A 48 16.01 -4.73 16.98
N GLN A 49 16.74 -5.26 16.00
CA GLN A 49 18.01 -4.69 15.60
C GLN A 49 17.93 -3.17 15.51
N ASN A 50 16.78 -2.67 15.08
CA ASN A 50 16.56 -1.24 14.94
C ASN A 50 16.48 -0.57 16.31
N ILE A 51 15.38 -0.79 17.01
CA ILE A 51 15.18 -0.22 18.33
C ILE A 51 15.48 -1.24 19.43
N ALA A 52 14.77 -2.36 19.39
CA ALA A 52 14.97 -3.42 20.38
C ALA A 52 14.59 -2.95 21.78
N ASN A 53 13.35 -2.49 21.92
CA ASN A 53 12.86 -2.00 23.21
C ASN A 53 11.34 -2.06 23.26
N GLY A 54 10.75 -2.94 22.45
CA GLY A 54 9.30 -3.08 22.43
C GLY A 54 8.63 -1.94 21.68
N THR A 55 9.40 -1.25 20.85
CA THR A 55 8.87 -0.13 20.08
C THR A 55 7.83 0.65 20.87
N SER A 56 8.30 1.53 21.74
CA SER A 56 7.42 2.35 22.57
C SER A 56 7.14 3.69 21.91
N PHE A 57 7.39 3.77 20.61
CA PHE A 57 7.17 5.00 19.86
C PHE A 57 5.81 4.97 19.14
N LEU A 58 5.16 3.81 19.19
CA LEU A 58 3.86 3.65 18.55
C LEU A 58 2.86 2.98 19.50
N LYS A 59 1.61 3.40 19.42
CA LYS A 59 0.56 2.85 20.26
C LYS A 59 -0.64 2.40 19.42
N ASP A 60 -0.72 2.93 18.20
CA ASP A 60 -1.82 2.58 17.30
C ASP A 60 -1.76 3.42 16.03
N PRO A 61 -1.79 4.75 16.19
CA PRO A 61 -1.73 5.69 15.07
C PRO A 61 -0.37 5.71 14.39
N SER A 62 0.68 5.81 15.18
CA SER A 62 2.04 5.84 14.65
C SER A 62 2.25 4.72 13.63
N LYS A 63 2.26 5.09 12.36
CA LYS A 63 2.45 4.11 11.28
C LYS A 63 3.41 4.66 10.23
N SER A 64 4.24 5.61 10.62
CA SER A 64 5.20 6.22 9.70
C SER A 64 6.38 5.29 9.45
N LYS A 65 6.44 4.20 10.22
CA LYS A 65 7.52 3.22 10.09
C LYS A 65 6.98 1.86 9.68
N HIS A 66 7.47 1.34 8.57
CA HIS A 66 7.04 0.04 8.07
C HIS A 66 7.27 -1.06 9.11
N ILE A 67 8.15 -0.77 10.07
CA ILE A 67 8.47 -1.72 11.13
C ILE A 67 7.26 -1.96 12.04
N THR A 68 6.24 -1.13 11.87
CA THR A 68 5.02 -1.25 12.67
C THR A 68 4.15 -2.40 12.19
N GLY A 69 4.54 -3.01 11.07
CA GLY A 69 3.78 -4.12 10.53
C GLY A 69 2.64 -3.66 9.64
N ASP A 70 2.44 -2.35 9.57
CA ASP A 70 1.37 -1.80 8.76
C ASP A 70 1.91 -0.74 7.80
N ALA A 71 1.98 -1.07 6.51
CA ALA A 71 2.47 -0.15 5.50
C ALA A 71 2.89 -0.90 4.24
N ILE A 72 2.45 -0.41 3.09
CA ILE A 72 2.78 -1.03 1.81
C ILE A 72 2.81 0.01 0.69
N ASP A 73 3.87 -0.03 -0.11
CA ASP A 73 4.02 0.90 -1.22
C ASP A 73 3.80 0.20 -2.56
N PHE A 74 2.62 0.39 -3.14
CA PHE A 74 2.28 -0.23 -4.41
C PHE A 74 2.40 0.78 -5.55
N ALA A 75 2.15 0.31 -6.76
CA ALA A 75 2.23 1.17 -7.95
C ALA A 75 1.16 0.79 -8.97
N PRO A 76 0.71 1.79 -9.76
CA PRO A 76 -0.31 1.58 -10.78
C PRO A 76 0.22 0.76 -11.96
N TYR A 77 -0.18 -0.50 -12.02
CA TYR A 77 0.25 -1.39 -13.10
C TYR A 77 -0.80 -1.46 -14.20
N ILE A 78 -0.38 -1.18 -15.44
CA ILE A 78 -1.29 -1.21 -16.57
C ILE A 78 -0.73 -2.08 -17.69
N ASN A 79 -1.59 -2.91 -18.27
CA ASN A 79 -1.19 -3.80 -19.36
C ASN A 79 -0.18 -4.83 -18.86
N GLY A 80 -0.26 -5.15 -17.58
CA GLY A 80 0.65 -6.13 -17.00
C GLY A 80 1.99 -5.53 -16.64
N LYS A 81 2.16 -4.24 -16.92
CA LYS A 81 3.41 -3.55 -16.64
C LYS A 81 3.14 -2.21 -15.94
N ILE A 82 4.09 -1.76 -15.15
CA ILE A 82 3.96 -0.49 -14.44
C ILE A 82 3.63 0.65 -15.39
N ASP A 83 2.72 1.52 -14.96
CA ASP A 83 2.32 2.65 -15.78
C ASP A 83 2.46 3.97 -15.00
N TRP A 84 3.19 4.91 -15.57
CA TRP A 84 3.40 6.20 -14.92
C TRP A 84 2.89 7.34 -15.81
N ASN A 85 2.21 6.98 -16.89
CA ASN A 85 1.68 7.97 -17.82
C ASN A 85 0.19 8.19 -17.58
N ASP A 86 -0.54 7.09 -17.37
CA ASP A 86 -1.98 7.16 -17.12
C ASP A 86 -2.26 7.85 -15.79
N LEU A 87 -2.35 9.18 -15.83
CA LEU A 87 -2.62 9.95 -14.63
C LEU A 87 -4.02 9.66 -14.10
N GLU A 88 -4.94 9.33 -15.00
CA GLU A 88 -6.32 9.04 -14.62
C GLU A 88 -6.43 7.61 -14.09
N ALA A 89 -5.59 6.71 -14.61
CA ALA A 89 -5.60 5.33 -14.19
C ALA A 89 -5.23 5.19 -12.72
N PHE A 90 -4.44 6.14 -12.22
CA PHE A 90 -4.01 6.13 -10.83
C PHE A 90 -5.17 6.46 -9.90
N TRP A 91 -6.10 7.27 -10.40
CA TRP A 91 -7.26 7.67 -9.61
C TRP A 91 -8.05 6.45 -9.14
N ALA A 92 -8.39 5.57 -10.08
CA ALA A 92 -9.14 4.36 -9.76
C ALA A 92 -8.35 3.47 -8.81
N VAL A 93 -7.11 3.17 -9.17
CA VAL A 93 -6.26 2.32 -8.35
C VAL A 93 -6.16 2.86 -6.93
N LYS A 94 -6.38 4.16 -6.78
CA LYS A 94 -6.31 4.80 -5.47
C LYS A 94 -7.54 4.45 -4.63
N LYS A 95 -8.72 4.62 -5.20
CA LYS A 95 -9.96 4.32 -4.51
C LYS A 95 -10.14 2.81 -4.34
N ALA A 96 -9.36 2.04 -5.10
CA ALA A 96 -9.42 0.59 -5.02
C ALA A 96 -9.24 0.10 -3.59
N PHE A 97 -8.18 0.58 -2.93
CA PHE A 97 -7.88 0.19 -1.57
C PHE A 97 -9.04 0.56 -0.64
N GLU A 98 -9.34 1.85 -0.55
CA GLU A 98 -10.42 2.33 0.31
C GLU A 98 -11.72 1.58 0.01
N GLN A 99 -12.01 1.42 -1.29
CA GLN A 99 -13.23 0.74 -1.71
C GLN A 99 -13.30 -0.66 -1.10
N ALA A 100 -12.14 -1.26 -0.87
CA ALA A 100 -12.08 -2.60 -0.29
C ALA A 100 -12.55 -2.59 1.17
N GLY A 101 -12.00 -1.67 1.96
CA GLY A 101 -12.37 -1.57 3.36
C GLY A 101 -13.87 -1.45 3.54
N LYS A 102 -14.56 -0.99 2.51
CA LYS A 102 -16.01 -0.83 2.57
C LYS A 102 -16.70 -2.17 2.75
N GLU A 103 -16.33 -3.14 1.91
CA GLU A 103 -16.92 -4.47 1.98
C GLU A 103 -16.31 -5.28 3.13
N LEU A 104 -15.01 -5.11 3.33
CA LEU A 104 -14.31 -5.81 4.39
C LEU A 104 -14.71 -5.28 5.77
N GLY A 105 -15.22 -4.05 5.79
CA GLY A 105 -15.64 -3.46 7.04
C GLY A 105 -14.49 -2.78 7.78
N ILE A 106 -13.28 -2.97 7.27
CA ILE A 106 -12.10 -2.38 7.88
C ILE A 106 -11.81 -1.00 7.29
N LYS A 107 -11.06 -0.19 8.03
CA LYS A 107 -10.70 1.15 7.59
C LYS A 107 -9.20 1.26 7.34
N LEU A 108 -8.83 1.95 6.27
CA LEU A 108 -7.44 2.12 5.91
C LEU A 108 -7.23 3.43 5.15
N ARG A 109 -6.01 3.97 5.23
CA ARG A 109 -5.69 5.21 4.53
C ARG A 109 -4.35 5.10 3.81
N PHE A 110 -4.24 5.76 2.66
CA PHE A 110 -3.02 5.74 1.87
C PHE A 110 -2.60 7.15 1.48
N GLY A 111 -1.31 7.32 1.20
CA GLY A 111 -0.80 8.61 0.81
C GLY A 111 -0.41 8.67 -0.65
N ALA A 112 -1.07 9.54 -1.41
CA ALA A 112 -0.78 9.69 -2.82
C ALA A 112 -1.76 10.66 -3.49
N ASP A 113 -2.21 11.65 -2.73
CA ASP A 113 -3.15 12.64 -3.23
C ASP A 113 -2.80 14.04 -2.73
N TRP A 114 -2.88 15.02 -3.62
CA TRP A 114 -2.56 16.39 -3.27
C TRP A 114 -3.33 16.84 -2.03
N ASN A 115 -4.45 16.16 -1.77
CA ASN A 115 -5.28 16.48 -0.61
C ASN A 115 -4.41 16.75 0.62
N ALA A 116 -3.55 15.79 0.95
CA ALA A 116 -2.67 15.93 2.11
C ALA A 116 -1.22 15.67 1.72
N SER A 117 -1.01 14.63 0.91
CA SER A 117 0.34 14.26 0.48
C SER A 117 1.07 15.46 -0.09
N GLY A 118 0.31 16.42 -0.64
CA GLY A 118 0.91 17.61 -1.21
C GLY A 118 0.91 17.58 -2.73
N ASP A 119 0.91 16.38 -3.30
CA ASP A 119 0.92 16.22 -4.74
C ASP A 119 0.78 14.75 -5.13
N TYR A 120 0.37 14.51 -6.37
CA TYR A 120 0.20 13.14 -6.87
C TYR A 120 0.34 13.09 -8.39
N HIS A 121 -0.15 14.13 -9.05
CA HIS A 121 -0.08 14.20 -10.51
C HIS A 121 1.35 14.45 -10.97
N ASP A 122 2.23 14.76 -10.01
CA ASP A 122 3.63 15.03 -10.31
C ASP A 122 4.54 14.05 -9.59
N GLU A 123 3.98 13.34 -8.61
CA GLU A 123 4.74 12.36 -7.84
C GLU A 123 5.34 11.30 -8.75
N ILE A 124 4.56 10.88 -9.75
CA ILE A 124 5.02 9.86 -10.69
C ILE A 124 6.35 10.25 -11.32
N LYS A 125 6.60 11.55 -11.39
CA LYS A 125 7.85 12.07 -11.97
C LYS A 125 9.06 11.44 -11.29
N ARG A 126 8.86 10.97 -10.06
CA ARG A 126 9.95 10.36 -9.30
C ARG A 126 10.23 8.94 -9.81
N GLY A 127 9.21 8.30 -10.39
CA GLY A 127 9.37 6.96 -10.90
C GLY A 127 8.86 5.90 -9.94
N THR A 128 8.45 6.34 -8.75
CA THR A 128 7.95 5.43 -7.74
C THR A 128 6.59 5.88 -7.21
N TYR A 129 5.96 6.81 -7.93
CA TYR A 129 4.66 7.33 -7.53
C TYR A 129 4.78 8.21 -6.30
N ASP A 130 6.00 8.38 -5.81
CA ASP A 130 6.26 9.20 -4.63
C ASP A 130 5.09 9.13 -3.65
N GLY A 131 4.62 7.91 -3.40
CA GLY A 131 3.51 7.72 -2.48
C GLY A 131 2.98 6.30 -2.49
N GLY A 132 1.70 6.14 -2.81
CA GLY A 132 1.11 4.82 -2.85
C GLY A 132 1.34 4.04 -1.56
N HIS A 133 1.49 4.76 -0.46
CA HIS A 133 1.72 4.13 0.83
C HIS A 133 0.43 4.04 1.64
N VAL A 134 -0.06 2.82 1.81
CA VAL A 134 -1.29 2.59 2.55
C VAL A 134 -1.01 2.17 3.99
N GLU A 135 -2.03 2.21 4.84
CA GLU A 135 -1.88 1.83 6.23
C GLU A 135 -3.23 1.51 6.86
N LEU A 136 -3.35 0.33 7.45
CA LEU A 136 -4.59 -0.10 8.08
C LEU A 136 -4.91 0.78 9.28
N VAL A 137 -6.19 0.78 9.69
CA VAL A 137 -6.63 1.57 10.83
C VAL A 137 -6.30 0.88 12.14
ZN ZN B . 6.65 4.26 2.26
CA CA C . -3.19 11.52 1.38
#